data_3FOI
#
_entry.id   3FOI
#
_cell.length_a   1.0
_cell.length_b   1.0
_cell.length_c   1.0
_cell.angle_alpha   90.0
_cell.angle_beta   90.0
_cell.angle_gamma   90.0
#
_symmetry.space_group_name_H-M   'P 1'
#
_entity_poly.entity_id   1
_entity_poly.type   'polypeptide(L)'
_entity_poly.pdbx_seq_one_letter_code
;MTLLSPGIELKETTVQSTVVNNSTGTAALAGKFQWGPAFQIKQVTNEVDLVNTFGQPTAETADYFMSAMNFLQYGNDLRV
VRAVDRDTAKNSSPIAGNIEYTISTPGSNYAVGDKITVKYVSDDIETEGKITEVDADGKIKKINIPTAKIIAKAKEVGEY
PTLGSNWTAEISSSSSGLAAVITLGKIITDSGILLAEIENAEAAMTAVDFQANLKKYGIPGVVALYPGELGDKIEIEIVS
KADYAKGASALLPIYPGGGTRASTAKAVFGYGPQTDSQYAIIVRRNDAIVQSVVLSTKRGGKDIYDSNIYIDDFFAKGGS
EYIFATAQNWPEGFSGILTLSGGLSSNAEVTAGDLMEAWDFFADRESVDVQLFIAGSCAGESLETASTVQKHVVSIGDVR
QDCLVLCSPPRETVVGIPVTRAVDNLVNWRTAAGSYTDNNFNISSTYAAIDGNYKYQYDKYNDVNRWVPLAADIAGLCAR
TDNVSQTWMSPAGYNRGQILNVIKLAIETP
;
_entity_poly.pdbx_strand_id   A,B,C,D,E,F
#
# COMPACT_ATOMS: atom_id res chain seq x y z
N ASN A 21 -30.36 70.20 -13.46
CA ASN A 21 -29.45 70.80 -14.43
C ASN A 21 -27.99 71.10 -14.10
N ASN A 22 -27.35 70.10 -13.50
CA ASN A 22 -26.36 70.03 -12.44
C ASN A 22 -26.98 70.23 -11.06
N SER A 23 -28.14 69.87 -10.86
CA SER A 23 -28.99 70.16 -9.71
C SER A 23 -29.63 71.54 -9.83
N THR A 24 -30.00 71.97 -10.93
CA THR A 24 -30.92 73.08 -11.14
C THR A 24 -30.51 74.37 -10.43
N GLY A 25 -29.34 74.88 -10.77
CA GLY A 25 -28.82 76.07 -10.12
C GLY A 25 -29.73 77.24 -10.44
N THR A 26 -30.83 77.36 -9.69
CA THR A 26 -31.79 78.43 -9.92
C THR A 26 -31.37 79.46 -8.90
N ALA A 27 -30.94 80.63 -9.36
CA ALA A 27 -30.60 81.71 -8.45
C ALA A 27 -31.85 82.50 -8.14
N ALA A 28 -31.71 83.49 -7.25
CA ALA A 28 -32.81 84.36 -6.91
C ALA A 28 -32.23 85.69 -6.47
N LEU A 29 -32.74 86.77 -7.06
CA LEU A 29 -32.20 88.09 -6.81
C LEU A 29 -33.32 89.11 -6.76
N ALA A 30 -33.23 90.02 -5.82
CA ALA A 30 -34.19 91.10 -5.74
C ALA A 30 -33.46 92.39 -5.41
N GLY A 31 -33.82 93.45 -6.11
CA GLY A 31 -33.18 94.74 -5.90
C GLY A 31 -33.68 95.80 -6.86
N LYS A 32 -33.06 96.97 -6.77
CA LYS A 32 -33.49 98.14 -7.52
C LYS A 32 -32.92 98.13 -8.94
N PHE A 33 -33.78 98.42 -9.91
CA PHE A 33 -33.34 98.45 -11.32
C PHE A 33 -33.85 99.66 -12.09
N GLN A 34 -33.23 99.91 -13.24
CA GLN A 34 -33.54 101.06 -14.06
C GLN A 34 -34.86 100.86 -14.80
N TRP A 35 -35.33 99.61 -14.81
CA TRP A 35 -36.45 99.24 -15.66
C TRP A 35 -37.23 98.05 -15.08
N GLY A 36 -38.55 98.17 -15.04
CA GLY A 36 -39.41 97.11 -14.52
C GLY A 36 -39.37 95.92 -15.45
N PRO A 37 -40.15 94.86 -15.16
CA PRO A 37 -41.32 94.73 -14.28
C PRO A 37 -41.03 95.00 -12.82
N ALA A 38 -41.99 95.66 -12.18
CA ALA A 38 -41.94 95.89 -10.74
C ALA A 38 -42.70 94.79 -10.03
N PHE A 39 -42.09 94.25 -8.98
CA PHE A 39 -42.72 93.21 -8.19
C PHE A 39 -43.27 92.10 -9.06
N GLN A 40 -42.41 91.54 -9.90
CA GLN A 40 -42.76 90.37 -10.70
C GLN A 40 -41.58 89.44 -10.78
N ILE A 41 -41.83 88.14 -10.67
CA ILE A 41 -40.77 87.14 -10.76
C ILE A 41 -40.41 86.87 -12.21
N LYS A 42 -40.05 87.91 -12.94
CA LYS A 42 -39.59 87.72 -14.30
C LYS A 42 -38.27 86.95 -14.29
N GLN A 43 -38.15 85.96 -15.16
CA GLN A 43 -36.92 85.17 -15.24
C GLN A 43 -35.96 85.73 -16.26
N VAL A 44 -34.67 85.55 -16.02
CA VAL A 44 -33.62 86.09 -16.89
C VAL A 44 -32.56 85.05 -17.17
N THR A 45 -32.08 84.98 -18.41
CA THR A 45 -31.10 83.96 -18.78
C THR A 45 -29.81 84.51 -19.38
N ASN A 46 -29.92 85.57 -20.17
CA ASN A 46 -28.75 86.19 -20.78
C ASN A 46 -28.37 87.50 -20.08
N GLU A 47 -27.22 88.04 -20.44
CA GLU A 47 -26.86 89.38 -20.00
C GLU A 47 -27.61 90.36 -20.88
N VAL A 48 -27.41 90.22 -22.19
CA VAL A 48 -28.07 91.06 -23.18
C VAL A 48 -29.58 90.94 -23.08
N ASP A 49 -30.04 89.99 -22.26
CA ASP A 49 -31.46 89.77 -22.05
C ASP A 49 -31.96 90.40 -20.75
N LEU A 50 -31.04 90.67 -19.83
CA LEU A 50 -31.43 91.40 -18.64
C LEU A 50 -31.32 92.89 -18.89
N VAL A 51 -30.33 93.30 -19.67
CA VAL A 51 -30.23 94.69 -20.09
C VAL A 51 -31.50 95.07 -20.84
N ASN A 52 -31.86 94.26 -21.82
CA ASN A 52 -33.12 94.43 -22.51
C ASN A 52 -34.25 94.74 -21.52
N THR A 53 -34.20 94.13 -20.34
CA THR A 53 -35.34 94.11 -19.44
C THR A 53 -35.19 94.96 -18.19
N PHE A 54 -33.98 95.07 -17.66
CA PHE A 54 -33.75 95.88 -16.48
C PHE A 54 -32.42 96.60 -16.67
N GLY A 55 -32.18 96.96 -17.92
CA GLY A 55 -30.84 97.24 -18.41
C GLY A 55 -29.41 97.73 -18.38
N GLN A 56 -29.27 98.98 -17.92
CA GLN A 56 -27.99 99.60 -17.66
C GLN A 56 -27.95 99.82 -16.16
N PRO A 57 -26.74 99.91 -15.59
CA PRO A 57 -26.56 100.12 -14.16
C PRO A 57 -26.43 101.60 -13.82
N THR A 58 -27.42 102.18 -13.15
CA THR A 58 -27.30 103.56 -12.70
C THR A 58 -26.54 103.52 -11.40
N ALA A 59 -26.05 104.67 -10.95
CA ALA A 59 -25.26 104.75 -9.71
C ALA A 59 -26.10 104.40 -8.48
N GLU A 60 -27.38 104.15 -8.72
CA GLU A 60 -28.32 103.78 -7.67
C GLU A 60 -28.75 102.35 -7.92
N THR A 61 -28.36 101.82 -9.07
CA THR A 61 -28.75 100.47 -9.48
C THR A 61 -27.54 99.53 -9.50
N ALA A 62 -26.38 100.09 -9.87
CA ALA A 62 -25.16 99.33 -10.07
C ALA A 62 -25.10 97.96 -9.42
N ASP A 63 -25.01 97.93 -8.10
CA ASP A 63 -24.72 96.68 -7.40
C ASP A 63 -25.73 95.57 -7.65
N TYR A 64 -26.85 95.88 -8.28
CA TYR A 64 -27.86 94.87 -8.58
C TYR A 64 -27.76 94.40 -10.02
N PHE A 65 -27.45 95.32 -10.91
CA PHE A 65 -27.18 94.93 -12.27
C PHE A 65 -25.99 93.99 -12.25
N MET A 66 -24.86 94.47 -11.76
CA MET A 66 -23.68 93.63 -11.60
C MET A 66 -24.04 92.31 -10.95
N SER A 67 -24.68 92.39 -9.78
CA SER A 67 -25.06 91.21 -9.03
C SER A 67 -25.55 90.12 -9.98
N ALA A 68 -26.52 90.48 -10.82
CA ALA A 68 -27.00 89.57 -11.85
C ALA A 68 -25.91 89.32 -12.88
N MET A 69 -25.57 90.34 -13.66
CA MET A 69 -24.62 90.18 -14.76
C MET A 69 -23.49 89.21 -14.43
N ASN A 70 -22.65 89.57 -13.47
CA ASN A 70 -21.48 88.75 -13.19
C ASN A 70 -21.82 87.45 -12.47
N PHE A 71 -23.10 87.11 -12.46
CA PHE A 71 -23.55 85.78 -12.03
C PHE A 71 -23.88 84.95 -13.25
N LEU A 72 -24.58 85.55 -14.21
CA LEU A 72 -24.94 84.85 -15.43
C LEU A 72 -23.69 84.30 -16.11
N GLN A 73 -22.53 84.63 -15.56
CA GLN A 73 -21.26 84.09 -16.03
C GLN A 73 -21.12 82.61 -15.68
N TYR A 74 -21.69 82.22 -14.54
CA TYR A 74 -21.80 80.81 -14.13
C TYR A 74 -23.26 80.41 -14.13
N GLY A 75 -24.11 81.26 -14.69
CA GLY A 75 -25.55 81.15 -14.48
C GLY A 75 -26.37 80.61 -15.63
N ASN A 76 -27.32 79.75 -15.28
CA ASN A 76 -28.30 79.26 -16.22
C ASN A 76 -29.52 80.16 -16.14
N ASP A 77 -30.24 80.06 -15.03
CA ASP A 77 -31.45 80.85 -14.83
C ASP A 77 -31.38 81.72 -13.57
N LEU A 78 -31.93 82.92 -13.67
CA LEU A 78 -31.99 83.85 -12.57
C LEU A 78 -33.39 84.39 -12.48
N ARG A 79 -33.97 84.35 -11.29
CA ARG A 79 -35.29 84.92 -11.13
C ARG A 79 -35.13 86.22 -10.35
N VAL A 80 -35.64 87.32 -10.89
CA VAL A 80 -35.49 88.63 -10.25
C VAL A 80 -36.83 89.27 -9.91
N VAL A 81 -36.78 90.27 -9.04
CA VAL A 81 -37.96 91.04 -8.68
C VAL A 81 -37.53 92.49 -8.44
N ARG A 82 -38.00 93.40 -9.28
CA ARG A 82 -37.60 94.79 -9.16
C ARG A 82 -38.28 95.49 -8.00
N ALA A 83 -37.50 96.12 -7.14
CA ALA A 83 -38.06 96.91 -6.05
C ALA A 83 -38.32 98.34 -6.51
N VAL A 84 -39.59 98.72 -6.49
CA VAL A 84 -40.00 100.07 -6.82
C VAL A 84 -40.57 100.71 -5.56
N ASP A 85 -40.58 102.03 -5.47
CA ASP A 85 -41.26 102.66 -4.34
C ASP A 85 -42.61 102.61 -4.99
N ARG A 86 -43.61 102.14 -4.24
CA ARG A 86 -44.96 101.95 -4.76
C ARG A 86 -45.62 103.32 -4.65
N ASP A 87 -45.10 104.16 -3.76
CA ASP A 87 -45.71 105.44 -3.46
C ASP A 87 -45.31 106.54 -4.44
N THR A 88 -44.19 106.36 -5.14
CA THR A 88 -43.70 107.41 -6.00
C THR A 88 -43.09 106.95 -7.30
N ALA A 89 -43.29 105.69 -7.65
CA ALA A 89 -42.81 105.23 -8.94
C ALA A 89 -43.88 105.61 -9.93
N LYS A 90 -43.48 105.83 -11.18
CA LYS A 90 -44.41 106.23 -12.23
C LYS A 90 -44.07 105.62 -13.59
N ASN A 91 -45.10 105.12 -14.27
CA ASN A 91 -44.99 104.68 -15.66
C ASN A 91 -45.26 105.87 -16.55
N SER A 92 -44.38 106.15 -17.49
CA SER A 92 -44.62 107.25 -18.42
C SER A 92 -46.04 107.13 -18.98
N SER A 93 -46.69 108.26 -19.24
CA SER A 93 -48.07 108.24 -19.73
C SER A 93 -48.41 109.47 -20.60
N PRO A 94 -49.58 109.45 -21.24
CA PRO A 94 -49.96 110.54 -22.13
C PRO A 94 -50.60 111.68 -21.35
N ILE A 95 -50.95 111.43 -20.10
CA ILE A 95 -51.52 112.47 -19.26
C ILE A 95 -50.46 113.51 -18.91
N ALA A 96 -49.24 113.04 -18.74
CA ALA A 96 -48.22 113.81 -18.01
C ALA A 96 -47.56 114.93 -18.80
N GLY A 97 -48.26 115.49 -19.78
CA GLY A 97 -47.78 116.70 -20.42
C GLY A 97 -48.80 117.83 -20.37
N ASN A 98 -50.06 117.43 -20.34
CA ASN A 98 -51.16 118.36 -20.36
C ASN A 98 -51.02 119.43 -19.31
N ILE A 99 -52.08 120.23 -19.17
CA ILE A 99 -52.09 121.38 -18.29
C ILE A 99 -53.40 121.46 -17.51
N GLU A 100 -53.31 121.50 -16.18
CA GLU A 100 -54.48 121.68 -15.35
C GLU A 100 -55.43 122.67 -16.00
N TYR A 101 -56.72 122.41 -15.92
CA TYR A 101 -57.70 123.39 -16.36
C TYR A 101 -59.09 122.99 -15.93
N THR A 102 -59.90 123.97 -15.56
CA THR A 102 -61.23 123.69 -15.04
C THR A 102 -62.23 124.68 -15.63
N ILE A 103 -63.20 124.18 -16.37
CA ILE A 103 -64.21 125.03 -16.98
C ILE A 103 -65.11 125.64 -15.91
N SER A 104 -64.62 126.71 -15.28
CA SER A 104 -65.31 127.36 -14.17
C SER A 104 -66.74 127.74 -14.51
N THR A 105 -66.96 128.20 -15.74
CA THR A 105 -68.29 128.54 -16.19
C THR A 105 -68.50 128.15 -17.63
N PRO A 106 -69.27 127.09 -17.86
CA PRO A 106 -69.57 126.67 -19.23
C PRO A 106 -70.26 127.82 -19.92
N GLY A 107 -69.81 128.18 -21.11
CA GLY A 107 -70.47 129.25 -21.81
C GLY A 107 -71.81 128.77 -22.33
N SER A 108 -72.29 129.43 -23.37
CA SER A 108 -73.43 128.94 -24.12
C SER A 108 -73.14 129.29 -25.56
N ASN A 109 -73.83 128.65 -26.49
CA ASN A 109 -73.68 128.98 -27.91
C ASN A 109 -72.25 128.95 -28.45
N TYR A 110 -71.36 128.25 -27.76
CA TYR A 110 -70.03 127.97 -28.31
C TYR A 110 -70.14 126.79 -29.26
N ALA A 111 -69.06 126.48 -29.95
CA ALA A 111 -69.05 125.33 -30.87
C ALA A 111 -67.73 124.58 -30.69
N VAL A 112 -67.47 123.61 -31.56
CA VAL A 112 -66.26 122.80 -31.47
C VAL A 112 -64.77 122.96 -31.85
N GLY A 113 -64.48 123.86 -32.77
CA GLY A 113 -63.10 124.10 -33.18
C GLY A 113 -62.96 125.60 -32.96
N ASP A 114 -63.60 126.14 -31.92
CA ASP A 114 -63.41 127.55 -31.60
C ASP A 114 -62.07 127.54 -30.90
N LYS A 115 -61.17 128.42 -31.33
CA LYS A 115 -59.79 128.37 -30.85
C LYS A 115 -59.60 129.08 -29.51
N ILE A 116 -58.63 128.58 -28.75
CA ILE A 116 -58.35 129.10 -27.42
C ILE A 116 -56.93 129.66 -27.40
N THR A 117 -56.72 130.68 -26.59
CA THR A 117 -55.43 131.36 -26.55
C THR A 117 -54.93 131.53 -25.12
N VAL A 118 -53.72 131.06 -24.87
CA VAL A 118 -53.12 131.16 -23.55
C VAL A 118 -52.11 132.29 -23.56
N LYS A 119 -52.32 133.28 -22.71
CA LYS A 119 -51.46 134.44 -22.67
C LYS A 119 -50.60 134.46 -21.41
N TYR A 120 -49.41 135.01 -21.53
CA TYR A 120 -48.56 135.26 -20.37
C TYR A 120 -48.50 136.76 -20.12
N VAL A 121 -49.29 137.22 -19.16
CA VAL A 121 -49.38 138.65 -18.88
C VAL A 121 -49.75 139.40 -20.15
N SER A 122 -51.01 139.27 -20.57
CA SER A 122 -51.52 139.96 -21.75
C SER A 122 -50.58 139.84 -22.95
N ASP A 123 -49.94 138.68 -23.07
CA ASP A 123 -49.01 138.42 -24.17
C ASP A 123 -49.20 137.00 -24.69
N ASP A 124 -49.42 136.88 -25.99
CA ASP A 124 -49.75 135.58 -26.60
C ASP A 124 -48.60 134.58 -26.60
N ILE A 125 -48.85 133.39 -26.06
CA ILE A 125 -47.87 132.31 -26.07
C ILE A 125 -48.35 131.17 -26.97
N GLU A 126 -49.55 130.67 -26.66
CA GLU A 126 -50.14 129.57 -27.41
C GLU A 126 -51.48 130.00 -27.97
N THR A 127 -51.75 129.62 -29.22
CA THR A 127 -52.96 130.07 -29.90
C THR A 127 -53.59 128.95 -30.70
N GLU A 128 -53.28 127.72 -30.34
CA GLU A 128 -53.78 126.57 -31.08
C GLU A 128 -54.70 125.70 -30.25
N GLY A 129 -55.00 126.16 -29.05
CA GLY A 129 -55.99 125.49 -28.21
C GLY A 129 -57.31 125.56 -28.92
N LYS A 130 -58.27 124.76 -28.48
CA LYS A 130 -59.56 124.74 -29.13
C LYS A 130 -60.58 123.91 -28.37
N ILE A 131 -61.75 124.50 -28.12
CA ILE A 131 -62.89 123.78 -27.57
C ILE A 131 -63.07 122.52 -28.38
N THR A 132 -63.42 121.41 -27.73
CA THR A 132 -63.50 120.13 -28.42
C THR A 132 -64.76 119.35 -28.12
N GLU A 133 -65.55 119.81 -27.14
CA GLU A 133 -66.81 119.15 -26.87
C GLU A 133 -67.80 120.10 -26.21
N VAL A 134 -68.90 120.34 -26.91
CA VAL A 134 -69.99 121.12 -26.36
C VAL A 134 -71.24 120.24 -26.34
N ASP A 135 -72.28 120.72 -25.67
CA ASP A 135 -73.55 120.01 -25.68
C ASP A 135 -74.50 120.63 -26.69
N ALA A 136 -75.80 120.52 -26.43
CA ALA A 136 -76.79 121.04 -27.36
C ALA A 136 -76.91 122.57 -27.28
N ASP A 137 -76.52 123.13 -26.15
CA ASP A 137 -76.68 124.57 -25.92
C ASP A 137 -75.40 125.34 -26.15
N GLY A 138 -74.32 124.62 -26.46
CA GLY A 138 -73.04 125.25 -26.67
C GLY A 138 -72.25 125.39 -25.38
N LYS A 139 -72.79 124.82 -24.31
CA LYS A 139 -72.10 124.81 -23.02
C LYS A 139 -70.79 124.07 -23.20
N ILE A 140 -69.68 124.70 -22.83
CA ILE A 140 -68.36 124.10 -23.01
C ILE A 140 -68.12 122.91 -22.09
N LYS A 141 -67.94 121.72 -22.66
CA LYS A 141 -67.73 120.52 -21.87
C LYS A 141 -66.27 120.07 -21.86
N LYS A 142 -65.55 120.29 -22.96
CA LYS A 142 -64.16 119.85 -23.04
C LYS A 142 -63.32 120.67 -24.03
N ILE A 143 -62.08 120.95 -23.65
CA ILE A 143 -61.15 121.66 -24.51
C ILE A 143 -59.82 120.92 -24.60
N ASN A 144 -58.92 121.39 -25.46
CA ASN A 144 -57.58 120.80 -25.55
C ASN A 144 -56.52 121.84 -25.87
N ILE A 145 -55.70 122.15 -24.87
CA ILE A 145 -54.63 123.12 -25.01
C ILE A 145 -53.26 122.43 -25.14
N PRO A 146 -52.58 122.65 -26.28
CA PRO A 146 -51.23 122.11 -26.47
C PRO A 146 -50.25 122.83 -25.55
N THR A 147 -49.30 122.11 -24.97
CA THR A 147 -48.40 122.71 -23.98
C THR A 147 -46.96 122.86 -24.46
N ALA A 148 -46.70 122.52 -25.72
CA ALA A 148 -45.34 122.63 -26.24
C ALA A 148 -44.78 124.02 -25.98
N LYS A 149 -45.50 125.03 -26.44
CA LYS A 149 -45.04 126.41 -26.37
C LYS A 149 -45.00 126.91 -24.93
N ILE A 150 -46.02 126.59 -24.16
CA ILE A 150 -46.14 127.17 -22.82
C ILE A 150 -45.12 126.63 -21.82
N ILE A 151 -44.92 125.32 -21.78
CA ILE A 151 -43.93 124.77 -20.85
C ILE A 151 -42.56 125.34 -21.20
N ALA A 152 -42.36 125.64 -22.48
CA ALA A 152 -41.14 126.29 -22.91
C ALA A 152 -41.01 127.65 -22.22
N LYS A 153 -41.89 128.56 -22.58
CA LYS A 153 -41.94 129.89 -21.97
C LYS A 153 -41.88 129.78 -20.45
N ALA A 154 -42.58 128.79 -19.89
CA ALA A 154 -42.67 128.64 -18.44
C ALA A 154 -41.33 128.25 -17.84
N LYS A 155 -40.69 127.26 -18.43
CA LYS A 155 -39.35 126.87 -18.01
C LYS A 155 -38.46 128.09 -18.09
N GLU A 156 -38.65 128.86 -19.15
CA GLU A 156 -37.80 130.01 -19.45
C GLU A 156 -37.91 131.12 -18.42
N VAL A 157 -38.95 131.10 -17.60
CA VAL A 157 -39.17 132.18 -16.62
C VAL A 157 -39.48 131.67 -15.21
N GLY A 158 -38.89 130.54 -14.84
CA GLY A 158 -38.98 130.03 -13.48
C GLY A 158 -40.35 129.53 -13.05
N GLU A 159 -41.37 129.82 -13.86
CA GLU A 159 -42.73 129.42 -13.54
C GLU A 159 -43.09 128.04 -14.11
N TYR A 160 -42.25 127.04 -13.82
CA TYR A 160 -42.54 125.69 -14.26
C TYR A 160 -42.34 124.70 -13.11
N PRO A 161 -43.36 123.87 -12.84
CA PRO A 161 -44.68 123.88 -13.50
C PRO A 161 -45.70 124.66 -12.68
N THR A 162 -45.22 125.38 -11.66
CA THR A 162 -46.09 126.23 -10.86
C THR A 162 -47.19 126.90 -11.69
N LEU A 163 -46.82 127.86 -12.53
CA LEU A 163 -47.78 128.55 -13.39
C LEU A 163 -48.85 129.35 -12.62
N GLY A 164 -50.02 129.48 -13.23
CA GLY A 164 -51.21 129.97 -12.56
C GLY A 164 -51.43 131.48 -12.49
N SER A 165 -50.45 132.19 -11.95
CA SER A 165 -50.67 133.57 -11.53
C SER A 165 -50.84 134.53 -12.70
N ASN A 166 -49.88 134.53 -13.62
CA ASN A 166 -49.89 135.43 -14.75
C ASN A 166 -50.32 134.69 -16.00
N TRP A 167 -50.66 133.42 -15.81
CA TRP A 167 -51.07 132.58 -16.92
C TRP A 167 -52.58 132.59 -17.06
N THR A 168 -53.05 132.93 -18.27
CA THR A 168 -54.47 133.13 -18.48
C THR A 168 -54.93 132.52 -19.80
N ALA A 169 -56.23 132.24 -19.90
CA ALA A 169 -56.76 131.62 -21.10
C ALA A 169 -58.04 132.28 -21.54
N GLU A 170 -58.08 132.73 -22.79
CA GLU A 170 -59.27 133.35 -23.36
C GLU A 170 -59.70 132.59 -24.62
N ILE A 171 -60.92 132.87 -25.09
CA ILE A 171 -61.46 132.22 -26.27
C ILE A 171 -61.15 133.01 -27.54
N SER A 172 -61.59 132.49 -28.68
CA SER A 172 -61.45 133.19 -29.95
C SER A 172 -62.14 134.52 -29.79
N SER A 173 -61.75 135.51 -30.60
CA SER A 173 -62.42 136.81 -30.60
C SER A 173 -63.10 137.08 -31.94
N SER A 174 -64.20 136.39 -32.18
CA SER A 174 -64.70 135.40 -31.23
C SER A 174 -65.41 134.22 -31.87
N SER A 175 -65.67 133.19 -31.07
CA SER A 175 -66.53 132.11 -31.47
C SER A 175 -67.93 132.67 -31.60
N SER A 176 -68.86 131.87 -32.12
CA SER A 176 -70.24 132.30 -32.20
C SER A 176 -70.76 132.72 -30.83
N GLY A 177 -70.47 131.92 -29.81
CA GLY A 177 -71.07 132.09 -28.50
C GLY A 177 -70.23 132.61 -27.36
N LEU A 178 -70.91 132.99 -26.28
CA LEU A 178 -70.30 133.73 -25.16
C LEU A 178 -70.20 133.10 -23.77
N ALA A 179 -69.96 133.94 -22.77
CA ALA A 179 -70.09 133.58 -21.35
C ALA A 179 -69.09 132.72 -20.56
N ALA A 180 -68.12 132.14 -21.25
CA ALA A 180 -67.30 131.07 -20.67
C ALA A 180 -66.14 131.53 -19.79
N VAL A 181 -65.64 130.58 -18.96
CA VAL A 181 -64.55 130.86 -18.03
C VAL A 181 -63.67 129.63 -17.85
N ILE A 182 -62.53 129.59 -18.54
CA ILE A 182 -61.58 128.51 -18.34
C ILE A 182 -60.49 128.95 -17.38
N THR A 183 -60.13 128.11 -16.42
CA THR A 183 -59.16 128.49 -15.39
C THR A 183 -57.93 127.59 -15.36
N LEU A 184 -56.75 128.19 -15.49
CA LEU A 184 -55.52 127.41 -15.68
C LEU A 184 -54.76 127.09 -14.41
N GLY A 185 -54.42 125.82 -14.22
CA GLY A 185 -53.59 125.40 -13.11
C GLY A 185 -52.16 125.17 -13.53
N LYS A 186 -51.54 124.11 -13.01
CA LYS A 186 -50.13 123.82 -13.30
C LYS A 186 -49.96 122.78 -14.39
N ILE A 187 -48.72 122.61 -14.85
CA ILE A 187 -48.40 121.57 -15.83
C ILE A 187 -48.35 120.24 -15.12
N ILE A 188 -49.23 119.30 -15.48
CA ILE A 188 -49.32 118.03 -14.76
C ILE A 188 -48.05 117.23 -14.98
N THR A 189 -47.36 116.91 -13.89
CA THR A 189 -46.15 116.13 -13.96
C THR A 189 -46.36 114.71 -13.42
N ASP A 190 -47.54 114.47 -12.86
CA ASP A 190 -47.88 113.14 -12.36
C ASP A 190 -48.53 112.33 -13.47
N SER A 191 -47.80 111.37 -14.01
CA SER A 191 -48.32 110.52 -15.07
C SER A 191 -49.63 109.92 -14.62
N GLY A 192 -49.77 109.71 -13.32
CA GLY A 192 -51.02 109.25 -12.73
C GLY A 192 -51.25 107.77 -12.90
N ILE A 193 -50.19 106.99 -12.97
CA ILE A 193 -50.32 105.54 -13.13
C ILE A 193 -49.04 104.80 -12.81
N LEU A 194 -49.16 103.69 -12.08
CA LEU A 194 -48.04 102.80 -11.78
C LEU A 194 -48.47 101.35 -11.95
N LEU A 195 -47.79 100.63 -12.83
CA LEU A 195 -48.09 99.22 -13.04
C LEU A 195 -47.04 98.32 -12.36
N ALA A 196 -47.52 97.45 -11.48
CA ALA A 196 -46.64 96.55 -10.75
C ALA A 196 -46.98 95.12 -11.13
N GLU A 197 -47.73 94.45 -10.27
CA GLU A 197 -48.15 93.09 -10.55
C GLU A 197 -49.17 93.10 -11.66
N ILE A 198 -49.62 91.92 -12.08
CA ILE A 198 -50.66 91.85 -13.11
C ILE A 198 -52.02 91.54 -12.50
N GLU A 199 -52.02 91.05 -11.26
CA GLU A 199 -53.26 90.89 -10.54
C GLU A 199 -53.96 92.25 -10.47
N ASN A 200 -53.17 93.30 -10.45
CA ASN A 200 -53.69 94.65 -10.45
C ASN A 200 -53.65 95.29 -11.83
N ALA A 201 -53.00 94.60 -12.76
CA ALA A 201 -52.82 95.08 -14.13
C ALA A 201 -53.72 96.24 -14.57
N GLU A 202 -54.77 95.93 -15.32
CA GLU A 202 -55.67 96.95 -15.86
C GLU A 202 -56.57 97.56 -14.79
N ALA A 203 -56.44 97.10 -13.56
CA ALA A 203 -57.21 97.63 -12.45
C ALA A 203 -56.67 98.99 -12.05
N ALA A 204 -55.40 99.24 -12.38
CA ALA A 204 -54.82 100.56 -12.17
C ALA A 204 -55.10 101.37 -13.41
N MET A 205 -55.21 100.68 -14.54
CA MET A 205 -55.54 101.31 -15.81
C MET A 205 -57.00 101.74 -15.81
N THR A 206 -57.73 101.31 -14.79
CA THR A 206 -59.16 101.60 -14.69
C THR A 206 -59.48 102.15 -13.31
N ALA A 207 -58.72 103.15 -12.90
CA ALA A 207 -58.98 103.83 -11.65
C ALA A 207 -59.69 105.13 -11.96
N VAL A 208 -60.75 105.41 -11.22
CA VAL A 208 -61.54 106.61 -11.46
C VAL A 208 -60.63 107.81 -11.73
N ASP A 209 -59.65 108.03 -10.87
CA ASP A 209 -58.75 109.17 -11.00
C ASP A 209 -58.00 109.18 -12.32
N PHE A 210 -57.40 108.04 -12.69
CA PHE A 210 -56.70 107.94 -13.97
C PHE A 210 -57.66 108.11 -15.13
N GLN A 211 -58.62 107.19 -15.23
CA GLN A 211 -59.62 107.21 -16.30
C GLN A 211 -60.27 108.57 -16.43
N ALA A 212 -60.27 109.34 -15.36
CA ALA A 212 -60.87 110.66 -15.38
C ALA A 212 -60.18 111.54 -16.40
N ASN A 213 -58.87 111.66 -16.28
CA ASN A 213 -58.11 112.54 -17.15
C ASN A 213 -58.04 112.03 -18.59
N LEU A 214 -58.16 110.73 -18.76
CA LEU A 214 -58.20 110.18 -20.10
C LEU A 214 -59.41 110.75 -20.85
N LYS A 215 -60.42 111.15 -20.09
CA LYS A 215 -61.59 111.80 -20.65
C LYS A 215 -61.28 113.28 -20.83
N LYS A 216 -60.82 113.89 -19.75
CA LYS A 216 -60.58 115.33 -19.69
C LYS A 216 -59.72 115.83 -20.84
N TYR A 217 -58.67 115.10 -21.16
CA TYR A 217 -57.76 115.52 -22.22
C TYR A 217 -57.91 114.66 -23.46
N GLY A 218 -59.08 114.04 -23.59
CA GLY A 218 -59.44 113.29 -24.78
C GLY A 218 -58.35 112.45 -25.44
N ILE A 219 -57.75 111.55 -24.66
CA ILE A 219 -56.76 110.61 -25.19
C ILE A 219 -57.04 109.21 -24.68
N PRO A 220 -56.41 108.19 -25.30
CA PRO A 220 -56.63 106.79 -24.94
C PRO A 220 -55.79 106.39 -23.74
N GLY A 221 -56.08 105.24 -23.16
CA GLY A 221 -55.32 104.78 -22.00
C GLY A 221 -54.10 103.97 -22.40
N VAL A 222 -53.08 104.64 -22.92
CA VAL A 222 -51.86 103.97 -23.34
C VAL A 222 -50.66 104.45 -22.53
N VAL A 223 -50.04 103.54 -21.78
CA VAL A 223 -48.91 103.92 -20.93
C VAL A 223 -47.72 103.01 -21.14
N ALA A 224 -46.53 103.46 -20.76
CA ALA A 224 -45.34 102.62 -20.79
C ALA A 224 -45.54 101.46 -19.84
N LEU A 225 -45.01 100.29 -20.18
CA LEU A 225 -45.27 99.08 -19.41
C LEU A 225 -44.54 99.05 -18.08
N TYR A 226 -43.38 99.69 -18.00
CA TYR A 226 -42.54 99.60 -16.82
C TYR A 226 -42.28 100.96 -16.21
N PRO A 227 -42.37 101.05 -14.88
CA PRO A 227 -42.08 102.32 -14.21
C PRO A 227 -40.70 102.76 -14.64
N GLY A 228 -40.47 104.06 -14.82
CA GLY A 228 -39.16 104.51 -15.20
C GLY A 228 -39.12 105.64 -16.21
N GLU A 229 -38.17 106.54 -16.03
CA GLU A 229 -37.99 107.66 -16.93
C GLU A 229 -37.57 107.14 -18.29
N LEU A 230 -37.18 105.89 -18.35
CA LEU A 230 -36.79 105.28 -19.62
C LEU A 230 -38.00 105.16 -20.51
N GLY A 231 -39.19 105.22 -19.92
CA GLY A 231 -40.43 105.10 -20.68
C GLY A 231 -40.76 106.35 -21.46
N ASP A 232 -40.15 107.47 -21.07
CA ASP A 232 -40.39 108.72 -21.74
C ASP A 232 -39.95 108.68 -23.19
N LYS A 233 -39.14 107.68 -23.55
CA LYS A 233 -38.61 107.58 -24.90
C LYS A 233 -39.60 106.91 -25.86
N ILE A 234 -40.69 106.36 -25.32
CA ILE A 234 -41.72 105.73 -26.14
C ILE A 234 -42.70 106.75 -26.72
N GLU A 235 -43.14 106.50 -27.95
CA GLU A 235 -44.07 107.38 -28.65
C GLU A 235 -45.05 106.58 -29.48
N ILE A 236 -46.28 106.44 -28.99
CA ILE A 236 -47.30 105.69 -29.70
C ILE A 236 -47.91 106.49 -30.86
N GLU A 237 -48.11 105.84 -31.99
CA GLU A 237 -48.86 106.43 -33.09
C GLU A 237 -50.14 105.65 -33.28
N ILE A 238 -51.28 106.34 -33.20
CA ILE A 238 -52.58 105.68 -33.35
C ILE A 238 -53.37 106.18 -34.55
N VAL A 239 -53.83 105.25 -35.37
CA VAL A 239 -54.65 105.59 -36.52
C VAL A 239 -55.85 104.63 -36.60
N SER A 240 -57.03 105.18 -36.85
CA SER A 240 -58.28 104.41 -36.90
C SER A 240 -58.61 103.98 -38.30
N LYS A 241 -59.58 103.09 -38.45
CA LYS A 241 -60.02 102.65 -39.77
C LYS A 241 -60.39 103.88 -40.60
N ALA A 242 -60.69 104.96 -39.90
CA ALA A 242 -61.08 106.21 -40.54
C ALA A 242 -59.91 106.86 -41.28
N ASP A 243 -58.96 107.39 -40.51
CA ASP A 243 -57.83 108.10 -41.08
C ASP A 243 -56.78 107.15 -41.64
N TYR A 244 -57.14 105.88 -41.79
CA TYR A 244 -56.20 104.90 -42.30
C TYR A 244 -56.12 104.89 -43.82
N ALA A 245 -57.25 105.10 -44.48
CA ALA A 245 -57.28 105.20 -45.93
C ALA A 245 -56.54 106.47 -46.36
N LYS A 246 -56.84 107.56 -45.68
CA LYS A 246 -56.09 108.79 -45.86
C LYS A 246 -54.74 108.64 -45.18
N GLY A 247 -54.41 107.40 -44.80
CA GLY A 247 -53.20 107.09 -44.07
C GLY A 247 -51.98 107.89 -44.48
N ALA A 248 -51.93 108.29 -45.74
CA ALA A 248 -50.80 109.05 -46.22
C ALA A 248 -50.97 110.55 -45.94
N SER A 249 -52.16 111.05 -46.24
CA SER A 249 -52.46 112.47 -46.10
C SER A 249 -52.78 112.83 -44.66
N ALA A 250 -53.60 112.01 -44.02
CA ALA A 250 -54.04 112.25 -42.63
C ALA A 250 -52.93 112.84 -41.78
N LEU A 251 -53.13 114.07 -41.32
CA LEU A 251 -52.12 114.76 -40.52
C LEU A 251 -52.33 114.59 -39.03
N LEU A 252 -51.88 113.46 -38.49
CA LEU A 252 -52.00 113.17 -37.07
C LEU A 252 -51.49 114.32 -36.20
N PRO A 253 -52.24 114.69 -35.16
CA PRO A 253 -51.88 115.74 -34.23
C PRO A 253 -51.04 115.12 -33.12
N ILE A 254 -50.26 115.92 -32.41
CA ILE A 254 -49.41 115.37 -31.37
C ILE A 254 -49.83 115.84 -29.97
N TYR A 255 -50.26 114.90 -29.14
CA TYR A 255 -50.64 115.20 -27.77
C TYR A 255 -49.49 114.88 -26.83
N PRO A 256 -49.26 115.74 -25.82
CA PRO A 256 -49.95 116.99 -25.55
C PRO A 256 -49.17 118.16 -26.13
N GLY A 257 -47.96 117.89 -26.59
CA GLY A 257 -47.12 118.95 -27.14
C GLY A 257 -47.90 119.87 -28.05
N GLY A 258 -48.33 119.35 -29.19
CA GLY A 258 -49.03 120.16 -30.17
C GLY A 258 -48.52 119.83 -31.56
N GLY A 259 -48.89 120.64 -32.54
CA GLY A 259 -48.47 120.42 -33.91
C GLY A 259 -48.91 119.08 -34.46
N THR A 260 -48.66 118.86 -35.75
CA THR A 260 -49.08 117.62 -36.38
C THR A 260 -47.93 116.97 -37.13
N ARG A 261 -48.23 115.84 -37.76
CA ARG A 261 -47.22 115.06 -38.46
C ARG A 261 -47.90 114.02 -39.33
N ALA A 262 -47.56 114.01 -40.61
CA ALA A 262 -48.15 113.07 -41.55
C ALA A 262 -48.19 111.66 -40.97
N SER A 263 -49.32 110.99 -41.12
CA SER A 263 -49.46 109.62 -40.65
C SER A 263 -48.48 108.70 -41.37
N THR A 264 -48.44 107.43 -40.96
CA THR A 264 -47.55 106.47 -41.60
C THR A 264 -48.24 105.10 -41.71
N ALA A 265 -49.40 104.98 -41.07
CA ALA A 265 -50.11 103.71 -40.95
C ALA A 265 -50.09 102.83 -42.21
N LYS A 266 -50.77 103.29 -43.26
CA LYS A 266 -50.87 102.53 -44.50
C LYS A 266 -49.51 102.29 -45.13
N ALA A 267 -48.52 103.04 -44.67
CA ALA A 267 -47.15 102.90 -45.17
C ALA A 267 -46.29 102.03 -44.25
N VAL A 268 -46.95 101.20 -43.44
CA VAL A 268 -46.27 100.28 -42.54
C VAL A 268 -47.09 99.00 -42.44
N PHE A 269 -48.39 99.13 -42.63
CA PHE A 269 -49.30 98.00 -42.53
C PHE A 269 -49.79 97.50 -43.89
N GLY A 270 -49.85 96.18 -44.04
CA GLY A 270 -50.56 95.59 -45.15
C GLY A 270 -51.98 95.42 -44.68
N TYR A 271 -52.19 94.45 -43.80
CA TYR A 271 -53.48 94.21 -43.18
C TYR A 271 -53.92 95.44 -42.41
N GLY A 272 -54.78 96.25 -43.02
CA GLY A 272 -55.26 97.47 -42.39
C GLY A 272 -56.35 97.22 -41.35
N PRO A 273 -56.74 98.28 -40.62
CA PRO A 273 -57.81 98.18 -39.61
C PRO A 273 -59.13 97.77 -40.27
N GLN A 274 -59.71 96.67 -39.80
CA GLN A 274 -60.90 96.11 -40.43
C GLN A 274 -62.19 96.78 -39.97
N THR A 275 -62.64 96.47 -38.77
CA THR A 275 -63.86 97.11 -38.26
C THR A 275 -63.57 98.56 -37.90
N ASP A 276 -64.61 99.35 -37.67
CA ASP A 276 -64.45 100.77 -37.33
C ASP A 276 -63.92 100.93 -35.91
N SER A 277 -64.00 99.85 -35.14
CA SER A 277 -63.49 99.84 -33.78
C SER A 277 -62.14 99.11 -33.68
N GLN A 278 -61.42 99.08 -34.80
CA GLN A 278 -60.05 98.57 -34.81
C GLN A 278 -59.11 99.72 -35.10
N TYR A 279 -57.92 99.69 -34.50
CA TYR A 279 -56.96 100.77 -34.65
C TYR A 279 -55.56 100.28 -34.97
N ALA A 280 -54.83 101.08 -35.73
CA ALA A 280 -53.43 100.79 -36.02
C ALA A 280 -52.57 101.43 -34.96
N ILE A 281 -51.73 100.64 -34.30
CA ILE A 281 -50.84 101.15 -33.27
C ILE A 281 -49.39 100.94 -33.69
N ILE A 282 -48.60 102.01 -33.64
CA ILE A 282 -47.19 101.92 -34.01
C ILE A 282 -46.31 102.53 -32.92
N VAL A 283 -45.63 101.68 -32.15
CA VAL A 283 -44.83 102.15 -31.02
C VAL A 283 -43.39 102.43 -31.41
N ARG A 284 -42.87 103.58 -30.99
CA ARG A 284 -41.52 103.99 -31.36
C ARG A 284 -40.68 104.38 -30.15
N ARG A 285 -39.44 103.91 -30.13
CA ARG A 285 -38.48 104.41 -29.15
C ARG A 285 -37.21 104.80 -29.89
N ASN A 286 -36.89 106.08 -29.88
CA ASN A 286 -35.72 106.59 -30.61
C ASN A 286 -35.87 106.50 -32.12
N ASP A 287 -37.06 106.86 -32.61
CA ASP A 287 -37.35 106.84 -34.04
C ASP A 287 -37.48 105.41 -34.56
N ALA A 288 -37.19 104.44 -33.69
CA ALA A 288 -37.28 103.03 -34.07
C ALA A 288 -38.70 102.53 -33.94
N ILE A 289 -39.19 101.85 -34.98
CA ILE A 289 -40.53 101.30 -34.96
C ILE A 289 -40.48 100.00 -34.18
N VAL A 290 -40.42 100.12 -32.87
CA VAL A 290 -40.26 98.98 -31.97
C VAL A 290 -41.35 97.90 -32.03
N GLN A 291 -42.59 98.30 -32.32
CA GLN A 291 -43.70 97.36 -32.44
C GLN A 291 -44.80 97.92 -33.34
N SER A 292 -45.53 97.03 -34.01
CA SER A 292 -46.59 97.42 -34.92
C SER A 292 -47.73 96.42 -34.88
N VAL A 293 -48.90 96.84 -34.42
CA VAL A 293 -50.02 95.93 -34.26
C VAL A 293 -51.33 96.62 -34.57
N VAL A 294 -52.38 95.82 -34.77
CA VAL A 294 -53.72 96.34 -34.95
C VAL A 294 -54.65 95.72 -33.92
N LEU A 295 -55.33 96.56 -33.14
CA LEU A 295 -56.19 96.08 -32.06
C LEU A 295 -57.60 96.64 -32.15
N SER A 296 -58.51 96.04 -31.40
CA SER A 296 -59.90 96.46 -31.43
C SER A 296 -60.39 96.81 -30.03
N THR A 297 -61.32 97.76 -29.96
CA THR A 297 -61.90 98.16 -28.70
C THR A 297 -63.18 97.38 -28.42
N LYS A 298 -63.51 96.45 -29.31
CA LYS A 298 -64.71 95.63 -29.15
C LYS A 298 -64.38 94.19 -28.84
N ARG A 299 -64.84 93.72 -27.68
CA ARG A 299 -64.54 92.36 -27.25
C ARG A 299 -64.88 91.35 -28.33
N GLY A 300 -64.18 90.23 -28.33
CA GLY A 300 -64.45 89.17 -29.28
C GLY A 300 -63.67 89.33 -30.58
N GLY A 301 -63.78 90.50 -31.21
CA GLY A 301 -63.15 90.75 -32.49
C GLY A 301 -61.77 90.16 -32.59
N LYS A 302 -61.50 89.55 -33.75
CA LYS A 302 -60.23 88.87 -33.99
C LYS A 302 -59.64 89.30 -35.33
N ASP A 303 -58.35 89.01 -35.51
CA ASP A 303 -57.73 89.22 -36.80
C ASP A 303 -58.09 88.04 -37.69
N ILE A 304 -57.43 87.91 -38.83
CA ILE A 304 -57.69 86.80 -39.75
C ILE A 304 -57.14 85.48 -39.25
N TYR A 305 -56.92 85.38 -37.94
CA TYR A 305 -56.38 84.16 -37.35
C TYR A 305 -57.13 83.79 -36.08
N ASP A 306 -58.27 84.44 -35.85
CA ASP A 306 -59.04 84.23 -34.64
C ASP A 306 -58.22 84.47 -33.37
N SER A 307 -57.21 85.35 -33.48
CA SER A 307 -56.45 85.79 -32.33
C SER A 307 -57.18 86.96 -31.69
N ASN A 308 -57.66 86.77 -30.48
CA ASN A 308 -58.38 87.82 -29.77
C ASN A 308 -57.56 89.10 -29.69
N ILE A 309 -57.92 90.08 -30.53
CA ILE A 309 -57.19 91.34 -30.57
C ILE A 309 -57.94 92.47 -29.84
N TYR A 310 -58.78 92.09 -28.88
CA TYR A 310 -59.40 93.09 -28.02
C TYR A 310 -58.32 93.64 -27.08
N ILE A 311 -58.12 94.95 -27.14
CA ILE A 311 -57.05 95.60 -26.38
C ILE A 311 -56.78 95.01 -25.00
N ASP A 312 -57.72 95.20 -24.08
CA ASP A 312 -57.53 94.77 -22.70
C ASP A 312 -56.96 93.36 -22.55
N ASP A 313 -57.36 92.45 -23.43
CA ASP A 313 -56.88 91.08 -23.36
C ASP A 313 -55.50 90.92 -23.96
N PHE A 314 -55.33 91.44 -25.17
CA PHE A 314 -54.05 91.40 -25.85
C PHE A 314 -52.91 91.68 -24.90
N PHE A 315 -52.99 92.80 -24.18
CA PHE A 315 -51.94 93.19 -23.25
C PHE A 315 -52.00 92.37 -21.98
N ALA A 316 -53.20 91.91 -21.64
CA ALA A 316 -53.42 91.12 -20.44
C ALA A 316 -52.57 89.86 -20.45
N LYS A 317 -52.09 89.49 -21.63
CA LYS A 317 -51.32 88.28 -21.81
C LYS A 317 -50.02 88.56 -22.56
N GLY A 318 -49.04 89.12 -21.85
CA GLY A 318 -47.74 89.42 -22.41
C GLY A 318 -47.75 89.87 -23.86
N GLY A 319 -48.78 90.61 -24.24
CA GLY A 319 -48.95 91.02 -25.62
C GLY A 319 -47.85 91.92 -26.14
N SER A 320 -47.27 92.71 -25.26
CA SER A 320 -46.28 93.70 -25.70
C SER A 320 -45.22 93.99 -24.64
N GLU A 321 -43.96 94.02 -25.07
CA GLU A 321 -42.84 94.23 -24.16
C GLU A 321 -42.73 95.68 -23.69
N TYR A 322 -43.38 96.61 -24.41
CA TYR A 322 -43.13 98.03 -24.22
C TYR A 322 -44.25 98.81 -23.53
N ILE A 323 -45.47 98.62 -24.01
CA ILE A 323 -46.59 99.43 -23.56
C ILE A 323 -47.70 98.56 -22.97
N PHE A 324 -48.76 99.23 -22.52
CA PHE A 324 -49.91 98.56 -21.92
C PHE A 324 -51.07 99.52 -22.10
N ALA A 325 -52.21 99.02 -22.55
CA ALA A 325 -53.36 99.88 -22.82
C ALA A 325 -54.69 99.31 -22.34
N THR A 326 -55.74 100.10 -22.49
CA THR A 326 -57.08 99.68 -22.09
C THR A 326 -58.13 100.35 -22.97
N ALA A 327 -59.08 99.55 -23.46
CA ALA A 327 -60.11 100.06 -24.36
C ALA A 327 -60.96 101.12 -23.69
N GLN A 328 -60.93 101.14 -22.36
CA GLN A 328 -61.77 102.04 -21.58
C GLN A 328 -61.47 103.51 -21.88
N ASN A 329 -62.53 104.25 -22.19
CA ASN A 329 -62.44 105.67 -22.49
C ASN A 329 -61.53 105.98 -23.68
N TRP A 330 -61.23 104.96 -24.47
CA TRP A 330 -60.52 105.14 -25.72
C TRP A 330 -61.41 105.97 -26.63
N PRO A 331 -60.97 107.18 -26.99
CA PRO A 331 -61.80 108.07 -27.82
C PRO A 331 -62.19 107.38 -29.13
N GLU A 332 -63.46 107.43 -29.47
CA GLU A 332 -63.92 106.83 -30.71
C GLU A 332 -63.26 107.51 -31.90
N GLY A 333 -62.79 106.70 -32.85
CA GLY A 333 -62.15 107.21 -34.05
C GLY A 333 -60.94 108.07 -33.78
N PHE A 334 -60.39 107.95 -32.57
CA PHE A 334 -59.20 108.72 -32.22
C PHE A 334 -58.07 108.37 -33.16
N SER A 335 -57.35 109.38 -33.61
CA SER A 335 -56.11 109.17 -34.34
C SER A 335 -55.16 110.28 -33.95
N GLY A 336 -53.90 109.94 -33.69
CA GLY A 336 -52.93 110.93 -33.29
C GLY A 336 -51.61 110.36 -32.80
N ILE A 337 -50.75 111.23 -32.31
CA ILE A 337 -49.47 110.84 -31.78
C ILE A 337 -49.46 111.06 -30.29
N LEU A 338 -49.29 109.98 -29.54
CA LEU A 338 -49.21 110.10 -28.09
C LEU A 338 -47.76 110.25 -27.63
N THR A 339 -47.53 111.21 -26.75
CA THR A 339 -46.19 111.47 -26.25
C THR A 339 -46.11 111.13 -24.79
N LEU A 340 -45.47 110.01 -24.49
CA LEU A 340 -45.29 109.56 -23.11
C LEU A 340 -44.24 110.41 -22.45
N SER A 341 -44.52 110.81 -21.21
CA SER A 341 -43.61 111.62 -20.40
C SER A 341 -44.01 111.54 -18.93
N GLY A 342 -43.28 112.25 -18.08
CA GLY A 342 -43.51 112.17 -16.65
C GLY A 342 -43.16 110.80 -16.09
N GLY A 343 -42.73 109.91 -16.97
CA GLY A 343 -42.28 108.60 -16.55
C GLY A 343 -41.28 108.76 -15.44
N LEU A 344 -41.34 107.89 -14.43
CA LEU A 344 -40.51 108.10 -13.26
C LEU A 344 -40.33 106.85 -12.42
N SER A 345 -39.25 106.11 -12.65
CA SER A 345 -38.88 105.07 -11.70
C SER A 345 -38.08 105.76 -10.64
N SER A 346 -38.51 105.65 -9.40
CA SER A 346 -37.71 106.24 -8.36
C SER A 346 -37.15 105.08 -7.57
N ASN A 347 -35.84 104.90 -7.70
CA ASN A 347 -35.06 104.16 -6.71
C ASN A 347 -34.67 105.20 -5.70
N ALA A 348 -34.65 106.43 -6.17
CA ALA A 348 -34.39 107.61 -5.35
C ALA A 348 -34.62 107.26 -3.91
N GLU A 349 -35.87 106.96 -3.59
CA GLU A 349 -36.17 106.47 -2.25
C GLU A 349 -37.00 105.20 -2.23
N VAL A 350 -36.31 104.10 -2.48
CA VAL A 350 -36.83 102.78 -2.21
C VAL A 350 -36.41 102.41 -0.79
N THR A 351 -37.37 102.42 0.14
CA THR A 351 -37.10 102.08 1.53
C THR A 351 -36.63 100.63 1.66
N ALA A 352 -35.82 100.38 2.69
CA ALA A 352 -35.33 99.03 2.95
C ALA A 352 -36.48 98.03 2.84
N GLY A 353 -37.58 98.34 3.53
CA GLY A 353 -38.75 97.47 3.50
C GLY A 353 -39.24 97.20 2.10
N ASP A 354 -39.22 98.22 1.26
CA ASP A 354 -39.65 98.09 -0.13
C ASP A 354 -38.86 96.97 -0.80
N LEU A 355 -37.66 96.70 -0.27
CA LEU A 355 -36.87 95.58 -0.75
C LEU A 355 -37.40 94.26 -0.19
N MET A 356 -37.69 94.26 1.11
CA MET A 356 -38.15 93.06 1.79
C MET A 356 -39.51 92.62 1.25
N GLU A 357 -40.38 93.56 0.92
CA GLU A 357 -41.64 93.24 0.28
C GLU A 357 -41.36 92.45 -0.98
N ALA A 358 -40.32 92.84 -1.70
CA ALA A 358 -39.94 92.21 -2.95
C ALA A 358 -39.42 90.80 -2.70
N TRP A 359 -38.33 90.69 -1.93
CA TRP A 359 -37.74 89.40 -1.64
C TRP A 359 -38.79 88.37 -1.24
N ASP A 360 -39.81 88.82 -0.52
CA ASP A 360 -40.85 87.93 -0.01
C ASP A 360 -41.47 87.05 -1.11
N PHE A 361 -41.34 87.49 -2.35
CA PHE A 361 -41.95 86.77 -3.47
C PHE A 361 -41.40 85.35 -3.61
N PHE A 362 -40.36 85.03 -2.85
CA PHE A 362 -39.71 83.71 -2.96
C PHE A 362 -39.95 82.82 -1.74
N ALA A 363 -40.64 83.33 -0.73
CA ALA A 363 -40.67 82.67 0.58
C ALA A 363 -41.67 81.51 0.74
N ASP A 364 -41.91 80.77 -0.34
CA ASP A 364 -42.79 79.60 -0.28
C ASP A 364 -42.52 78.57 -1.39
N ARG A 365 -42.00 77.42 -1.01
CA ARG A 365 -41.67 76.37 -1.97
C ARG A 365 -42.87 75.96 -2.81
N GLU A 366 -44.08 76.24 -2.31
CA GLU A 366 -45.31 75.90 -3.02
C GLU A 366 -45.14 76.60 -4.36
N SER A 367 -44.60 77.80 -4.31
CA SER A 367 -44.64 78.66 -5.48
C SER A 367 -43.43 78.72 -6.40
N VAL A 368 -42.26 79.02 -5.85
CA VAL A 368 -41.06 79.15 -6.66
C VAL A 368 -39.90 78.28 -6.26
N ASP A 369 -39.46 77.45 -7.20
CA ASP A 369 -38.32 76.57 -7.00
C ASP A 369 -37.02 77.32 -7.26
N VAL A 370 -36.46 77.92 -6.21
CA VAL A 370 -35.23 78.68 -6.34
C VAL A 370 -34.16 78.14 -5.40
N GLN A 371 -33.04 77.70 -5.97
CA GLN A 371 -32.02 77.00 -5.19
C GLN A 371 -31.09 77.92 -4.39
N LEU A 372 -30.65 78.99 -5.00
CA LEU A 372 -29.67 79.87 -4.37
C LEU A 372 -30.25 81.25 -4.14
N PHE A 373 -29.66 82.01 -3.22
CA PHE A 373 -30.17 83.33 -2.88
C PHE A 373 -29.08 84.39 -2.91
N ILE A 374 -29.05 85.21 -3.96
CA ILE A 374 -28.09 86.30 -3.99
C ILE A 374 -28.55 87.39 -3.04
N ALA A 375 -27.79 87.65 -2.00
CA ALA A 375 -28.26 88.55 -0.97
C ALA A 375 -27.30 89.71 -0.74
N GLY A 376 -26.01 89.44 -0.87
CA GLY A 376 -24.99 90.47 -0.64
C GLY A 376 -25.22 91.69 -1.51
N SER A 377 -26.12 91.56 -2.46
CA SER A 377 -26.44 92.63 -3.40
C SER A 377 -26.82 93.93 -2.71
N CYS A 378 -27.05 93.88 -1.41
CA CYS A 378 -27.41 95.07 -0.66
C CYS A 378 -26.20 95.65 0.04
N ALA A 379 -25.04 95.05 -0.22
CA ALA A 379 -23.80 95.47 0.43
C ALA A 379 -23.67 96.99 0.49
N GLY A 380 -23.98 97.65 -0.61
CA GLY A 380 -23.78 99.09 -0.73
C GLY A 380 -24.77 99.96 0.01
N GLU A 381 -26.00 99.48 0.16
CA GLU A 381 -27.07 100.30 0.71
C GLU A 381 -26.80 100.84 2.13
N SER A 382 -27.68 101.73 2.59
CA SER A 382 -27.56 102.32 3.92
C SER A 382 -27.11 101.23 4.88
N LEU A 383 -25.97 101.42 5.54
CA LEU A 383 -25.47 100.39 6.44
C LEU A 383 -26.62 99.65 7.09
N GLU A 384 -27.51 100.40 7.74
CA GLU A 384 -28.70 99.82 8.36
C GLU A 384 -29.30 98.77 7.43
N THR A 385 -29.91 99.25 6.35
CA THR A 385 -30.55 98.35 5.38
C THR A 385 -29.60 97.27 4.87
N ALA A 386 -28.32 97.61 4.75
CA ALA A 386 -27.32 96.61 4.34
C ALA A 386 -27.49 95.37 5.20
N SER A 387 -27.67 95.60 6.50
CA SER A 387 -27.82 94.51 7.45
C SER A 387 -29.23 94.00 7.51
N THR A 388 -30.17 94.88 7.81
CA THR A 388 -31.55 94.44 8.07
C THR A 388 -32.27 93.76 6.90
N VAL A 389 -31.88 94.07 5.67
CA VAL A 389 -32.47 93.38 4.53
C VAL A 389 -32.01 91.94 4.49
N GLN A 390 -30.70 91.76 4.28
CA GLN A 390 -30.09 90.45 4.30
C GLN A 390 -30.58 89.61 5.48
N LYS A 391 -30.41 90.17 6.68
CA LYS A 391 -30.85 89.52 7.90
C LYS A 391 -32.21 88.88 7.66
N HIS A 392 -33.12 89.66 7.05
CA HIS A 392 -34.45 89.17 6.74
C HIS A 392 -34.45 88.11 5.63
N VAL A 393 -33.61 88.29 4.62
CA VAL A 393 -33.53 87.32 3.53
C VAL A 393 -33.16 85.96 4.07
N VAL A 394 -32.27 85.93 5.04
CA VAL A 394 -31.89 84.70 5.72
C VAL A 394 -33.11 84.07 6.37
N SER A 395 -34.00 84.92 6.89
CA SER A 395 -35.20 84.47 7.56
C SER A 395 -36.30 84.10 6.57
N ILE A 396 -35.89 83.79 5.34
CA ILE A 396 -36.80 83.30 4.32
C ILE A 396 -36.34 81.92 3.90
N GLY A 397 -35.02 81.78 3.78
CA GLY A 397 -34.42 80.49 3.52
C GLY A 397 -34.54 79.64 4.76
N ASP A 398 -34.42 80.26 5.92
CA ASP A 398 -34.60 79.56 7.19
C ASP A 398 -35.96 78.90 7.23
N VAL A 399 -37.01 79.68 7.11
CA VAL A 399 -38.37 79.18 7.27
C VAL A 399 -38.76 78.24 6.14
N ARG A 400 -38.01 78.17 5.07
CA ARG A 400 -38.38 77.34 3.94
C ARG A 400 -37.41 76.15 3.74
N GLN A 401 -36.16 76.37 4.10
CA GLN A 401 -35.13 75.33 4.09
C GLN A 401 -35.01 74.54 2.78
N ASP A 402 -35.22 75.23 1.66
CA ASP A 402 -34.90 74.70 0.34
C ASP A 402 -34.14 75.78 -0.42
N CYS A 403 -32.86 75.96 -0.06
CA CYS A 403 -32.08 77.08 -0.60
C CYS A 403 -30.74 77.25 0.08
N LEU A 404 -30.17 78.43 -0.08
CA LEU A 404 -28.86 78.75 0.47
C LEU A 404 -29.15 80.24 0.38
N VAL A 405 -28.84 80.98 1.43
CA VAL A 405 -29.09 82.42 1.42
C VAL A 405 -27.58 82.56 1.60
N LEU A 406 -26.93 83.27 0.68
CA LEU A 406 -25.48 83.46 0.74
C LEU A 406 -25.53 85.00 0.87
N CYS A 407 -24.57 85.54 1.65
CA CYS A 407 -24.62 86.94 2.06
C CYS A 407 -23.23 87.52 2.26
N SER A 408 -23.07 88.79 1.92
CA SER A 408 -21.78 89.49 1.97
C SER A 408 -21.73 90.77 2.83
N PRO A 409 -20.55 91.15 3.34
CA PRO A 409 -20.37 92.22 4.31
C PRO A 409 -20.67 93.58 3.72
N PRO A 410 -20.89 94.58 4.57
CA PRO A 410 -21.17 95.95 4.11
C PRO A 410 -19.91 96.65 3.64
N ARG A 411 -19.98 97.34 2.51
CA ARG A 411 -18.81 98.04 2.00
C ARG A 411 -18.13 98.81 3.11
N GLU A 412 -18.90 99.59 3.86
CA GLU A 412 -18.35 100.39 4.95
C GLU A 412 -17.20 99.66 5.63
N THR A 413 -17.46 98.42 5.99
CA THR A 413 -16.65 97.68 6.94
C THR A 413 -15.36 97.09 6.39
N VAL A 414 -15.24 97.03 5.07
CA VAL A 414 -14.18 96.20 4.51
C VAL A 414 -13.33 96.82 3.40
N VAL A 415 -13.89 97.74 2.63
CA VAL A 415 -13.19 98.27 1.46
C VAL A 415 -12.24 99.43 1.74
N GLY A 416 -12.69 100.41 2.52
CA GLY A 416 -11.87 101.58 2.81
C GLY A 416 -10.62 101.31 3.67
N ILE A 417 -10.85 100.81 4.88
CA ILE A 417 -9.78 100.63 5.87
C ILE A 417 -8.80 99.52 5.50
N PRO A 418 -7.66 99.45 6.21
CA PRO A 418 -6.69 98.36 6.15
C PRO A 418 -7.20 97.15 6.91
N VAL A 419 -6.60 95.99 6.68
CA VAL A 419 -7.08 94.74 7.27
C VAL A 419 -7.10 94.74 8.81
N THR A 420 -6.12 95.39 9.42
CA THR A 420 -6.07 95.51 10.87
C THR A 420 -7.45 95.86 11.42
N ARG A 421 -7.90 97.09 11.15
CA ARG A 421 -9.25 97.50 11.52
C ARG A 421 -10.27 96.58 10.89
N ALA A 422 -10.04 96.23 9.63
CA ALA A 422 -11.01 95.48 8.84
C ALA A 422 -11.66 94.33 9.60
N VAL A 423 -10.85 93.40 10.07
CA VAL A 423 -11.39 92.21 10.72
C VAL A 423 -12.14 92.57 12.00
N ASP A 424 -11.53 93.42 12.84
CA ASP A 424 -12.19 93.89 14.04
C ASP A 424 -13.65 94.19 13.70
N ASN A 425 -13.84 95.00 12.67
CA ASN A 425 -15.17 95.40 12.23
C ASN A 425 -16.04 94.20 11.93
N LEU A 426 -15.57 93.33 11.03
CA LEU A 426 -16.32 92.16 10.62
C LEU A 426 -16.85 91.34 11.80
N VAL A 427 -15.97 91.08 12.77
CA VAL A 427 -16.33 90.22 13.90
C VAL A 427 -17.32 90.92 14.85
N ASN A 428 -17.09 92.21 15.08
CA ASN A 428 -18.06 92.99 15.83
C ASN A 428 -19.44 92.88 15.21
N TRP A 429 -19.50 93.02 13.89
CA TRP A 429 -20.76 92.99 13.16
C TRP A 429 -21.46 91.64 13.26
N ARG A 430 -20.65 90.57 13.28
CA ARG A 430 -21.18 89.21 13.35
C ARG A 430 -21.72 88.87 14.74
N THR A 431 -21.51 89.78 15.69
CA THR A 431 -22.04 89.63 17.05
C THR A 431 -22.85 90.83 17.55
N ALA A 432 -22.19 91.95 17.78
CA ALA A 432 -22.85 93.14 18.31
C ALA A 432 -21.75 94.07 18.75
N ALA A 433 -21.18 93.75 19.91
CA ALA A 433 -19.93 94.36 20.36
C ALA A 433 -19.84 95.87 20.19
N GLY A 434 -18.86 96.30 19.39
CA GLY A 434 -18.44 97.69 19.34
C GLY A 434 -19.41 98.65 18.69
N SER A 435 -19.17 98.95 17.41
CA SER A 435 -19.93 99.97 16.71
C SER A 435 -21.23 99.43 16.13
N TYR A 436 -21.16 98.24 15.56
CA TYR A 436 -22.33 97.60 14.98
C TYR A 436 -23.00 96.70 16.01
N THR A 437 -23.46 97.29 17.11
CA THR A 437 -24.27 96.53 18.03
C THR A 437 -25.68 96.48 17.48
N ASP A 438 -26.09 97.60 16.89
CA ASP A 438 -27.46 97.81 16.45
C ASP A 438 -27.70 97.14 15.12
N ASN A 439 -26.97 97.61 14.11
CA ASN A 439 -27.01 96.99 12.80
C ASN A 439 -26.06 95.79 12.77
N ASN A 440 -26.35 94.82 13.62
CA ASN A 440 -25.57 93.60 13.63
C ASN A 440 -26.14 92.64 12.61
N PHE A 441 -25.40 91.58 12.35
CA PHE A 441 -25.85 90.49 11.51
C PHE A 441 -25.83 89.24 12.37
N ASN A 442 -26.06 89.43 13.66
CA ASN A 442 -25.91 88.36 14.65
C ASN A 442 -26.98 87.27 14.57
N ILE A 443 -26.94 86.49 13.49
CA ILE A 443 -27.84 85.37 13.30
C ILE A 443 -26.99 84.15 13.05
N SER A 444 -27.61 82.98 13.01
CA SER A 444 -26.83 81.75 12.84
C SER A 444 -27.57 80.61 12.13
N SER A 445 -27.68 80.70 10.81
CA SER A 445 -28.35 79.68 10.05
C SER A 445 -27.37 78.76 9.32
N THR A 446 -27.76 77.50 9.23
CA THR A 446 -27.00 76.50 8.52
C THR A 446 -27.22 76.77 7.04
N TYR A 447 -28.19 77.65 6.78
CA TYR A 447 -28.52 78.08 5.42
C TYR A 447 -27.87 79.43 5.15
N ALA A 448 -27.34 80.03 6.19
CA ALA A 448 -26.67 81.32 6.08
C ALA A 448 -25.23 81.11 5.70
N ALA A 449 -24.84 81.66 4.55
CA ALA A 449 -23.44 81.60 4.12
C ALA A 449 -23.21 83.10 3.99
N ILE A 450 -22.29 83.63 4.80
CA ILE A 450 -21.84 85.01 4.65
C ILE A 450 -20.55 85.07 3.83
N ASP A 451 -20.07 86.30 3.60
CA ASP A 451 -19.45 86.65 2.33
C ASP A 451 -18.53 87.86 2.48
N GLY A 452 -17.25 87.67 2.18
CA GLY A 452 -16.22 87.74 3.21
C GLY A 452 -15.24 88.87 2.95
N ASN A 453 -15.15 89.30 1.70
CA ASN A 453 -14.86 90.69 1.39
C ASN A 453 -15.78 91.24 0.30
N TYR A 454 -15.26 92.14 -0.52
CA TYR A 454 -16.06 92.80 -1.54
C TYR A 454 -15.24 93.09 -2.79
N LYS A 455 -15.78 92.75 -3.94
CA LYS A 455 -14.98 92.59 -5.15
C LYS A 455 -14.85 93.91 -5.90
N TYR A 456 -13.76 94.06 -6.64
CA TYR A 456 -13.51 95.26 -7.42
C TYR A 456 -13.55 94.95 -8.92
N GLN A 457 -14.70 95.15 -9.54
CA GLN A 457 -14.91 94.78 -10.94
C GLN A 457 -14.73 95.98 -11.87
N TYR A 458 -14.84 95.75 -13.17
CA TYR A 458 -14.88 96.84 -14.13
C TYR A 458 -16.26 96.87 -14.74
N ASP A 459 -16.80 98.07 -14.93
CA ASP A 459 -18.17 98.23 -15.38
C ASP A 459 -18.25 98.62 -16.84
N LYS A 460 -18.31 97.63 -17.72
CA LYS A 460 -18.27 97.87 -19.15
C LYS A 460 -19.30 98.91 -19.61
N TYR A 461 -20.29 99.18 -18.77
CA TYR A 461 -21.36 100.09 -19.15
C TYR A 461 -21.02 101.54 -18.87
N ASN A 462 -20.87 101.90 -17.60
CA ASN A 462 -20.45 103.26 -17.26
C ASN A 462 -18.99 103.45 -17.61
N ASP A 463 -18.31 102.34 -17.86
CA ASP A 463 -16.88 102.34 -18.16
C ASP A 463 -16.06 102.80 -16.95
N VAL A 464 -16.33 102.21 -15.80
CA VAL A 464 -15.63 102.58 -14.59
C VAL A 464 -15.35 101.37 -13.72
N ASN A 465 -14.27 101.43 -12.94
CA ASN A 465 -13.96 100.40 -11.96
C ASN A 465 -14.79 100.63 -10.70
N ARG A 466 -15.32 99.55 -10.14
CA ARG A 466 -16.38 99.67 -9.17
C ARG A 466 -16.33 98.51 -8.15
N TRP A 467 -16.64 98.79 -6.89
CA TRP A 467 -16.74 97.73 -5.89
C TRP A 467 -18.14 97.11 -5.89
N VAL A 468 -18.20 95.79 -5.96
CA VAL A 468 -19.48 95.10 -5.92
C VAL A 468 -19.49 93.95 -4.91
N PRO A 469 -20.65 93.68 -4.32
CA PRO A 469 -20.79 92.58 -3.37
C PRO A 469 -20.35 91.27 -4.02
N LEU A 470 -19.50 90.52 -3.32
CA LEU A 470 -18.94 89.31 -3.90
C LEU A 470 -19.93 88.15 -3.88
N ALA A 471 -20.83 88.16 -2.92
CA ALA A 471 -21.83 87.10 -2.79
C ALA A 471 -22.51 86.78 -4.12
N ALA A 472 -23.02 87.81 -4.78
CA ALA A 472 -23.66 87.66 -6.08
C ALA A 472 -22.89 86.69 -6.96
N ASP A 473 -21.56 86.75 -6.86
CA ASP A 473 -20.70 85.96 -7.71
C ASP A 473 -20.62 84.50 -7.26
N ILE A 474 -20.17 84.28 -6.02
CA ILE A 474 -20.02 82.92 -5.48
C ILE A 474 -21.26 82.08 -5.69
N ALA A 475 -22.43 82.73 -5.71
CA ALA A 475 -23.70 82.03 -5.90
C ALA A 475 -23.75 81.33 -7.25
N GLY A 476 -23.28 82.01 -8.29
CA GLY A 476 -23.19 81.40 -9.60
C GLY A 476 -22.11 80.34 -9.58
N LEU A 477 -21.08 80.61 -8.77
CA LEU A 477 -19.98 79.69 -8.60
C LEU A 477 -20.45 78.40 -7.93
N CYS A 478 -21.68 78.42 -7.43
CA CYS A 478 -22.29 77.23 -6.85
C CYS A 478 -23.13 76.47 -7.87
N ALA A 479 -23.95 77.21 -8.63
CA ALA A 479 -24.77 76.62 -9.68
C ALA A 479 -23.86 75.75 -10.52
N ARG A 480 -22.60 76.17 -10.54
CA ARG A 480 -21.54 75.42 -11.16
C ARG A 480 -21.20 74.23 -10.29
N THR A 481 -20.04 74.32 -9.65
CA THR A 481 -19.45 73.22 -8.88
C THR A 481 -20.47 72.41 -8.09
N ASP A 482 -20.40 71.10 -8.28
CA ASP A 482 -21.35 70.16 -7.70
C ASP A 482 -22.77 70.69 -7.78
N ASN A 483 -23.63 70.26 -6.87
CA ASN A 483 -24.97 70.80 -6.85
C ASN A 483 -25.29 71.74 -5.69
N VAL A 484 -26.39 72.45 -5.85
CA VAL A 484 -26.62 73.70 -5.15
C VAL A 484 -27.72 73.60 -4.10
N ARG A 496 -13.58 78.96 -3.99
CA ARG A 496 -14.02 77.62 -4.38
C ARG A 496 -13.62 77.30 -5.82
N GLY A 497 -12.59 77.99 -6.30
CA GLY A 497 -12.22 77.97 -7.71
C GLY A 497 -12.31 79.40 -8.17
N GLN A 498 -11.19 79.95 -8.64
CA GLN A 498 -11.09 81.39 -8.83
C GLN A 498 -12.30 82.00 -9.51
N ILE A 499 -12.56 83.27 -9.19
CA ILE A 499 -13.67 84.00 -9.76
C ILE A 499 -13.21 84.72 -11.01
N LEU A 500 -14.16 84.99 -11.88
CA LEU A 500 -13.85 85.39 -13.24
C LEU A 500 -13.25 86.78 -13.40
N ASN A 501 -14.04 87.81 -13.13
CA ASN A 501 -13.72 89.14 -13.61
C ASN A 501 -13.21 90.08 -12.55
N VAL A 502 -12.85 89.52 -11.40
CA VAL A 502 -12.23 90.31 -10.35
C VAL A 502 -10.98 90.99 -10.89
N ILE A 503 -10.56 92.06 -10.25
CA ILE A 503 -9.33 92.74 -10.66
C ILE A 503 -8.65 93.25 -9.42
N LYS A 504 -9.16 92.83 -8.27
CA LYS A 504 -8.74 93.35 -6.99
C LYS A 504 -9.77 92.91 -5.99
N LEU A 505 -9.31 92.48 -4.82
CA LEU A 505 -10.23 92.20 -3.71
C LEU A 505 -9.91 93.06 -2.48
N ALA A 506 -10.93 93.36 -1.69
CA ALA A 506 -10.74 94.25 -0.56
C ALA A 506 -9.61 93.76 0.34
N ILE A 507 -9.53 92.45 0.50
CA ILE A 507 -8.43 91.84 1.26
C ILE A 507 -7.89 90.60 0.54
N GLU A 508 -6.59 90.38 0.67
CA GLU A 508 -5.94 89.26 0.00
C GLU A 508 -4.62 88.89 0.69
N THR A 509 -4.47 87.60 0.98
CA THR A 509 -5.60 86.69 1.08
C THR A 509 -5.61 85.98 2.43
N PRO A 510 -4.44 85.58 2.90
CA PRO A 510 -3.29 85.36 2.01
C PRO A 510 -3.02 83.88 1.78
N ASN B 21 39.07 63.78 20.87
CA ASN B 21 40.23 63.79 19.99
C ASN B 21 41.28 62.69 20.04
N ASN B 22 40.79 61.46 20.06
CA ASN B 22 41.17 60.23 20.75
C ASN B 22 40.73 60.23 22.21
N SER B 23 39.73 60.86 22.53
CA SER B 23 39.27 61.16 23.89
C SER B 23 39.99 62.39 24.44
N THR B 24 40.28 63.35 23.70
CA THR B 24 40.63 64.70 24.15
C THR B 24 41.78 64.74 25.15
N GLY B 25 42.94 64.23 24.74
CA GLY B 25 44.08 64.17 25.63
C GLY B 25 44.51 65.58 26.00
N THR B 26 43.83 66.16 26.98
CA THR B 26 44.13 67.53 27.39
C THR B 26 45.03 67.29 28.59
N ALA B 27 46.28 67.74 28.49
CA ALA B 27 47.19 67.65 29.62
C ALA B 27 47.03 68.87 30.50
N ALA B 28 47.75 68.89 31.61
CA ALA B 28 47.72 70.02 32.52
C ALA B 28 49.05 70.06 33.24
N LEU B 29 49.68 71.23 33.24
CA LEU B 29 51.01 71.39 33.81
C LEU B 29 51.12 72.73 34.50
N ALA B 30 51.76 72.72 35.65
CA ALA B 30 52.01 73.97 36.36
C ALA B 30 53.41 73.91 36.95
N GLY B 31 54.15 75.01 36.78
CA GLY B 31 55.50 75.08 37.28
C GLY B 31 56.19 76.38 36.93
N LYS B 32 57.47 76.46 37.28
CA LYS B 32 58.25 77.68 37.14
C LYS B 32 58.80 77.83 35.73
N PHE B 33 58.66 79.03 35.16
CA PHE B 33 59.15 79.29 33.81
C PHE B 33 59.93 80.60 33.68
N GLN B 34 60.66 80.72 32.58
CA GLN B 34 61.51 81.88 32.34
C GLN B 34 60.67 83.08 31.94
N TRP B 35 59.42 82.82 31.59
CA TRP B 35 58.58 83.84 30.97
C TRP B 35 57.09 83.60 31.25
N GLY B 36 56.39 84.65 31.65
CA GLY B 36 54.96 84.57 31.95
C GLY B 36 54.19 84.31 30.68
N PRO B 37 52.85 84.26 30.74
CA PRO B 37 51.91 84.73 31.78
C PRO B 37 52.07 84.05 33.11
N ALA B 38 51.92 84.84 34.16
CA ALA B 38 51.92 84.32 35.53
C ALA B 38 50.48 84.05 35.96
N PHE B 39 50.26 82.88 36.55
CA PHE B 39 48.94 82.52 37.04
C PHE B 39 47.87 82.74 35.99
N GLN B 40 48.07 82.16 34.82
CA GLN B 40 47.07 82.18 33.76
C GLN B 40 47.07 80.83 33.06
N ILE B 41 45.87 80.34 32.75
CA ILE B 41 45.73 79.06 32.05
C ILE B 41 45.95 79.25 30.55
N LYS B 42 47.10 79.80 30.18
CA LYS B 42 47.44 79.92 28.77
C LYS B 42 47.62 78.51 28.19
N GLN B 43 47.05 78.29 27.00
CA GLN B 43 47.17 76.99 26.35
C GLN B 43 48.35 76.97 25.39
N VAL B 44 48.94 75.79 25.22
CA VAL B 44 50.13 75.63 24.38
C VAL B 44 49.97 74.41 23.49
N THR B 45 50.41 74.52 22.24
CA THR B 45 50.24 73.42 21.29
C THR B 45 51.55 72.96 20.62
N ASN B 46 52.43 73.90 20.33
CA ASN B 46 53.72 73.57 19.72
C ASN B 46 54.86 73.64 20.72
N GLU B 47 56.03 73.19 20.32
CA GLU B 47 57.23 73.40 21.11
C GLU B 47 57.69 74.82 20.87
N VAL B 48 57.89 75.14 19.59
CA VAL B 48 58.32 76.48 19.16
C VAL B 48 57.30 77.52 19.59
N ASP B 49 56.15 77.06 20.10
CA ASP B 49 55.10 77.95 20.55
C ASP B 49 55.10 78.09 22.06
N LEU B 50 55.72 77.16 22.76
CA LEU B 50 55.87 77.33 24.20
C LEU B 50 57.15 78.10 24.49
N VAL B 51 58.19 77.86 23.68
CA VAL B 51 59.41 78.65 23.79
C VAL B 51 59.06 80.12 23.58
N ASN B 52 58.35 80.39 22.49
CA ASN B 52 57.84 81.72 22.25
C ASN B 52 57.26 82.34 23.52
N THR B 53 56.62 81.50 24.35
CA THR B 53 55.78 82.00 25.43
C THR B 53 56.36 81.78 26.83
N PHE B 54 57.08 80.70 27.04
CA PHE B 54 57.69 80.45 28.34
C PHE B 54 59.07 79.88 28.10
N GLY B 55 59.70 80.38 27.04
CA GLY B 55 60.79 79.71 26.38
C GLY B 55 62.03 78.84 26.23
N GLN B 56 63.02 79.17 27.06
CA GLN B 56 64.24 78.40 27.21
C GLN B 56 64.20 77.86 28.63
N PRO B 57 64.92 76.75 28.86
CA PRO B 57 64.96 76.13 30.19
C PRO B 57 66.15 76.63 31.00
N THR B 58 65.92 77.40 32.05
CA THR B 58 67.00 77.82 32.93
C THR B 58 67.22 76.67 33.89
N ALA B 59 68.35 76.69 34.60
CA ALA B 59 68.70 75.61 35.54
C ALA B 59 67.74 75.59 36.73
N GLU B 60 66.81 76.53 36.74
CA GLU B 60 65.80 76.62 37.77
C GLU B 60 64.45 76.34 37.14
N THR B 61 64.43 76.25 35.82
CA THR B 61 63.21 76.04 35.05
C THR B 61 63.21 74.66 34.39
N ALA B 62 64.39 74.21 33.98
CA ALA B 62 64.56 72.98 33.22
C ALA B 62 63.42 71.98 33.29
N ASP B 63 63.24 71.35 34.45
CA ASP B 63 62.32 70.22 34.54
C ASP B 63 60.89 70.53 34.16
N TYR B 64 60.56 71.82 33.99
CA TYR B 64 59.20 72.19 33.61
C TYR B 64 59.12 72.47 32.12
N PHE B 65 60.16 73.06 31.58
CA PHE B 65 60.23 73.23 30.14
C PHE B 65 60.18 71.84 29.52
N MET B 66 61.17 71.02 29.86
CA MET B 66 61.19 69.63 29.41
C MET B 66 59.83 68.99 29.60
N SER B 67 59.35 69.03 30.83
CA SER B 67 58.06 68.42 31.18
C SER B 67 57.07 68.64 30.06
N ALA B 68 56.90 69.90 29.67
CA ALA B 68 56.06 70.24 28.54
C ALA B 68 56.67 69.70 27.25
N MET B 69 57.79 70.28 26.83
CA MET B 69 58.40 69.93 25.55
C MET B 69 58.26 68.45 25.21
N ASN B 70 58.91 67.59 25.99
CA ASN B 70 58.92 66.17 25.66
C ASN B 70 57.58 65.49 25.92
N PHE B 71 56.55 66.29 26.12
CA PHE B 71 55.17 65.79 26.13
C PHE B 71 54.51 66.13 24.82
N LEU B 72 54.70 67.36 24.36
CA LEU B 72 54.12 67.79 23.09
C LEU B 72 54.55 66.85 21.97
N GLN B 73 55.41 65.89 22.30
CA GLN B 73 55.82 64.85 21.35
C GLN B 73 54.68 63.86 21.10
N TYR B 74 53.86 63.63 22.13
CA TYR B 74 52.63 62.84 22.01
C TYR B 74 51.44 63.76 22.22
N GLY B 75 51.68 65.06 22.24
CA GLY B 75 50.71 66.01 22.74
C GLY B 75 49.96 66.84 21.72
N ASN B 76 48.67 66.99 21.97
CA ASN B 76 47.84 67.88 21.18
C ASN B 76 47.80 69.23 21.88
N ASP B 77 47.13 69.26 23.03
CA ASP B 77 46.99 70.49 23.80
C ASP B 77 47.51 70.36 25.23
N LEU B 78 48.15 71.43 25.70
CA LEU B 78 48.68 71.47 27.05
C LEU B 78 48.25 72.78 27.67
N ARG B 79 47.69 72.72 28.86
CA ARG B 79 47.33 73.93 29.55
C ARG B 79 48.32 74.14 30.68
N VAL B 80 48.97 75.30 30.72
CA VAL B 80 49.99 75.58 31.73
C VAL B 80 49.64 76.78 32.61
N VAL B 81 50.32 76.88 33.73
CA VAL B 81 50.16 78.02 34.63
C VAL B 81 51.52 78.31 35.26
N ARG B 82 52.08 79.48 34.96
CA ARG B 82 53.40 79.81 35.47
C ARG B 82 53.36 80.21 36.94
N ALA B 83 54.20 79.57 37.75
CA ALA B 83 54.31 79.94 39.15
C ALA B 83 55.34 81.04 39.32
N VAL B 84 54.89 82.18 39.80
CA VAL B 84 55.76 83.32 40.08
C VAL B 84 55.72 83.55 41.59
N ASP B 85 56.75 84.18 42.16
CA ASP B 85 56.66 84.53 43.56
C ASP B 85 55.90 85.81 43.30
N ARG B 86 54.83 86.03 44.05
CA ARG B 86 53.94 87.19 43.85
C ARG B 86 54.62 88.33 44.61
N ASP B 87 55.44 87.98 45.58
CA ASP B 87 56.04 88.96 46.47
C ASP B 87 57.30 89.61 45.89
N THR B 88 57.93 88.95 44.93
CA THR B 88 59.19 89.46 44.42
C THR B 88 59.39 89.31 42.92
N ALA B 89 58.34 88.96 42.20
CA ALA B 89 58.45 88.91 40.76
C ALA B 89 58.27 90.33 40.28
N LYS B 90 58.86 90.63 39.12
CA LYS B 90 58.80 91.98 38.56
C LYS B 90 58.72 91.98 37.03
N ASN B 91 57.81 92.80 36.49
CA ASN B 91 57.74 93.06 35.06
C ASN B 91 58.65 94.24 34.76
N SER B 92 59.55 94.09 33.79
CA SER B 92 60.40 95.21 33.43
C SER B 92 59.54 96.45 33.23
N SER B 93 60.09 97.62 33.57
CA SER B 93 59.32 98.87 33.47
C SER B 93 60.21 100.10 33.22
N PRO B 94 59.60 101.25 32.93
CA PRO B 94 60.37 102.45 32.62
C PRO B 94 60.76 103.18 33.89
N ILE B 95 60.16 102.81 35.00
CA ILE B 95 60.52 103.42 36.28
C ILE B 95 61.92 102.98 36.71
N ALA B 96 62.25 101.75 36.40
CA ALA B 96 63.35 101.05 37.06
C ALA B 96 64.74 101.44 36.60
N GLY B 97 64.91 102.66 36.11
CA GLY B 97 66.26 103.16 35.85
C GLY B 97 66.53 104.47 36.56
N ASN B 98 65.45 105.22 36.75
CA ASN B 98 65.52 106.54 37.34
C ASN B 98 66.29 106.55 38.64
N ILE B 99 66.26 107.69 39.32
CA ILE B 99 67.03 107.90 40.53
C ILE B 99 66.19 108.61 41.58
N GLU B 100 66.08 108.02 42.77
CA GLU B 100 65.39 108.65 43.88
C GLU B 100 65.70 110.14 43.88
N TYR B 101 64.70 110.96 44.17
CA TYR B 101 64.95 112.39 44.37
C TYR B 101 63.74 113.06 44.97
N THR B 102 63.97 114.01 45.86
CA THR B 102 62.87 114.68 46.55
C THR B 102 63.15 116.18 46.63
N ILE B 103 62.27 116.97 46.02
CA ILE B 103 62.44 118.42 46.04
C ILE B 103 62.21 118.96 47.45
N SER B 104 63.26 118.86 48.28
CA SER B 104 63.19 119.26 49.68
C SER B 104 62.68 120.68 49.87
N THR B 105 63.10 121.58 48.99
CA THR B 105 62.64 122.96 49.04
C THR B 105 62.43 123.52 47.65
N PRO B 106 61.17 123.66 47.25
CA PRO B 106 60.87 124.24 45.94
C PRO B 106 61.45 125.62 45.91
N GLY B 107 62.20 125.96 44.86
CA GLY B 107 62.75 127.28 44.78
C GLY B 107 61.65 128.27 44.48
N SER B 108 62.04 129.41 43.91
CA SER B 108 61.08 130.33 43.34
C SER B 108 61.75 130.89 42.09
N ASN B 109 60.98 131.48 41.19
CA ASN B 109 61.55 132.11 40.01
C ASN B 109 62.46 131.22 39.16
N TYR B 110 62.33 129.91 39.30
CA TYR B 110 63.01 128.99 38.38
C TYR B 110 62.16 128.88 37.12
N ALA B 111 62.66 128.18 36.11
CA ALA B 111 61.90 127.99 34.87
C ALA B 111 62.07 126.54 34.43
N VAL B 112 61.59 126.21 33.24
CA VAL B 112 61.68 124.84 32.73
C VAL B 112 62.75 123.95 32.07
N GLY B 113 63.79 124.55 31.50
CA GLY B 113 64.85 123.79 30.87
C GLY B 113 66.08 124.35 31.58
N ASP B 114 65.97 124.68 32.87
CA ASP B 114 67.13 125.10 33.63
C ASP B 114 67.82 123.78 33.92
N LYS B 115 69.11 123.72 33.64
CA LYS B 115 69.84 122.45 33.70
C LYS B 115 70.29 122.09 35.11
N ILE B 116 70.38 120.80 35.38
CA ILE B 116 70.75 120.30 36.69
C ILE B 116 72.03 119.49 36.56
N THR B 117 72.84 119.49 37.61
CA THR B 117 74.14 118.84 37.57
C THR B 117 74.35 117.96 38.78
N VAL B 118 74.67 116.70 38.54
CA VAL B 118 74.91 115.75 39.62
C VAL B 118 76.41 115.54 39.77
N LYS B 119 76.92 115.84 40.95
CA LYS B 119 78.35 115.76 41.19
C LYS B 119 78.67 114.59 42.11
N TYR B 120 79.85 114.00 41.91
CA TYR B 120 80.37 113.00 42.83
C TYR B 120 81.55 113.61 43.59
N VAL B 121 81.29 114.03 44.82
CA VAL B 121 82.31 114.71 45.60
C VAL B 121 82.88 115.89 44.82
N SER B 122 82.09 116.95 44.72
CA SER B 122 82.51 118.18 44.03
C SER B 122 83.16 117.89 42.67
N ASP B 123 82.65 116.88 41.98
CA ASP B 123 83.17 116.50 40.68
C ASP B 123 82.02 116.15 39.74
N ASP B 124 81.99 116.80 38.58
CA ASP B 124 80.86 116.64 37.65
C ASP B 124 80.77 115.27 37.00
N ILE B 125 79.60 114.64 37.11
CA ILE B 125 79.34 113.35 36.46
C ILE B 125 78.29 113.53 35.37
N GLU B 126 77.14 114.06 35.76
CA GLU B 126 76.03 114.26 34.84
C GLU B 126 75.66 115.74 34.82
N THR B 127 75.38 116.27 33.63
CA THR B 127 75.12 117.69 33.49
C THR B 127 73.98 117.94 32.51
N GLU B 128 73.14 116.94 32.31
CA GLU B 128 72.06 117.06 31.35
C GLU B 128 70.69 116.98 32.01
N GLY B 129 70.69 116.94 33.34
CA GLY B 129 69.45 117.01 34.08
C GLY B 129 68.81 118.35 33.79
N LYS B 130 67.54 118.50 34.14
CA LYS B 130 66.85 119.75 33.87
C LYS B 130 65.47 119.80 34.50
N ILE B 131 65.20 120.88 35.23
CA ILE B 131 63.87 121.15 35.74
C ILE B 131 62.89 120.99 34.60
N THR B 132 61.71 120.44 34.88
CA THR B 132 60.76 120.14 33.81
C THR B 132 59.35 120.59 34.11
N GLU B 133 59.09 121.02 35.34
CA GLU B 133 57.77 121.54 35.67
C GLU B 133 57.83 122.49 36.84
N VAL B 134 57.46 123.73 36.58
CA VAL B 134 57.34 124.73 37.62
C VAL B 134 55.91 125.23 37.64
N ASP B 135 55.55 126.00 38.67
CA ASP B 135 54.23 126.61 38.71
C ASP B 135 54.31 128.07 38.27
N ALA B 136 53.40 128.89 38.79
CA ALA B 136 53.36 130.29 38.39
C ALA B 136 54.48 131.10 39.04
N ASP B 137 54.99 130.62 40.17
CA ASP B 137 55.97 131.37 40.94
C ASP B 137 57.39 130.87 40.69
N GLY B 138 57.52 129.83 39.88
CA GLY B 138 58.82 129.25 39.60
C GLY B 138 59.20 128.19 40.62
N LYS B 139 58.26 127.87 41.51
CA LYS B 139 58.46 126.80 42.48
C LYS B 139 58.70 125.51 41.72
N ILE B 140 59.80 124.84 42.02
CA ILE B 140 60.14 123.60 41.30
C ILE B 140 59.21 122.44 41.65
N LYS B 141 58.48 121.96 40.66
CA LYS B 141 57.54 120.87 40.88
C LYS B 141 58.05 119.52 40.36
N LYS B 142 58.81 119.54 39.27
CA LYS B 142 59.32 118.29 38.70
C LYS B 142 60.62 118.47 37.90
N ILE B 143 61.52 117.50 38.03
CA ILE B 143 62.77 117.51 37.29
C ILE B 143 62.99 116.16 36.62
N ASN B 144 64.04 116.07 35.79
CA ASN B 144 64.39 114.79 35.17
C ASN B 144 65.89 114.63 34.99
N ILE B 145 66.47 113.75 35.80
CA ILE B 145 67.91 113.48 35.75
C ILE B 145 68.20 112.14 35.05
N PRO B 146 68.95 112.21 33.94
CA PRO B 146 69.37 110.99 33.23
C PRO B 146 70.38 110.22 34.08
N THR B 147 70.29 108.89 34.10
CA THR B 147 71.16 108.10 34.98
C THR B 147 72.21 107.28 34.26
N ALA B 148 72.29 107.42 32.94
CA ALA B 148 73.26 106.66 32.18
C ALA B 148 74.66 106.82 32.78
N LYS B 149 75.09 108.07 32.89
CA LYS B 149 76.43 108.38 33.36
C LYS B 149 76.64 108.00 34.82
N ILE B 150 75.65 108.30 35.65
CA ILE B 150 75.84 108.13 37.09
C ILE B 150 75.87 106.67 37.53
N ILE B 151 74.94 105.85 37.05
CA ILE B 151 74.97 104.43 37.44
C ILE B 151 76.29 103.82 36.99
N ALA B 152 76.84 104.35 35.91
CA ALA B 152 78.15 103.92 35.45
C ALA B 152 79.19 104.22 36.53
N LYS B 153 79.44 105.50 36.76
CA LYS B 153 80.36 105.94 37.80
C LYS B 153 80.07 105.22 39.11
N ALA B 154 78.79 105.03 39.43
CA ALA B 154 78.40 104.43 40.70
C ALA B 154 78.80 102.95 40.76
N LYS B 155 78.50 102.22 39.70
CA LYS B 155 78.93 100.83 39.62
C LYS B 155 80.44 100.79 39.77
N GLU B 156 81.09 101.76 39.14
CA GLU B 156 82.53 101.82 39.08
C GLU B 156 83.20 102.03 40.44
N VAL B 157 82.43 102.47 41.43
CA VAL B 157 83.00 102.77 42.74
C VAL B 157 82.20 102.17 43.91
N GLY B 158 81.60 101.00 43.68
CA GLY B 158 80.94 100.26 44.75
C GLY B 158 79.66 100.88 45.28
N GLU B 159 79.41 102.13 44.91
CA GLU B 159 78.22 102.84 45.39
C GLU B 159 77.01 102.65 44.47
N TYR B 160 76.69 101.40 44.16
CA TYR B 160 75.52 101.11 43.34
C TYR B 160 74.68 100.00 43.97
N PRO B 161 73.37 100.25 44.15
CA PRO B 161 72.70 101.52 43.90
C PRO B 161 72.58 102.36 45.18
N THR B 162 73.27 101.94 46.22
CA THR B 162 73.29 102.68 47.47
C THR B 162 73.28 104.21 47.24
N LEU B 163 74.39 104.75 46.74
CA LEU B 163 74.49 106.19 46.47
C LEU B 163 74.37 107.07 47.71
N GLY B 164 73.86 108.29 47.50
CA GLY B 164 73.43 109.16 48.58
C GLY B 164 74.46 110.04 49.25
N SER B 165 75.54 109.44 49.74
CA SER B 165 76.43 110.12 50.68
C SER B 165 77.27 111.22 50.02
N ASN B 166 77.97 110.86 48.95
CA ASN B 166 78.86 111.78 48.27
C ASN B 166 78.20 112.25 46.98
N TRP B 167 76.97 111.81 46.78
CA TRP B 167 76.24 112.16 45.57
C TRP B 167 75.36 113.38 45.82
N THR B 168 75.53 114.39 44.99
CA THR B 168 74.87 115.67 45.22
C THR B 168 74.31 116.26 43.93
N ALA B 169 73.33 117.15 44.06
CA ALA B 169 72.71 117.73 42.88
C ALA B 169 72.53 119.23 43.05
N GLU B 170 73.06 119.99 42.09
CA GLU B 170 72.92 121.44 42.10
C GLU B 170 72.26 121.91 40.81
N ILE B 171 71.81 123.17 40.79
CA ILE B 171 71.16 123.74 39.63
C ILE B 171 72.16 124.43 38.69
N SER B 172 71.66 124.97 37.60
CA SER B 172 72.49 125.74 36.67
C SER B 172 73.11 126.87 37.47
N SER B 173 74.24 127.40 37.00
CA SER B 173 74.86 128.55 37.65
C SER B 173 74.87 129.76 36.71
N SER B 174 73.70 130.36 36.52
CA SER B 174 72.48 129.85 37.14
C SER B 174 71.22 130.07 36.29
N SER B 175 70.15 129.42 36.72
CA SER B 175 68.83 129.69 36.18
C SER B 175 68.46 131.10 36.60
N SER B 176 67.36 131.62 36.08
CA SER B 176 66.87 132.92 36.51
C SER B 176 66.69 132.96 38.02
N GLY B 177 66.07 131.92 38.57
CA GLY B 177 65.64 131.93 39.96
C GLY B 177 66.38 131.07 40.97
N LEU B 178 66.11 131.34 42.24
CA LEU B 178 66.89 130.78 43.35
C LEU B 178 66.24 129.81 44.35
N ALA B 179 66.89 129.64 45.51
CA ALA B 179 66.32 128.97 46.69
C ALA B 179 66.10 127.46 46.83
N ALA B 180 66.34 126.70 45.75
CA ALA B 180 65.91 125.31 45.69
C ALA B 180 66.83 124.29 46.36
N VAL B 181 66.25 123.10 46.63
CA VAL B 181 66.98 122.02 47.30
C VAL B 181 66.52 120.66 46.79
N ILE B 182 67.27 120.05 45.88
CA ILE B 182 66.96 118.70 45.43
C ILE B 182 67.82 117.71 46.18
N THR B 183 67.21 116.62 46.65
CA THR B 183 67.95 115.65 47.48
C THR B 183 67.96 114.24 46.87
N LEU B 184 69.16 113.69 46.67
CA LEU B 184 69.32 112.45 45.91
C LEU B 184 69.32 111.18 46.75
N GLY B 185 68.49 110.22 46.38
CA GLY B 185 68.49 108.92 47.02
C GLY B 185 69.23 107.89 46.19
N LYS B 186 68.69 106.67 46.12
CA LYS B 186 69.35 105.57 45.41
C LYS B 186 68.81 105.37 44.00
N ILE B 187 69.48 104.53 43.22
CA ILE B 187 69.01 104.18 41.90
C ILE B 187 67.88 103.17 42.04
N ILE B 188 66.67 103.53 41.59
CA ILE B 188 65.52 102.66 41.79
C ILE B 188 65.68 101.38 40.99
N THR B 189 65.66 100.25 41.68
CA THR B 189 65.79 98.96 41.03
C THR B 189 64.47 98.20 41.06
N ASP B 190 63.49 98.74 41.77
CA ASP B 190 62.16 98.13 41.82
C ASP B 190 61.31 98.68 40.70
N SER B 191 61.08 97.86 39.67
CA SER B 191 60.26 98.27 38.54
C SER B 191 58.92 98.79 39.05
N GLY B 192 58.49 98.24 40.18
CA GLY B 192 57.29 98.72 40.84
C GLY B 192 56.00 98.24 40.22
N ILE B 193 56.03 97.06 39.61
CA ILE B 193 54.85 96.51 38.97
C ILE B 193 54.98 95.03 38.66
N LEU B 194 53.92 94.27 38.95
CA LEU B 194 53.85 92.84 38.62
C LEU B 194 52.48 92.51 38.05
N LEU B 195 52.45 92.01 36.82
CA LEU B 195 51.20 91.61 36.19
C LEU B 195 51.01 90.09 36.23
N ALA B 196 49.91 89.65 36.82
CA ALA B 196 49.61 88.23 36.92
C ALA B 196 48.35 87.94 36.15
N GLU B 197 47.23 87.82 36.86
CA GLU B 197 45.96 87.56 36.22
C GLU B 197 45.53 88.81 35.48
N ILE B 198 44.40 88.74 34.79
CA ILE B 198 43.88 89.92 34.10
C ILE B 198 42.72 90.55 34.87
N GLU B 199 42.15 89.79 35.80
CA GLU B 199 41.16 90.36 36.70
C GLU B 199 41.80 91.55 37.43
N ASN B 200 43.11 91.45 37.63
CA ASN B 200 43.85 92.53 38.26
C ASN B 200 44.58 93.39 37.24
N ALA B 201 44.59 92.93 35.99
CA ALA B 201 45.27 93.60 34.88
C ALA B 201 45.72 95.04 35.14
N GLU B 202 44.96 96.00 34.61
CA GLU B 202 45.32 97.41 34.72
C GLU B 202 45.08 97.97 36.13
N ALA B 203 44.60 97.13 37.02
CA ALA B 203 44.40 97.53 38.41
C ALA B 203 45.74 97.64 39.13
N ALA B 204 46.73 96.92 38.61
CA ALA B 204 48.09 97.05 39.13
C ALA B 204 48.75 98.19 38.39
N MET B 205 48.31 98.39 37.15
CA MET B 205 48.80 99.48 36.32
C MET B 205 48.26 100.80 36.84
N THR B 206 47.34 100.72 37.79
CA THR B 206 46.69 101.91 38.32
C THR B 206 46.73 101.87 39.85
N ALA B 207 47.90 101.62 40.39
CA ALA B 207 48.10 101.64 41.82
C ALA B 207 48.73 102.95 42.19
N VAL B 208 48.20 103.60 43.22
CA VAL B 208 48.72 104.90 43.63
C VAL B 208 50.24 104.93 43.60
N ASP B 209 50.86 103.92 44.22
CA ASP B 209 52.32 103.86 44.29
C ASP B 209 52.98 103.84 42.91
N PHE B 210 52.50 102.98 42.03
CA PHE B 210 53.04 102.91 40.67
C PHE B 210 52.77 104.21 39.92
N GLN B 211 51.49 104.52 39.74
CA GLN B 211 51.08 105.73 39.03
C GLN B 211 51.77 106.96 39.56
N ALA B 212 52.21 106.90 40.82
CA ALA B 212 52.90 108.03 41.44
C ALA B 212 54.16 108.37 40.66
N ASN B 213 55.02 107.37 40.48
CA ASN B 213 56.30 107.60 39.83
C ASN B 213 56.17 107.88 38.35
N LEU B 214 55.09 107.40 37.74
CA LEU B 214 54.84 107.71 36.34
C LEU B 214 54.68 109.21 36.18
N LYS B 215 54.27 109.88 37.26
CA LYS B 215 54.17 111.33 37.29
C LYS B 215 55.54 111.90 37.59
N LYS B 216 56.14 111.41 38.67
CA LYS B 216 57.40 111.91 39.18
C LYS B 216 58.49 111.99 38.12
N TYR B 217 58.59 110.96 37.29
CA TYR B 217 59.62 110.91 36.28
C TYR B 217 59.04 111.11 34.89
N GLY B 218 57.88 111.75 34.83
CA GLY B 218 57.26 112.14 33.58
C GLY B 218 57.34 111.16 32.42
N ILE B 219 56.88 109.93 32.64
CA ILE B 219 56.82 108.92 31.58
C ILE B 219 55.47 108.23 31.59
N PRO B 220 55.15 107.49 30.51
CA PRO B 220 53.86 106.80 30.37
C PRO B 220 53.87 105.48 31.10
N GLY B 221 52.68 104.88 31.28
CA GLY B 221 52.61 103.60 31.96
C GLY B 221 52.76 102.43 31.01
N VAL B 222 53.98 102.20 30.54
CA VAL B 222 54.24 101.10 29.61
C VAL B 222 55.22 100.09 30.21
N VAL B 223 54.77 98.86 30.40
CA VAL B 223 55.61 97.84 31.02
C VAL B 223 55.63 96.56 30.20
N ALA B 224 56.64 95.74 30.42
CA ALA B 224 56.70 94.43 29.80
C ALA B 224 55.51 93.59 30.28
N LEU B 225 54.97 92.75 29.41
CA LEU B 225 53.75 92.03 29.73
C LEU B 225 53.96 90.91 30.73
N TYR B 226 55.14 90.32 30.75
CA TYR B 226 55.40 89.14 31.56
C TYR B 226 56.54 89.36 32.55
N PRO B 227 56.34 88.93 33.79
CA PRO B 227 57.40 89.07 34.79
C PRO B 227 58.65 88.41 34.22
N GLY B 228 59.83 88.97 34.47
CA GLY B 228 61.03 88.34 33.97
C GLY B 228 62.09 89.29 33.46
N GLU B 229 63.34 88.95 33.72
CA GLU B 229 64.47 89.74 33.26
C GLU B 229 64.52 89.74 31.74
N LEU B 230 63.77 88.83 31.14
CA LEU B 230 63.73 88.76 29.69
C LEU B 230 63.04 89.99 29.14
N GLY B 231 62.30 90.68 29.99
CA GLY B 231 61.58 91.87 29.58
C GLY B 231 62.48 93.07 29.41
N ASP B 232 63.66 93.00 30.01
CA ASP B 232 64.61 94.09 29.93
C ASP B 232 65.06 94.33 28.50
N LYS B 233 64.82 93.36 27.63
CA LYS B 233 65.26 93.47 26.24
C LYS B 233 64.28 94.28 25.37
N ILE B 234 63.11 94.61 25.93
CA ILE B 234 62.13 95.41 25.22
C ILE B 234 62.43 96.92 25.30
N GLU B 235 62.16 97.63 24.22
CA GLU B 235 62.40 99.07 24.15
C GLU B 235 61.31 99.76 23.35
N ILE B 236 60.39 100.43 24.05
CA ILE B 236 59.31 101.12 23.39
C ILE B 236 59.74 102.46 22.80
N GLU B 237 59.28 102.76 21.59
CA GLU B 237 59.48 104.07 21.00
C GLU B 237 58.11 104.75 20.87
N ILE B 238 57.96 105.92 21.47
CA ILE B 238 56.69 106.64 21.42
C ILE B 238 56.79 107.99 20.72
N VAL B 239 55.91 108.22 19.76
CA VAL B 239 55.86 109.49 19.05
C VAL B 239 54.41 109.95 18.94
N SER B 240 54.17 111.24 19.21
CA SER B 240 52.82 111.80 19.19
C SER B 240 52.50 112.43 17.85
N LYS B 241 51.24 112.79 17.64
CA LYS B 241 50.85 113.44 16.40
C LYS B 241 51.70 114.68 16.19
N ALA B 242 52.28 115.16 17.29
CA ALA B 242 53.12 116.35 17.27
C ALA B 242 54.45 116.08 16.55
N ASP B 243 55.31 115.32 17.20
CA ASP B 243 56.64 115.04 16.67
C ASP B 243 56.60 114.00 15.55
N TYR B 244 55.41 113.70 15.04
CA TYR B 244 55.27 112.69 14.00
C TYR B 244 55.56 113.26 12.61
N ALA B 245 55.14 114.50 12.37
CA ALA B 245 55.43 115.17 11.12
C ALA B 245 56.94 115.42 11.01
N LYS B 246 57.50 115.92 12.09
CA LYS B 246 58.95 116.03 12.19
C LYS B 246 59.53 114.65 12.41
N GLY B 247 58.70 113.62 12.21
CA GLY B 247 59.07 112.24 12.47
C GLY B 247 60.49 111.88 12.08
N ALA B 248 61.03 112.56 11.08
CA ALA B 248 62.38 112.28 10.64
C ALA B 248 63.41 113.04 11.49
N SER B 249 63.14 114.33 11.70
CA SER B 249 64.06 115.20 12.41
C SER B 249 63.93 115.03 13.92
N ALA B 250 62.69 114.98 14.40
CA ALA B 250 62.41 114.86 15.83
C ALA B 250 63.41 113.95 16.54
N LEU B 251 64.17 114.53 17.45
CA LEU B 251 65.21 113.80 18.16
C LEU B 251 64.72 113.25 19.50
N LEU B 252 64.01 112.12 19.45
CA LEU B 252 63.50 111.48 20.66
C LEU B 252 64.57 111.30 21.72
N PRO B 253 64.26 111.64 22.98
CA PRO B 253 65.16 111.49 24.12
C PRO B 253 65.00 110.10 24.66
N ILE B 254 65.99 109.60 25.41
CA ILE B 254 65.91 108.25 25.93
C ILE B 254 65.82 108.23 27.46
N TYR B 255 64.69 107.74 27.98
CA TYR B 255 64.49 107.62 29.42
C TYR B 255 64.78 106.19 29.85
N PRO B 256 65.44 106.03 31.01
CA PRO B 256 65.97 107.06 31.88
C PRO B 256 67.45 107.30 31.60
N GLY B 257 68.03 106.44 30.78
CA GLY B 257 69.44 106.55 30.46
C GLY B 257 69.84 107.98 30.18
N GLY B 258 69.34 108.52 29.07
CA GLY B 258 69.71 109.86 28.65
C GLY B 258 69.98 109.88 27.16
N GLY B 259 70.53 110.98 26.67
CA GLY B 259 70.82 111.10 25.25
C GLY B 259 69.59 110.99 24.38
N THR B 260 69.77 111.23 23.10
CA THR B 260 68.64 111.19 22.17
C THR B 260 68.92 110.30 20.98
N ARG B 261 67.96 110.22 20.07
CA ARG B 261 68.06 109.36 18.91
C ARG B 261 66.97 109.72 17.92
N ALA B 262 67.36 109.97 16.68
CA ALA B 262 66.41 110.35 15.65
C ALA B 262 65.19 109.43 15.67
N SER B 263 64.01 110.02 15.57
CA SER B 263 62.77 109.24 15.51
C SER B 263 62.74 108.33 14.29
N THR B 264 61.72 107.49 14.19
CA THR B 264 61.58 106.61 13.04
C THR B 264 60.11 106.50 12.63
N ALA B 265 59.23 107.06 13.45
CA ALA B 265 57.78 106.91 13.26
C ALA B 265 57.31 106.98 11.81
N LYS B 266 57.41 108.15 11.21
CA LYS B 266 56.93 108.37 9.84
C LYS B 266 57.67 107.47 8.85
N ALA B 267 58.78 106.89 9.29
CA ALA B 267 59.56 105.99 8.45
C ALA B 267 59.26 104.52 8.75
N VAL B 268 58.09 104.28 9.34
CA VAL B 268 57.63 102.93 9.63
C VAL B 268 56.13 102.86 9.47
N PHE B 269 55.48 104.01 9.66
CA PHE B 269 54.02 104.09 9.57
C PHE B 269 53.54 104.78 8.29
N GLY B 270 52.50 104.22 7.69
CA GLY B 270 51.77 104.93 6.65
C GLY B 270 50.71 105.73 7.36
N TYR B 271 49.69 105.04 7.86
CA TYR B 271 48.63 105.65 8.65
C TYR B 271 49.23 106.29 9.90
N GLY B 272 49.44 107.59 9.87
CA GLY B 272 50.02 108.32 10.99
C GLY B 272 49.01 108.58 12.09
N PRO B 273 49.49 109.11 13.23
CA PRO B 273 48.61 109.46 14.37
C PRO B 273 47.61 110.53 13.95
N GLN B 274 46.33 110.23 14.12
CA GLN B 274 45.27 111.12 13.65
C GLN B 274 44.96 112.24 14.62
N THR B 275 44.26 111.94 15.70
CA THR B 275 43.96 112.97 16.69
C THR B 275 45.21 113.32 17.47
N ASP B 276 45.17 114.43 18.22
CA ASP B 276 46.33 114.87 19.00
C ASP B 276 46.56 113.96 20.21
N SER B 277 45.55 113.16 20.53
CA SER B 277 45.64 112.21 21.62
C SER B 277 45.85 110.78 21.11
N GLN B 278 46.43 110.67 19.91
CA GLN B 278 46.85 109.39 19.37
C GLN B 278 48.37 109.35 19.30
N TYR B 279 48.96 108.19 19.54
CA TYR B 279 50.41 108.06 19.55
C TYR B 279 50.90 106.87 18.74
N ALA B 280 52.09 107.03 18.17
CA ALA B 280 52.75 105.95 17.45
C ALA B 280 53.60 105.18 18.43
N ILE B 281 53.38 103.87 18.52
CA ILE B 281 54.17 103.02 19.41
C ILE B 281 54.93 101.98 18.60
N ILE B 282 56.23 101.90 18.83
CA ILE B 282 57.06 100.93 18.13
C ILE B 282 57.90 100.11 19.11
N VAL B 283 57.52 98.85 19.33
CA VAL B 283 58.20 98.02 20.31
C VAL B 283 59.35 97.22 19.71
N ARG B 284 60.49 97.22 20.37
CA ARG B 284 61.68 96.55 19.85
C ARG B 284 62.31 95.60 20.87
N ARG B 285 62.68 94.41 20.42
CA ARG B 285 63.49 93.53 21.23
C ARG B 285 64.67 93.06 20.40
N ASN B 286 65.87 93.47 20.79
CA ASN B 286 67.08 93.12 20.03
C ASN B 286 67.15 93.82 18.68
N ASP B 287 66.80 95.10 18.66
CA ASP B 287 66.82 95.90 17.44
C ASP B 287 65.70 95.50 16.49
N ALA B 288 64.98 94.44 16.85
CA ALA B 288 63.88 93.96 16.01
C ALA B 288 62.62 94.75 16.30
N ILE B 289 61.96 95.21 15.24
CA ILE B 289 60.70 95.94 15.40
C ILE B 289 59.59 94.94 15.60
N VAL B 290 59.52 94.39 16.81
CA VAL B 290 58.58 93.34 17.17
C VAL B 290 57.10 93.67 16.99
N GLN B 291 56.72 94.93 17.19
CA GLN B 291 55.33 95.35 17.01
C GLN B 291 55.24 96.84 16.68
N SER B 292 54.21 97.21 15.93
CA SER B 292 54.02 98.60 15.52
C SER B 292 52.54 98.94 15.47
N VAL B 293 52.12 99.86 16.34
CA VAL B 293 50.69 100.19 16.43
C VAL B 293 50.50 101.67 16.72
N VAL B 294 49.28 102.14 16.50
CA VAL B 294 48.92 103.50 16.87
C VAL B 294 47.71 103.47 17.81
N LEU B 295 47.85 104.09 18.97
CA LEU B 295 46.78 104.06 19.98
C LEU B 295 46.39 105.45 20.45
N SER B 296 45.26 105.53 21.14
CA SER B 296 44.76 106.81 21.61
C SER B 296 44.54 106.78 23.11
N THR B 297 44.72 107.95 23.74
CA THR B 297 44.50 108.07 25.17
C THR B 297 43.07 108.54 25.46
N LYS B 298 42.27 108.69 24.40
CA LYS B 298 40.89 109.13 24.55
C LYS B 298 39.91 108.02 24.22
N ARG B 299 39.08 107.66 25.20
CA ARG B 299 38.13 106.57 25.02
C ARG B 299 37.30 106.77 23.77
N GLY B 300 36.83 105.68 23.19
CA GLY B 300 35.99 105.75 22.01
C GLY B 300 36.77 105.78 20.71
N GLY B 301 37.72 106.70 20.61
CA GLY B 301 38.49 106.89 19.39
C GLY B 301 38.88 105.57 18.74
N LYS B 302 38.74 105.54 17.41
CA LYS B 302 38.99 104.34 16.63
C LYS B 302 39.90 104.65 15.44
N ASP B 303 40.47 103.61 14.85
CA ASP B 303 41.20 103.75 13.61
C ASP B 303 40.18 103.82 12.48
N ILE B 304 40.66 103.71 11.25
CA ILE B 304 39.77 103.75 10.08
C ILE B 304 38.99 102.45 9.91
N TYR B 305 38.82 101.70 11.00
CA TYR B 305 38.11 100.44 10.96
C TYR B 305 37.17 100.29 12.14
N ASP B 306 36.97 101.40 12.87
CA ASP B 306 36.15 101.38 14.08
C ASP B 306 36.65 100.35 15.09
N SER B 307 37.95 100.06 15.05
CA SER B 307 38.58 99.23 16.07
C SER B 307 38.97 100.11 17.25
N ASN B 308 38.33 99.88 18.39
CA ASN B 308 38.63 100.66 19.58
C ASN B 308 40.11 100.64 19.93
N ILE B 309 40.80 101.75 19.61
CA ILE B 309 42.24 101.84 19.84
C ILE B 309 42.56 102.67 21.09
N TYR B 310 41.62 102.73 22.03
CA TYR B 310 41.90 103.33 23.32
C TYR B 310 42.84 102.42 24.09
N ILE B 311 44.00 102.94 24.47
CA ILE B 311 45.04 102.14 25.13
C ILE B 311 44.51 101.06 26.09
N ASP B 312 43.96 101.49 27.21
CA ASP B 312 43.52 100.56 28.25
C ASP B 312 42.73 99.36 27.72
N ASP B 313 41.91 99.57 26.71
CA ASP B 313 41.09 98.50 26.16
C ASP B 313 41.91 97.62 25.21
N PHE B 314 42.60 98.25 24.27
CA PHE B 314 43.44 97.53 23.32
C PHE B 314 44.20 96.40 24.00
N PHE B 315 44.92 96.73 25.07
CA PHE B 315 45.72 95.75 25.79
C PHE B 315 44.83 94.86 26.64
N ALA B 316 43.70 95.41 27.08
CA ALA B 316 42.77 94.68 27.93
C ALA B 316 42.29 93.40 27.25
N LYS B 317 42.47 93.35 25.94
CA LYS B 317 42.00 92.23 25.15
C LYS B 317 43.12 91.68 24.25
N GLY B 318 44.04 90.93 24.85
CA GLY B 318 45.14 90.31 24.14
C GLY B 318 45.71 91.15 23.00
N GLY B 319 45.73 92.45 23.18
CA GLY B 319 46.15 93.37 22.14
C GLY B 319 47.60 93.19 21.72
N SER B 320 48.44 92.77 22.65
CA SER B 320 49.87 92.70 22.38
C SER B 320 50.57 91.60 23.17
N GLU B 321 51.42 90.84 22.48
CA GLU B 321 52.12 89.72 23.10
C GLU B 321 53.26 90.17 24.01
N TYR B 322 53.69 91.41 23.87
CA TYR B 322 54.94 91.84 24.51
C TYR B 322 54.77 92.80 25.67
N ILE B 323 53.97 93.85 25.47
CA ILE B 323 53.86 94.91 26.46
C ILE B 323 52.43 95.09 26.95
N PHE B 324 52.25 96.04 27.85
CA PHE B 324 50.95 96.33 28.43
C PHE B 324 51.03 97.77 28.92
N ALA B 325 50.02 98.57 28.62
CA ALA B 325 50.06 99.99 28.97
C ALA B 325 48.73 100.52 29.51
N THR B 326 48.75 101.78 29.93
CA THR B 326 47.56 102.43 30.47
C THR B 326 47.59 103.93 30.17
N ALA B 327 46.47 104.46 29.70
CA ALA B 327 46.39 105.86 29.32
C ALA B 327 46.62 106.76 30.52
N GLN B 328 46.44 106.20 31.71
CA GLN B 328 46.53 106.96 32.94
C GLN B 328 47.90 107.60 33.14
N ASN B 329 47.90 108.90 33.39
CA ASN B 329 49.13 109.66 33.61
C ASN B 329 50.09 109.62 32.44
N TRP B 330 49.59 109.21 31.28
CA TRP B 330 50.35 109.28 30.04
C TRP B 330 50.60 110.75 29.76
N PRO B 331 51.88 111.16 29.76
CA PRO B 331 52.21 112.57 29.54
C PRO B 331 51.63 113.07 28.22
N GLU B 332 50.95 114.20 28.25
CA GLU B 332 50.40 114.76 27.01
C GLU B 332 51.52 115.09 26.03
N GLY B 333 51.31 114.73 24.77
CA GLY B 333 52.28 114.99 23.72
C GLY B 333 53.64 114.38 23.98
N PHE B 334 53.69 113.41 24.88
CA PHE B 334 54.94 112.74 25.18
C PHE B 334 55.49 112.09 23.93
N SER B 335 56.79 112.22 23.71
CA SER B 335 57.48 111.49 22.68
C SER B 335 58.87 111.16 23.20
N GLY B 336 59.30 109.92 23.00
CA GLY B 336 60.60 109.50 23.48
C GLY B 336 60.86 108.02 23.38
N ILE B 337 61.99 107.60 23.92
CA ILE B 337 62.38 106.20 23.93
C ILE B 337 62.32 105.70 25.35
N LEU B 338 61.46 104.72 25.59
CA LEU B 338 61.38 104.11 26.91
C LEU B 338 62.30 102.89 27.02
N THR B 339 63.05 102.84 28.10
CA THR B 339 63.98 101.75 28.32
C THR B 339 63.55 100.91 29.49
N LEU B 340 63.00 99.73 29.19
CA LEU B 340 62.54 98.82 30.22
C LEU B 340 63.74 98.16 30.86
N SER B 341 63.70 98.06 32.19
CA SER B 341 64.75 97.44 32.98
C SER B 341 64.22 97.09 34.38
N GLY B 342 65.09 96.55 35.22
CA GLY B 342 64.68 96.09 36.53
C GLY B 342 63.73 94.91 36.44
N GLY B 343 63.41 94.49 35.22
CA GLY B 343 62.58 93.33 35.01
C GLY B 343 63.14 92.18 35.82
N LEU B 344 62.27 91.38 36.42
CA LEU B 344 62.75 90.37 37.35
C LEU B 344 61.74 89.25 37.60
N SER B 345 61.84 88.16 36.86
CA SER B 345 61.11 86.98 37.23
C SER B 345 61.97 86.28 38.25
N SER B 346 61.43 86.04 39.43
CA SER B 346 62.21 85.28 40.38
C SER B 346 61.52 83.96 40.52
N ASN B 347 62.18 82.92 40.02
CA ASN B 347 61.91 81.55 40.44
C ASN B 347 62.81 81.35 41.63
N ALA B 348 63.87 82.16 41.66
CA ALA B 348 64.83 82.20 42.75
C ALA B 348 64.18 81.61 43.98
N GLU B 349 63.14 82.28 44.47
CA GLU B 349 62.38 81.71 45.57
C GLU B 349 60.88 81.70 45.32
N VAL B 350 60.47 80.72 44.53
CA VAL B 350 59.08 80.35 44.43
C VAL B 350 58.83 79.26 45.46
N THR B 351 58.12 79.61 46.53
CA THR B 351 57.80 78.67 47.59
C THR B 351 56.91 77.53 47.08
N ALA B 352 57.05 76.36 47.70
CA ALA B 352 56.23 75.21 47.32
C ALA B 352 54.78 75.63 47.14
N GLY B 353 54.26 76.33 48.14
CA GLY B 353 52.88 76.80 48.10
C GLY B 353 52.58 77.61 46.87
N ASP B 354 53.54 78.46 46.48
CA ASP B 354 53.39 79.29 45.29
C ASP B 354 53.09 78.41 44.08
N LEU B 355 53.50 77.15 44.16
CA LEU B 355 53.17 76.17 43.12
C LEU B 355 51.74 75.69 43.28
N MET B 356 51.36 75.38 44.52
CA MET B 356 50.04 74.86 44.80
C MET B 356 48.96 75.89 44.50
N GLU B 357 49.23 77.16 44.77
CA GLU B 357 48.32 78.22 44.38
C GLU B 357 48.05 78.13 42.89
N ALA B 358 49.10 77.83 42.14
CA ALA B 358 49.02 77.74 40.68
C ALA B 358 48.19 76.54 40.26
N TRP B 359 48.64 75.35 40.65
CA TRP B 359 47.93 74.12 40.31
C TRP B 359 46.43 74.25 40.54
N ASP B 360 46.05 74.95 41.60
CA ASP B 360 44.66 75.08 41.99
C ASP B 360 43.78 75.57 40.85
N PHE B 361 44.38 76.20 39.86
CA PHE B 361 43.62 76.77 38.75
C PHE B 361 42.85 75.70 37.96
N PHE B 362 43.10 74.43 38.27
CA PHE B 362 42.48 73.32 37.54
C PHE B 362 41.45 72.54 38.37
N ALA B 363 41.27 72.92 39.63
CA ALA B 363 40.54 72.08 40.57
C ALA B 363 39.02 72.20 40.54
N ASP B 364 38.45 72.45 39.36
CA ASP B 364 36.99 72.51 39.21
C ASP B 364 36.52 72.25 37.77
N ARG B 365 35.87 71.12 37.57
CA ARG B 365 35.38 70.73 36.25
C ARG B 365 34.47 71.80 35.63
N GLU B 366 33.89 72.64 36.48
CA GLU B 366 33.00 73.71 36.02
C GLU B 366 33.85 74.48 35.05
N SER B 367 35.12 74.66 35.39
CA SER B 367 35.94 75.60 34.66
C SER B 367 36.86 75.09 33.55
N VAL B 368 37.71 74.11 33.88
CA VAL B 368 38.66 73.61 32.89
C VAL B 368 38.60 72.11 32.64
N ASP B 369 38.35 71.75 31.39
CA ASP B 369 38.32 70.36 30.97
C ASP B 369 39.72 69.85 30.69
N VAL B 370 40.36 69.30 31.70
CA VAL B 370 41.72 68.79 31.57
C VAL B 370 41.79 67.32 31.94
N GLN B 371 42.21 66.48 31.00
CA GLN B 371 42.15 65.04 31.19
C GLN B 371 43.30 64.45 32.01
N LEU B 372 44.51 64.91 31.74
CA LEU B 372 45.68 64.33 32.39
C LEU B 372 46.38 65.38 33.24
N PHE B 373 47.19 64.92 34.19
CA PHE B 373 47.87 65.84 35.10
C PHE B 373 49.37 65.54 35.19
N ILE B 374 50.19 66.36 34.55
CA ILE B 374 51.63 66.19 34.67
C ILE B 374 52.06 66.70 36.03
N ALA B 375 52.57 65.81 36.88
CA ALA B 375 52.83 66.20 38.25
C ALA B 375 54.28 65.96 38.63
N GLY B 376 54.86 64.89 38.11
CA GLY B 376 56.24 64.54 38.43
C GLY B 376 57.20 65.67 38.16
N SER B 377 56.71 66.69 37.47
CA SER B 377 57.51 67.85 37.09
C SER B 377 58.19 68.51 38.29
N CYS B 378 57.81 68.12 39.48
CA CYS B 378 58.42 68.68 40.68
C CYS B 378 59.50 67.75 41.21
N ALA B 379 59.76 66.68 40.48
CA ALA B 379 60.73 65.68 40.92
C ALA B 379 62.00 66.32 41.48
N GLY B 380 62.50 67.34 40.80
CA GLY B 380 63.77 67.95 41.17
C GLY B 380 63.75 68.84 42.41
N GLU B 381 62.61 69.47 42.67
CA GLU B 381 62.52 70.47 43.73
C GLU B 381 62.90 69.96 45.12
N SER B 382 63.00 70.88 46.08
CA SER B 382 63.33 70.53 47.46
C SER B 382 62.59 69.24 47.82
N LEU B 383 63.33 68.21 48.20
CA LEU B 383 62.68 66.93 48.50
C LEU B 383 61.30 67.17 49.11
N GLU B 384 61.27 67.96 50.18
CA GLU B 384 60.01 68.31 50.82
C GLU B 384 58.97 68.63 49.76
N THR B 385 59.14 69.78 49.11
CA THR B 385 58.20 70.22 48.08
C THR B 385 58.00 69.17 47.00
N ALA B 386 59.04 68.41 46.69
CA ALA B 386 58.92 67.33 45.72
C ALA B 386 57.71 66.47 46.07
N SER B 387 57.59 66.18 47.36
CA SER B 387 56.50 65.36 47.86
C SER B 387 55.23 66.17 48.08
N THR B 388 55.32 67.21 48.90
CA THR B 388 54.11 67.91 49.31
C THR B 388 53.33 68.61 48.19
N VAL B 389 53.99 68.98 47.11
CA VAL B 389 53.28 69.56 45.98
C VAL B 389 52.42 68.50 45.31
N GLN B 390 53.09 67.51 44.73
CA GLN B 390 52.43 66.37 44.11
C GLN B 390 51.30 65.84 45.00
N LYS B 391 51.65 65.48 46.22
CA LYS B 391 50.69 65.01 47.20
C LYS B 391 49.41 65.82 47.08
N HIS B 392 49.57 67.14 47.05
CA HIS B 392 48.44 68.04 46.93
C HIS B 392 47.77 67.97 45.55
N VAL B 393 48.56 67.85 44.50
CA VAL B 393 48.01 67.75 43.14
C VAL B 393 47.08 66.56 43.04
N VAL B 394 47.46 65.46 43.69
CA VAL B 394 46.61 64.27 43.75
C VAL B 394 45.28 64.63 44.41
N SER B 395 45.35 65.52 45.40
CA SER B 395 44.16 65.92 46.14
C SER B 395 43.37 66.99 45.39
N ILE B 396 43.56 67.04 44.07
CA ILE B 396 42.78 67.91 43.20
C ILE B 396 42.04 67.03 42.21
N GLY B 397 42.74 66.01 41.72
CA GLY B 397 42.13 65.01 40.87
C GLY B 397 41.19 64.17 41.70
N ASP B 398 41.58 63.91 42.94
CA ASP B 398 40.72 63.17 43.88
C ASP B 398 39.38 63.86 44.00
N VAL B 399 39.38 65.10 44.44
CA VAL B 399 38.15 65.81 44.75
C VAL B 399 37.35 66.12 43.48
N ARG B 400 37.92 65.94 42.31
CA ARG B 400 37.21 66.28 41.08
C ARG B 400 36.88 65.04 40.24
N GLN B 401 37.75 64.03 40.33
CA GLN B 401 37.56 62.74 39.68
C GLN B 401 37.21 62.80 38.20
N ASP B 402 37.80 63.76 37.49
CA ASP B 402 37.77 63.80 36.03
C ASP B 402 39.18 64.07 35.56
N CYS B 403 40.04 63.04 35.63
CA CYS B 403 41.46 63.22 35.35
C CYS B 403 42.31 62.01 35.69
N LEU B 404 43.60 62.23 35.84
CA LEU B 404 44.54 61.15 36.12
C LEU B 404 45.57 62.16 36.65
N VAL B 405 46.17 61.87 37.79
CA VAL B 405 47.15 62.78 38.36
C VAL B 405 48.13 61.63 38.20
N LEU B 406 49.22 61.86 37.47
CA LEU B 406 50.24 60.84 37.24
C LEU B 406 51.40 61.58 37.92
N CYS B 407 52.27 60.81 38.59
CA CYS B 407 53.29 61.38 39.47
C CYS B 407 54.54 60.52 39.52
N SER B 408 55.69 61.18 39.65
CA SER B 408 57.01 60.52 39.62
C SER B 408 57.90 60.78 40.84
N PRO B 409 58.83 59.84 41.14
CA PRO B 409 59.64 59.85 42.36
C PRO B 409 60.62 61.00 42.40
N PRO B 410 61.14 61.31 43.59
CA PRO B 410 62.12 62.41 43.74
C PRO B 410 63.50 61.99 43.25
N ARG B 411 64.17 62.85 42.50
CA ARG B 411 65.50 62.52 42.01
C ARG B 411 66.34 61.92 43.13
N GLU B 412 66.38 62.60 44.27
CA GLU B 412 67.18 62.12 45.41
C GLU B 412 67.18 60.60 45.47
N THR B 413 66.00 60.03 45.40
CA THR B 413 65.75 58.66 45.79
C THR B 413 66.15 57.61 44.76
N VAL B 414 66.37 58.03 43.52
CA VAL B 414 66.44 57.05 42.45
C VAL B 414 67.61 57.15 41.47
N VAL B 415 68.11 58.37 41.25
CA VAL B 415 69.13 58.58 40.22
C VAL B 415 70.57 58.31 40.66
N GLY B 416 70.95 58.83 41.83
CA GLY B 416 72.32 58.66 42.31
C GLY B 416 72.72 57.23 42.67
N ILE B 417 72.00 56.65 43.64
CA ILE B 417 72.35 55.34 44.19
C ILE B 417 72.11 54.19 43.22
N PRO B 418 72.64 52.99 43.55
CA PRO B 418 72.37 51.73 42.84
C PRO B 418 71.00 51.21 43.23
N VAL B 419 70.47 50.26 42.44
CA VAL B 419 69.12 49.77 42.65
C VAL B 419 68.87 49.15 44.03
N THR B 420 69.88 48.47 44.57
CA THR B 420 69.77 47.89 45.90
C THR B 420 69.14 48.90 46.87
N ARG B 421 69.88 49.96 47.18
CA ARG B 421 69.35 51.04 48.00
C ARG B 421 68.10 51.61 47.35
N ALA B 422 68.16 51.79 46.04
CA ALA B 422 67.11 52.48 45.29
C ALA B 422 65.71 52.09 45.72
N VAL B 423 65.38 50.80 45.60
CA VAL B 423 64.03 50.36 45.89
C VAL B 423 63.67 50.57 47.36
N ASP B 424 64.57 50.20 48.25
CA ASP B 424 64.36 50.45 49.67
C ASP B 424 63.77 51.84 49.84
N ASN B 425 64.46 52.82 49.25
CA ASN B 425 64.03 54.21 49.33
C ASN B 425 62.61 54.39 48.85
N LEU B 426 62.35 53.97 47.62
CA LEU B 426 61.04 54.13 47.00
C LEU B 426 59.91 53.63 47.89
N VAL B 427 60.08 52.43 48.47
CA VAL B 427 59.02 51.81 49.25
C VAL B 427 58.84 52.52 50.60
N ASN B 428 59.94 52.90 51.22
CA ASN B 428 59.86 53.73 52.41
C ASN B 428 59.04 54.98 52.16
N TRP B 429 59.32 55.63 51.03
CA TRP B 429 58.65 56.88 50.68
C TRP B 429 57.15 56.68 50.46
N ARG B 430 56.79 55.54 49.89
CA ARG B 430 55.39 55.23 49.59
C ARG B 430 54.59 54.90 50.84
N THR B 431 55.30 54.81 51.98
CA THR B 431 54.65 54.56 53.27
C THR B 431 55.03 55.59 54.36
N ALA B 432 56.27 55.54 54.81
CA ALA B 432 56.73 56.42 55.88
C ALA B 432 58.05 55.86 56.35
N ALA B 433 57.97 54.79 57.12
CA ALA B 433 59.13 53.96 57.44
C ALA B 433 60.40 54.72 57.83
N GLY B 434 61.44 54.52 57.02
CA GLY B 434 62.79 54.92 57.37
C GLY B 434 63.08 56.39 57.37
N SER B 435 63.63 56.89 56.28
CA SER B 435 64.10 58.27 56.21
C SER B 435 62.99 59.23 55.82
N TYR B 436 62.18 58.82 54.84
CA TYR B 436 61.06 59.63 54.39
C TYR B 436 59.79 59.27 55.15
N THR B 437 59.81 59.46 56.46
CA THR B 437 58.59 59.31 57.21
C THR B 437 57.79 60.59 57.05
N ASP B 438 58.52 61.70 57.03
CA ASP B 438 57.93 63.03 57.06
C ASP B 438 57.47 63.42 55.67
N ASN B 439 58.42 63.52 54.75
CA ASN B 439 58.12 63.79 53.36
C ASN B 439 57.74 62.48 52.67
N ASN B 440 56.68 61.86 53.16
CA ASN B 440 56.18 60.66 52.52
C ASN B 440 55.23 61.04 51.40
N PHE B 441 54.89 60.05 50.60
CA PHE B 441 53.90 60.19 49.55
C PHE B 441 52.79 59.19 49.88
N ASN B 442 52.60 58.93 51.17
CA ASN B 442 51.70 57.87 51.62
C ASN B 442 50.21 58.18 51.41
N ILE B 443 49.79 58.21 50.15
CA ILE B 443 48.40 58.41 49.80
C ILE B 443 47.99 57.25 48.92
N SER B 444 46.71 57.16 48.61
CA SER B 444 46.23 56.02 47.82
C SER B 444 45.00 56.30 46.95
N SER B 445 45.22 56.98 45.83
CA SER B 445 44.12 57.29 44.93
C SER B 445 44.10 56.40 43.70
N THR B 446 42.88 56.10 43.26
CA THR B 446 42.66 55.31 42.07
C THR B 446 42.97 56.22 40.90
N TYR B 447 43.11 57.51 41.22
CA TYR B 447 43.47 58.52 40.25
C TYR B 447 44.96 58.83 40.33
N ALA B 448 45.59 58.28 41.35
CA ALA B 448 47.02 58.47 41.56
C ALA B 448 47.78 57.42 40.78
N ALA B 449 48.61 57.87 39.85
CA ALA B 449 49.46 56.96 39.09
C ALA B 449 50.82 57.58 39.47
N ILE B 450 51.65 56.81 40.16
CA ILE B 450 53.03 57.22 40.41
C ILE B 450 53.98 56.61 39.39
N ASP B 451 55.27 56.95 39.50
CA ASP B 451 56.11 57.17 38.33
C ASP B 451 57.58 57.03 38.68
N GLY B 452 58.24 56.07 38.03
CA GLY B 452 58.77 54.91 38.71
C GLY B 452 60.27 54.83 38.65
N ASN B 453 60.86 55.49 37.66
CA ASN B 453 62.18 56.10 37.82
C ASN B 453 62.22 57.52 37.26
N TYR B 454 63.37 57.91 36.73
CA TYR B 454 63.57 59.27 36.25
C TYR B 454 64.48 59.31 35.03
N LYS B 455 64.05 60.02 34.00
CA LYS B 455 64.60 59.83 32.67
C LYS B 455 65.83 60.70 32.43
N TYR B 456 66.71 60.24 31.55
CA TYR B 456 67.93 60.99 31.23
C TYR B 456 67.89 61.47 29.79
N GLN B 457 67.46 62.71 29.58
CA GLN B 457 67.26 63.26 28.24
C GLN B 457 68.44 64.11 27.80
N TYR B 458 68.40 64.61 26.57
CA TYR B 458 69.38 65.58 26.13
C TYR B 458 68.67 66.91 25.92
N ASP B 459 69.32 67.99 26.33
CA ASP B 459 68.68 69.30 26.32
C ASP B 459 69.17 70.16 25.18
N LYS B 460 68.49 70.07 24.04
CA LYS B 460 68.93 70.75 22.83
C LYS B 460 69.19 72.24 23.05
N TYR B 461 68.68 72.78 24.14
CA TYR B 461 68.82 74.21 24.40
C TYR B 461 70.12 74.56 25.10
N ASN B 462 70.31 74.10 26.33
CA ASN B 462 71.56 74.32 27.02
C ASN B 462 72.64 73.45 26.42
N ASP B 463 72.22 72.47 25.62
CA ASP B 463 73.12 71.51 25.00
C ASP B 463 73.79 70.63 26.04
N VAL B 464 72.98 70.06 26.93
CA VAL B 464 73.50 69.20 27.98
C VAL B 464 72.59 68.03 28.25
N ASN B 465 73.17 66.92 28.71
CA ASN B 465 72.39 65.77 29.13
C ASN B 465 71.88 65.98 30.56
N ARG B 466 70.63 65.63 30.79
CA ARG B 466 69.94 66.08 31.98
C ARG B 466 68.91 65.05 32.46
N TRP B 467 68.75 64.90 33.76
CA TRP B 467 67.70 64.05 34.31
C TRP B 467 66.38 64.80 34.42
N VAL B 468 65.31 64.21 33.89
CA VAL B 468 63.99 64.83 34.00
C VAL B 468 62.94 63.85 34.50
N PRO B 469 61.93 64.35 35.21
CA PRO B 469 60.84 63.52 35.69
C PRO B 469 60.18 62.79 34.54
N LEU B 470 59.99 61.49 34.67
CA LEU B 470 59.46 60.68 33.58
C LEU B 470 57.95 60.86 33.42
N ALA B 471 57.27 61.15 34.51
CA ALA B 471 55.82 61.33 34.49
C ALA B 471 55.36 62.24 33.35
N ALA B 472 55.97 63.41 33.25
CA ALA B 472 55.67 64.36 32.19
C ALA B 472 55.51 63.65 30.85
N ASP B 473 56.32 62.63 30.64
CA ASP B 473 56.35 61.93 29.37
C ASP B 473 55.19 60.95 29.23
N ILE B 474 55.09 59.99 30.15
CA ILE B 474 54.04 58.98 30.10
C ILE B 474 52.65 59.58 29.92
N ALA B 475 52.47 60.80 30.42
CA ALA B 475 51.19 61.50 30.32
C ALA B 475 50.82 61.74 28.86
N GLY B 476 51.79 62.15 28.05
CA GLY B 476 51.56 62.32 26.63
C GLY B 476 51.38 60.96 26.01
N LEU B 477 52.07 59.99 26.57
CA LEU B 477 52.00 58.61 26.11
C LEU B 477 50.60 58.06 26.36
N CYS B 478 49.79 58.80 27.13
CA CYS B 478 48.40 58.43 27.36
C CYS B 478 47.47 59.11 26.37
N ALA B 479 47.67 60.41 26.17
CA ALA B 479 46.88 61.18 25.21
C ALA B 479 46.87 60.40 23.93
N ARG B 480 47.95 59.65 23.75
CA ARG B 480 48.09 58.73 22.66
C ARG B 480 47.22 57.51 22.92
N THR B 481 47.89 56.41 23.24
CA THR B 481 47.27 55.10 23.39
C THR B 481 45.90 55.14 24.05
N ASP B 482 44.93 54.51 23.38
CA ASP B 482 43.53 54.53 23.80
C ASP B 482 43.12 55.91 24.28
N ASN B 483 42.12 55.97 25.15
CA ASN B 483 41.74 57.25 25.70
C ASN B 483 42.12 57.48 27.16
N VAL B 484 42.04 58.74 27.55
CA VAL B 484 42.78 59.25 28.68
C VAL B 484 41.88 59.61 29.86
N ARG B 496 54.54 51.47 28.41
CA ARG B 496 53.30 51.30 27.67
C ARG B 496 53.50 51.44 26.17
N GLY B 497 54.72 51.19 25.73
CA GLY B 497 55.14 51.47 24.37
C GLY B 497 56.29 52.45 24.49
N GLN B 498 57.46 52.06 24.00
CA GLN B 498 58.68 52.78 24.33
C GLN B 498 58.54 54.30 24.23
N ILE B 499 59.34 54.99 25.05
CA ILE B 499 59.34 56.44 25.08
C ILE B 499 60.36 56.96 24.11
N LEU B 500 60.15 58.19 23.65
CA LEU B 500 60.85 58.71 22.50
C LEU B 500 62.33 59.01 22.71
N ASN B 501 62.62 60.02 23.53
CA ASN B 501 63.93 60.64 23.50
C ASN B 501 64.81 60.27 24.67
N VAL B 502 64.41 59.25 25.41
CA VAL B 502 65.26 58.74 26.49
C VAL B 502 66.61 58.35 25.93
N ILE B 503 67.61 58.30 26.79
CA ILE B 503 68.93 57.87 26.37
C ILE B 503 69.56 57.10 27.50
N LYS B 504 68.75 56.81 28.50
CA LYS B 504 69.22 56.22 29.74
C LYS B 504 68.10 56.37 30.74
N LEU B 505 67.85 55.32 31.52
CA LEU B 505 66.92 55.42 32.64
C LEU B 505 67.60 55.11 33.98
N ALA B 506 67.10 55.71 35.05
CA ALA B 506 67.74 55.54 36.34
C ALA B 506 67.90 54.06 36.68
N ILE B 507 66.88 53.27 36.33
CA ILE B 507 66.95 51.82 36.52
C ILE B 507 66.41 51.09 35.30
N GLU B 508 66.99 49.94 35.00
CA GLU B 508 66.61 49.15 33.83
C GLU B 508 66.99 47.69 33.99
N THR B 509 66.03 46.80 33.74
CA THR B 509 64.62 47.17 33.80
C THR B 509 63.86 46.26 34.75
N PRO B 510 64.16 44.97 34.72
CA PRO B 510 64.82 44.36 33.57
C PRO B 510 63.85 43.50 32.77
N ASN C 21 69.90 -6.45 32.53
CA ASN C 21 70.75 -6.97 31.47
C ASN C 21 70.51 -8.35 30.86
N ASN C 22 69.26 -8.61 30.55
CA ASN C 22 68.42 -9.80 30.62
C ASN C 22 67.92 -10.06 32.05
N SER C 23 67.75 -9.11 32.81
CA SER C 23 67.51 -9.14 34.25
C SER C 23 68.82 -9.30 35.03
N THR C 24 69.85 -8.73 34.64
CA THR C 24 71.05 -8.49 35.44
C THR C 24 71.61 -9.75 36.10
N GLY C 25 71.99 -10.72 35.27
CA GLY C 25 72.49 -11.99 35.78
C GLY C 25 73.78 -11.74 36.53
N THR C 26 73.68 -11.32 37.78
CA THR C 26 74.86 -11.02 38.58
C THR C 26 75.04 -12.31 39.36
N ALA C 27 76.16 -12.99 39.14
CA ALA C 27 76.46 -14.19 39.91
C ALA C 27 77.17 -13.80 41.19
N ALA C 28 77.45 -14.79 42.03
CA ALA C 28 78.18 -14.56 43.26
C ALA C 28 78.89 -15.85 43.62
N LEU C 29 80.19 -15.73 43.89
CA LEU C 29 81.02 -16.88 44.15
C LEU C 29 82.04 -16.57 45.23
N ALA C 30 82.24 -17.52 46.12
CA ALA C 30 83.24 -17.37 47.14
C ALA C 30 83.96 -18.69 47.32
N GLY C 31 85.28 -18.63 47.40
CA GLY C 31 86.09 -19.83 47.56
C GLY C 31 87.56 -19.55 47.56
N LYS C 32 88.34 -20.62 47.61
CA LYS C 32 89.79 -20.54 47.73
C LYS C 32 90.47 -20.30 46.39
N PHE C 33 91.41 -19.37 46.35
CA PHE C 33 92.11 -19.06 45.11
C PHE C 33 93.63 -18.94 45.29
N GLN C 34 94.35 -18.98 44.17
CA GLN C 34 95.80 -18.95 44.17
C GLN C 34 96.29 -17.53 44.43
N TRP C 35 95.39 -16.57 44.32
CA TRP C 35 95.77 -15.16 44.33
C TRP C 35 94.64 -14.27 44.86
N GLY C 36 94.97 -13.36 45.76
CA GLY C 36 93.99 -12.44 46.34
C GLY C 36 93.53 -11.46 45.28
N PRO C 37 92.67 -10.50 45.64
CA PRO C 37 92.30 -9.97 46.96
C PRO C 37 91.66 -10.98 47.87
N ALA C 38 92.02 -10.89 49.14
CA ALA C 38 91.40 -11.69 50.19
C ALA C 38 90.25 -10.91 50.82
N PHE C 39 89.12 -11.57 50.98
CA PHE C 39 87.96 -10.96 51.60
C PHE C 39 87.64 -9.60 50.99
N GLN C 40 87.50 -9.58 49.67
CA GLN C 40 87.07 -8.38 48.95
C GLN C 40 86.13 -8.77 47.83
N ILE C 41 85.06 -7.99 47.66
CA ILE C 41 84.10 -8.26 46.59
C ILE C 41 84.62 -7.72 45.27
N LYS C 42 85.80 -8.17 44.86
CA LYS C 42 86.31 -7.79 43.55
C LYS C 42 85.42 -8.41 42.46
N GLN C 43 85.09 -7.61 41.45
CA GLN C 43 84.25 -8.10 40.36
C GLN C 43 85.10 -8.63 39.22
N VAL C 44 84.56 -9.60 38.50
CA VAL C 44 85.28 -10.25 37.40
C VAL C 44 84.38 -10.39 36.18
N THR C 45 84.92 -10.16 35.00
CA THR C 45 84.12 -10.21 33.78
C THR C 45 84.65 -11.17 32.71
N ASN C 46 85.97 -11.24 32.57
CA ASN C 46 86.58 -12.14 31.61
C ASN C 46 87.17 -13.37 32.27
N GLU C 47 87.59 -14.34 31.46
CA GLU C 47 88.35 -15.46 31.97
C GLU C 47 89.78 -14.98 32.15
N VAL C 48 90.36 -14.47 31.08
CA VAL C 48 91.72 -13.94 31.08
C VAL C 48 91.86 -12.80 32.08
N ASP C 49 90.72 -12.37 32.64
CA ASP C 49 90.70 -11.31 33.62
C ASP C 49 90.59 -11.84 35.05
N LEU C 50 90.12 -13.07 35.19
CA LEU C 50 90.12 -13.68 36.50
C LEU C 50 91.44 -14.38 36.74
N VAL C 51 92.02 -14.96 35.69
CA VAL C 51 93.36 -15.53 35.79
C VAL C 51 94.32 -14.43 36.21
N ASN C 52 94.27 -13.32 35.49
CA ASN C 52 95.04 -12.15 35.88
C ASN C 52 94.97 -11.91 37.39
N THR C 53 93.81 -12.19 37.98
CA THR C 53 93.51 -11.73 39.33
C THR C 53 93.48 -12.85 40.38
N PHE C 54 93.03 -14.04 40.00
CA PHE C 54 93.00 -15.15 40.95
C PHE C 54 93.43 -16.39 40.19
N GLY C 55 94.37 -16.19 39.28
CA GLY C 55 94.61 -17.10 38.17
C GLY C 55 94.70 -18.41 37.45
N GLN C 56 95.43 -19.33 38.08
CA GLN C 56 95.55 -20.71 37.63
C GLN C 56 94.88 -21.54 38.72
N PRO C 57 94.41 -22.74 38.36
CA PRO C 57 93.75 -23.62 39.32
C PRO C 57 94.73 -24.60 39.95
N THR C 58 95.02 -24.45 41.24
CA THR C 58 95.85 -25.42 41.93
C THR C 58 94.96 -26.56 42.32
N ALA C 59 95.54 -27.70 42.70
CA ALA C 59 94.76 -28.88 43.08
C ALA C 59 93.97 -28.65 44.36
N GLU C 60 94.14 -27.47 44.94
CA GLU C 60 93.45 -27.07 46.14
C GLU C 60 92.50 -25.93 45.78
N THR C 61 92.64 -25.43 44.56
CA THR C 61 91.85 -24.30 44.08
C THR C 61 90.88 -24.73 42.99
N ALA C 62 91.30 -25.69 42.19
CA ALA C 62 90.56 -26.14 41.00
C ALA C 62 89.07 -25.80 40.98
N ASP C 63 88.30 -26.46 41.82
CA ASP C 63 86.85 -26.39 41.72
C ASP C 63 86.29 -24.97 41.83
N TYR C 64 87.11 -24.01 42.22
CA TYR C 64 86.65 -22.62 42.33
C TYR C 64 87.05 -21.82 41.12
N PHE C 65 88.23 -22.09 40.59
CA PHE C 65 88.62 -21.48 39.34
C PHE C 65 87.61 -21.90 38.28
N MET C 66 87.52 -23.21 38.06
CA MET C 66 86.51 -23.74 37.15
C MET C 66 85.16 -23.12 37.40
N SER C 67 84.70 -23.23 38.64
CA SER C 67 83.39 -22.70 39.03
C SER C 67 83.14 -21.37 38.34
N ALA C 68 84.08 -20.45 38.49
CA ALA C 68 84.01 -19.17 37.78
C ALA C 68 84.17 -19.39 36.29
N MET C 69 85.37 -19.79 35.86
CA MET C 69 85.66 -19.91 34.43
C MET C 69 84.48 -20.42 33.62
N ASN C 70 84.07 -21.67 33.86
CA ASN C 70 83.03 -22.26 33.04
C ASN C 70 81.64 -21.70 33.34
N PHE C 71 81.61 -20.57 34.06
CA PHE C 71 80.39 -19.80 34.22
C PHE C 71 80.46 -18.58 33.31
N LEU C 72 81.61 -17.92 33.29
CA LEU C 72 81.79 -16.75 32.45
C LEU C 72 81.48 -17.10 30.99
N GLN C 73 81.22 -18.38 30.73
CA GLN C 73 80.79 -18.84 29.41
C GLN C 73 79.37 -18.37 29.10
N TYR C 74 78.54 -18.28 30.13
CA TYR C 74 77.19 -17.69 30.01
C TYR C 74 77.15 -16.40 30.83
N GLY C 75 78.32 -15.94 31.26
CA GLY C 75 78.38 -14.92 32.29
C GLY C 75 78.74 -13.52 31.84
N ASN C 76 78.04 -12.55 32.42
CA ASN C 76 78.35 -11.16 32.24
C ASN C 76 79.27 -10.72 33.37
N ASP C 77 78.72 -10.66 34.57
CA ASP C 77 79.47 -10.23 35.74
C ASP C 77 79.46 -11.27 36.86
N LEU C 78 80.60 -11.42 37.52
CA LEU C 78 80.76 -12.34 38.62
C LEU C 78 81.41 -11.60 39.77
N ARG C 79 80.84 -11.69 40.95
CA ARG C 79 81.46 -11.07 42.10
C ARG C 79 82.04 -12.18 42.96
N VAL C 80 83.34 -12.09 43.26
CA VAL C 80 84.00 -13.14 44.04
C VAL C 80 84.59 -12.62 45.34
N VAL C 81 84.90 -13.53 46.24
CA VAL C 81 85.57 -13.20 47.50
C VAL C 81 86.51 -14.34 47.85
N ARG C 82 87.81 -14.05 47.87
CA ARG C 82 88.78 -15.09 48.14
C ARG C 82 88.84 -15.45 49.63
N ALA C 83 88.71 -16.74 49.92
CA ALA C 83 88.86 -17.21 51.29
C ALA C 83 90.32 -17.51 51.60
N VAL C 84 90.87 -16.77 52.56
CA VAL C 84 92.23 -16.96 53.03
C VAL C 84 92.15 -17.43 54.47
N ASP C 85 93.17 -18.11 54.97
CA ASP C 85 93.17 -18.45 56.39
C ASP C 85 93.76 -17.10 56.80
N ARG C 86 93.17 -16.48 57.80
CA ARG C 86 93.55 -15.14 58.24
C ARG C 86 94.73 -15.39 59.19
N ASP C 87 94.81 -16.58 59.75
CA ASP C 87 95.80 -16.89 60.77
C ASP C 87 97.15 -17.28 60.18
N THR C 88 97.18 -17.70 58.92
CA THR C 88 98.42 -18.20 58.36
C THR C 88 98.65 -17.83 56.91
N ALA C 89 97.87 -16.90 56.38
CA ALA C 89 98.11 -16.44 55.03
C ALA C 89 99.19 -15.39 55.16
N LYS C 90 99.97 -15.22 54.09
CA LYS C 90 101.06 -14.25 54.09
C LYS C 90 101.25 -13.57 52.73
N ASN C 91 101.44 -12.26 52.76
CA ASN C 91 101.82 -11.49 51.58
C ASN C 91 103.34 -11.46 51.52
N SER C 92 103.92 -11.83 50.38
CA SER C 92 105.36 -11.77 50.25
C SER C 92 105.85 -10.40 50.73
N SER C 93 107.03 -10.35 51.33
CA SER C 93 107.56 -9.10 51.88
C SER C 93 109.09 -9.06 51.89
N PRO C 94 109.67 -7.88 52.19
CA PRO C 94 111.12 -7.73 52.17
C PRO C 94 111.73 -8.16 53.48
N ILE C 95 110.90 -8.35 54.51
CA ILE C 95 111.39 -8.83 55.80
C ILE C 95 111.83 -10.28 55.69
N ALA C 96 111.13 -11.04 54.87
CA ALA C 96 111.13 -12.50 54.97
C ALA C 96 112.36 -13.18 54.37
N GLY C 97 113.48 -12.49 54.32
CA GLY C 97 114.72 -13.16 53.95
C GLY C 97 115.80 -12.97 55.01
N ASN C 98 115.71 -11.85 55.71
CA ASN C 98 116.68 -11.48 56.71
C ASN C 98 116.95 -12.58 57.69
N ILE C 99 117.72 -12.25 58.73
CA ILE C 99 118.16 -13.22 59.72
C ILE C 99 118.04 -12.64 61.12
N GLU C 100 117.33 -13.33 62.00
CA GLU C 100 117.23 -12.93 63.40
C GLU C 100 118.58 -12.41 63.87
N TYR C 101 118.58 -11.36 64.67
CA TYR C 101 119.80 -10.91 65.31
C TYR C 101 119.50 -9.88 66.37
N THR C 102 120.25 -9.94 67.47
CA THR C 102 119.99 -9.05 68.59
C THR C 102 121.32 -8.52 69.13
N ILE C 103 121.50 -7.21 69.09
CA ILE C 103 122.73 -6.61 69.59
C ILE C 103 122.80 -6.73 71.11
N SER C 104 123.22 -7.90 71.58
CA SER C 104 123.26 -8.21 73.01
C SER C 104 124.04 -7.19 73.81
N THR C 105 125.14 -6.69 73.24
CA THR C 105 125.91 -5.66 73.89
C THR C 105 126.46 -4.66 72.90
N PRO C 106 125.86 -3.45 72.89
CA PRO C 106 126.34 -2.41 71.99
C PRO C 106 127.78 -2.14 72.33
N GLY C 107 128.64 -2.11 71.33
CA GLY C 107 130.04 -1.83 71.60
C GLY C 107 130.19 -0.36 71.95
N SER C 108 131.40 0.14 71.76
CA SER C 108 131.63 1.57 71.81
C SER C 108 132.67 1.85 70.73
N ASN C 109 132.80 3.10 70.31
CA ASN C 109 133.83 3.47 69.35
C ASN C 109 133.82 2.67 68.05
N TYR C 110 132.70 2.04 67.72
CA TYR C 110 132.52 1.43 66.41
C TYR C 110 132.12 2.53 65.43
N ALA C 111 132.04 2.19 64.14
CA ALA C 111 131.62 3.18 63.14
C ALA C 111 130.66 2.49 62.16
N VAL C 112 130.31 3.17 61.08
CA VAL C 112 129.37 2.62 60.10
C VAL C 112 129.43 1.62 58.95
N GLY C 113 130.61 1.36 58.41
CA GLY C 113 130.76 0.41 57.31
C GLY C 113 131.84 -0.52 57.87
N ASP C 114 131.82 -0.79 59.17
CA ASP C 114 132.73 -1.76 59.73
C ASP C 114 132.08 -3.07 59.35
N LYS C 115 132.85 -3.98 58.76
CA LYS C 115 132.29 -5.20 58.19
C LYS C 115 132.07 -6.29 59.24
N ILE C 116 131.06 -7.12 58.99
CA ILE C 116 130.70 -8.20 59.89
C ILE C 116 130.86 -9.52 59.17
N THR C 117 131.18 -10.56 59.94
CA THR C 117 131.47 -11.86 59.36
C THR C 117 130.72 -12.97 60.09
N VAL C 118 129.97 -13.75 59.33
CA VAL C 118 129.20 -14.86 59.90
C VAL C 118 129.93 -16.15 59.61
N LYS C 119 130.29 -16.87 60.66
CA LYS C 119 131.04 -18.10 60.50
C LYS C 119 130.19 -19.31 60.84
N TYR C 120 130.47 -20.42 60.17
CA TYR C 120 129.86 -21.70 60.51
C TYR C 120 130.92 -22.59 61.13
N VAL C 121 130.91 -22.68 62.45
CA VAL C 121 131.93 -23.42 63.17
C VAL C 121 133.32 -22.94 62.77
N SER C 122 133.69 -21.76 63.24
CA SER C 122 135.01 -21.18 62.97
C SER C 122 135.38 -21.27 61.49
N ASP C 123 134.39 -21.12 60.62
CA ASP C 123 134.62 -21.18 59.18
C ASP C 123 133.80 -20.11 58.48
N ASP C 124 134.46 -19.28 57.68
CA ASP C 124 133.81 -18.14 57.06
C ASP C 124 132.78 -18.49 55.98
N ILE C 125 131.56 -17.97 56.13
CA ILE C 125 130.51 -18.16 55.14
C ILE C 125 130.17 -16.84 54.46
N GLU C 126 129.84 -15.84 55.28
CA GLU C 126 129.48 -14.53 54.78
C GLU C 126 130.40 -13.48 55.40
N THR C 127 130.84 -12.54 54.58
CA THR C 127 131.81 -11.55 55.03
C THR C 127 131.47 -10.15 54.51
N GLU C 128 130.20 -9.95 54.16
CA GLU C 128 129.79 -8.67 53.59
C GLU C 128 128.80 -7.94 54.48
N GLY C 129 128.56 -8.49 55.66
CA GLY C 129 127.75 -7.82 56.65
C GLY C 129 128.45 -6.54 57.03
N LYS C 130 127.75 -5.64 57.69
CA LYS C 130 128.35 -4.37 58.07
C LYS C 130 127.45 -3.55 58.98
N ILE C 131 128.02 -3.09 60.10
CA ILE C 131 127.35 -2.14 60.97
C ILE C 131 126.80 -1.02 60.12
N THR C 132 125.62 -0.52 60.44
CA THR C 132 124.99 0.48 59.59
C THR C 132 124.42 1.67 60.36
N GLU C 133 124.40 1.58 61.68
CA GLU C 133 123.96 2.72 62.48
C GLU C 133 124.57 2.69 63.86
N VAL C 134 125.36 3.71 64.17
CA VAL C 134 125.90 3.88 65.51
C VAL C 134 125.41 5.22 66.03
N ASP C 135 125.64 5.47 67.32
CA ASP C 135 125.31 6.77 67.90
C ASP C 135 126.56 7.63 68.02
N ALA C 136 126.58 8.52 68.99
CA ALA C 136 127.70 9.42 69.15
C ALA C 136 128.90 8.73 69.77
N ASP C 137 128.67 7.64 70.49
CA ASP C 137 129.73 6.96 71.23
C ASP C 137 130.24 5.73 70.48
N GLY C 138 129.62 5.43 69.35
CA GLY C 138 130.00 4.25 68.58
C GLY C 138 129.24 3.02 69.03
N LYS C 139 128.29 3.21 69.94
CA LYS C 139 127.43 2.12 70.38
C LYS C 139 126.67 1.59 69.16
N ILE C 140 126.77 0.28 68.92
CA ILE C 140 126.13 -0.32 67.75
C ILE C 140 124.60 -0.33 67.86
N LYS C 141 123.94 0.38 66.95
CA LYS C 141 122.48 0.46 66.98
C LYS C 141 121.83 -0.41 65.90
N LYS C 142 122.48 -0.55 64.75
CA LYS C 142 121.90 -1.33 63.66
C LYS C 142 122.94 -1.91 62.71
N ILE C 143 122.72 -3.14 62.26
CA ILE C 143 123.60 -3.79 61.29
C ILE C 143 122.79 -4.37 60.14
N ASN C 144 123.47 -4.88 59.12
CA ASN C 144 122.79 -5.54 58.02
C ASN C 144 123.60 -6.69 57.44
N ILE C 145 123.14 -7.91 57.71
CA ILE C 145 123.80 -9.13 57.23
C ILE C 145 123.05 -9.74 56.04
N PRO C 146 123.72 -9.83 54.89
CA PRO C 146 123.13 -10.48 53.72
C PRO C 146 123.01 -11.98 53.96
N THR C 147 121.92 -12.60 53.52
CA THR C 147 121.70 -14.01 53.82
C THR C 147 121.80 -14.94 52.61
N ALA C 148 122.16 -14.39 51.47
CA ALA C 148 122.29 -15.21 50.27
C ALA C 148 123.16 -16.43 50.54
N LYS C 149 124.37 -16.18 51.00
CA LYS C 149 125.36 -17.23 51.22
C LYS C 149 124.96 -18.16 52.34
N ILE C 150 124.46 -17.60 53.43
CA ILE C 150 124.21 -18.40 54.63
C ILE C 150 123.03 -19.36 54.49
N ILE C 151 121.90 -18.87 53.97
CA ILE C 151 120.75 -19.76 53.80
C ILE C 151 121.13 -20.91 52.87
N ALA C 152 122.06 -20.62 51.95
CA ALA C 152 122.59 -21.65 51.07
C ALA C 152 123.28 -22.71 51.91
N LYS C 153 124.39 -22.35 52.52
CA LYS C 153 125.13 -23.25 53.40
C LYS C 153 124.18 -23.93 54.39
N ALA C 154 123.22 -23.18 54.91
CA ALA C 154 122.30 -23.70 55.92
C ALA C 154 121.39 -24.78 55.36
N LYS C 155 120.79 -24.50 54.21
CA LYS C 155 119.98 -25.50 53.53
C LYS C 155 120.85 -26.72 53.29
N GLU C 156 122.10 -26.47 52.92
CA GLU C 156 123.03 -27.52 52.55
C GLU C 156 123.38 -28.47 53.69
N VAL C 157 123.11 -28.05 54.93
CA VAL C 157 123.48 -28.85 56.09
C VAL C 157 122.34 -29.04 57.10
N GLY C 158 121.10 -29.08 56.62
CA GLY C 158 119.96 -29.38 57.46
C GLY C 158 119.58 -28.31 58.47
N GLU C 159 120.46 -27.34 58.66
CA GLU C 159 120.22 -26.27 59.63
C GLU C 159 119.49 -25.07 59.01
N TYR C 160 118.37 -25.34 58.35
CA TYR C 160 117.56 -24.26 57.78
C TYR C 160 116.09 -24.44 58.14
N PRO C 161 115.46 -23.40 58.71
CA PRO C 161 116.08 -22.13 59.10
C PRO C 161 116.47 -22.14 60.58
N THR C 162 116.40 -23.31 61.21
CA THR C 162 116.79 -23.44 62.60
C THR C 162 118.01 -22.56 62.95
N LEU C 163 119.18 -22.93 62.44
CA LEU C 163 120.41 -22.16 62.69
C LEU C 163 120.83 -22.12 64.16
N GLY C 164 121.51 -21.03 64.54
CA GLY C 164 121.75 -20.70 65.93
C GLY C 164 122.97 -21.30 66.60
N SER C 165 123.07 -22.63 66.58
CA SER C 165 124.00 -23.34 67.47
C SER C 165 125.46 -23.15 67.07
N ASN C 166 125.77 -23.43 65.81
CA ASN C 166 127.14 -23.36 65.32
C ASN C 166 127.31 -22.10 64.49
N TRP C 167 126.25 -21.31 64.43
CA TRP C 167 126.27 -20.09 63.64
C TRP C 167 126.65 -18.92 64.52
N THR C 168 127.67 -18.18 64.10
CA THR C 168 128.24 -17.13 64.92
C THR C 168 128.56 -15.88 64.11
N ALA C 169 128.64 -14.74 64.77
CA ALA C 169 128.90 -13.48 64.08
C ALA C 169 129.94 -12.67 64.81
N GLU C 170 131.00 -12.29 64.11
CA GLU C 170 132.05 -11.45 64.68
C GLU C 170 132.22 -10.18 63.83
N ILE C 171 132.93 -9.20 64.39
CA ILE C 171 133.17 -7.94 63.70
C ILE C 171 134.46 -7.98 62.88
N SER C 172 134.76 -6.88 62.19
CA SER C 172 135.99 -6.74 61.45
C SER C 172 137.13 -6.96 62.43
N SER C 173 138.30 -7.37 61.93
CA SER C 173 139.46 -7.51 62.78
C SER C 173 140.57 -6.53 62.38
N SER C 174 140.35 -5.26 62.70
CA SER C 174 139.13 -4.83 63.36
C SER C 174 138.67 -3.43 62.98
N SER C 175 137.44 -3.10 63.38
CA SER C 175 136.95 -1.75 63.30
C SER C 175 137.76 -0.92 64.29
N SER C 176 137.57 0.39 64.26
CA SER C 176 138.23 1.25 65.23
C SER C 176 137.91 0.79 66.66
N GLY C 177 136.65 0.51 66.92
CA GLY C 177 136.18 0.28 68.27
C GLY C 177 135.78 -1.12 68.69
N LEU C 178 135.63 -1.30 70.01
CA LEU C 178 135.49 -2.62 70.63
C LEU C 178 134.18 -3.02 71.33
N ALA C 179 134.26 -4.07 72.14
CA ALA C 179 133.21 -4.45 73.10
C ALA C 179 131.88 -5.12 72.73
N ALA C 180 131.61 -5.25 71.43
CA ALA C 180 130.26 -5.60 70.97
C ALA C 180 129.91 -7.08 70.98
N VAL C 181 128.60 -7.36 70.93
CA VAL C 181 128.09 -8.73 70.97
C VAL C 181 126.82 -8.87 70.13
N ILE C 182 126.96 -9.39 68.90
CA ILE C 182 125.78 -9.64 68.08
C ILE C 182 125.41 -11.11 68.20
N THR C 183 124.12 -11.41 68.36
CA THR C 183 123.67 -12.79 68.58
C THR C 183 122.68 -13.26 67.52
N LEU C 184 123.01 -14.37 66.86
CA LEU C 184 122.26 -14.81 65.69
C LEU C 184 121.14 -15.80 65.99
N GLY C 185 119.94 -15.51 65.48
CA GLY C 185 118.82 -16.43 65.59
C GLY C 185 118.59 -17.19 64.30
N LYS C 186 117.33 -17.37 63.92
CA LYS C 186 116.98 -18.15 62.73
C LYS C 186 116.73 -17.26 61.51
N ILE C 187 116.59 -17.89 60.34
CA ILE C 187 116.24 -17.17 59.13
C ILE C 187 114.75 -16.88 59.15
N ILE C 188 114.37 -15.60 59.16
CA ILE C 188 112.96 -15.24 59.30
C ILE C 188 112.19 -15.69 58.08
N THR C 189 111.19 -16.53 58.30
CA THR C 189 110.36 -17.03 57.20
C THR C 189 108.96 -16.42 57.27
N ASP C 190 108.67 -15.68 58.34
CA ASP C 190 107.39 -15.01 58.47
C ASP C 190 107.48 -13.62 57.85
N SER C 191 106.87 -13.45 56.69
CA SER C 191 106.86 -12.16 56.02
C SER C 191 106.38 -11.08 56.97
N GLY C 192 105.51 -11.49 57.90
CA GLY C 192 105.06 -10.60 58.95
C GLY C 192 103.99 -9.61 58.52
N ILE C 193 103.20 -10.00 57.54
CA ILE C 193 102.14 -9.11 57.04
C ILE C 193 101.11 -9.85 56.19
N LEU C 194 99.85 -9.54 56.43
CA LEU C 194 98.74 -10.07 55.62
C LEU C 194 97.73 -8.97 55.31
N LEU C 195 97.51 -8.71 54.03
CA LEU C 195 96.55 -7.71 53.60
C LEU C 195 95.25 -8.35 53.13
N ALA C 196 94.14 -7.98 53.76
CA ALA C 196 92.84 -8.52 53.41
C ALA C 196 91.96 -7.39 52.90
N GLU C 197 91.09 -6.90 53.77
CA GLU C 197 90.22 -5.79 53.39
C GLU C 197 91.05 -4.53 53.28
N ILE C 198 90.42 -3.43 52.90
CA ILE C 198 91.13 -2.16 52.82
C ILE C 198 90.80 -1.28 54.03
N GLU C 199 89.72 -1.60 54.72
CA GLU C 199 89.43 -0.91 55.98
C GLU C 199 90.61 -1.09 56.92
N ASN C 200 91.30 -2.21 56.75
CA ASN C 200 92.50 -2.49 57.54
C ASN C 200 93.78 -2.20 56.76
N ALA C 201 93.62 -1.92 55.46
CA ALA C 201 94.72 -1.66 54.54
C ALA C 201 96.08 -1.37 55.20
N GLU C 202 96.45 -0.10 55.25
CA GLU C 202 97.75 0.31 55.78
C GLU C 202 97.83 0.20 57.30
N ALA C 203 96.73 -0.23 57.92
CA ALA C 203 96.71 -0.42 59.36
C ALA C 203 97.48 -1.68 59.73
N ALA C 204 97.61 -2.59 58.78
CA ALA C 204 98.45 -3.76 58.97
C ALA C 204 99.85 -3.39 58.56
N MET C 205 99.95 -2.45 57.61
CA MET C 205 101.23 -1.94 57.15
C MET C 205 101.85 -1.07 58.22
N THR C 206 101.07 -0.78 59.27
CA THR C 206 101.53 0.09 60.34
C THR C 206 101.27 -0.56 61.69
N ALA C 207 101.70 -1.81 61.80
CA ALA C 207 101.61 -2.52 63.06
C ALA C 207 102.97 -2.49 63.72
N VAL C 208 103.00 -2.16 65.01
CA VAL C 208 104.26 -2.07 65.74
C VAL C 208 105.20 -3.21 65.36
N ASP C 209 104.70 -4.43 65.40
CA ASP C 209 105.52 -5.61 65.11
C ASP C 209 106.12 -5.57 63.70
N PHE C 210 105.30 -5.29 62.70
CA PHE C 210 105.78 -5.18 61.32
C PHE C 210 106.75 -4.01 61.19
N GLN C 211 106.25 -2.80 61.44
CA GLN C 211 107.05 -1.58 61.33
C GLN C 211 108.36 -1.70 62.10
N ALA C 212 108.37 -2.57 63.10
CA ALA C 212 109.57 -2.77 63.90
C ALA C 212 110.72 -3.25 63.03
N ASN C 213 110.49 -4.33 62.31
CA ASN C 213 111.54 -4.93 61.50
C ASN C 213 111.92 -4.08 60.30
N LEU C 214 110.99 -3.27 59.83
CA LEU C 214 111.29 -2.36 58.74
C LEU C 214 112.40 -1.41 59.18
N LYS C 215 112.49 -1.19 60.49
CA LYS C 215 113.57 -0.38 61.07
C LYS C 215 114.80 -1.26 61.22
N LYS C 216 114.61 -2.41 61.87
CA LYS C 216 115.69 -3.31 62.23
C LYS C 216 116.57 -3.67 61.04
N TYR C 217 115.95 -3.94 59.90
CA TYR C 217 116.70 -4.34 58.73
C TYR C 217 116.72 -3.24 57.68
N GLY C 218 116.52 -2.00 58.14
CA GLY C 218 116.65 -0.82 57.29
C GLY C 218 116.12 -0.92 55.87
N ILE C 219 114.85 -1.29 55.73
CA ILE C 219 114.19 -1.32 54.43
C ILE C 219 112.82 -0.65 54.50
N PRO C 220 112.23 -0.34 53.34
CA PRO C 220 110.94 0.35 53.27
C PRO C 220 109.79 -0.63 53.44
N GLY C 221 108.58 -0.11 53.66
CA GLY C 221 107.43 -0.97 53.82
C GLY C 221 106.75 -1.30 52.50
N VAL C 222 107.39 -2.16 51.71
CA VAL C 222 106.84 -2.54 50.41
C VAL C 222 106.55 -4.04 50.35
N VAL C 223 105.29 -4.40 50.19
CA VAL C 223 104.90 -5.81 50.18
C VAL C 223 104.04 -6.14 48.97
N ALA C 224 103.97 -7.42 48.63
CA ALA C 224 103.08 -7.88 47.56
C ALA C 224 101.64 -7.59 47.98
N LEU C 225 100.79 -7.25 47.03
CA LEU C 225 99.44 -6.83 47.34
C LEU C 225 98.52 -7.96 47.78
N TYR C 226 98.79 -9.17 47.30
CA TYR C 226 97.89 -10.29 47.55
C TYR C 226 98.60 -11.43 48.25
N PRO C 227 97.95 -12.02 49.26
CA PRO C 227 98.54 -13.15 49.95
C PRO C 227 98.87 -14.20 48.91
N GLY C 228 99.98 -14.92 49.06
CA GLY C 228 100.31 -15.95 48.10
C GLY C 228 101.76 -16.07 47.74
N GLU C 229 102.22 -17.30 47.55
CA GLU C 229 103.59 -17.58 47.16
C GLU C 229 103.85 -17.00 45.78
N LEU C 230 102.79 -16.66 45.08
CA LEU C 230 102.93 -16.07 43.76
C LEU C 230 103.56 -14.70 43.87
N GLY C 231 103.52 -14.11 45.07
CA GLY C 231 104.07 -12.80 45.30
C GLY C 231 105.59 -12.81 45.37
N ASP C 232 106.15 -13.98 45.62
CA ASP C 232 107.58 -14.12 45.71
C ASP C 232 108.26 -13.76 44.40
N LYS C 233 107.50 -13.71 43.32
CA LYS C 233 108.07 -13.43 42.01
C LYS C 233 108.25 -11.93 41.75
N ILE C 234 107.71 -11.10 42.65
CA ILE C 234 107.86 -9.66 42.54
C ILE C 234 109.19 -9.16 43.09
N GLU C 235 109.76 -8.15 42.43
CA GLU C 235 111.04 -7.58 42.84
C GLU C 235 111.05 -6.07 42.62
N ILE C 236 110.91 -5.32 43.71
CA ILE C 236 110.89 -3.87 43.62
C ILE C 236 112.29 -3.28 43.48
N GLU C 237 112.43 -2.28 42.61
CA GLU C 237 113.67 -1.53 42.51
C GLU C 237 113.39 -0.10 42.95
N ILE C 238 114.13 0.37 43.95
CA ILE C 238 113.93 1.72 44.47
C ILE C 238 115.15 2.61 44.30
N VAL C 239 114.95 3.79 43.73
CA VAL C 239 116.02 4.76 43.57
C VAL C 239 115.52 6.14 43.97
N SER C 240 116.33 6.87 44.74
CA SER C 240 115.96 8.19 45.25
C SER C 240 116.47 9.30 44.34
N LYS C 241 116.01 10.53 44.58
CA LYS C 241 116.49 11.65 43.80
C LYS C 241 118.00 11.71 43.86
N ALA C 242 118.55 11.08 44.89
CA ALA C 242 120.00 11.06 45.09
C ALA C 242 120.70 10.20 44.05
N ASP C 243 120.53 8.89 44.15
CA ASP C 243 121.20 7.95 43.26
C ASP C 243 120.53 7.90 41.88
N TYR C 244 119.66 8.87 41.59
CA TYR C 244 118.96 8.88 40.32
C TYR C 244 119.80 9.51 39.20
N ALA C 245 120.54 10.55 39.54
CA ALA C 245 121.44 11.18 38.58
C ALA C 245 122.55 10.21 38.22
N LYS C 246 123.13 9.58 39.25
CA LYS C 246 124.07 8.51 39.03
C LYS C 246 123.30 7.27 38.59
N GLY C 247 122.03 7.46 38.24
CA GLY C 247 121.14 6.38 37.88
C GLY C 247 121.78 5.27 37.07
N ALA C 248 122.78 5.61 36.28
CA ALA C 248 123.46 4.61 35.47
C ALA C 248 124.54 3.88 36.26
N SER C 249 125.36 4.66 36.99
CA SER C 249 126.48 4.12 37.73
C SER C 249 126.04 3.51 39.06
N ALA C 250 125.17 4.23 39.77
CA ALA C 250 124.69 3.81 41.09
C ALA C 250 124.46 2.31 41.15
N LEU C 251 125.24 1.65 42.01
CA LEU C 251 125.18 0.20 42.13
C LEU C 251 124.24 -0.25 43.26
N LEU C 252 122.95 -0.27 42.96
CA LEU C 252 121.94 -0.69 43.94
C LEU C 252 122.28 -2.03 44.59
N PRO C 253 122.15 -2.12 45.92
CA PRO C 253 122.41 -3.34 46.67
C PRO C 253 121.14 -4.16 46.70
N ILE C 254 121.24 -5.45 46.95
CA ILE C 254 120.05 -6.29 46.96
C ILE C 254 119.74 -6.85 48.35
N TYR C 255 118.60 -6.45 48.90
CA TYR C 255 118.15 -6.94 50.20
C TYR C 255 117.15 -8.06 50.00
N PRO C 256 117.24 -9.11 50.82
CA PRO C 256 118.23 -9.34 51.87
C PRO C 256 119.35 -10.22 51.35
N GLY C 257 119.16 -10.79 50.16
CA GLY C 257 120.15 -11.67 49.59
C GLY C 257 121.55 -11.14 49.76
N GLY C 258 121.85 -10.04 49.08
CA GLY C 258 123.18 -9.47 49.10
C GLY C 258 123.59 -9.06 47.70
N GLY C 259 124.87 -8.72 47.51
CA GLY C 259 125.36 -8.31 46.22
C GLY C 259 124.66 -7.07 45.69
N THR C 260 125.16 -6.56 44.56
CA THR C 260 124.59 -5.35 44.00
C THR C 260 124.26 -5.54 42.52
N ARG C 261 123.75 -4.48 41.91
CA ARG C 261 123.33 -4.53 40.52
C ARG C 261 123.09 -3.12 40.02
N ALA C 262 123.73 -2.78 38.90
CA ALA C 262 123.60 -1.45 38.33
C ALA C 262 122.15 -1.00 38.30
N SER C 263 121.91 0.24 38.70
CA SER C 263 120.56 0.80 38.67
C SER C 263 120.03 0.85 37.24
N THR C 264 118.77 1.25 37.09
CA THR C 264 118.18 1.38 35.77
C THR C 264 117.27 2.59 35.69
N ALA C 265 117.04 3.22 36.83
CA ALA C 265 116.08 4.32 36.96
C ALA C 265 116.07 5.32 35.80
N LYS C 266 117.15 6.07 35.65
CA LYS C 266 117.24 7.10 34.61
C LYS C 266 117.14 6.48 33.22
N ALA C 267 117.29 5.16 33.14
CA ALA C 267 117.20 4.45 31.87
C ALA C 267 115.82 3.82 31.67
N VAL C 268 114.83 4.34 32.40
CA VAL C 268 113.46 3.88 32.28
C VAL C 268 112.51 5.06 32.46
N PHE C 269 112.98 6.06 33.21
CA PHE C 269 112.18 7.25 33.49
C PHE C 269 112.63 8.48 32.70
N GLY C 270 111.65 9.23 32.21
CA GLY C 270 111.93 10.55 31.70
C GLY C 270 111.81 11.48 32.88
N TYR C 271 110.58 11.71 33.31
CA TYR C 271 110.29 12.50 34.50
C TYR C 271 110.94 11.87 35.72
N GLY C 272 112.10 12.39 36.11
CA GLY C 272 112.82 11.86 37.25
C GLY C 272 112.26 12.32 38.59
N PRO C 273 112.78 11.76 39.69
CA PRO C 273 112.35 12.14 41.04
C PRO C 273 112.64 13.62 41.29
N GLN C 274 111.60 14.38 41.63
CA GLN C 274 111.73 15.83 41.79
C GLN C 274 112.27 16.24 43.14
N THR C 275 111.44 16.19 44.18
CA THR C 275 111.89 16.54 45.51
C THR C 275 112.82 15.45 46.05
N ASP C 276 113.52 15.74 47.13
CA ASP C 276 114.45 14.76 47.72
C ASP C 276 113.70 13.64 48.43
N SER C 277 112.41 13.87 48.66
CA SER C 277 111.55 12.87 49.28
C SER C 277 110.65 12.20 48.25
N GLN C 278 111.10 12.18 47.00
CA GLN C 278 110.43 11.43 45.93
C GLN C 278 111.34 10.29 45.50
N TYR C 279 110.75 9.15 45.16
CA TYR C 279 111.53 7.98 44.78
C TYR C 279 111.03 7.32 43.50
N ALA C 280 111.95 6.73 42.77
CA ALA C 280 111.62 5.98 41.58
C ALA C 280 111.38 4.53 41.97
N ILE C 281 110.22 4.00 41.63
CA ILE C 281 109.88 2.62 41.93
C ILE C 281 109.67 1.83 40.65
N ILE C 282 110.35 0.71 40.52
CA ILE C 282 110.21 -0.14 39.34
C ILE C 282 109.93 -1.58 39.73
N VAL C 283 108.69 -2.02 39.55
CA VAL C 283 108.28 -3.36 39.97
C VAL C 283 108.44 -4.39 38.87
N ARG C 284 109.04 -5.54 39.21
CA ARG C 284 109.32 -6.57 38.22
C ARG C 284 108.79 -7.94 38.63
N ARG C 285 108.16 -8.65 37.71
CA ARG C 285 107.84 -10.04 37.93
C ARG C 285 108.32 -10.83 36.73
N ASN C 286 109.31 -11.70 36.94
CA ASN C 286 109.88 -12.49 35.85
C ASN C 286 110.69 -11.65 34.88
N ASP C 287 111.47 -10.71 35.41
CA ASP C 287 112.30 -9.84 34.59
C ASP C 287 111.46 -8.80 33.85
N ALA C 288 110.14 -8.94 33.96
CA ALA C 288 109.23 -8.01 33.29
C ALA C 288 109.04 -6.76 34.14
N ILE C 289 109.16 -5.60 33.51
CA ILE C 289 108.95 -4.34 34.21
C ILE C 289 107.46 -4.09 34.29
N VAL C 290 106.81 -4.80 35.20
CA VAL C 290 105.36 -4.76 35.35
C VAL C 290 104.74 -3.40 35.66
N GLN C 291 105.46 -2.54 36.39
CA GLN C 291 104.99 -1.21 36.71
C GLN C 291 106.14 -0.25 36.98
N SER C 292 105.93 1.03 36.68
CA SER C 292 106.97 2.05 36.86
C SER C 292 106.35 3.37 37.29
N VAL C 293 106.66 3.81 38.50
CA VAL C 293 106.05 5.02 39.04
C VAL C 293 107.03 5.80 39.88
N VAL C 294 106.70 7.06 40.15
CA VAL C 294 107.49 7.88 41.06
C VAL C 294 106.59 8.41 42.17
N LEU C 295 106.97 8.14 43.42
CA LEU C 295 106.14 8.53 44.56
C LEU C 295 106.92 9.33 45.59
N SER C 296 106.20 9.97 46.50
CA SER C 296 106.81 10.81 47.51
C SER C 296 106.42 10.35 48.90
N THR C 297 107.32 10.55 49.86
CA THR C 297 107.07 10.21 51.25
C THR C 297 106.52 11.41 52.00
N LYS C 298 106.33 12.52 51.30
CA LYS C 298 105.82 13.74 51.92
C LYS C 298 104.40 14.06 51.45
N ARG C 299 103.47 14.10 52.40
CA ARG C 299 102.07 14.35 52.07
C ARG C 299 101.93 15.59 51.20
N GLY C 300 100.88 15.62 50.39
CA GLY C 300 100.61 16.78 49.55
C GLY C 300 101.31 16.72 48.21
N GLY C 301 102.62 16.50 48.23
CA GLY C 301 103.42 16.51 47.02
C GLY C 301 102.73 15.81 45.85
N LYS C 302 102.84 16.44 44.67
CA LYS C 302 102.17 15.94 43.49
C LYS C 302 103.14 15.89 42.31
N ASP C 303 102.77 15.17 41.27
CA ASP C 303 103.52 15.20 40.03
C ASP C 303 103.14 16.45 39.28
N ILE C 304 103.53 16.54 38.01
CA ILE C 304 103.20 17.70 37.19
C ILE C 304 101.75 17.70 36.75
N TYR C 305 100.90 17.00 37.49
CA TYR C 305 99.48 16.92 37.16
C TYR C 305 98.62 17.09 38.40
N ASP C 306 99.24 17.51 39.50
CA ASP C 306 98.55 17.63 40.77
C ASP C 306 97.88 16.32 41.19
N SER C 307 98.45 15.20 40.76
CA SER C 307 98.03 13.89 41.22
C SER C 307 98.76 13.56 42.50
N ASN C 308 98.02 13.47 43.60
CA ASN C 308 98.62 13.16 44.89
C ASN C 308 99.45 11.88 44.84
N ILE C 309 100.77 12.04 44.81
CA ILE C 309 101.68 10.91 44.71
C ILE C 309 102.33 10.59 46.06
N TYR C 310 101.65 10.95 47.15
CA TYR C 310 102.10 10.52 48.47
C TYR C 310 101.82 9.03 48.61
N ILE C 311 102.87 8.26 48.87
CA ILE C 311 102.77 6.80 48.92
C ILE C 311 101.47 6.27 49.50
N ASP C 312 101.29 6.45 50.81
CA ASP C 312 100.15 5.89 51.51
C ASP C 312 98.80 6.09 50.79
N ASP C 313 98.64 7.23 50.14
CA ASP C 313 97.39 7.53 49.45
C ASP C 313 97.34 6.85 48.09
N PHE C 314 98.40 7.02 47.30
CA PHE C 314 98.50 6.40 45.99
C PHE C 314 97.98 4.97 46.01
N PHE C 315 98.50 4.16 46.92
CA PHE C 315 98.10 2.77 47.03
C PHE C 315 96.73 2.64 47.68
N ALA C 316 96.41 3.60 48.55
CA ALA C 316 95.14 3.60 49.27
C ALA C 316 93.97 3.59 48.30
N LYS C 317 94.24 3.95 47.06
CA LYS C 317 93.21 4.06 46.04
C LYS C 317 93.59 3.30 44.78
N GLY C 318 93.46 1.97 44.83
CA GLY C 318 93.77 1.11 43.69
C GLY C 318 94.95 1.56 42.84
N GLY C 319 95.95 2.14 43.48
CA GLY C 319 97.07 2.70 42.76
C GLY C 319 97.88 1.68 41.99
N SER C 320 97.92 0.44 42.47
CA SER C 320 98.76 -0.57 41.87
C SER C 320 98.20 -1.98 42.02
N GLU C 321 98.24 -2.73 40.92
CA GLU C 321 97.69 -4.09 40.90
C GLU C 321 98.58 -5.09 41.61
N TYR C 322 99.84 -4.73 41.84
CA TYR C 322 100.83 -5.72 42.28
C TYR C 322 101.31 -5.57 43.72
N ILE C 323 101.66 -4.35 44.11
CA ILE C 323 102.27 -4.12 45.41
C ILE C 323 101.46 -3.15 46.26
N PHE C 324 101.96 -2.89 47.46
CA PHE C 324 101.31 -1.99 48.39
C PHE C 324 102.39 -1.52 49.33
N ALA C 325 102.46 -0.21 49.59
CA ALA C 325 103.54 0.33 50.41
C ALA C 325 103.06 1.39 51.41
N THR C 326 103.99 1.85 52.24
CA THR C 326 103.69 2.87 53.24
C THR C 326 104.92 3.73 53.51
N ALA C 327 104.73 5.04 53.54
CA ALA C 327 105.84 5.97 53.73
C ALA C 327 106.49 5.77 55.09
N GLN C 328 105.76 5.14 56.00
CA GLN C 328 106.22 4.96 57.37
C GLN C 328 107.51 4.16 57.45
N ASN C 329 108.49 4.72 58.16
CA ASN C 329 109.80 4.08 58.34
C ASN C 329 110.53 3.80 57.04
N TRP C 330 110.08 4.45 55.97
CA TRP C 330 110.79 4.40 54.70
C TRP C 330 112.14 5.07 54.90
N PRO C 331 113.23 4.30 54.76
CA PRO C 331 114.57 4.87 55.00
C PRO C 331 114.82 6.09 54.13
N GLU C 332 115.29 7.17 54.72
CA GLU C 332 115.58 8.38 53.94
C GLU C 332 116.67 8.09 52.92
N GLY C 333 116.45 8.58 51.69
CA GLY C 333 117.41 8.40 50.62
C GLY C 333 117.72 6.95 50.32
N PHE C 334 116.84 6.05 50.76
CA PHE C 334 117.03 4.63 50.49
C PHE C 334 117.05 4.40 49.00
N SER C 335 117.99 3.56 48.55
CA SER C 335 117.99 3.08 47.18
C SER C 335 118.48 1.65 47.20
N GLY C 336 117.81 0.77 46.47
CA GLY C 336 118.21 -0.63 46.44
C GLY C 336 117.22 -1.54 45.76
N ILE C 337 117.50 -2.83 45.82
CA ILE C 337 116.63 -3.84 45.23
C ILE C 337 115.98 -4.63 46.33
N LEU C 338 114.66 -4.57 46.41
CA LEU C 338 113.93 -5.34 47.40
C LEU C 338 113.51 -6.71 46.84
N THR C 339 113.75 -7.75 47.61
CA THR C 339 113.44 -9.10 47.19
C THR C 339 112.33 -9.67 48.04
N LEU C 340 111.13 -9.73 47.47
CA LEU C 340 109.98 -10.26 48.18
C LEU C 340 110.08 -11.77 48.24
N SER C 341 109.77 -12.32 49.41
CA SER C 341 109.80 -13.75 49.65
C SER C 341 109.00 -14.09 50.90
N GLY C 342 108.96 -15.38 51.26
CA GLY C 342 108.15 -15.82 52.37
C GLY C 342 106.66 -15.66 52.09
N GLY C 343 106.35 -15.14 50.91
CA GLY C 343 104.96 -15.01 50.49
C GLY C 343 104.28 -16.35 50.67
N LEU C 344 103.04 -16.34 51.13
CA LEU C 344 102.39 -17.58 51.47
C LEU C 344 100.87 -17.49 51.55
N SER C 345 100.20 -17.82 50.45
CA SER C 345 98.76 -18.02 50.53
C SER C 345 98.58 -19.44 50.99
N SER C 346 97.89 -19.63 52.09
CA SER C 346 97.62 -20.99 52.48
C SER C 346 96.15 -21.20 52.30
N ASN C 347 95.80 -22.02 51.31
CA ASN C 347 94.51 -22.69 51.26
C ASN C 347 94.71 -23.96 52.05
N ALA C 348 95.98 -24.36 52.11
CA ALA C 348 96.42 -25.50 52.89
C ALA C 348 95.38 -25.81 53.92
N GLU C 349 95.20 -24.88 54.86
CA GLU C 349 94.13 -25.03 55.82
C GLU C 349 93.24 -23.80 55.96
N VAL C 350 92.35 -23.67 54.97
CA VAL C 350 91.24 -22.76 55.08
C VAL C 350 90.07 -23.53 55.68
N THR C 351 89.74 -23.25 56.93
CA THR C 351 88.65 -23.91 57.62
C THR C 351 87.31 -23.61 56.95
N ALA C 352 86.38 -24.56 57.06
CA ALA C 352 85.05 -24.37 56.49
C ALA C 352 84.53 -22.99 56.82
N GLY C 353 84.60 -22.63 58.10
CA GLY C 353 84.14 -21.33 58.56
C GLY C 353 84.79 -20.19 57.80
N ASP C 354 86.09 -20.33 57.54
CA ASP C 354 86.83 -19.31 56.80
C ASP C 354 86.15 -19.05 55.48
N LEU C 355 85.40 -20.03 54.99
CA LEU C 355 84.61 -19.85 53.77
C LEU C 355 83.34 -19.08 54.07
N MET C 356 82.67 -19.45 55.16
CA MET C 356 81.42 -18.82 55.55
C MET C 356 81.62 -17.35 55.90
N GLU C 357 82.73 -17.03 56.54
CA GLU C 357 83.07 -15.63 56.80
C GLU C 357 83.07 -14.88 55.48
N ALA C 358 83.59 -15.52 54.44
CA ALA C 358 83.70 -14.91 53.13
C ALA C 358 82.32 -14.73 52.50
N TRP C 359 81.60 -15.84 52.31
CA TRP C 359 80.28 -15.78 51.72
C TRP C 359 79.43 -14.66 52.33
N ASP C 360 79.59 -14.45 53.63
CA ASP C 360 78.78 -13.48 54.36
C ASP C 360 78.81 -12.10 53.71
N PHE C 361 79.83 -11.83 52.91
CA PHE C 361 79.98 -10.52 52.29
C PHE C 361 78.81 -10.17 51.37
N PHE C 362 77.92 -11.13 51.14
CA PHE C 362 76.79 -10.92 50.22
C PHE C 362 75.44 -10.87 50.93
N ALA C 363 75.42 -11.06 52.24
CA ALA C 363 74.17 -11.30 52.96
C ALA C 363 73.34 -10.07 53.33
N ASP C 364 73.38 -9.03 52.50
CA ASP C 364 72.57 -7.83 52.71
C ASP C 364 72.32 -7.02 51.44
N ARG C 365 71.06 -7.02 51.00
CA ARG C 365 70.68 -6.32 49.79
C ARG C 365 71.05 -4.83 49.83
N GLU C 366 71.23 -4.31 51.04
CA GLU C 366 71.59 -2.89 51.23
C GLU C 366 72.86 -2.76 50.42
N SER C 367 73.72 -3.77 50.50
CA SER C 367 75.06 -3.62 49.99
C SER C 367 75.39 -4.14 48.59
N VAL C 368 75.09 -5.41 48.33
CA VAL C 368 75.43 -5.99 47.04
C VAL C 368 74.26 -6.61 46.27
N ASP C 369 74.03 -6.09 45.08
CA ASP C 369 72.99 -6.60 44.21
C ASP C 369 73.49 -7.82 43.43
N VAL C 370 73.28 -9.00 44.00
CA VAL C 370 73.73 -10.23 43.36
C VAL C 370 72.57 -11.20 43.16
N GLN C 371 72.31 -11.55 41.90
CA GLN C 371 71.11 -12.31 41.55
C GLN C 371 71.23 -13.82 41.81
N LEU C 372 72.37 -14.40 41.45
CA LEU C 372 72.53 -15.85 41.56
C LEU C 372 73.63 -16.19 42.53
N PHE C 373 73.62 -17.42 43.04
CA PHE C 373 74.59 -17.85 44.03
C PHE C 373 75.25 -19.16 43.65
N ILE C 374 76.49 -19.11 43.17
CA ILE C 374 77.21 -20.35 42.89
C ILE C 374 77.66 -20.96 44.19
N ALA C 375 77.14 -22.13 44.51
CA ALA C 375 77.39 -22.70 45.83
C ALA C 375 78.01 -24.08 45.75
N GLY C 376 77.61 -24.86 44.74
CA GLY C 376 78.12 -26.21 44.58
C GLY C 376 79.64 -26.26 44.52
N SER C 377 80.24 -25.08 44.39
CA SER C 377 81.68 -24.94 44.29
C SER C 377 82.43 -25.62 45.44
N CYS C 378 81.70 -26.01 46.47
CA CYS C 378 82.32 -26.67 47.61
C CYS C 378 82.16 -28.17 47.51
N ALA C 379 81.61 -28.63 46.39
CA ALA C 379 81.34 -30.04 46.19
C ALA C 379 82.51 -30.92 46.63
N GLY C 380 83.73 -30.50 46.27
CA GLY C 380 84.90 -31.31 46.53
C GLY C 380 85.40 -31.34 47.97
N GLU C 381 85.16 -30.26 48.71
CA GLU C 381 85.73 -30.11 50.05
C GLU C 381 85.33 -31.22 51.03
N SER C 382 85.96 -31.22 52.21
CA SER C 382 85.67 -32.21 53.24
C SER C 382 84.16 -32.43 53.27
N LEU C 383 83.74 -33.68 53.06
CA LEU C 383 82.30 -33.96 53.02
C LEU C 383 81.57 -33.03 53.98
N GLU C 384 81.98 -33.04 55.24
CA GLU C 384 81.40 -32.16 56.25
C GLU C 384 81.19 -30.79 55.65
N THR C 385 82.29 -30.06 55.44
CA THR C 385 82.23 -28.71 54.90
C THR C 385 81.46 -28.65 53.57
N ALA C 386 81.54 -29.71 52.78
CA ALA C 386 80.78 -29.78 51.53
C ALA C 386 79.33 -29.44 51.83
N SER C 387 78.82 -30.01 52.92
CA SER C 387 77.44 -29.79 53.32
C SER C 387 77.27 -28.52 54.12
N THR C 388 78.00 -28.39 55.21
CA THR C 388 77.76 -27.27 56.12
C THR C 388 78.01 -25.87 55.56
N VAL C 389 78.87 -25.74 54.55
CA VAL C 389 79.06 -24.45 53.92
C VAL C 389 77.82 -24.08 53.13
N GLN C 390 77.54 -24.85 52.08
CA GLN C 390 76.35 -24.68 51.27
C GLN C 390 75.12 -24.44 52.14
N LYS C 391 74.86 -25.39 53.04
CA LYS C 391 73.74 -25.29 53.96
C LYS C 391 73.63 -23.86 54.46
N HIS C 392 74.75 -23.30 54.87
CA HIS C 392 74.81 -21.92 55.35
C HIS C 392 74.56 -20.90 54.24
N VAL C 393 75.11 -21.15 53.06
CA VAL C 393 74.91 -20.23 51.94
C VAL C 393 73.44 -20.08 51.63
N VAL C 394 72.70 -21.18 51.72
CA VAL C 394 71.25 -21.17 51.56
C VAL C 394 70.63 -20.24 52.59
N SER C 395 71.20 -20.24 53.79
CA SER C 395 70.69 -19.44 54.88
C SER C 395 71.15 -17.99 54.78
N ILE C 396 71.51 -17.58 53.57
CA ILE C 396 71.86 -16.19 53.28
C ILE C 396 70.88 -15.67 52.25
N GLY C 397 70.58 -16.52 51.27
CA GLY C 397 69.56 -16.22 50.29
C GLY C 397 68.21 -16.28 50.95
N ASP C 398 68.04 -17.21 51.88
CA ASP C 398 66.82 -17.30 52.65
C ASP C 398 66.51 -15.98 53.34
N VAL C 399 67.41 -15.53 54.17
CA VAL C 399 67.18 -14.36 55.00
C VAL C 399 67.13 -13.09 54.16
N ARG C 400 67.52 -13.13 52.91
CA ARG C 400 67.54 -11.93 52.09
C ARG C 400 66.52 -11.97 50.96
N GLN C 401 66.25 -13.17 50.46
CA GLN C 401 65.21 -13.42 49.46
C GLN C 401 65.28 -12.52 48.22
N ASP C 402 66.50 -12.20 47.80
CA ASP C 402 66.74 -11.57 46.51
C ASP C 402 67.88 -12.33 45.84
N CYS C 403 67.59 -13.52 45.34
CA CYS C 403 68.63 -14.39 44.81
C CYS C 403 68.14 -15.80 44.48
N LEU C 404 69.08 -16.73 44.39
CA LEU C 404 68.76 -18.10 44.03
C LEU C 404 70.09 -18.57 44.64
N VAL C 405 70.05 -19.65 45.41
CA VAL C 405 71.26 -20.16 46.02
C VAL C 405 70.98 -21.44 45.23
N LEU C 406 71.94 -21.84 44.41
CA LEU C 406 71.80 -23.05 43.57
C LEU C 406 72.96 -23.83 44.19
N CYS C 407 72.79 -25.15 44.30
CA CYS C 407 73.70 -26.00 45.07
C CYS C 407 73.79 -27.40 44.51
N SER C 408 74.98 -27.99 44.59
CA SER C 408 75.26 -29.31 44.02
C SER C 408 75.82 -30.36 45.00
N PRO C 409 75.60 -31.66 44.71
CA PRO C 409 75.89 -32.77 45.63
C PRO C 409 77.38 -32.94 45.85
N PRO C 410 77.77 -33.66 46.90
CA PRO C 410 79.18 -33.91 47.21
C PRO C 410 79.76 -34.98 46.30
N ARG C 411 80.96 -34.74 45.77
CA ARG C 411 81.58 -35.72 44.90
C ARG C 411 81.46 -37.12 45.49
N GLU C 412 81.83 -37.27 46.76
CA GLU C 412 81.76 -38.57 47.42
C GLU C 412 80.57 -39.37 46.92
N THR C 413 79.42 -38.73 46.94
CA THR C 413 78.13 -39.41 46.84
C THR C 413 77.71 -39.83 45.44
N VAL C 414 78.36 -39.28 44.42
CA VAL C 414 77.82 -39.40 43.08
C VAL C 414 78.76 -39.84 41.96
N VAL C 415 80.04 -39.52 42.08
CA VAL C 415 80.99 -39.76 41.00
C VAL C 415 81.59 -41.17 40.97
N GLY C 416 82.04 -41.67 42.11
CA GLY C 416 82.65 -42.99 42.16
C GLY C 416 81.72 -44.17 41.87
N ILE C 417 80.69 -44.31 42.70
CA ILE C 417 79.79 -45.46 42.64
C ILE C 417 78.90 -45.47 41.40
N PRO C 418 78.24 -46.62 41.14
CA PRO C 418 77.20 -46.77 40.11
C PRO C 418 75.89 -46.15 40.59
N VAL C 419 74.96 -45.91 39.66
CA VAL C 419 73.72 -45.21 39.98
C VAL C 419 72.87 -45.90 41.05
N THR C 420 72.87 -47.23 41.07
CA THR C 420 72.14 -47.98 42.08
C THR C 420 72.40 -47.39 43.47
N ARG C 421 73.62 -47.53 43.96
CA ARG C 421 74.02 -46.90 45.22
C ARG C 421 73.81 -45.40 45.13
N ALA C 422 74.20 -44.83 43.99
CA ALA C 422 74.22 -43.38 43.83
C ALA C 422 72.99 -42.69 44.40
N VAL C 423 71.81 -43.03 43.90
CA VAL C 423 70.59 -42.35 44.32
C VAL C 423 70.32 -42.56 45.80
N ASP C 424 70.43 -43.80 46.26
CA ASP C 424 70.27 -44.09 47.68
C ASP C 424 70.98 -43.00 48.48
N ASN C 425 72.25 -42.79 48.14
CA ASN C 425 73.06 -41.80 48.82
C ASN C 425 72.42 -40.42 48.78
N LEU C 426 72.14 -39.94 47.58
CA LEU C 426 71.56 -38.61 47.40
C LEU C 426 70.34 -38.37 48.28
N VAL C 427 69.43 -39.34 48.33
CA VAL C 427 68.17 -39.17 49.05
C VAL C 427 68.41 -39.21 50.57
N ASN C 428 69.27 -40.10 51.01
CA ASN C 428 69.69 -40.11 52.40
C ASN C 428 70.20 -38.75 52.82
N TRP C 429 71.06 -38.17 51.98
CA TRP C 429 71.68 -36.89 52.27
C TRP C 429 70.66 -35.76 52.35
N ARG C 430 69.64 -35.84 51.51
CA ARG C 430 68.60 -34.81 51.46
C ARG C 430 67.64 -34.88 52.65
N THR C 431 67.82 -35.91 53.47
CA THR C 431 67.04 -36.07 54.71
C THR C 431 67.90 -36.27 55.97
N ALA C 432 68.54 -37.42 56.07
CA ALA C 432 69.34 -37.75 57.24
C ALA C 432 69.63 -39.24 57.15
N ALA C 433 68.63 -40.04 57.47
CA ALA C 433 68.63 -41.47 57.19
C ALA C 433 69.92 -42.20 57.51
N GLY C 434 70.52 -42.76 56.46
CA GLY C 434 71.60 -43.74 56.61
C GLY C 434 72.93 -43.20 57.09
N SER C 435 73.82 -42.93 56.15
CA SER C 435 75.20 -42.55 56.48
C SER C 435 75.33 -41.06 56.74
N TYR C 436 74.67 -40.26 55.90
CA TYR C 436 74.70 -38.82 56.05
C TYR C 436 73.53 -38.35 56.90
N THR C 437 73.49 -38.79 58.15
CA THR C 437 72.51 -38.24 59.06
C THR C 437 73.05 -36.92 59.57
N ASP C 438 74.36 -36.89 59.79
CA ASP C 438 75.04 -35.79 60.43
C ASP C 438 75.29 -34.67 59.43
N ASN C 439 76.08 -34.98 58.42
CA ASN C 439 76.33 -34.05 57.33
C ASN C 439 75.19 -34.14 56.32
N ASN C 440 73.99 -33.85 56.77
CA ASN C 440 72.85 -33.82 55.89
C ASN C 440 72.74 -32.47 55.23
N PHE C 441 71.88 -32.38 54.23
CA PHE C 441 71.56 -31.13 53.58
C PHE C 441 70.06 -30.92 53.77
N ASN C 442 69.54 -31.44 54.87
CA ASN C 442 68.10 -31.48 55.11
C ASN C 442 67.48 -30.11 55.39
N ILE C 443 67.43 -29.27 54.37
CA ILE C 443 66.81 -27.96 54.45
C ILE C 443 65.79 -27.88 53.33
N SER C 444 64.99 -26.82 53.31
CA SER C 444 63.93 -26.72 52.30
C SER C 444 63.56 -25.28 51.92
N SER C 445 64.40 -24.66 51.09
CA SER C 445 64.11 -23.30 50.66
C SER C 445 63.58 -23.25 49.24
N THR C 446 62.69 -22.30 49.01
CA THR C 446 62.13 -22.04 47.70
C THR C 446 63.21 -21.35 46.91
N TYR C 447 64.25 -20.93 47.64
CA TYR C 447 65.41 -20.29 47.04
C TYR C 447 66.53 -21.30 46.87
N ALA C 448 66.34 -22.48 47.46
CA ALA C 448 67.32 -23.54 47.36
C ALA C 448 67.08 -24.33 46.11
N ALA C 449 68.08 -24.38 45.24
CA ALA C 449 68.01 -25.18 44.02
C ALA C 449 69.25 -26.04 44.27
N ILE C 450 69.05 -27.34 44.41
CA ILE C 450 70.16 -28.30 44.47
C ILE C 450 70.42 -28.91 43.10
N ASP C 451 71.44 -29.76 43.02
CA ASP C 451 72.30 -29.81 41.84
C ASP C 451 73.03 -31.15 41.76
N GLY C 452 72.79 -31.88 40.67
CA GLY C 452 72.09 -33.14 40.75
C GLY C 452 72.95 -34.31 40.30
N ASN C 453 73.98 -34.02 39.51
CA ASN C 453 75.23 -34.77 39.56
C ASN C 453 76.44 -33.86 39.58
N TYR C 454 77.53 -34.31 38.96
CA TYR C 454 78.79 -33.58 38.99
C TYR C 454 79.56 -33.77 37.68
N LYS C 455 80.02 -32.66 37.11
CA LYS C 455 80.41 -32.63 35.71
C LYS C 455 81.87 -33.03 35.53
N TYR C 456 82.19 -33.57 34.37
CA TYR C 456 83.55 -34.00 34.06
C TYR C 456 84.14 -33.14 32.94
N GLN C 457 84.87 -32.10 33.31
CA GLN C 457 85.40 -31.12 32.35
C GLN C 457 86.85 -31.42 31.98
N TYR C 458 87.39 -30.63 31.06
CA TYR C 458 88.83 -30.70 30.78
C TYR C 458 89.45 -29.41 31.25
N ASP C 459 90.63 -29.51 31.86
CA ASP C 459 91.27 -28.36 32.48
C ASP C 459 92.41 -27.83 31.64
N LYS C 460 92.11 -26.90 30.75
CA LYS C 460 93.10 -26.39 29.80
C LYS C 460 94.38 -25.93 30.47
N TYR C 461 94.33 -25.71 31.78
CA TYR C 461 95.49 -25.19 32.50
C TYR C 461 96.44 -26.29 32.95
N ASN C 462 96.00 -27.16 33.85
CA ASN C 462 96.83 -28.28 34.26
C ASN C 462 96.89 -29.30 33.14
N ASP C 463 96.00 -29.15 32.17
CA ASP C 463 95.89 -30.07 31.04
C ASP C 463 95.43 -31.45 31.50
N VAL C 464 94.36 -31.49 32.29
CA VAL C 464 93.86 -32.75 32.79
C VAL C 464 92.34 -32.75 32.83
N ASN C 465 91.76 -33.94 32.71
CA ASN C 465 90.32 -34.11 32.86
C ASN C 465 89.96 -34.19 34.33
N ARG C 466 88.88 -33.51 34.71
CA ARG C 466 88.64 -33.24 36.11
C ARG C 466 87.13 -33.17 36.41
N TRP C 467 86.72 -33.65 37.57
CA TRP C 467 85.32 -33.52 37.99
C TRP C 467 85.09 -32.17 38.68
N VAL C 468 84.07 -31.44 38.25
CA VAL C 468 83.73 -30.17 38.87
C VAL C 468 82.26 -30.06 39.22
N PRO C 469 81.93 -29.33 40.28
CA PRO C 469 80.53 -29.12 40.66
C PRO C 469 79.76 -28.51 39.52
N LEU C 470 78.59 -29.09 39.21
CA LEU C 470 77.83 -28.66 38.05
C LEU C 470 77.07 -27.36 38.32
N ALA C 471 76.72 -27.13 39.58
CA ALA C 471 75.99 -25.92 39.96
C ALA C 471 76.60 -24.66 39.37
N ALA C 472 77.90 -24.49 39.58
CA ALA C 472 78.62 -23.34 39.03
C ALA C 472 78.18 -23.04 37.61
N ASP C 473 77.92 -24.09 36.85
CA ASP C 473 77.57 -23.97 35.46
C ASP C 473 76.13 -23.52 35.24
N ILE C 474 75.18 -24.30 35.74
CA ILE C 474 73.75 -24.00 35.57
C ILE C 474 73.42 -22.55 35.95
N ALA C 475 74.18 -22.00 36.90
CA ALA C 475 73.97 -20.63 37.36
C ALA C 475 74.17 -19.63 36.22
N GLY C 476 75.20 -19.84 35.42
CA GLY C 476 75.41 -19.02 34.25
C GLY C 476 74.34 -19.31 33.24
N LEU C 477 73.91 -20.57 33.22
CA LEU C 477 72.86 -21.02 32.33
C LEU C 477 71.54 -20.34 32.68
N CYS C 478 71.51 -19.66 33.83
CA CYS C 478 70.35 -18.88 34.23
C CYS C 478 70.47 -17.43 33.82
N ALA C 479 71.64 -16.84 34.06
CA ALA C 479 71.91 -15.47 33.66
C ALA C 479 71.50 -15.32 32.22
N ARG C 480 71.60 -16.46 31.54
CA ARG C 480 71.13 -16.59 30.17
C ARG C 480 69.62 -16.66 30.18
N THR C 481 69.11 -17.86 29.91
CA THR C 481 67.69 -18.11 29.71
C THR C 481 66.78 -17.32 30.64
N ASP C 482 65.82 -16.63 30.04
CA ASP C 482 64.91 -15.73 30.75
C ASP C 482 65.67 -14.90 31.78
N ASN C 483 64.98 -14.46 32.82
CA ASN C 483 65.66 -13.74 33.87
C ASN C 483 65.84 -14.50 35.19
N VAL C 484 66.71 -13.96 36.01
CA VAL C 484 67.38 -14.73 37.05
C VAL C 484 66.94 -14.33 38.45
N ARG C 496 68.48 -27.51 31.20
CA ARG C 496 67.69 -26.35 30.77
C ARG C 496 68.16 -25.83 29.41
N GLY C 497 68.77 -26.71 28.64
CA GLY C 497 69.47 -26.34 27.42
C GLY C 497 70.91 -26.76 27.61
N GLN C 498 71.39 -27.65 26.75
CA GLN C 498 72.64 -28.35 27.03
C GLN C 498 73.76 -27.44 27.52
N ILE C 499 74.64 -28.01 28.33
CA ILE C 499 75.77 -27.29 28.87
C ILE C 499 76.95 -27.41 27.94
N LEU C 500 77.85 -26.44 28.04
CA LEU C 500 78.87 -26.24 27.03
C LEU C 500 79.97 -27.30 26.97
N ASN C 501 80.80 -27.35 28.01
CA ASN C 501 82.08 -28.01 27.90
C ASN C 501 82.14 -29.34 28.62
N VAL C 502 80.98 -29.86 29.01
CA VAL C 502 80.93 -31.19 29.60
C VAL C 502 81.54 -32.19 28.63
N ILE C 503 81.97 -33.33 29.15
CA ILE C 503 82.50 -34.38 28.30
C ILE C 503 82.09 -35.71 28.90
N LYS C 504 81.21 -35.65 29.88
CA LYS C 504 80.85 -36.80 30.67
C LYS C 504 80.13 -36.28 31.89
N LEU C 505 79.03 -36.94 32.27
CA LEU C 505 78.39 -36.63 33.53
C LEU C 505 78.33 -37.84 34.47
N ALA C 506 78.33 -37.60 35.78
CA ALA C 506 78.39 -38.69 36.72
C ALA C 506 77.27 -39.69 36.46
N ILE C 507 76.10 -39.19 36.09
CA ILE C 507 74.98 -40.05 35.72
C ILE C 507 74.27 -39.52 34.48
N GLU C 508 73.77 -40.43 33.65
CA GLU C 508 73.11 -40.06 32.40
C GLU C 508 72.18 -41.17 31.92
N THR C 509 70.94 -40.79 31.60
CA THR C 509 70.36 -39.54 32.11
C THR C 509 69.04 -39.80 32.83
N PRO C 510 68.23 -40.69 32.27
CA PRO C 510 68.32 -41.03 30.84
C PRO C 510 67.20 -40.40 30.04
N ASN D 21 31.89 -70.06 10.08
CA ASN D 21 32.14 -70.55 8.73
C ASN D 21 31.01 -70.80 7.73
N ASN D 22 30.11 -69.84 7.67
CA ASN D 22 28.66 -69.81 7.53
C ASN D 22 27.93 -70.15 8.83
N SER D 23 28.47 -69.85 9.89
CA SER D 23 28.07 -70.28 11.24
C SER D 23 28.60 -71.67 11.55
N THR D 24 29.72 -72.02 11.16
CA THR D 24 30.49 -73.15 11.68
C THR D 24 29.74 -74.47 11.67
N GLY D 25 29.31 -74.90 10.48
CA GLY D 25 28.53 -76.13 10.35
C GLY D 25 29.38 -77.31 10.79
N THR D 26 29.46 -77.53 12.10
CA THR D 26 30.26 -78.61 12.64
C THR D 26 29.23 -79.70 12.83
N ALA D 27 29.39 -80.81 12.11
CA ALA D 27 28.50 -81.95 12.29
C ALA D 27 29.04 -82.82 13.40
N ALA D 28 28.29 -83.87 13.74
CA ALA D 28 28.71 -84.82 14.74
C ALA D 28 28.07 -86.15 14.42
N LEU D 29 28.89 -87.19 14.39
CA LEU D 29 28.41 -88.51 14.00
C LEU D 29 29.09 -89.58 14.83
N ALA D 30 28.32 -90.57 15.24
CA ALA D 30 28.88 -91.68 15.97
C ALA D 30 28.23 -92.96 15.47
N GLY D 31 29.04 -93.98 15.24
CA GLY D 31 28.55 -95.24 14.75
C GLY D 31 29.65 -96.25 14.48
N LYS D 32 29.25 -97.39 13.95
CA LYS D 32 30.17 -98.51 13.74
C LYS D 32 30.95 -98.36 12.45
N PHE D 33 32.26 -98.61 12.52
CA PHE D 33 33.12 -98.49 11.34
C PHE D 33 34.08 -99.66 11.18
N GLN D 34 34.64 -99.78 9.98
CA GLN D 34 35.54 -100.87 9.64
C GLN D 34 36.90 -100.67 10.26
N TRP D 35 37.15 -99.44 10.73
CA TRP D 35 38.48 -99.05 11.16
C TRP D 35 38.44 -97.95 12.23
N GLY D 36 39.21 -98.13 13.30
CA GLY D 36 39.27 -97.17 14.38
C GLY D 36 39.93 -95.89 13.90
N PRO D 37 40.12 -94.90 14.79
CA PRO D 37 40.12 -94.90 16.25
C PRO D 37 38.80 -95.27 16.87
N ALA D 38 38.88 -96.03 17.96
CA ALA D 38 37.72 -96.38 18.76
C ALA D 38 37.57 -95.37 19.89
N PHE D 39 36.34 -94.90 20.07
CA PHE D 39 36.05 -93.95 21.13
C PHE D 39 37.03 -92.80 21.15
N GLN D 40 37.16 -92.13 20.01
CA GLN D 40 37.96 -90.93 19.91
C GLN D 40 37.27 -89.93 19.00
N ILE D 41 37.29 -88.66 19.38
CA ILE D 41 36.67 -87.62 18.56
C ILE D 41 37.61 -87.20 17.43
N LYS D 42 38.02 -88.16 16.62
CA LYS D 42 38.82 -87.84 15.45
C LYS D 42 37.98 -87.01 14.48
N GLN D 43 38.57 -85.95 13.94
CA GLN D 43 37.86 -85.10 12.99
C GLN D 43 38.12 -85.54 11.56
N VAL D 44 37.15 -85.32 10.69
CA VAL D 44 37.23 -85.74 9.30
C VAL D 44 36.78 -84.63 8.37
N THR D 45 37.47 -84.44 7.25
CA THR D 45 37.14 -83.35 6.33
C THR D 45 36.87 -83.79 4.90
N ASN D 46 37.61 -84.78 4.42
CA ASN D 46 37.41 -85.30 3.07
C ASN D 46 36.68 -86.63 3.08
N GLU D 47 36.30 -87.10 1.90
CA GLU D 47 35.79 -88.45 1.76
C GLU D 47 36.97 -89.39 1.74
N VAL D 48 37.90 -89.13 0.82
CA VAL D 48 39.12 -89.92 0.68
C VAL D 48 39.94 -89.87 1.97
N ASP D 49 39.52 -89.01 2.89
CA ASP D 49 40.20 -88.87 4.17
C ASP D 49 39.49 -89.63 5.28
N LEU D 50 38.21 -89.94 5.09
CA LEU D 50 37.53 -90.78 6.04
C LEU D 50 37.72 -92.24 5.68
N VAL D 51 37.77 -92.53 4.38
CA VAL D 51 38.10 -93.89 3.94
C VAL D 51 39.47 -94.25 4.47
N ASN D 52 40.43 -93.38 4.25
CA ASN D 52 41.75 -93.54 4.83
C ASN D 52 41.66 -93.99 6.29
N THR D 53 40.66 -93.47 7.01
CA THR D 53 40.64 -93.57 8.46
C THR D 53 39.57 -94.54 9.00
N PHE D 54 38.43 -94.62 8.35
CA PHE D 54 37.38 -95.53 8.80
C PHE D 54 36.76 -96.17 7.57
N GLY D 55 37.63 -96.42 6.59
CA GLY D 55 37.22 -96.59 5.21
C GLY D 55 36.36 -97.02 4.05
N GLN D 56 35.96 -98.28 4.11
CA GLN D 56 35.01 -98.87 3.18
C GLN D 56 33.79 -99.22 4.02
N PRO D 57 32.62 -99.31 3.38
CA PRO D 57 31.37 -99.62 4.09
C PRO D 57 31.09 -101.12 4.06
N THR D 58 31.18 -101.80 5.21
CA THR D 58 30.80 -103.20 5.26
C THR D 58 29.30 -103.23 5.42
N ALA D 59 28.70 -104.40 5.20
CA ALA D 59 27.24 -104.54 5.31
C ALA D 59 26.75 -104.34 6.74
N GLU D 60 27.70 -104.13 7.64
CA GLU D 60 27.41 -103.89 9.04
C GLU D 60 27.81 -102.46 9.37
N THR D 61 28.46 -101.82 8.41
CA THR D 61 28.97 -100.46 8.58
C THR D 61 28.23 -99.47 7.70
N ALA D 62 27.84 -99.95 6.51
CA ALA D 62 27.24 -99.12 5.47
C ALA D 62 26.62 -97.80 5.93
N ASP D 63 25.52 -97.88 6.65
CA ASP D 63 24.74 -96.68 6.94
C ASP D 63 25.50 -95.60 7.69
N TYR D 64 26.69 -95.91 8.19
CA TYR D 64 27.49 -94.91 8.90
C TYR D 64 28.55 -94.33 8.00
N PHE D 65 29.12 -95.16 7.14
CA PHE D 65 30.04 -94.64 6.15
C PHE D 65 29.26 -93.65 5.30
N MET D 66 28.22 -94.12 4.64
CA MET D 66 27.34 -93.25 3.86
C MET D 66 26.99 -92.00 4.66
N SER D 67 26.44 -92.21 5.85
CA SER D 67 26.02 -91.11 6.71
C SER D 67 27.02 -89.98 6.62
N ALA D 68 28.29 -90.30 6.87
CA ALA D 68 29.36 -89.33 6.71
C ALA D 68 29.53 -88.96 5.24
N MET D 69 29.99 -89.90 4.43
CA MET D 69 30.29 -89.59 3.03
C MET D 69 29.31 -88.61 2.41
N ASN D 70 28.05 -89.00 2.27
CA ASN D 70 27.09 -88.16 1.57
C ASN D 70 26.66 -86.94 2.40
N PHE D 71 27.42 -86.66 3.45
CA PHE D 71 27.29 -85.40 4.17
C PHE D 71 28.43 -84.48 3.78
N LEU D 72 29.63 -85.03 3.73
CA LEU D 72 30.79 -84.25 3.34
C LEU D 72 30.57 -83.59 1.97
N GLN D 73 29.45 -83.91 1.35
CA GLN D 73 29.03 -83.27 0.11
C GLN D 73 28.61 -81.82 0.33
N TYR D 74 28.03 -81.56 1.50
CA TYR D 74 27.71 -80.20 1.95
C TYR D 74 28.58 -79.86 3.16
N GLY D 75 29.57 -80.69 3.42
CA GLY D 75 30.25 -80.66 4.70
C GLY D 75 31.64 -80.06 4.71
N ASN D 76 31.90 -79.29 5.77
CA ASN D 76 33.23 -78.76 6.02
C ASN D 76 33.93 -79.71 6.97
N ASP D 77 33.47 -79.75 8.22
CA ASP D 77 34.07 -80.60 9.23
C ASP D 77 33.06 -81.56 9.86
N LEU D 78 33.51 -82.78 10.13
CA LEU D 78 32.70 -83.81 10.75
C LEU D 78 33.51 -84.40 11.88
N ARG D 79 32.91 -84.49 13.06
CA ARG D 79 33.59 -85.13 14.17
C ARG D 79 32.92 -86.48 14.38
N VAL D 80 33.71 -87.56 14.37
CA VAL D 80 33.16 -88.91 14.53
C VAL D 80 33.72 -89.64 15.74
N VAL D 81 33.03 -90.69 16.13
CA VAL D 81 33.49 -91.55 17.22
C VAL D 81 33.10 -92.99 16.90
N ARG D 82 34.09 -93.85 16.70
CA ARG D 82 33.80 -95.22 16.32
C ARG D 82 33.32 -96.04 17.52
N ALA D 83 32.18 -96.71 17.35
CA ALA D 83 31.69 -97.61 18.37
C ALA D 83 32.27 -99.01 18.19
N VAL D 84 33.03 -99.45 19.18
CA VAL D 84 33.60 -100.78 19.19
C VAL D 84 32.96 -101.55 20.35
N ASP D 85 32.96 -102.87 20.30
CA ASP D 85 32.47 -103.61 21.45
C ASP D 85 33.81 -103.56 22.15
N ARG D 86 33.79 -103.22 23.43
CA ARG D 86 35.01 -103.04 24.22
C ARG D 86 35.38 -104.44 24.69
N ASP D 87 34.39 -105.33 24.74
CA ASP D 87 34.57 -106.66 25.30
C ASP D 87 35.15 -107.65 24.30
N THR D 88 35.02 -107.36 23.00
CA THR D 88 35.46 -108.33 22.01
C THR D 88 36.13 -107.72 20.78
N ALA D 89 36.46 -106.45 20.84
CA ALA D 89 37.18 -105.86 19.73
C ALA D 89 38.63 -106.22 19.97
N LYS D 90 39.40 -106.29 18.88
CA LYS D 90 40.82 -106.66 18.95
C LYS D 90 41.67 -105.90 17.93
N ASN D 91 42.82 -105.41 18.38
CA ASN D 91 43.84 -104.85 17.50
C ASN D 91 44.76 -105.96 17.09
N SER D 92 44.99 -106.13 15.80
CA SER D 92 45.92 -107.16 15.35
C SER D 92 47.21 -107.05 16.15
N SER D 93 47.86 -108.18 16.42
CA SER D 93 49.09 -108.19 17.24
C SER D 93 50.02 -109.35 16.88
N PRO D 94 51.24 -109.33 17.44
CA PRO D 94 52.23 -110.36 17.11
C PRO D 94 52.04 -111.58 17.99
N ILE D 95 51.24 -111.45 19.05
CA ILE D 95 50.95 -112.59 19.90
C ILE D 95 50.08 -113.61 19.18
N ALA D 96 49.18 -113.11 18.35
CA ALA D 96 48.03 -113.87 17.90
C ALA D 96 48.31 -114.90 16.80
N GLY D 97 49.53 -115.41 16.74
CA GLY D 97 49.80 -116.54 15.86
C GLY D 97 50.42 -117.71 16.61
N ASN D 98 51.14 -117.37 17.67
CA ASN D 98 51.86 -118.33 18.46
C ASN D 98 50.99 -119.49 18.89
N ILE D 99 51.54 -120.35 19.74
CA ILE D 99 50.88 -121.57 20.18
C ILE D 99 51.04 -121.76 21.68
N GLU D 100 49.94 -121.91 22.40
CA GLU D 100 49.98 -122.21 23.81
C GLU D 100 51.11 -123.19 24.09
N TYR D 101 51.82 -122.99 25.19
CA TYR D 101 52.80 -123.98 25.63
C TYR D 101 53.27 -123.67 27.03
N THR D 102 53.50 -124.71 27.81
CA THR D 102 53.88 -124.54 29.21
C THR D 102 54.99 -125.52 29.56
N ILE D 103 56.14 -124.99 29.95
CA ILE D 103 57.27 -125.84 30.33
C ILE D 103 56.98 -126.57 31.63
N SER D 104 56.23 -127.67 31.51
CA SER D 104 55.79 -128.44 32.67
C SER D 104 56.94 -128.86 33.58
N THR D 105 58.05 -129.22 32.98
CA THR D 105 59.23 -129.59 33.75
C THR D 105 60.50 -129.09 33.09
N PRO D 106 61.10 -128.03 33.66
CA PRO D 106 62.36 -127.51 33.10
C PRO D 106 63.37 -128.63 33.16
N GLY D 107 64.05 -128.87 32.05
CA GLY D 107 65.06 -129.92 32.07
C GLY D 107 66.26 -129.45 32.87
N SER D 108 67.41 -130.04 32.58
CA SER D 108 68.66 -129.54 33.08
C SER D 108 69.66 -129.75 31.96
N ASN D 109 70.79 -129.06 32.01
CA ASN D 109 71.85 -129.28 31.02
C ASN D 109 71.41 -129.14 29.56
N TYR D 110 70.30 -128.45 29.31
CA TYR D 110 69.93 -128.08 27.95
C TYR D 110 70.71 -126.83 27.57
N ALA D 111 70.60 -126.40 26.32
CA ALA D 111 71.28 -125.18 25.87
C ALA D 111 70.31 -124.40 24.99
N VAL D 112 70.81 -123.35 24.34
CA VAL D 112 69.97 -122.49 23.50
C VAL D 112 69.40 -122.56 22.08
N GLY D 113 69.99 -123.38 21.21
CA GLY D 113 69.50 -123.51 19.84
C GLY D 113 69.30 -125.01 19.74
N ASP D 114 68.88 -125.67 20.82
CA ASP D 114 68.57 -127.09 20.74
C ASP D 114 67.20 -127.08 20.09
N LYS D 115 67.03 -127.87 19.05
CA LYS D 115 65.82 -127.81 18.23
C LYS D 115 64.67 -128.62 18.82
N ILE D 116 63.46 -128.15 18.54
CA ILE D 116 62.25 -128.77 19.06
C ILE D 116 61.41 -129.26 17.90
N THR D 117 60.66 -130.33 18.13
CA THR D 117 59.89 -130.95 17.06
C THR D 117 58.46 -131.23 17.50
N VAL D 118 57.51 -130.72 16.72
CA VAL D 118 56.10 -130.91 17.02
C VAL D 118 55.55 -131.99 16.11
N LYS D 119 55.03 -133.05 16.71
CA LYS D 119 54.53 -134.18 15.94
C LYS D 119 53.01 -134.26 16.01
N TYR D 120 52.40 -134.74 14.93
CA TYR D 120 50.99 -135.05 14.94
C TYR D 120 50.81 -136.56 14.90
N VAL D 121 50.53 -137.13 16.06
CA VAL D 121 50.43 -138.59 16.18
C VAL D 121 51.70 -139.25 15.65
N SER D 122 52.78 -139.14 16.42
CA SER D 122 54.06 -139.74 16.06
C SER D 122 54.44 -139.48 14.61
N ASP D 123 54.11 -138.29 14.12
CA ASP D 123 54.42 -137.91 12.75
C ASP D 123 54.89 -136.46 12.72
N ASP D 124 56.06 -136.23 12.13
CA ASP D 124 56.68 -134.91 12.15
C ASP D 124 55.95 -133.85 11.30
N ILE D 125 55.63 -132.72 11.93
CA ILE D 125 55.00 -131.60 11.23
C ILE D 125 55.95 -130.41 11.17
N GLU D 126 56.41 -130.00 12.35
CA GLU D 126 57.32 -128.87 12.47
C GLU D 126 58.60 -129.31 13.18
N THR D 127 59.73 -128.84 12.67
CA THR D 127 61.02 -129.29 13.20
C THR D 127 62.00 -128.13 13.32
N GLU D 128 61.47 -126.91 13.40
CA GLU D 128 62.32 -125.74 13.45
C GLU D 128 62.17 -124.98 14.76
N GLY D 129 61.41 -125.54 15.68
CA GLY D 129 61.30 -125.00 17.01
C GLY D 129 62.68 -125.06 17.65
N LYS D 130 62.87 -124.34 18.73
CA LYS D 130 64.16 -124.33 19.39
C LYS D 130 64.14 -123.62 20.73
N ILE D 131 64.67 -124.28 21.75
CA ILE D 131 64.88 -123.65 23.05
C ILE D 131 65.58 -122.32 22.82
N THR D 132 65.22 -121.31 23.58
CA THR D 132 65.77 -119.98 23.34
C THR D 132 66.25 -119.27 24.60
N GLU D 133 65.98 -119.85 25.76
CA GLU D 133 66.49 -119.28 27.00
C GLU D 133 66.60 -120.31 28.09
N VAL D 134 67.82 -120.54 28.54
CA VAL D 134 68.07 -121.42 29.67
C VAL D 134 68.76 -120.60 30.75
N ASP D 135 68.89 -121.18 31.94
CA ASP D 135 69.64 -120.52 33.00
C ASP D 135 71.03 -121.10 33.11
N ALA D 136 71.60 -121.08 34.31
CA ALA D 136 72.95 -121.55 34.51
C ALA D 136 73.02 -123.08 34.52
N ASP D 137 71.91 -123.72 34.83
CA ASP D 137 71.89 -125.17 34.98
C ASP D 137 71.33 -125.87 33.74
N GLY D 138 70.90 -125.08 32.77
CA GLY D 138 70.32 -125.64 31.56
C GLY D 138 68.83 -125.85 31.69
N LYS D 139 68.26 -125.40 32.81
CA LYS D 139 66.83 -125.46 33.03
C LYS D 139 66.16 -124.65 31.93
N ILE D 140 65.22 -125.27 31.22
CA ILE D 140 64.54 -124.59 30.11
C ILE D 140 63.61 -123.48 30.57
N LYS D 141 63.92 -122.24 30.18
CA LYS D 141 63.11 -121.10 30.59
C LYS D 141 62.20 -120.58 29.47
N LYS D 142 62.66 -120.67 28.22
CA LYS D 142 61.87 -120.16 27.11
C LYS D 142 62.19 -120.86 25.77
N ILE D 143 61.15 -121.12 24.99
CA ILE D 143 61.31 -121.72 23.66
C ILE D 143 60.55 -120.91 22.63
N ASN D 144 60.71 -121.27 21.35
CA ASN D 144 59.96 -120.62 20.29
C ASN D 144 59.62 -121.59 19.15
N ILE D 145 58.34 -121.94 19.07
CA ILE D 145 57.84 -122.85 18.04
C ILE D 145 57.10 -122.09 16.93
N PRO D 146 57.61 -122.18 15.69
CA PRO D 146 56.93 -121.57 14.55
C PRO D 146 55.63 -122.32 14.25
N THR D 147 54.56 -121.61 13.90
CA THR D 147 53.27 -122.26 13.71
C THR D 147 52.79 -122.30 12.27
N ALA D 148 53.61 -121.83 11.34
CA ALA D 148 53.22 -121.85 9.94
C ALA D 148 52.74 -123.22 9.53
N LYS D 149 53.58 -124.23 9.75
CA LYS D 149 53.30 -125.58 9.30
C LYS D 149 52.15 -126.20 10.08
N ILE D 150 52.13 -125.99 11.39
CA ILE D 150 51.16 -126.69 12.23
C ILE D 150 49.73 -126.18 12.06
N ILE D 151 49.52 -124.87 12.04
CA ILE D 151 48.16 -124.36 11.85
C ILE D 151 47.64 -124.84 10.49
N ALA D 152 48.55 -125.02 9.55
CA ALA D 152 48.19 -125.58 8.25
C ALA D 152 47.62 -126.98 8.46
N LYS D 153 48.48 -127.91 8.86
CA LYS D 153 48.06 -129.27 9.15
C LYS D 153 46.81 -129.30 10.02
N ALA D 154 46.75 -128.39 11.00
CA ALA D 154 45.64 -128.37 11.95
C ALA D 154 44.33 -127.97 11.27
N LYS D 155 44.39 -126.90 10.48
CA LYS D 155 43.22 -126.49 9.71
C LYS D 155 42.80 -127.67 8.84
N GLU D 156 43.80 -128.34 8.29
CA GLU D 156 43.58 -129.42 7.35
C GLU D 156 42.86 -130.64 7.94
N VAL D 157 42.84 -130.72 9.28
CA VAL D 157 42.24 -131.88 9.94
C VAL D 157 41.26 -131.52 11.07
N GLY D 158 40.57 -130.39 10.92
CA GLY D 158 39.52 -130.01 11.85
C GLY D 158 39.99 -129.60 13.23
N GLU D 159 41.25 -129.87 13.53
CA GLU D 159 41.80 -129.55 14.86
C GLU D 159 42.40 -128.15 14.92
N TYR D 160 41.64 -127.14 14.50
CA TYR D 160 42.10 -125.77 14.58
C TYR D 160 41.03 -124.87 15.20
N PRO D 161 41.39 -124.11 16.24
CA PRO D 161 42.70 -124.12 16.91
C PRO D 161 42.70 -125.03 18.14
N THR D 162 41.63 -125.80 18.30
CA THR D 162 41.54 -126.74 19.40
C THR D 162 42.90 -127.39 19.73
N LEU D 163 43.39 -128.26 18.85
CA LEU D 163 44.68 -128.92 19.05
C LEU D 163 44.73 -129.83 20.29
N GLY D 164 45.94 -129.97 20.85
CA GLY D 164 46.13 -130.56 22.16
C GLY D 164 46.26 -132.07 22.25
N SER D 165 45.28 -132.79 21.72
CA SER D 165 45.13 -134.21 22.04
C SER D 165 46.21 -135.08 21.39
N ASN D 166 46.36 -134.94 20.07
CA ASN D 166 47.31 -135.75 19.33
C ASN D 166 48.53 -134.92 18.99
N TRP D 167 48.54 -133.69 19.48
CA TRP D 167 49.63 -132.78 19.21
C TRP D 167 50.66 -132.85 20.34
N THR D 168 51.90 -133.11 19.97
CA THR D 168 52.95 -133.36 20.95
C THR D 168 54.25 -132.65 20.60
N ALA D 169 55.10 -132.42 21.59
CA ALA D 169 56.35 -131.73 21.35
C ALA D 169 57.50 -132.41 22.06
N GLU D 170 58.54 -132.75 21.29
CA GLU D 170 59.73 -133.37 21.86
C GLU D 170 60.96 -132.53 21.51
N ILE D 171 62.07 -132.82 22.18
CA ILE D 171 63.32 -132.09 21.96
C ILE D 171 64.18 -132.76 20.89
N SER D 172 65.35 -132.17 20.61
CA SER D 172 66.29 -132.75 19.68
C SER D 172 66.64 -134.13 20.21
N SER D 173 67.09 -135.01 19.32
CA SER D 173 67.53 -136.34 19.75
C SER D 173 69.03 -136.54 19.47
N SER D 174 69.86 -135.87 20.27
CA SER D 174 69.35 -134.99 21.32
C SER D 174 70.26 -133.79 21.61
N SER D 175 69.72 -132.86 22.38
CA SER D 175 70.51 -131.78 22.92
C SER D 175 71.49 -132.39 23.91
N SER D 176 72.43 -131.59 24.41
CA SER D 176 73.34 -132.06 25.44
C SER D 176 72.57 -132.63 26.62
N GLY D 177 71.56 -131.91 27.07
CA GLY D 177 70.88 -132.21 28.32
C GLY D 177 69.48 -132.78 28.28
N LEU D 178 69.05 -133.28 29.43
CA LEU D 178 67.82 -134.08 29.55
C LEU D 178 66.63 -133.57 30.36
N ALA D 179 65.71 -134.48 30.69
CA ALA D 179 64.64 -134.26 31.67
C ALA D 179 63.38 -133.41 31.42
N ALA D 180 63.31 -132.73 30.28
CA ALA D 180 62.32 -131.69 30.06
C ALA D 180 60.94 -132.16 29.63
N VAL D 181 59.94 -131.27 29.80
CA VAL D 181 58.56 -131.57 29.47
C VAL D 181 57.82 -130.32 28.96
N ILE D 182 57.69 -130.18 27.65
CA ILE D 182 56.91 -129.07 27.11
C ILE D 182 55.52 -129.55 26.77
N THR D 183 54.50 -128.78 27.14
CA THR D 183 53.11 -129.20 26.94
C THR D 183 52.30 -128.24 26.06
N LEU D 184 51.73 -128.78 24.98
CA LEU D 184 51.11 -127.94 23.95
C LEU D 184 49.62 -127.69 24.13
N GLY D 185 49.22 -126.43 24.08
CA GLY D 185 47.82 -126.06 24.13
C GLY D 185 47.28 -125.73 22.75
N LYS D 186 46.46 -124.69 22.65
CA LYS D 186 45.82 -124.32 21.39
C LYS D 186 46.56 -123.19 20.67
N ILE D 187 46.16 -122.93 19.44
CA ILE D 187 46.71 -121.81 18.69
C ILE D 187 46.06 -120.52 19.18
N ILE D 188 46.84 -119.61 19.75
CA ILE D 188 46.26 -118.40 20.35
C ILE D 188 45.65 -117.54 19.29
N THR D 189 44.35 -117.27 19.41
CA THR D 189 43.64 -116.43 18.46
C THR D 189 43.29 -115.08 19.08
N ASP D 190 43.54 -114.94 20.37
CA ASP D 190 43.28 -113.67 21.06
C ASP D 190 44.53 -112.81 20.99
N SER D 191 44.48 -111.77 20.15
CA SER D 191 45.61 -110.86 20.01
C SER D 191 46.01 -110.35 21.39
N GLY D 192 45.04 -110.26 22.28
CA GLY D 192 45.31 -109.90 23.66
C GLY D 192 45.53 -108.42 23.90
N ILE D 193 44.90 -107.60 23.07
CA ILE D 193 45.06 -106.15 23.19
C ILE D 193 44.00 -105.38 22.42
N LEU D 194 43.46 -104.34 23.06
CA LEU D 194 42.50 -103.43 22.42
C LEU D 194 42.82 -101.99 22.77
N LEU D 195 43.10 -101.17 21.77
CA LEU D 195 43.39 -99.76 22.00
C LEU D 195 42.18 -98.89 21.66
N ALA D 196 41.73 -98.11 22.64
CA ALA D 196 40.58 -97.23 22.44
C ALA D 196 41.03 -95.81 22.61
N GLU D 197 40.77 -95.24 23.79
CA GLU D 197 41.19 -93.87 24.07
C GLU D 197 42.69 -93.84 24.22
N ILE D 198 43.25 -92.66 24.42
CA ILE D 198 44.69 -92.54 24.65
C ILE D 198 45.00 -92.34 26.12
N GLU D 199 43.99 -91.96 26.90
CA GLU D 199 44.16 -91.91 28.34
C GLU D 199 44.58 -93.29 28.83
N ASN D 200 44.13 -94.31 28.11
CA ASN D 200 44.49 -95.69 28.42
C ASN D 200 45.60 -96.20 27.50
N ALA D 201 45.93 -95.41 26.49
CA ALA D 201 46.94 -95.76 25.49
C ALA D 201 47.87 -96.93 25.85
N GLU D 202 49.09 -96.59 26.26
CA GLU D 202 50.09 -97.61 26.56
C GLU D 202 49.82 -98.34 27.87
N ALA D 203 48.74 -97.97 28.54
CA ALA D 203 48.34 -98.64 29.77
C ALA D 203 47.75 -100.01 29.46
N ALA D 204 47.26 -100.17 28.24
CA ALA D 204 46.79 -101.46 27.79
C ALA D 204 47.99 -102.19 27.19
N MET D 205 48.93 -101.41 26.67
CA MET D 205 50.16 -101.95 26.12
C MET D 205 51.05 -102.43 27.25
N THR D 206 50.66 -102.13 28.49
CA THR D 206 51.45 -102.49 29.65
C THR D 206 50.57 -103.16 30.69
N ALA D 207 49.83 -104.16 30.23
CA ALA D 207 49.01 -104.96 31.13
C ALA D 207 49.74 -106.25 31.40
N VAL D 208 49.81 -106.64 32.66
CA VAL D 208 50.51 -107.85 33.05
C VAL D 208 50.23 -108.98 32.07
N ASP D 209 48.96 -109.22 31.78
CA ASP D 209 48.57 -110.31 30.89
C ASP D 209 49.18 -110.17 29.49
N PHE D 210 49.07 -109.00 28.90
CA PHE D 210 49.65 -108.75 27.58
C PHE D 210 51.17 -108.86 27.64
N GLN D 211 51.79 -107.98 28.42
CA GLN D 211 53.24 -107.96 28.57
C GLN D 211 53.81 -109.32 28.90
N ALA D 212 52.97 -110.18 29.48
CA ALA D 212 53.40 -111.52 29.84
C ALA D 212 53.84 -112.29 28.60
N ASN D 213 52.96 -112.36 27.61
CA ASN D 213 53.23 -113.12 26.41
C ASN D 213 54.32 -112.50 25.54
N LEU D 214 54.47 -111.19 25.65
CA LEU D 214 55.55 -110.53 24.92
C LEU D 214 56.89 -111.09 25.39
N LYS D 215 56.91 -111.59 26.62
CA LYS D 215 58.09 -112.25 27.16
C LYS D 215 58.11 -113.69 26.69
N LYS D 216 56.98 -114.37 26.91
CA LYS D 216 56.85 -115.80 26.63
C LYS D 216 57.27 -116.16 25.21
N TYR D 217 56.88 -115.36 24.25
CA TYR D 217 57.19 -115.66 22.86
C TYR D 217 58.23 -114.70 22.31
N GLY D 218 59.02 -114.12 23.22
CA GLY D 218 60.16 -113.28 22.86
C GLY D 218 59.99 -112.34 21.67
N ILE D 219 58.98 -111.49 21.74
CA ILE D 219 58.76 -110.48 20.71
C ILE D 219 58.47 -109.13 21.36
N PRO D 220 58.54 -108.04 20.57
CA PRO D 220 58.33 -106.67 21.07
C PRO D 220 56.85 -106.35 21.15
N GLY D 221 56.51 -105.26 21.83
CA GLY D 221 55.12 -104.86 21.95
C GLY D 221 54.66 -103.97 20.82
N VAL D 222 54.49 -104.55 19.64
CA VAL D 222 54.07 -103.79 18.46
C VAL D 222 52.73 -104.29 17.94
N VAL D 223 51.71 -103.43 17.98
CA VAL D 223 50.37 -103.82 17.55
C VAL D 223 49.79 -102.84 16.55
N ALA D 224 48.79 -103.27 15.80
CA ALA D 224 48.07 -102.39 14.90
C ALA D 224 47.37 -101.31 15.74
N LEU D 225 47.28 -100.10 15.20
CA LEU D 225 46.78 -98.97 15.97
C LEU D 225 45.27 -99.02 16.19
N TYR D 226 44.55 -99.62 15.26
CA TYR D 226 43.09 -99.59 15.29
C TYR D 226 42.49 -100.98 15.33
N PRO D 227 41.49 -101.18 16.19
CA PRO D 227 40.84 -102.49 16.25
C PRO D 227 40.37 -102.83 14.86
N GLY D 228 40.43 -104.10 14.46
CA GLY D 228 39.96 -104.47 13.13
C GLY D 228 40.79 -105.49 12.41
N GLU D 229 40.12 -106.38 11.69
CA GLU D 229 40.77 -107.40 10.90
C GLU D 229 41.59 -106.75 9.81
N LEU D 230 41.34 -105.47 9.56
CA LEU D 230 42.10 -104.76 8.56
C LEU D 230 43.53 -104.61 8.99
N GLY D 231 43.77 -104.78 10.29
CA GLY D 231 45.12 -104.65 10.83
C GLY D 231 45.99 -105.84 10.52
N ASP D 232 45.37 -106.95 10.18
CA ASP D 232 46.09 -108.16 9.86
C ASP D 232 46.98 -107.97 8.64
N LYS D 233 46.73 -106.92 7.88
CA LYS D 233 47.50 -106.68 6.67
C LYS D 233 48.83 -105.97 6.93
N ILE D 234 49.04 -105.52 8.17
CA ILE D 234 50.28 -104.87 8.55
C ILE D 234 51.37 -105.88 8.90
N GLU D 235 52.61 -105.54 8.54
CA GLU D 235 53.76 -106.40 8.80
C GLU D 235 54.99 -105.57 9.15
N ILE D 236 55.32 -105.54 10.43
CA ILE D 236 56.47 -104.78 10.88
C ILE D 236 57.79 -105.51 10.62
N GLU D 237 58.80 -104.76 10.16
CA GLU D 237 60.15 -105.30 10.04
C GLU D 237 61.04 -104.56 11.03
N ILE D 238 61.69 -105.30 11.93
CA ILE D 238 62.55 -104.70 12.93
C ILE D 238 64.01 -105.13 12.79
N VAL D 239 64.90 -104.15 12.75
CA VAL D 239 66.34 -104.43 12.70
C VAL D 239 67.08 -103.52 13.68
N SER D 240 68.01 -104.11 14.43
CA SER D 240 68.76 -103.38 15.46
C SER D 240 70.08 -102.85 14.93
N LYS D 241 70.74 -101.99 15.70
CA LYS D 241 72.03 -101.48 15.28
C LYS D 241 72.96 -102.63 14.98
N ALA D 242 72.63 -103.79 15.55
CA ALA D 242 73.44 -104.99 15.37
C ALA D 242 73.34 -105.52 13.94
N ASP D 243 72.18 -106.08 13.60
CA ASP D 243 71.98 -106.70 12.29
C ASP D 243 71.76 -105.65 11.21
N TYR D 244 72.05 -104.39 11.51
CA TYR D 244 71.85 -103.32 10.54
C TYR D 244 73.00 -103.19 9.57
N ALA D 245 74.22 -103.38 10.06
CA ALA D 245 75.41 -103.37 9.20
C ALA D 245 75.35 -104.56 8.25
N LYS D 246 75.04 -105.72 8.81
CA LYS D 246 74.78 -106.90 8.00
C LYS D 246 73.42 -106.73 7.34
N GLY D 247 72.88 -105.52 7.41
CA GLY D 247 71.55 -105.22 6.91
C GLY D 247 71.17 -105.93 5.62
N ALA D 248 72.17 -106.21 4.79
CA ALA D 248 71.90 -106.89 3.53
C ALA D 248 71.84 -108.41 3.72
N SER D 249 72.82 -108.95 4.45
CA SER D 249 72.94 -110.38 4.64
C SER D 249 72.00 -110.88 5.72
N ALA D 250 71.94 -110.15 6.84
CA ALA D 250 71.11 -110.52 7.99
C ALA D 250 69.79 -111.13 7.56
N LEU D 251 69.59 -112.40 7.89
CA LEU D 251 68.39 -113.12 7.50
C LEU D 251 67.30 -113.08 8.58
N LEU D 252 66.56 -111.98 8.63
CA LEU D 252 65.48 -111.82 9.60
C LEU D 252 64.53 -113.00 9.61
N PRO D 253 64.18 -113.50 10.81
CA PRO D 253 63.24 -114.61 10.97
C PRO D 253 61.83 -114.04 11.02
N ILE D 254 60.84 -114.86 10.76
CA ILE D 254 59.47 -114.37 10.75
C ILE D 254 58.63 -114.97 11.87
N TYR D 255 58.18 -114.13 12.79
CA TYR D 255 57.33 -114.55 13.90
C TYR D 255 55.87 -114.26 13.56
N PRO D 256 54.97 -115.19 13.89
CA PRO D 256 55.21 -116.49 14.51
C PRO D 256 55.26 -117.58 13.44
N GLY D 257 54.89 -117.22 12.23
CA GLY D 257 54.86 -118.17 11.13
C GLY D 257 56.09 -119.06 11.14
N GLY D 258 57.24 -118.46 10.85
CA GLY D 258 58.48 -119.21 10.75
C GLY D 258 59.26 -118.75 9.54
N GLY D 259 60.31 -119.49 9.18
CA GLY D 259 61.13 -119.14 8.05
C GLY D 259 61.78 -117.77 8.19
N THR D 260 62.66 -117.44 7.24
CA THR D 260 63.36 -116.17 7.31
C THR D 260 63.24 -115.41 6.00
N ARG D 261 63.88 -114.25 5.95
CA ARG D 261 63.80 -113.37 4.80
C ARG D 261 64.86 -112.30 4.91
N ALA D 262 65.68 -112.16 3.88
CA ALA D 262 66.75 -111.17 3.87
C ALA D 262 66.25 -109.81 4.36
N SER D 263 67.02 -109.18 5.24
CA SER D 263 66.68 -107.86 5.73
C SER D 263 66.62 -106.84 4.60
N THR D 264 66.21 -105.62 4.92
CA THR D 264 66.16 -104.56 3.93
C THR D 264 66.60 -103.23 4.52
N ALA D 265 66.79 -103.21 5.84
CA ALA D 265 67.06 -101.98 6.58
C ALA D 265 68.02 -101.01 5.90
N LYS D 266 69.28 -101.40 5.78
CA LYS D 266 70.31 -100.55 5.19
C LYS D 266 69.99 -100.19 3.74
N ALA D 267 69.05 -100.94 3.15
CA ALA D 267 68.62 -100.69 1.78
C ALA D 267 67.33 -99.87 1.72
N VAL D 268 67.05 -99.14 2.79
CA VAL D 268 65.89 -98.27 2.86
C VAL D 268 66.24 -97.05 3.68
N PHE D 269 67.18 -97.21 4.60
CA PHE D 269 67.61 -96.13 5.48
C PHE D 269 68.96 -95.54 5.11
N GLY D 270 69.06 -94.22 5.18
CA GLY D 270 70.35 -93.57 5.14
C GLY D 270 70.84 -93.50 6.56
N TYR D 271 70.20 -92.62 7.34
CA TYR D 271 70.48 -92.48 8.76
C TYR D 271 70.18 -93.80 9.46
N GLY D 272 71.22 -94.60 9.72
CA GLY D 272 71.04 -95.88 10.37
C GLY D 272 70.86 -95.77 11.88
N PRO D 273 70.56 -96.90 12.54
CA PRO D 273 70.40 -96.93 14.00
C PRO D 273 71.69 -96.52 14.69
N GLN D 274 71.63 -95.50 15.53
CA GLN D 274 72.82 -94.94 16.16
C GLN D 274 73.26 -95.70 17.40
N THR D 275 72.56 -95.52 18.51
CA THR D 275 72.91 -96.24 19.73
C THR D 275 72.50 -97.71 19.59
N ASP D 276 72.99 -98.55 20.49
CA ASP D 276 72.68 -99.98 20.44
C ASP D 276 71.22 -100.25 20.85
N SER D 277 70.61 -99.25 21.47
CA SER D 277 69.22 -99.33 21.87
C SER D 277 68.30 -98.54 20.92
N GLN D 278 68.77 -98.39 19.68
CA GLN D 278 67.94 -97.82 18.62
C GLN D 278 67.64 -98.91 17.60
N TYR D 279 66.44 -98.86 17.01
CA TYR D 279 66.04 -99.89 16.07
C TYR D 279 65.42 -99.31 14.80
N ALA D 280 65.62 -100.01 13.69
CA ALA D 280 65.01 -99.64 12.43
C ALA D 280 63.66 -100.34 12.33
N ILE D 281 62.61 -99.56 12.11
CA ILE D 281 61.27 -100.11 11.96
C ILE D 281 60.72 -99.81 10.58
N ILE D 282 60.26 -100.84 9.88
CA ILE D 282 59.69 -100.65 8.56
C ILE D 282 58.33 -101.32 8.45
N VAL D 283 57.26 -100.51 8.45
CA VAL D 283 55.90 -101.03 8.43
C VAL D 283 55.35 -101.22 7.02
N ARG D 284 54.76 -102.37 6.76
CA ARG D 284 54.25 -102.69 5.43
C ARG D 284 52.80 -103.14 5.44
N ARG D 285 52.02 -102.63 4.51
CA ARG D 285 50.68 -103.16 4.29
C ARG D 285 50.52 -103.42 2.80
N ASN D 286 50.38 -104.70 2.44
CA ASN D 286 50.27 -105.08 1.03
C ASN D 286 51.57 -104.88 0.26
N ASP D 287 52.70 -105.24 0.88
CA ASP D 287 54.00 -105.12 0.25
C ASP D 287 54.44 -103.66 0.18
N ALA D 288 53.54 -102.76 0.55
CA ALA D 288 53.83 -101.33 0.51
C ALA D 288 54.58 -100.90 1.77
N ILE D 289 55.66 -100.16 1.59
CA ILE D 289 56.42 -99.67 2.73
C ILE D 289 55.72 -98.43 3.26
N VAL D 290 54.64 -98.65 3.98
CA VAL D 290 53.78 -97.59 4.49
C VAL D 290 54.45 -96.56 5.42
N GLN D 291 55.43 -97.01 6.20
CA GLN D 291 56.17 -96.10 7.09
C GLN D 291 57.56 -96.62 7.39
N SER D 292 58.50 -95.71 7.64
CA SER D 292 59.88 -96.08 7.91
C SER D 292 60.49 -95.13 8.93
N VAL D 293 60.84 -95.64 10.10
CA VAL D 293 61.34 -94.79 11.17
C VAL D 293 62.41 -95.51 11.98
N VAL D 294 63.18 -94.75 12.76
CA VAL D 294 64.15 -95.31 13.67
C VAL D 294 63.85 -94.82 15.09
N LEU D 295 63.68 -95.76 16.02
CA LEU D 295 63.31 -95.40 17.39
C LEU D 295 64.25 -96.01 18.42
N SER D 296 64.18 -95.51 19.64
CA SER D 296 65.05 -95.99 20.70
C SER D 296 64.25 -96.48 21.89
N THR D 297 64.79 -97.47 22.60
CA THR D 297 64.15 -98.01 23.78
C THR D 297 64.66 -97.31 25.03
N LYS D 298 65.53 -96.32 24.84
CA LYS D 298 66.10 -95.58 25.97
C LYS D 298 65.58 -94.15 26.01
N ARG D 299 64.91 -93.80 27.11
CA ARG D 299 64.33 -92.47 27.25
C ARG D 299 65.37 -91.39 26.96
N GLY D 300 64.89 -90.24 26.49
CA GLY D 300 65.78 -89.13 26.23
C GLY D 300 66.35 -89.14 24.83
N GLY D 301 66.96 -90.26 24.44
CA GLY D 301 67.63 -90.37 23.15
C GLY D 301 66.84 -89.71 22.03
N LYS D 302 67.59 -89.00 21.17
CA LYS D 302 66.99 -88.25 20.08
C LYS D 302 67.71 -88.54 18.78
N ASP D 303 67.08 -88.18 17.67
CA ASP D 303 67.74 -88.23 16.37
C ASP D 303 68.63 -87.01 16.25
N ILE D 304 69.12 -86.75 15.05
CA ILE D 304 69.98 -85.60 14.81
C ILE D 304 69.18 -84.30 14.77
N TYR D 305 68.01 -84.29 15.40
CA TYR D 305 67.16 -83.10 15.41
C TYR D 305 66.59 -82.87 16.81
N ASP D 306 67.11 -83.60 17.78
CA ASP D 306 66.60 -83.52 19.15
C ASP D 306 65.11 -83.84 19.22
N SER D 307 64.63 -84.65 18.29
CA SER D 307 63.26 -85.15 18.33
C SER D 307 63.24 -86.40 19.18
N ASN D 308 62.56 -86.33 20.32
CA ASN D 308 62.47 -87.47 21.22
C ASN D 308 61.96 -88.72 20.51
N ILE D 309 62.87 -89.64 20.20
CA ILE D 309 62.53 -90.86 19.48
C ILE D 309 62.45 -92.07 20.42
N TYR D 310 62.17 -91.82 21.70
CA TYR D 310 61.89 -92.91 22.61
C TYR D 310 60.52 -93.49 22.27
N ILE D 311 60.50 -94.78 21.96
CA ILE D 311 59.28 -95.45 21.51
C ILE D 311 57.99 -94.96 22.17
N ASP D 312 57.82 -95.26 23.45
CA ASP D 312 56.59 -94.94 24.15
C ASP D 312 56.07 -93.52 23.91
N ASP D 313 56.97 -92.56 23.79
CA ASP D 313 56.58 -91.18 23.58
C ASP D 313 56.23 -90.92 22.12
N PHE D 314 57.11 -91.33 21.22
CA PHE D 314 56.89 -91.17 19.79
C PHE D 314 55.44 -91.48 19.42
N PHE D 315 54.97 -92.65 19.82
CA PHE D 315 53.61 -93.08 19.51
C PHE D 315 52.60 -92.37 20.38
N ALA D 316 53.03 -91.99 21.58
CA ALA D 316 52.17 -91.32 22.54
C ALA D 316 51.61 -90.03 21.96
N LYS D 317 52.25 -89.54 20.91
CA LYS D 317 51.88 -88.28 20.29
C LYS D 317 51.71 -88.44 18.78
N GLY D 318 50.58 -89.02 18.38
CA GLY D 318 50.25 -89.22 16.97
C GLY D 318 51.44 -89.55 16.08
N GLY D 319 52.39 -90.29 16.62
CA GLY D 319 53.61 -90.58 15.90
C GLY D 319 53.41 -91.39 14.63
N SER D 320 52.38 -92.23 14.62
CA SER D 320 52.18 -93.13 13.48
C SER D 320 50.71 -93.46 13.25
N GLU D 321 50.30 -93.40 11.98
CA GLU D 321 48.91 -93.64 11.61
C GLU D 321 48.53 -95.11 11.67
N TYR D 322 49.52 -96.00 11.69
CA TYR D 322 49.27 -97.43 11.48
C TYR D 322 49.43 -98.30 12.72
N ILE D 323 50.55 -98.14 13.42
CA ILE D 323 50.89 -99.02 14.52
C ILE D 323 51.05 -98.27 15.84
N PHE D 324 51.36 -99.01 16.88
CA PHE D 324 51.54 -98.45 18.21
C PHE D 324 52.41 -99.44 18.96
N ALA D 325 53.44 -98.95 19.65
CA ALA D 325 54.38 -99.84 20.33
C ALA D 325 54.78 -99.36 21.72
N THR D 326 55.56 -100.19 22.41
CA THR D 326 56.03 -99.86 23.75
C THR D 326 57.40 -100.50 23.99
N ALA D 327 58.33 -99.72 24.54
CA ALA D 327 59.68 -100.19 24.78
C ALA D 327 59.70 -101.34 25.77
N GLN D 328 58.63 -101.46 26.54
CA GLN D 328 58.54 -102.46 27.58
C GLN D 328 58.66 -103.88 27.05
N ASN D 329 59.58 -104.65 27.65
CA ASN D 329 59.81 -106.03 27.27
C ASN D 329 60.24 -106.20 25.81
N TRP D 330 60.64 -105.11 25.19
CA TRP D 330 61.23 -105.15 23.86
C TRP D 330 62.52 -105.94 23.96
N PRO D 331 62.59 -107.10 23.28
CA PRO D 331 63.78 -107.94 23.37
C PRO D 331 65.03 -107.17 22.97
N GLU D 332 66.08 -107.23 23.79
CA GLU D 332 67.32 -106.55 23.45
C GLU D 332 67.90 -107.10 22.15
N GLY D 333 68.35 -106.20 21.28
CA GLY D 333 68.94 -106.58 20.01
C GLY D 333 68.02 -107.42 19.14
N PHE D 334 66.72 -107.36 19.42
CA PHE D 334 65.76 -108.11 18.62
C PHE D 334 65.82 -107.63 17.19
N SER D 335 65.78 -108.56 16.26
CA SER D 335 65.62 -108.25 14.85
C SER D 335 64.78 -109.35 14.23
N GLY D 336 63.80 -108.96 13.41
CA GLY D 336 62.94 -109.94 12.79
C GLY D 336 61.74 -109.36 12.08
N ILE D 337 60.86 -110.23 11.61
CA ILE D 337 59.65 -109.82 10.92
C ILE D 337 58.46 -110.17 11.80
N LEU D 338 57.71 -109.15 12.21
CA LEU D 338 56.52 -109.39 13.00
C LEU D 338 55.28 -109.50 12.09
N THR D 339 54.48 -110.53 12.36
CA THR D 339 53.29 -110.78 11.57
C THR D 339 52.05 -110.56 12.41
N LEU D 340 51.39 -109.44 12.17
CA LEU D 340 50.17 -109.10 12.89
C LEU D 340 49.03 -109.95 12.36
N SER D 341 48.24 -110.46 13.30
CA SER D 341 47.07 -111.29 12.99
C SER D 341 46.14 -111.36 14.19
N GLY D 342 45.05 -112.11 14.05
CA GLY D 342 44.04 -112.16 15.10
C GLY D 342 43.34 -110.83 15.27
N GLY D 343 43.75 -109.84 14.47
CA GLY D 343 43.08 -108.55 14.47
C GLY D 343 41.59 -108.76 14.33
N LEU D 344 40.79 -107.98 15.05
CA LEU D 344 39.37 -108.25 15.07
C LEU D 344 38.54 -107.07 15.53
N SER D 345 38.05 -106.27 14.60
CA SER D 345 37.03 -105.30 14.95
C SER D 345 35.72 -106.04 14.89
N SER D 346 34.99 -106.06 15.99
CA SER D 346 33.70 -106.68 15.91
C SER D 346 32.70 -105.58 16.04
N ASN D 347 31.99 -105.33 14.94
CA ASN D 347 30.71 -104.64 14.96
C ASN D 347 29.70 -105.74 15.17
N ALA D 348 30.13 -106.94 14.76
CA ALA D 348 29.36 -108.16 14.94
C ALA D 348 28.33 -107.94 16.02
N GLU D 349 28.82 -107.72 17.24
CA GLU D 349 27.91 -107.36 18.32
C GLU D 349 28.34 -106.14 19.09
N VAL D 350 28.07 -104.99 18.49
CA VAL D 350 28.12 -103.72 19.18
C VAL D 350 26.72 -103.46 19.72
N THR D 351 26.55 -103.58 21.03
CA THR D 351 25.27 -103.35 21.68
C THR D 351 24.82 -101.91 21.52
N ALA D 352 23.51 -101.70 21.50
CA ALA D 352 22.95 -100.35 21.38
C ALA D 352 23.69 -99.41 22.32
N GLY D 353 23.82 -99.81 23.58
CA GLY D 353 24.50 -99.00 24.58
C GLY D 353 25.90 -98.63 24.16
N ASP D 354 26.60 -99.58 23.55
CA ASP D 354 27.96 -99.35 23.07
C ASP D 354 27.98 -98.15 22.13
N LEU D 355 26.83 -97.87 21.52
CA LEU D 355 26.69 -96.67 20.70
C LEU D 355 26.50 -95.44 21.56
N MET D 356 25.64 -95.56 22.57
CA MET D 356 25.33 -94.45 23.45
C MET D 356 26.56 -94.01 24.25
N GLU D 357 27.38 -94.97 24.67
CA GLU D 357 28.65 -94.64 25.32
C GLU D 357 29.45 -93.74 24.41
N ALA D 358 29.40 -94.03 23.12
CA ALA D 358 30.15 -93.27 22.12
C ALA D 358 29.58 -91.87 21.97
N TRP D 359 28.31 -91.78 21.58
CA TRP D 359 27.66 -90.50 21.39
C TRP D 359 27.95 -89.54 22.55
N ASP D 360 28.00 -90.09 23.76
CA ASP D 360 28.18 -89.30 24.97
C ASP D 360 29.40 -88.37 24.88
N PHE D 361 30.33 -88.69 24.00
CA PHE D 361 31.55 -87.90 23.88
C PHE D 361 31.27 -86.45 23.48
N PHE D 362 30.03 -86.15 23.12
CA PHE D 362 29.67 -84.81 22.66
C PHE D 362 28.80 -84.03 23.65
N ALA D 363 28.44 -84.65 24.77
CA ALA D 363 27.39 -84.10 25.63
C ALA D 363 27.81 -83.02 26.61
N ASP D 364 28.79 -82.19 26.23
CA ASP D 364 29.22 -81.07 27.06
C ASP D 364 29.91 -79.95 26.28
N ARG D 365 29.24 -78.80 26.19
CA ARG D 365 29.75 -77.66 25.44
C ARG D 365 31.15 -77.24 25.94
N GLU D 366 31.48 -77.61 27.17
CA GLU D 366 32.77 -77.27 27.75
C GLU D 366 33.76 -77.85 26.77
N SER D 367 33.46 -79.03 26.27
CA SER D 367 34.44 -79.78 25.52
C SER D 367 34.46 -79.72 24.00
N VAL D 368 33.32 -80.01 23.38
CA VAL D 368 33.26 -80.02 21.92
C VAL D 368 32.20 -79.12 21.30
N ASP D 369 32.66 -78.20 20.46
CA ASP D 369 31.77 -77.30 19.75
C ASP D 369 31.22 -77.96 18.49
N VAL D 370 30.09 -78.62 18.63
CA VAL D 370 29.47 -79.32 17.50
C VAL D 370 28.05 -78.81 17.25
N GLN D 371 27.82 -78.28 16.06
CA GLN D 371 26.56 -77.60 15.77
C GLN D 371 25.41 -78.54 15.43
N LEU D 372 25.67 -79.54 14.61
CA LEU D 372 24.61 -80.43 14.14
C LEU D 372 24.83 -81.83 14.62
N PHE D 373 23.78 -82.64 14.63
CA PHE D 373 23.86 -84.01 15.13
C PHE D 373 23.28 -85.01 14.15
N ILE D 374 24.13 -85.74 13.44
CA ILE D 374 23.62 -86.78 12.56
C ILE D 374 23.19 -87.97 13.40
N ALA D 375 21.91 -88.28 13.38
CA ALA D 375 21.40 -89.29 14.29
C ALA D 375 20.69 -90.41 13.58
N GLY D 376 19.99 -90.08 12.48
CA GLY D 376 19.26 -91.08 11.73
C GLY D 376 20.13 -92.24 11.28
N SER D 377 21.43 -92.06 11.45
CA SER D 377 22.41 -93.06 11.05
C SER D 377 22.14 -94.44 11.65
N CYS D 378 21.24 -94.49 12.62
CA CYS D 378 20.91 -95.75 13.24
C CYS D 378 19.64 -96.34 12.65
N ALA D 379 19.12 -95.68 11.62
CA ALA D 379 17.88 -96.09 10.99
C ALA D 379 17.82 -97.61 10.78
N GLY D 380 18.91 -98.19 10.30
CA GLY D 380 18.94 -99.60 9.96
C GLY D 380 18.99 -100.57 11.12
N GLU D 381 19.58 -100.16 12.23
CA GLU D 381 19.83 -101.07 13.35
C GLU D 381 18.55 -101.72 13.92
N SER D 382 18.75 -102.68 14.83
CA SER D 382 17.64 -103.37 15.48
C SER D 382 16.56 -102.34 15.79
N LEU D 383 15.36 -102.54 15.26
CA LEU D 383 14.29 -101.56 15.47
C LEU D 383 14.44 -100.94 16.85
N GLU D 384 14.49 -101.78 17.89
CA GLU D 384 14.68 -101.30 19.25
C GLU D 384 15.73 -100.22 19.26
N THR D 385 16.98 -100.61 19.06
CA THR D 385 18.11 -99.68 19.08
C THR D 385 17.90 -98.52 18.11
N ALA D 386 17.24 -98.78 16.98
CA ALA D 386 16.93 -97.72 16.03
C ALA D 386 16.29 -96.56 16.78
N SER D 387 15.37 -96.90 17.68
CA SER D 387 14.65 -95.90 18.45
C SER D 387 15.44 -95.46 19.67
N THR D 388 15.81 -96.40 20.52
CA THR D 388 16.40 -96.04 21.80
C THR D 388 17.74 -95.31 21.75
N VAL D 389 18.51 -95.49 20.68
CA VAL D 389 19.74 -94.74 20.53
C VAL D 389 19.43 -93.28 20.26
N GLN D 390 18.82 -93.03 19.10
CA GLN D 390 18.37 -91.69 18.73
C GLN D 390 17.69 -90.99 19.89
N LYS D 391 16.66 -91.63 20.43
CA LYS D 391 15.92 -91.10 21.57
C LYS D 391 16.91 -90.51 22.57
N HIS D 392 17.96 -91.27 22.87
CA HIS D 392 19.00 -90.83 23.79
C HIS D 392 19.83 -89.67 23.22
N VAL D 393 20.15 -89.73 21.92
CA VAL D 393 20.94 -88.67 21.29
C VAL D 393 20.23 -87.34 21.44
N VAL D 394 18.90 -87.36 21.30
CA VAL D 394 18.08 -86.17 21.52
C VAL D 394 18.28 -85.66 22.93
N SER D 395 18.43 -86.58 23.88
CA SER D 395 18.59 -86.25 25.27
C SER D 395 20.04 -85.84 25.59
N ILE D 396 20.77 -85.41 24.56
CA ILE D 396 22.11 -84.88 24.72
C ILE D 396 22.10 -83.44 24.22
N GLY D 397 21.40 -83.24 23.11
CA GLY D 397 21.19 -81.91 22.58
C GLY D 397 20.24 -81.17 23.49
N ASP D 398 19.26 -81.88 24.03
CA ASP D 398 18.33 -81.30 24.99
C ASP D 398 19.08 -80.70 26.16
N VAL D 399 19.85 -81.51 26.86
CA VAL D 399 20.51 -81.09 28.08
C VAL D 399 21.62 -80.08 27.80
N ARG D 400 22.01 -79.89 26.57
CA ARG D 400 23.11 -78.98 26.26
C ARG D 400 22.64 -77.74 25.47
N GLN D 401 21.61 -77.93 24.66
CA GLN D 401 20.96 -76.85 23.92
C GLN D 401 21.90 -75.95 23.12
N ASP D 402 22.94 -76.56 22.56
CA ASP D 402 23.79 -75.90 21.56
C ASP D 402 23.97 -76.88 20.41
N CYS D 403 22.93 -77.03 19.59
CA CYS D 403 22.94 -78.06 18.56
C CYS D 403 21.59 -78.24 17.86
N LEU D 404 21.43 -79.38 17.22
CA LEU D 404 20.21 -79.67 16.48
C LEU D 404 20.53 -81.16 16.51
N VAL D 405 19.53 -81.98 16.83
CA VAL D 405 19.75 -83.42 16.91
C VAL D 405 18.70 -83.50 15.80
N LEU D 406 19.08 -84.10 14.67
CA LEU D 406 18.17 -84.25 13.53
C LEU D 406 18.14 -85.78 13.51
N CYS D 407 16.98 -86.34 13.18
CA CYS D 407 16.73 -87.77 13.33
C CYS D 407 15.75 -88.31 12.30
N SER D 408 15.99 -89.55 11.87
CA SER D 408 15.20 -90.18 10.80
C SER D 408 14.54 -91.53 11.17
N PRO D 409 13.44 -91.89 10.49
CA PRO D 409 12.59 -93.04 10.84
C PRO D 409 13.30 -94.35 10.60
N PRO D 410 12.80 -95.44 11.20
CA PRO D 410 13.40 -96.77 11.04
C PRO D 410 13.03 -97.37 9.69
N ARG D 411 14.01 -97.95 9.01
CA ARG D 411 13.74 -98.56 7.71
C ARG D 411 12.47 -99.40 7.77
N GLU D 412 12.37 -100.27 8.76
CA GLU D 412 11.20 -101.13 8.90
C GLU D 412 9.93 -100.41 8.45
N THR D 413 9.76 -99.21 8.99
CA THR D 413 8.48 -98.52 8.97
C THR D 413 8.12 -97.83 7.66
N VAL D 414 9.10 -97.65 6.79
CA VAL D 414 8.89 -96.74 5.67
C VAL D 414 9.27 -97.23 4.28
N VAL D 415 10.27 -98.10 4.19
CA VAL D 415 10.81 -98.50 2.89
C VAL D 415 10.05 -99.64 2.20
N GLY D 416 9.74 -100.70 2.94
CA GLY D 416 9.05 -101.85 2.36
C GLY D 416 7.62 -101.60 1.90
N ILE D 417 6.76 -101.22 2.84
CA ILE D 417 5.33 -101.07 2.59
C ILE D 417 4.99 -99.88 1.69
N PRO D 418 3.73 -99.84 1.21
CA PRO D 418 3.16 -98.70 0.49
C PRO D 418 2.80 -97.58 1.46
N VAL D 419 2.58 -96.37 0.94
CA VAL D 419 2.34 -95.20 1.78
C VAL D 419 1.14 -95.33 2.72
N THR D 420 0.09 -95.99 2.25
CA THR D 420 -1.10 -96.22 3.06
C THR D 420 -0.70 -96.69 4.46
N ARG D 421 -0.16 -97.91 4.55
CA ARG D 421 0.37 -98.41 5.81
C ARG D 421 1.45 -97.48 6.33
N ALA D 422 2.30 -97.02 5.43
CA ALA D 422 3.49 -96.25 5.79
C ALA D 422 3.22 -95.20 6.87
N VAL D 423 2.32 -94.27 6.58
CA VAL D 423 2.08 -93.17 7.50
C VAL D 423 1.52 -93.67 8.83
N ASP D 424 0.53 -94.55 8.77
CA ASP D 424 -0.02 -95.15 9.97
C ASP D 424 1.14 -95.49 10.90
N ASN D 425 2.12 -96.22 10.38
CA ASN D 425 3.28 -96.63 11.14
C ASN D 425 3.99 -95.45 11.76
N LEU D 426 4.39 -94.49 10.92
CA LEU D 426 5.13 -93.32 11.38
C LEU D 426 4.46 -92.62 12.57
N VAL D 427 3.15 -92.42 12.48
CA VAL D 427 2.42 -91.67 13.50
C VAL D 427 2.30 -92.49 14.80
N ASN D 428 2.03 -93.78 14.65
CA ASN D 428 2.05 -94.67 15.80
C ASN D 428 3.37 -94.56 16.54
N TRP D 429 4.46 -94.59 15.79
CA TRP D 429 5.80 -94.56 16.36
C TRP D 429 6.07 -93.25 17.09
N ARG D 430 5.54 -92.16 16.56
CA ARG D 430 5.75 -90.83 17.13
C ARG D 430 4.95 -90.63 18.42
N THR D 431 4.10 -91.61 18.74
CA THR D 431 3.32 -91.59 19.99
C THR D 431 3.47 -92.86 20.83
N ALA D 432 2.93 -93.97 20.35
CA ALA D 432 2.95 -95.23 21.09
C ALA D 432 1.97 -96.15 20.40
N ALA D 433 0.69 -95.90 20.65
CA ALA D 433 -0.40 -96.49 19.88
C ALA D 433 -0.25 -97.98 19.57
N GLY D 434 -0.18 -98.30 18.28
CA GLY D 434 -0.34 -99.65 17.80
C GLY D 434 0.80 -100.61 18.09
N SER D 435 1.69 -100.77 17.13
CA SER D 435 2.75 -101.77 17.22
C SER D 435 3.97 -101.25 17.96
N TYR D 436 4.34 -100.00 17.66
CA TYR D 436 5.48 -99.38 18.31
C TYR D 436 5.02 -98.60 19.53
N THR D 437 4.45 -99.29 20.50
CA THR D 437 4.17 -98.64 21.77
C THR D 437 5.45 -98.61 22.57
N ASP D 438 6.21 -99.69 22.45
CA ASP D 438 7.40 -99.93 23.26
C ASP D 438 8.57 -99.16 22.71
N ASN D 439 8.96 -99.51 21.49
CA ASN D 439 10.00 -98.78 20.78
C ASN D 439 9.42 -97.55 20.12
N ASN D 440 8.86 -96.66 20.94
CA ASN D 440 8.34 -95.42 20.44
C ASN D 440 9.46 -94.41 20.35
N PHE D 441 9.18 -93.29 19.70
CA PHE D 441 10.08 -92.16 19.65
C PHE D 441 9.32 -90.99 20.27
N ASN D 442 8.43 -91.29 21.20
CA ASN D 442 7.52 -90.30 21.76
C ASN D 442 8.19 -89.26 22.66
N ILE D 443 8.99 -88.39 22.05
CA ILE D 443 9.63 -87.30 22.75
C ILE D 443 9.27 -86.02 22.02
N SER D 444 9.63 -84.88 22.59
CA SER D 444 9.25 -83.61 21.98
C SER D 444 10.21 -82.45 22.24
N SER D 445 11.34 -82.44 21.53
CA SER D 445 12.30 -81.38 21.69
C SER D 445 12.26 -80.37 20.56
N THR D 446 12.52 -79.12 20.93
CA THR D 446 12.59 -78.02 19.98
C THR D 446 13.91 -78.19 19.26
N TYR D 447 14.73 -79.07 19.80
CA TYR D 447 16.02 -79.41 19.22
C TYR D 447 15.91 -80.70 18.41
N ALA D 448 14.78 -81.37 18.57
CA ALA D 448 14.52 -82.61 17.86
C ALA D 448 13.95 -82.30 16.49
N ALA D 449 14.65 -82.73 15.46
CA ALA D 449 14.17 -82.57 14.09
C ALA D 449 14.19 -84.06 13.70
N ILE D 450 13.01 -84.61 13.40
CA ILE D 450 12.91 -85.95 12.82
C ILE D 450 12.79 -85.90 11.31
N ASP D 451 12.74 -87.07 10.69
CA ASP D 451 13.40 -87.28 9.39
C ASP D 451 12.78 -88.46 8.65
N GLY D 452 12.23 -88.19 7.48
CA GLY D 452 10.80 -88.30 7.25
C GLY D 452 10.46 -89.36 6.22
N ASN D 453 11.43 -89.67 5.36
CA ASN D 453 11.56 -91.02 4.83
C ASN D 453 13.01 -91.52 4.88
N TYR D 454 13.38 -92.32 3.89
CA TYR D 454 14.70 -92.94 3.86
C TYR D 454 15.21 -93.09 2.43
N LYS D 455 16.45 -92.66 2.21
CA LYS D 455 16.93 -92.37 0.86
C LYS D 455 17.49 -93.62 0.19
N TYR D 456 17.44 -93.65 -1.13
CA TYR D 456 17.97 -94.78 -1.89
C TYR D 456 19.16 -94.35 -2.73
N GLN D 457 20.36 -94.54 -2.21
CA GLN D 457 21.60 -94.07 -2.84
C GLN D 457 22.27 -95.17 -3.63
N TYR D 458 23.37 -94.84 -4.31
CA TYR D 458 24.20 -95.85 -4.94
C TYR D 458 25.53 -95.89 -4.21
N ASP D 459 26.05 -97.09 -3.99
CA ASP D 459 27.24 -97.28 -3.17
C ASP D 459 28.47 -97.54 -4.01
N LYS D 460 29.16 -96.49 -4.41
CA LYS D 460 30.28 -96.61 -5.32
C LYS D 460 31.31 -97.64 -4.86
N TYR D 461 31.25 -98.01 -3.59
CA TYR D 461 32.24 -98.95 -3.04
C TYR D 461 31.87 -100.40 -3.27
N ASN D 462 30.78 -100.86 -2.67
CA ASN D 462 30.31 -102.22 -2.91
C ASN D 462 29.71 -102.32 -4.30
N ASP D 463 29.46 -101.16 -4.90
CA ASP D 463 28.84 -101.08 -6.22
C ASP D 463 27.42 -101.59 -6.20
N VAL D 464 26.63 -101.10 -5.24
CA VAL D 464 25.24 -101.55 -5.11
C VAL D 464 24.34 -100.41 -4.70
N ASN D 465 23.08 -100.49 -5.11
CA ASN D 465 22.07 -99.53 -4.68
C ASN D 465 21.57 -99.90 -3.29
N ARG D 466 21.40 -98.89 -2.44
CA ARG D 466 21.26 -99.14 -1.02
C ARG D 466 20.37 -98.07 -0.37
N TRP D 467 19.56 -98.48 0.61
CA TRP D 467 18.78 -97.50 1.38
C TRP D 467 19.60 -96.95 2.54
N VAL D 468 19.64 -95.63 2.67
CA VAL D 468 20.35 -95.00 3.78
C VAL D 468 19.50 -93.95 4.49
N PRO D 469 19.72 -93.77 5.79
CA PRO D 469 19.00 -92.76 6.56
C PRO D 469 19.19 -91.40 5.94
N LEU D 470 18.10 -90.67 5.73
CA LEU D 470 18.17 -89.39 5.04
C LEU D 470 18.71 -88.27 5.94
N ALA D 471 18.48 -88.40 7.25
CA ALA D 471 18.94 -87.41 8.21
C ALA D 471 20.38 -87.00 7.99
N ALA D 472 21.26 -88.00 7.91
CA ALA D 472 22.68 -87.77 7.65
C ALA D 472 22.88 -86.70 6.59
N ASP D 473 22.01 -86.71 5.60
CA ASP D 473 22.13 -85.80 4.47
C ASP D 473 21.66 -84.39 4.80
N ILE D 474 20.40 -84.26 5.20
CA ILE D 474 19.82 -82.95 5.50
C ILE D 474 20.71 -82.14 6.46
N ALA D 475 21.45 -82.84 7.31
CA ALA D 475 22.33 -82.18 8.27
C ALA D 475 23.41 -81.37 7.57
N GLY D 476 23.98 -81.94 6.52
CA GLY D 476 24.96 -81.21 5.71
C GLY D 476 24.23 -80.12 4.96
N LEU D 477 22.99 -80.41 4.60
CA LEU D 477 22.16 -79.46 3.89
C LEU D 477 21.86 -78.26 4.78
N CYS D 478 22.19 -78.37 6.06
CA CYS D 478 22.05 -77.26 6.99
C CYS D 478 23.35 -76.45 7.12
N ALA D 479 24.47 -77.16 7.26
CA ALA D 479 25.78 -76.53 7.33
C ALA D 479 25.86 -75.55 6.18
N ARG D 480 25.13 -75.91 5.14
CA ARG D 480 24.96 -75.07 3.98
C ARG D 480 24.02 -73.94 4.33
N THR D 481 22.81 -74.03 3.78
CA THR D 481 21.80 -72.97 3.86
C THR D 481 21.75 -72.27 5.21
N ASP D 482 21.81 -70.95 5.15
CA ASP D 482 21.88 -70.10 6.34
C ASP D 482 22.82 -70.70 7.38
N ASN D 483 22.58 -70.38 8.65
CA ASN D 483 23.39 -70.97 9.69
C ASN D 483 22.70 -72.03 10.54
N VAL D 484 23.52 -72.77 11.27
CA VAL D 484 23.14 -74.08 11.76
C VAL D 484 22.98 -74.11 13.28
N ARG D 496 14.60 -78.84 1.60
CA ARG D 496 15.12 -77.50 1.82
C ARG D 496 16.02 -77.04 0.69
N GLY D 497 15.81 -77.63 -0.48
CA GLY D 497 16.71 -77.48 -1.61
C GLY D 497 17.19 -78.86 -1.95
N GLN D 498 16.91 -79.32 -3.17
CA GLN D 498 17.06 -80.74 -3.48
C GLN D 498 18.36 -81.35 -2.97
N ILE D 499 18.31 -82.64 -2.69
CA ILE D 499 19.46 -83.37 -2.21
C ILE D 499 20.21 -83.97 -3.38
N LEU D 500 21.49 -84.21 -3.16
CA LEU D 500 22.41 -84.48 -4.25
C LEU D 500 22.23 -85.82 -4.95
N ASN D 501 22.53 -86.90 -4.24
CA ASN D 501 22.78 -88.18 -4.89
C ASN D 501 21.65 -89.17 -4.75
N VAL D 502 20.50 -88.69 -4.30
CA VAL D 502 19.32 -89.55 -4.24
C VAL D 502 19.04 -90.12 -5.62
N ILE D 503 18.31 -91.23 -5.67
CA ILE D 503 17.94 -91.81 -6.94
C ILE D 503 16.55 -92.40 -6.80
N LYS D 504 15.94 -92.09 -5.66
CA LYS D 504 14.67 -92.70 -5.29
C LYS D 504 14.46 -92.39 -3.82
N LEU D 505 13.24 -92.04 -3.45
CA LEU D 505 12.91 -91.90 -2.04
C LEU D 505 11.75 -92.85 -1.63
N ALA D 506 11.75 -93.25 -0.36
CA ALA D 506 10.78 -94.22 0.07
C ALA D 506 9.36 -93.76 -0.25
N ILE D 507 9.12 -92.46 -0.11
CA ILE D 507 7.84 -91.87 -0.48
C ILE D 507 8.04 -90.56 -1.23
N GLU D 508 7.14 -90.29 -2.17
CA GLU D 508 7.24 -89.09 -3.00
C GLU D 508 5.89 -88.72 -3.60
N THR D 509 5.51 -87.45 -3.45
CA THR D 509 6.06 -86.60 -2.41
C THR D 509 4.97 -86.02 -1.52
N PRO D 510 3.87 -85.60 -2.15
CA PRO D 510 3.89 -85.26 -3.58
C PRO D 510 3.84 -83.75 -3.80
N ASN E 21 -37.52 -63.27 -23.74
CA ASN E 21 -37.52 -63.15 -25.19
C ASN E 21 -38.25 -62.03 -25.91
N ASN E 22 -38.04 -60.82 -25.41
CA ASN E 22 -38.88 -59.65 -25.18
C ASN E 22 -39.78 -59.80 -23.97
N SER E 23 -39.40 -60.50 -23.03
CA SER E 23 -40.20 -60.95 -21.88
C SER E 23 -41.00 -62.19 -22.24
N THR E 24 -40.54 -63.06 -22.98
CA THR E 24 -41.03 -64.42 -23.12
C THR E 24 -42.52 -64.53 -23.44
N GLY E 25 -42.91 -63.93 -24.57
CA GLY E 25 -44.32 -63.91 -24.96
C GLY E 25 -44.79 -65.34 -25.19
N THR E 26 -45.14 -66.03 -24.11
CA THR E 26 -45.57 -67.42 -24.23
C THR E 26 -47.08 -67.27 -24.22
N ALA E 27 -47.72 -67.66 -25.31
CA ALA E 27 -49.18 -67.63 -25.37
C ALA E 27 -49.72 -68.94 -24.81
N ALA E 28 -51.03 -69.03 -24.74
CA ALA E 28 -51.68 -70.25 -24.28
C ALA E 28 -53.06 -70.30 -24.90
N LEU E 29 -53.37 -71.44 -25.51
CA LEU E 29 -54.62 -71.60 -26.25
C LEU E 29 -55.17 -72.99 -26.05
N ALA E 30 -56.48 -73.08 -25.87
CA ALA E 30 -57.12 -74.36 -25.76
C ALA E 30 -58.42 -74.32 -26.53
N GLY E 31 -58.68 -75.36 -27.31
CA GLY E 31 -59.89 -75.42 -28.09
C GLY E 31 -59.96 -76.66 -28.96
N LYS E 32 -61.00 -76.72 -29.79
CA LYS E 32 -61.29 -77.90 -30.60
C LYS E 32 -60.48 -77.90 -31.89
N PHE E 33 -59.89 -79.03 -32.22
CA PHE E 33 -59.09 -79.15 -33.44
C PHE E 33 -59.39 -80.41 -34.25
N GLN E 34 -58.94 -80.40 -35.50
CA GLN E 34 -59.19 -81.50 -36.42
C GLN E 34 -58.30 -82.68 -36.10
N TRP E 35 -57.28 -82.44 -35.29
CA TRP E 35 -56.24 -83.44 -35.07
C TRP E 35 -55.58 -83.28 -33.70
N GLY E 36 -55.42 -84.38 -32.98
CA GLY E 36 -54.81 -84.38 -31.66
C GLY E 36 -53.35 -84.05 -31.77
N PRO E 37 -52.60 -84.05 -30.66
CA PRO E 37 -52.84 -84.64 -29.34
C PRO E 37 -54.03 -84.08 -28.61
N ALA E 38 -54.75 -84.97 -27.93
CA ALA E 38 -55.85 -84.60 -27.08
C ALA E 38 -55.35 -84.42 -25.65
N PHE E 39 -55.75 -83.32 -25.02
CA PHE E 39 -55.37 -83.06 -23.64
C PHE E 39 -53.87 -83.23 -23.43
N GLN E 40 -53.10 -82.52 -24.23
CA GLN E 40 -51.65 -82.48 -24.07
C GLN E 40 -51.15 -81.08 -24.36
N ILE E 41 -50.21 -80.60 -23.55
CA ILE E 41 -49.65 -79.27 -23.75
C ILE E 41 -48.57 -79.31 -24.82
N LYS E 42 -48.93 -79.78 -26.01
CA LYS E 42 -48.00 -79.75 -27.13
C LYS E 42 -47.72 -78.29 -27.50
N GLN E 43 -46.44 -77.98 -27.73
CA GLN E 43 -46.07 -76.62 -28.11
C GLN E 43 -46.01 -76.46 -29.62
N VAL E 44 -46.29 -75.25 -30.08
CA VAL E 44 -46.34 -74.96 -31.51
C VAL E 44 -45.60 -73.68 -31.83
N THR E 45 -44.86 -73.65 -32.92
CA THR E 45 -44.05 -72.48 -33.26
C THR E 45 -44.33 -71.90 -34.65
N ASN E 46 -44.58 -72.78 -35.62
CA ASN E 46 -44.88 -72.34 -36.98
C ASN E 46 -46.36 -72.47 -37.30
N GLU E 47 -46.76 -71.93 -38.45
CA GLU E 47 -48.11 -72.17 -38.95
C GLU E 47 -48.10 -73.54 -39.58
N VAL E 48 -47.20 -73.73 -40.54
CA VAL E 48 -47.04 -75.01 -41.25
C VAL E 48 -46.71 -76.12 -40.27
N ASP E 49 -46.46 -75.75 -39.01
CA ASP E 49 -46.14 -76.73 -37.98
C ASP E 49 -47.35 -77.01 -37.08
N LEU E 50 -48.33 -76.13 -37.09
CA LEU E 50 -49.55 -76.42 -36.36
C LEU E 50 -50.51 -77.17 -37.28
N VAL E 51 -50.50 -76.81 -38.57
CA VAL E 51 -51.27 -77.57 -39.56
C VAL E 51 -50.82 -79.02 -39.53
N ASN E 52 -49.51 -79.21 -39.63
CA ASN E 52 -48.94 -80.54 -39.49
C ASN E 52 -49.58 -81.29 -38.31
N THR E 53 -49.89 -80.56 -37.25
CA THR E 53 -50.23 -81.18 -35.97
C THR E 53 -51.70 -81.09 -35.58
N PHE E 54 -52.37 -79.99 -35.94
CA PHE E 54 -53.78 -79.84 -35.63
C PHE E 54 -54.45 -79.20 -36.82
N GLY E 55 -53.96 -79.58 -37.99
CA GLY E 55 -54.12 -78.80 -39.21
C GLY E 55 -54.79 -77.89 -40.20
N GLN E 56 -56.03 -78.25 -40.53
CA GLN E 56 -56.91 -77.45 -41.35
C GLN E 56 -58.06 -77.05 -40.44
N PRO E 57 -58.73 -75.94 -40.78
CA PRO E 57 -59.85 -75.44 -39.97
C PRO E 57 -61.18 -75.97 -40.48
N THR E 58 -61.84 -76.85 -39.73
CA THR E 58 -63.17 -77.30 -40.11
C THR E 58 -64.13 -76.24 -39.62
N ALA E 59 -65.38 -76.29 -40.10
CA ALA E 59 -66.39 -75.30 -39.72
C ALA E 59 -66.76 -75.41 -38.25
N GLU E 60 -66.16 -76.39 -37.58
CA GLU E 60 -66.39 -76.61 -36.17
C GLU E 60 -65.08 -76.33 -35.43
N THR E 61 -64.02 -76.11 -36.21
CA THR E 61 -62.69 -75.88 -35.67
C THR E 61 -62.23 -74.44 -35.93
N ALA E 62 -62.64 -73.92 -37.08
CA ALA E 62 -62.19 -72.61 -37.56
C ALA E 62 -61.61 -71.66 -36.52
N ASP E 63 -62.47 -71.15 -35.64
CA ASP E 63 -62.06 -70.08 -34.75
C ASP E 63 -60.87 -70.41 -33.86
N TYR E 64 -60.47 -71.68 -33.81
CA TYR E 64 -59.33 -72.07 -32.98
C TYR E 64 -58.08 -72.21 -33.82
N PHE E 65 -58.24 -72.71 -35.04
CA PHE E 65 -57.13 -72.74 -35.96
C PHE E 65 -56.68 -71.30 -36.17
N MET E 66 -57.58 -70.47 -36.69
CA MET E 66 -57.32 -69.05 -36.85
C MET E 66 -56.68 -68.48 -35.60
N SER E 67 -57.37 -68.65 -34.47
CA SER E 67 -56.91 -68.13 -33.20
C SER E 67 -55.40 -68.28 -33.09
N ALA E 68 -54.92 -69.50 -33.28
CA ALA E 68 -53.49 -69.76 -33.32
C ALA E 68 -52.86 -69.10 -34.53
N MET E 69 -53.17 -69.59 -35.73
CA MET E 69 -52.54 -69.09 -36.94
C MET E 69 -52.26 -67.59 -36.90
N ASN E 70 -53.31 -66.79 -36.88
CA ASN E 70 -53.13 -65.34 -36.97
C ASN E 70 -52.58 -64.73 -35.67
N PHE E 71 -52.06 -65.60 -34.80
CA PHE E 71 -51.28 -65.15 -33.65
C PHE E 71 -49.81 -65.40 -33.94
N LEU E 72 -49.50 -66.57 -34.47
CA LEU E 72 -48.12 -66.89 -34.81
C LEU E 72 -47.53 -65.84 -35.73
N GLN E 73 -48.36 -64.88 -36.14
CA GLN E 73 -47.91 -63.74 -36.94
C GLN E 73 -47.07 -62.77 -36.09
N TYR E 74 -47.41 -62.67 -34.80
CA TYR E 74 -46.62 -61.93 -33.83
C TYR E 74 -46.03 -62.90 -32.82
N GLY E 75 -46.12 -64.19 -33.11
CA GLY E 75 -45.88 -65.22 -32.12
C GLY E 75 -44.58 -65.97 -32.20
N ASN E 76 -43.99 -66.20 -31.04
CA ASN E 76 -42.82 -67.04 -30.92
C ASN E 76 -43.28 -68.45 -30.59
N ASP E 77 -43.79 -68.62 -29.38
CA ASP E 77 -44.26 -69.92 -28.92
C ASP E 77 -45.72 -69.91 -28.47
N LEU E 78 -46.43 -70.98 -28.80
CA LEU E 78 -47.83 -71.13 -28.43
C LEU E 78 -47.98 -72.51 -27.82
N ARG E 79 -48.61 -72.59 -26.66
CA ARG E 79 -48.87 -73.87 -26.06
C ARG E 79 -50.36 -74.14 -26.21
N VAL E 80 -50.72 -75.28 -26.80
CA VAL E 80 -52.12 -75.62 -27.03
C VAL E 80 -52.55 -76.90 -26.34
N VAL E 81 -53.86 -77.09 -26.22
CA VAL E 81 -54.42 -78.31 -25.67
C VAL E 81 -55.72 -78.61 -26.40
N ARG E 82 -55.75 -79.71 -27.12
CA ARG E 82 -56.94 -80.04 -27.90
C ARG E 82 -58.07 -80.57 -27.03
N ALA E 83 -59.25 -79.99 -27.16
CA ALA E 83 -60.41 -80.48 -26.45
C ALA E 83 -61.11 -81.56 -27.28
N VAL E 84 -61.16 -82.76 -26.73
CA VAL E 84 -61.85 -83.88 -27.35
C VAL E 84 -63.02 -84.25 -26.45
N ASP E 85 -64.05 -84.90 -26.98
CA ASP E 85 -65.11 -85.38 -26.10
C ASP E 85 -64.37 -86.65 -25.77
N ARG E 86 -64.31 -86.99 -24.49
CA ARG E 86 -63.56 -88.15 -24.00
C ARG E 86 -64.52 -89.33 -24.18
N ASP E 87 -65.81 -89.04 -24.23
CA ASP E 87 -66.82 -90.09 -24.27
C ASP E 87 -67.07 -90.63 -25.67
N THR E 88 -66.72 -89.86 -26.70
CA THR E 88 -67.05 -90.27 -28.05
C THR E 88 -65.98 -89.97 -29.08
N ALA E 89 -64.79 -89.60 -28.64
CA ALA E 89 -63.71 -89.41 -29.58
C ALA E 89 -63.14 -90.77 -29.85
N LYS E 90 -62.56 -90.96 -31.03
CA LYS E 90 -62.00 -92.24 -31.43
C LYS E 90 -60.73 -92.09 -32.27
N ASN E 91 -59.72 -92.89 -31.95
CA ASN E 91 -58.51 -93.03 -32.77
C ASN E 91 -58.75 -94.13 -33.77
N SER E 92 -58.54 -93.85 -35.05
CA SER E 92 -58.70 -94.90 -36.05
C SER E 92 -57.96 -96.15 -35.59
N SER E 93 -58.49 -97.33 -35.93
CA SER E 93 -57.89 -98.60 -35.48
C SER E 93 -58.16 -99.75 -36.46
N PRO E 94 -57.49 -100.89 -36.24
CA PRO E 94 -57.65 -102.03 -37.13
C PRO E 94 -58.86 -102.87 -36.76
N ILE E 95 -59.42 -102.63 -35.58
CA ILE E 95 -60.62 -103.33 -35.16
C ILE E 95 -61.81 -102.90 -35.98
N ALA E 96 -61.83 -101.61 -36.34
CA ALA E 96 -63.05 -100.95 -36.75
C ALA E 96 -63.51 -101.24 -38.17
N GLY E 97 -63.16 -102.39 -38.71
CA GLY E 97 -63.72 -102.81 -39.98
C GLY E 97 -64.38 -104.18 -39.88
N ASN E 98 -63.85 -104.99 -38.97
CA ASN E 98 -64.29 -106.34 -38.79
C ASN E 98 -65.79 -106.44 -38.64
N ILE E 99 -66.25 -107.64 -38.32
CA ILE E 99 -67.68 -107.95 -38.22
C ILE E 99 -67.97 -108.79 -36.99
N GLU E 100 -68.88 -108.31 -36.14
CA GLU E 100 -69.32 -109.08 -34.99
C GLU E 100 -69.43 -110.54 -35.36
N TYR E 101 -69.03 -111.43 -34.46
CA TYR E 101 -69.26 -112.85 -34.67
C TYR E 101 -68.97 -113.62 -33.40
N THR E 102 -69.77 -114.65 -33.14
CA THR E 102 -69.64 -115.41 -31.92
C THR E 102 -69.78 -116.90 -32.21
N ILE E 103 -68.74 -117.67 -31.95
CA ILE E 103 -68.77 -119.10 -32.20
C ILE E 103 -69.73 -119.79 -31.22
N SER E 104 -71.02 -119.73 -31.55
CA SER E 104 -72.07 -120.25 -30.70
C SER E 104 -71.85 -121.71 -30.31
N THR E 105 -71.35 -122.50 -31.25
CA THR E 105 -71.04 -123.89 -30.96
C THR E 105 -69.78 -124.33 -31.67
N PRO E 106 -68.69 -124.49 -30.91
CA PRO E 106 -67.44 -124.95 -31.50
C PRO E 106 -67.69 -126.30 -32.11
N GLY E 107 -67.28 -126.49 -33.36
CA GLY E 107 -67.49 -127.80 -33.97
C GLY E 107 -66.52 -128.79 -33.36
N SER E 108 -66.25 -129.85 -34.10
CA SER E 108 -65.17 -130.75 -33.76
C SER E 108 -64.55 -131.16 -35.08
N ASN E 109 -63.33 -131.69 -35.05
CA ASN E 109 -62.70 -132.19 -36.26
C ASN E 109 -62.62 -131.20 -37.42
N TYR E 110 -62.72 -129.91 -37.12
CA TYR E 110 -62.43 -128.88 -38.12
C TYR E 110 -60.93 -128.68 -38.18
N ALA E 111 -60.46 -127.87 -39.12
CA ALA E 111 -59.03 -127.59 -39.24
C ALA E 111 -58.85 -126.09 -39.51
N VAL E 112 -57.63 -125.68 -39.82
CA VAL E 112 -57.34 -124.26 -40.06
C VAL E 112 -57.51 -123.28 -41.23
N GLY E 113 -57.64 -123.79 -42.45
CA GLY E 113 -57.83 -122.93 -43.61
C GLY E 113 -59.10 -123.50 -44.22
N ASP E 114 -60.03 -123.96 -43.39
CA ASP E 114 -61.33 -124.40 -43.91
C ASP E 114 -62.04 -123.10 -44.17
N LYS E 115 -62.59 -122.95 -45.37
CA LYS E 115 -63.14 -121.67 -45.79
C LYS E 115 -64.56 -121.44 -45.29
N ILE E 116 -64.89 -120.17 -45.09
CA ILE E 116 -66.19 -119.77 -44.56
C ILE E 116 -66.90 -118.92 -45.60
N THR E 117 -68.22 -118.99 -45.61
CA THR E 117 -69.00 -118.28 -46.61
C THR E 117 -70.15 -117.52 -45.99
N VAL E 118 -70.21 -116.22 -46.28
CA VAL E 118 -71.26 -115.36 -45.75
C VAL E 118 -72.29 -115.12 -46.84
N LYS E 119 -73.52 -115.51 -46.57
CA LYS E 119 -74.58 -115.39 -47.57
C LYS E 119 -75.58 -114.31 -47.17
N TYR E 120 -76.15 -113.66 -48.18
CA TYR E 120 -77.25 -112.73 -47.96
C TYR E 120 -78.52 -113.35 -48.50
N VAL E 121 -79.33 -113.90 -47.61
CA VAL E 121 -80.53 -114.62 -48.02
C VAL E 121 -80.19 -115.70 -49.04
N SER E 122 -79.58 -116.78 -48.56
CA SER E 122 -79.22 -117.91 -49.41
C SER E 122 -78.54 -117.48 -50.71
N ASP E 123 -77.73 -116.42 -50.62
CA ASP E 123 -77.03 -115.90 -51.79
C ASP E 123 -75.61 -115.50 -51.39
N ASP E 124 -74.63 -116.04 -52.12
CA ASP E 124 -73.22 -115.85 -51.75
C ASP E 124 -72.71 -114.42 -51.94
N ILE E 125 -72.13 -113.85 -50.89
CA ILE E 125 -71.52 -112.52 -50.96
C ILE E 125 -70.01 -112.62 -50.78
N GLU E 126 -69.60 -113.24 -49.68
CA GLU E 126 -68.20 -113.40 -49.35
C GLU E 126 -67.88 -114.88 -49.20
N THR E 127 -66.74 -115.30 -49.74
CA THR E 127 -66.38 -116.72 -49.73
C THR E 127 -64.91 -116.92 -49.42
N GLU E 128 -64.30 -115.93 -48.78
CA GLU E 128 -62.88 -116.01 -48.50
C GLU E 128 -62.59 -116.04 -47.01
N GLY E 129 -63.65 -116.13 -46.21
CA GLY E 129 -63.49 -116.31 -44.79
C GLY E 129 -62.82 -117.64 -44.57
N LYS E 130 -62.32 -117.87 -43.36
CA LYS E 130 -61.63 -119.11 -43.08
C LYS E 130 -61.30 -119.28 -41.60
N ILE E 131 -61.66 -120.43 -41.05
CA ILE E 131 -61.26 -120.80 -39.70
C ILE E 131 -59.77 -120.57 -39.58
N THR E 132 -59.32 -120.09 -38.43
CA THR E 132 -57.91 -119.73 -38.28
C THR E 132 -57.28 -120.26 -37.01
N GLU E 133 -58.07 -120.80 -36.11
CA GLU E 133 -57.53 -121.41 -34.91
C GLU E 133 -58.44 -122.46 -34.34
N VAL E 134 -57.95 -123.70 -34.31
CA VAL E 134 -58.65 -124.79 -33.68
C VAL E 134 -57.78 -125.34 -32.57
N ASP E 135 -58.34 -126.21 -31.73
CA ASP E 135 -57.56 -126.87 -30.70
C ASP E 135 -57.18 -128.27 -31.16
N ALA E 136 -57.00 -129.18 -30.20
CA ALA E 136 -56.59 -130.54 -30.52
C ALA E 136 -57.73 -131.36 -31.09
N ASP E 137 -58.96 -130.97 -30.79
CA ASP E 137 -60.14 -131.75 -31.18
C ASP E 137 -60.80 -131.18 -32.43
N GLY E 138 -60.30 -130.06 -32.92
CA GLY E 138 -60.88 -129.41 -34.06
C GLY E 138 -61.98 -128.44 -33.67
N LYS E 139 -62.14 -128.24 -32.37
CA LYS E 139 -63.09 -127.27 -31.86
C LYS E 139 -62.70 -125.89 -32.38
N ILE E 140 -63.64 -125.20 -33.03
CA ILE E 140 -63.33 -123.90 -33.63
C ILE E 140 -63.12 -122.81 -32.57
N LYS E 141 -61.91 -122.26 -32.54
CA LYS E 141 -61.57 -121.24 -31.56
C LYS E 141 -61.55 -119.83 -32.16
N LYS E 142 -61.13 -119.71 -33.42
CA LYS E 142 -61.04 -118.40 -34.06
C LYS E 142 -61.17 -118.45 -35.58
N ILE E 143 -61.87 -117.48 -36.14
CA ILE E 143 -62.03 -117.36 -37.59
C ILE E 143 -61.69 -115.95 -38.05
N ASN E 144 -61.67 -115.74 -39.37
CA ASN E 144 -61.45 -114.40 -39.90
C ASN E 144 -62.21 -114.17 -41.20
N ILE E 145 -63.26 -113.34 -41.11
CA ILE E 145 -64.09 -113.01 -42.25
C ILE E 145 -63.78 -111.61 -42.79
N PRO E 146 -63.34 -111.53 -44.06
CA PRO E 146 -63.09 -110.25 -44.70
C PRO E 146 -64.41 -109.52 -44.94
N THR E 147 -64.45 -108.20 -44.75
CA THR E 147 -65.71 -107.48 -44.84
C THR E 147 -65.80 -106.54 -46.05
N ALA E 148 -64.79 -106.56 -46.90
CA ALA E 148 -64.81 -105.70 -48.07
C ALA E 148 -66.12 -105.86 -48.84
N LYS E 149 -66.40 -107.09 -49.22
CA LYS E 149 -67.57 -107.39 -50.05
C LYS E 149 -68.87 -107.15 -49.31
N ILE E 150 -68.93 -107.56 -48.06
CA ILE E 150 -70.20 -107.52 -47.33
C ILE E 150 -70.64 -106.10 -46.97
N ILE E 151 -69.75 -105.28 -46.44
CA ILE E 151 -70.16 -103.91 -46.10
C ILE E 151 -70.63 -103.20 -47.37
N ALA E 152 -70.05 -103.60 -48.51
CA ALA E 152 -70.50 -103.09 -49.79
C ALA E 152 -71.96 -103.44 -50.00
N LYS E 153 -72.23 -104.73 -50.18
CA LYS E 153 -73.60 -105.22 -50.33
C LYS E 153 -74.51 -104.64 -49.26
N ALA E 154 -74.00 -104.53 -48.03
CA ALA E 154 -74.81 -104.06 -46.91
C ALA E 154 -75.19 -102.60 -47.06
N LYS E 155 -74.20 -101.77 -47.38
CA LYS E 155 -74.46 -100.37 -47.66
C LYS E 155 -75.49 -100.29 -48.78
N GLU E 156 -75.31 -101.17 -49.75
CA GLU E 156 -76.14 -101.16 -50.95
C GLU E 156 -77.61 -101.48 -50.70
N VAL E 157 -77.91 -102.05 -49.52
CA VAL E 157 -79.29 -102.44 -49.22
C VAL E 157 -79.78 -101.98 -47.84
N GLY E 158 -79.30 -100.83 -47.40
CA GLY E 158 -79.79 -100.21 -46.18
C GLY E 158 -79.41 -100.93 -44.88
N GLU E 159 -78.90 -102.14 -45.01
CA GLU E 159 -78.54 -102.94 -43.84
C GLU E 159 -77.09 -102.72 -43.41
N TYR E 160 -76.71 -101.45 -43.22
CA TYR E 160 -75.37 -101.14 -42.75
C TYR E 160 -75.43 -100.12 -41.61
N PRO E 161 -74.78 -100.44 -40.47
CA PRO E 161 -74.10 -101.70 -40.20
C PRO E 161 -75.01 -102.66 -39.42
N THR E 162 -76.29 -102.31 -39.31
CA THR E 162 -77.25 -103.16 -38.65
C THR E 162 -76.98 -104.66 -38.91
N LEU E 163 -77.22 -105.11 -40.14
CA LEU E 163 -76.98 -106.51 -40.51
C LEU E 163 -77.85 -107.52 -39.74
N GLY E 164 -77.32 -108.73 -39.57
CA GLY E 164 -77.87 -109.72 -38.66
C GLY E 164 -78.98 -110.62 -39.17
N SER E 165 -80.06 -110.02 -39.68
CA SER E 165 -81.30 -110.75 -39.89
C SER E 165 -81.22 -111.75 -41.05
N ASN E 166 -80.80 -111.27 -42.21
CA ASN E 166 -80.74 -112.09 -43.41
C ASN E 166 -79.30 -112.45 -43.69
N TRP E 167 -78.41 -112.05 -42.79
CA TRP E 167 -77.00 -112.31 -42.96
C TRP E 167 -76.61 -113.57 -42.21
N THR E 168 -76.00 -114.51 -42.93
CA THR E 168 -75.71 -115.82 -42.37
C THR E 168 -74.32 -116.30 -42.76
N ALA E 169 -73.79 -117.24 -41.97
CA ALA E 169 -72.45 -117.74 -42.22
C ALA E 169 -72.39 -119.24 -42.10
N GLU E 170 -71.91 -119.89 -43.16
CA GLU E 170 -71.74 -121.34 -43.17
C GLU E 170 -70.30 -121.72 -43.46
N ILE E 171 -69.95 -122.98 -43.22
CA ILE E 171 -68.59 -123.47 -43.44
C ILE E 171 -68.42 -124.03 -44.85
N SER E 172 -67.21 -124.48 -45.16
CA SER E 172 -66.93 -125.12 -46.44
C SER E 172 -67.87 -126.30 -46.56
N SER E 173 -68.16 -126.73 -47.78
CA SER E 173 -68.98 -127.92 -47.99
C SER E 173 -68.18 -129.04 -48.67
N SER E 174 -67.30 -129.66 -47.90
CA SER E 174 -67.08 -129.25 -46.51
C SER E 174 -65.65 -129.45 -46.02
N SER E 175 -65.37 -128.88 -44.85
CA SER E 175 -64.13 -129.15 -44.16
C SER E 175 -64.18 -130.60 -43.72
N SER E 176 -63.07 -131.11 -43.19
CA SER E 176 -63.05 -132.46 -42.66
C SER E 176 -64.15 -132.66 -41.62
N GLY E 177 -64.27 -131.70 -40.71
CA GLY E 177 -65.13 -131.85 -39.55
C GLY E 177 -66.42 -131.06 -39.47
N LEU E 178 -67.26 -131.46 -38.51
CA LEU E 178 -68.64 -130.98 -38.41
C LEU E 178 -69.10 -130.13 -37.22
N ALA E 179 -70.42 -130.04 -37.05
CA ALA E 179 -71.05 -129.51 -35.83
C ALA E 179 -71.12 -128.03 -35.45
N ALA E 180 -70.45 -127.18 -36.20
CA ALA E 180 -70.20 -125.79 -35.77
C ALA E 180 -71.34 -124.81 -36.02
N VAL E 181 -71.28 -123.68 -35.30
CA VAL E 181 -72.30 -122.64 -35.39
C VAL E 181 -71.70 -121.25 -35.20
N ILE E 182 -71.45 -120.53 -36.30
CA ILE E 182 -70.97 -119.16 -36.20
C ILE E 182 -72.14 -118.20 -36.35
N THR E 183 -72.22 -117.19 -35.50
CA THR E 183 -73.36 -116.27 -35.50
C THR E 183 -72.96 -114.81 -35.75
N LEU E 184 -73.54 -114.21 -36.77
CA LEU E 184 -73.10 -112.90 -37.25
C LEU E 184 -73.85 -111.71 -36.63
N GLY E 185 -73.10 -110.74 -36.13
CA GLY E 185 -73.68 -109.52 -35.63
C GLY E 185 -73.52 -108.38 -36.62
N LYS E 186 -73.20 -107.18 -36.12
CA LYS E 186 -73.09 -106.00 -36.97
C LYS E 186 -71.65 -105.69 -37.37
N ILE E 187 -71.47 -104.76 -38.29
CA ILE E 187 -70.15 -104.30 -38.68
C ILE E 187 -69.63 -103.35 -37.60
N ILE E 188 -68.53 -103.71 -36.93
CA ILE E 188 -68.05 -102.90 -35.81
C ILE E 188 -67.57 -101.56 -36.31
N THR E 189 -68.18 -100.50 -35.78
CA THR E 189 -67.80 -99.15 -36.16
C THR E 189 -67.07 -98.44 -35.03
N ASP E 190 -67.02 -99.09 -33.86
CA ASP E 190 -66.30 -98.54 -32.72
C ASP E 190 -64.86 -99.01 -32.76
N SER E 191 -63.94 -98.11 -33.11
CA SER E 191 -62.53 -98.44 -33.16
C SER E 191 -62.10 -99.04 -31.84
N GLY E 192 -62.77 -98.63 -30.76
CA GLY E 192 -62.56 -99.21 -29.46
C GLY E 192 -61.31 -98.73 -28.75
N ILE E 193 -60.91 -97.49 -29.05
CA ILE E 193 -59.71 -96.93 -28.43
C ILE E 193 -59.64 -95.42 -28.59
N LEU E 194 -59.26 -94.74 -27.51
CA LEU E 194 -59.03 -93.30 -27.53
C LEU E 194 -57.78 -92.95 -26.74
N LEU E 195 -56.80 -92.34 -27.40
CA LEU E 195 -55.57 -91.94 -26.74
C LEU E 195 -55.57 -90.44 -26.44
N ALA E 196 -55.40 -90.09 -25.16
CA ALA E 196 -55.38 -88.70 -24.75
C ALA E 196 -54.02 -88.38 -24.17
N GLU E 197 -53.93 -88.38 -22.85
CA GLU E 197 -52.66 -88.12 -22.17
C GLU E 197 -51.74 -89.30 -22.40
N ILE E 198 -50.52 -89.21 -21.89
CA ILE E 198 -49.59 -90.34 -21.99
C ILE E 198 -49.49 -91.07 -20.66
N GLU E 199 -49.93 -90.43 -19.58
CA GLU E 199 -50.03 -91.12 -18.31
C GLU E 199 -50.92 -92.34 -18.48
N ASN E 200 -51.87 -92.23 -19.40
CA ASN E 200 -52.77 -93.32 -19.72
C ASN E 200 -52.35 -94.05 -20.99
N ALA E 201 -51.37 -93.49 -21.70
CA ALA E 201 -50.86 -94.02 -22.96
C ALA E 201 -51.26 -95.46 -23.29
N GLU E 202 -50.34 -96.39 -23.07
CA GLU E 202 -50.56 -97.80 -23.42
C GLU E 202 -51.52 -98.49 -22.45
N ALA E 203 -51.99 -97.75 -21.45
CA ALA E 203 -52.95 -98.29 -20.50
C ALA E 203 -54.33 -98.41 -21.15
N ALA E 204 -54.55 -97.63 -22.19
CA ALA E 204 -55.76 -97.74 -22.97
C ALA E 204 -55.51 -98.77 -24.05
N MET E 205 -54.26 -98.88 -24.45
CA MET E 205 -53.83 -99.87 -25.43
C MET E 205 -53.84 -101.26 -24.81
N THR E 206 -54.05 -101.30 -23.50
CA THR E 206 -54.03 -102.55 -22.77
C THR E 206 -55.26 -102.65 -21.89
N ALA E 207 -56.41 -102.42 -22.48
CA ALA E 207 -57.67 -102.56 -21.78
C ALA E 207 -58.28 -103.88 -22.19
N VAL E 208 -58.75 -104.65 -21.21
CA VAL E 208 -59.32 -105.96 -21.48
C VAL E 208 -60.22 -105.92 -22.72
N ASP E 209 -61.13 -104.96 -22.77
CA ASP E 209 -62.07 -104.85 -23.88
C ASP E 209 -61.36 -104.67 -25.23
N PHE E 210 -60.42 -103.74 -25.29
CA PHE E 210 -59.66 -103.53 -26.52
C PHE E 210 -58.84 -104.76 -26.87
N GLN E 211 -57.90 -105.11 -25.99
CA GLN E 211 -57.03 -106.25 -26.18
C GLN E 211 -57.80 -107.51 -26.52
N ALA E 212 -59.06 -107.55 -26.13
CA ALA E 212 -59.91 -108.70 -26.41
C ALA E 212 -60.04 -108.92 -27.91
N ASN E 213 -60.47 -107.88 -28.61
CA ASN E 213 -60.70 -107.98 -30.05
C ASN E 213 -59.41 -108.14 -30.84
N LEU E 214 -58.31 -107.64 -30.30
CA LEU E 214 -57.03 -107.82 -30.96
C LEU E 214 -56.73 -109.31 -31.06
N LYS E 215 -57.30 -110.09 -30.15
CA LYS E 215 -57.19 -111.54 -30.18
C LYS E 215 -58.22 -112.08 -31.14
N LYS E 216 -59.47 -111.68 -30.94
CA LYS E 216 -60.61 -112.18 -31.69
C LYS E 216 -60.41 -112.11 -33.19
N TYR E 217 -59.87 -111.01 -33.67
CA TYR E 217 -59.68 -110.82 -35.09
C TYR E 217 -58.22 -110.92 -35.49
N GLY E 218 -57.44 -111.58 -34.64
CA GLY E 218 -56.04 -111.88 -34.92
C GLY E 218 -55.21 -110.79 -35.59
N ILE E 219 -55.18 -109.61 -34.99
CA ILE E 219 -54.36 -108.51 -35.48
C ILE E 219 -53.59 -107.88 -34.32
N PRO E 220 -52.57 -107.05 -34.65
CA PRO E 220 -51.72 -106.40 -33.64
C PRO E 220 -52.38 -105.15 -33.10
N GLY E 221 -51.85 -104.62 -32.01
CA GLY E 221 -52.40 -103.41 -31.42
C GLY E 221 -51.80 -102.15 -32.01
N VAL E 222 -52.16 -101.83 -33.24
CA VAL E 222 -51.64 -100.65 -33.92
C VAL E 222 -52.76 -99.66 -34.25
N VAL E 223 -52.71 -98.47 -33.66
CA VAL E 223 -53.77 -97.49 -33.88
C VAL E 223 -53.18 -96.14 -34.27
N ALA E 224 -54.01 -95.29 -34.88
CA ALA E 224 -53.61 -93.93 -35.19
C ALA E 224 -53.34 -93.18 -33.88
N LEU E 225 -52.36 -92.30 -33.89
CA LEU E 225 -51.92 -91.65 -32.66
C LEU E 225 -52.91 -90.61 -32.13
N TYR E 226 -53.66 -89.99 -33.02
CA TYR E 226 -54.53 -88.88 -32.63
C TYR E 226 -55.98 -89.15 -32.98
N PRO E 227 -56.88 -88.85 -32.04
CA PRO E 227 -58.31 -89.04 -32.32
C PRO E 227 -58.63 -88.28 -33.58
N GLY E 228 -59.51 -88.82 -34.43
CA GLY E 228 -59.87 -88.11 -35.65
C GLY E 228 -60.04 -88.96 -36.88
N GLU E 229 -61.02 -88.60 -37.68
CA GLU E 229 -61.30 -89.30 -38.93
C GLU E 229 -60.12 -89.14 -39.87
N LEU E 230 -59.23 -88.21 -39.55
CA LEU E 230 -58.05 -88.01 -40.37
C LEU E 230 -57.13 -89.21 -40.26
N GLY E 231 -57.33 -90.00 -39.22
CA GLY E 231 -56.50 -91.18 -38.99
C GLY E 231 -56.85 -92.32 -39.92
N ASP E 232 -58.03 -92.26 -40.49
CA ASP E 232 -58.49 -93.29 -41.40
C ASP E 232 -57.61 -93.38 -42.63
N LYS E 233 -56.81 -92.35 -42.87
CA LYS E 233 -55.95 -92.31 -44.05
C LYS E 233 -54.64 -93.08 -43.87
N ILE E 234 -54.37 -93.50 -42.63
CA ILE E 234 -53.17 -94.27 -42.33
C ILE E 234 -53.34 -95.76 -42.65
N GLU E 235 -52.27 -96.38 -43.14
CA GLU E 235 -52.29 -97.79 -43.50
C GLU E 235 -50.96 -98.46 -43.16
N ILE E 236 -50.93 -99.21 -42.08
CA ILE E 236 -49.71 -99.88 -41.66
C ILE E 236 -49.43 -101.14 -42.47
N GLU E 237 -48.17 -101.34 -42.85
CA GLU E 237 -47.75 -102.59 -43.47
C GLU E 237 -46.80 -103.30 -42.53
N ILE E 238 -47.13 -104.53 -42.14
CA ILE E 238 -46.29 -105.29 -41.21
C ILE E 238 -45.72 -106.55 -41.85
N VAL E 239 -44.41 -106.72 -41.73
CA VAL E 239 -43.75 -107.92 -42.21
C VAL E 239 -42.75 -108.43 -41.17
N SER E 240 -42.76 -109.74 -40.93
CA SER E 240 -41.91 -110.36 -39.91
C SER E 240 -40.60 -110.87 -40.51
N LYS E 241 -39.67 -111.26 -39.64
CA LYS E 241 -38.41 -111.80 -40.13
C LYS E 241 -38.69 -112.98 -41.04
N ALA E 242 -39.88 -113.55 -40.89
CA ALA E 242 -40.31 -114.69 -41.68
C ALA E 242 -40.54 -114.31 -43.14
N ASP E 243 -41.62 -113.57 -43.39
CA ASP E 243 -42.02 -113.20 -44.74
C ASP E 243 -41.16 -112.06 -45.28
N TYR E 244 -40.05 -111.76 -44.61
CA TYR E 244 -39.19 -110.66 -45.04
C TYR E 244 -38.22 -111.09 -46.13
N ALA E 245 -37.72 -112.31 -46.04
CA ALA E 245 -36.85 -112.85 -47.08
C ALA E 245 -37.65 -113.03 -48.37
N LYS E 246 -38.84 -113.60 -48.23
CA LYS E 246 -39.77 -113.67 -49.34
C LYS E 246 -40.37 -112.29 -49.55
N GLY E 247 -39.77 -111.29 -48.91
CA GLY E 247 -40.26 -109.93 -48.94
C GLY E 247 -40.83 -109.48 -50.27
N ALA E 248 -40.31 -110.03 -51.35
CA ALA E 248 -40.80 -109.67 -52.67
C ALA E 248 -42.04 -110.47 -53.05
N SER E 249 -41.98 -111.77 -52.82
CA SER E 249 -43.06 -112.67 -53.21
C SER E 249 -44.19 -112.66 -52.20
N ALA E 250 -43.84 -112.69 -50.91
CA ALA E 250 -44.82 -112.73 -49.83
C ALA E 250 -46.03 -111.85 -50.13
N LEU E 251 -47.19 -112.48 -50.25
CA LEU E 251 -48.42 -111.77 -50.59
C LEU E 251 -49.21 -111.38 -49.35
N LEU E 252 -48.82 -110.27 -48.72
CA LEU E 252 -49.50 -109.77 -47.53
C LEU E 252 -51.01 -109.64 -47.74
N PRO E 253 -51.81 -110.12 -46.77
CA PRO E 253 -53.26 -110.04 -46.81
C PRO E 253 -53.68 -108.72 -46.23
N ILE E 254 -54.89 -108.26 -46.54
CA ILE E 254 -55.33 -106.97 -46.04
C ILE E 254 -56.50 -107.09 -45.05
N TYR E 255 -56.26 -106.70 -43.81
CA TYR E 255 -57.29 -106.72 -42.78
C TYR E 255 -57.89 -105.33 -42.64
N PRO E 256 -59.21 -105.25 -42.45
CA PRO E 256 -60.17 -106.35 -42.45
C PRO E 256 -60.82 -106.50 -43.82
N GLY E 257 -60.57 -105.53 -44.70
CA GLY E 257 -61.15 -105.56 -46.02
C GLY E 257 -61.09 -106.95 -46.64
N GLY E 258 -59.89 -107.40 -46.95
CA GLY E 258 -59.70 -108.67 -47.61
C GLY E 258 -58.66 -108.54 -48.71
N GLY E 259 -58.55 -109.57 -49.55
CA GLY E 259 -57.59 -109.54 -50.63
C GLY E 259 -56.16 -109.41 -50.15
N THR E 260 -55.22 -109.51 -51.08
CA THR E 260 -53.81 -109.43 -50.72
C THR E 260 -53.08 -108.42 -51.58
N ARG E 261 -51.78 -108.30 -51.33
CA ARG E 261 -50.96 -107.32 -52.04
C ARG E 261 -49.49 -107.62 -51.78
N ALA E 262 -48.73 -107.76 -52.86
CA ALA E 262 -47.31 -108.06 -52.74
C ALA E 262 -46.63 -107.20 -51.68
N SER E 263 -45.82 -107.81 -50.84
CA SER E 263 -45.07 -107.09 -49.82
C SER E 263 -44.14 -106.07 -50.45
N THR E 264 -43.48 -105.27 -49.61
CA THR E 264 -42.53 -104.28 -50.10
C THR E 264 -41.33 -104.19 -49.17
N ALA E 265 -41.41 -104.85 -48.03
CA ALA E 265 -40.41 -104.74 -46.98
C ALA E 265 -38.96 -104.70 -47.46
N LYS E 266 -38.47 -105.81 -48.00
CA LYS E 266 -37.09 -105.91 -48.46
C LYS E 266 -36.79 -104.90 -49.55
N ALA E 267 -37.83 -104.32 -50.13
CA ALA E 267 -37.68 -103.32 -51.18
C ALA E 267 -37.80 -101.90 -50.63
N VAL E 268 -37.60 -101.75 -49.32
CA VAL E 268 -37.64 -100.45 -48.67
C VAL E 268 -36.60 -100.43 -47.55
N PHE E 269 -36.31 -101.61 -47.01
CA PHE E 269 -35.34 -101.74 -45.92
C PHE E 269 -34.00 -102.32 -46.34
N GLY E 270 -32.93 -101.75 -45.82
CA GLY E 270 -31.63 -102.38 -45.92
C GLY E 270 -31.51 -103.29 -44.73
N TYR E 271 -31.34 -102.69 -43.56
CA TYR E 271 -31.30 -103.41 -42.29
C TYR E 271 -32.63 -104.13 -42.08
N GLY E 272 -32.66 -105.43 -42.38
CA GLY E 272 -33.86 -106.23 -42.24
C GLY E 272 -34.13 -106.64 -40.81
N PRO E 273 -35.30 -107.25 -40.55
CA PRO E 273 -35.66 -107.74 -39.21
C PRO E 273 -34.67 -108.80 -38.74
N GLN E 274 -34.05 -108.57 -37.59
CA GLN E 274 -32.99 -109.44 -37.11
C GLN E 274 -33.52 -110.67 -36.37
N THR E 275 -33.99 -110.50 -35.15
CA THR E 275 -34.54 -111.63 -34.40
C THR E 275 -35.90 -112.01 -34.98
N ASP E 276 -36.41 -113.18 -34.59
CA ASP E 276 -37.70 -113.64 -35.10
C ASP E 276 -38.85 -112.84 -34.49
N SER E 277 -38.54 -112.12 -33.41
CA SER E 277 -39.52 -111.27 -32.76
C SER E 277 -39.31 -109.79 -33.11
N GLN E 278 -38.71 -109.55 -34.27
CA GLN E 278 -38.60 -108.21 -34.82
C GLN E 278 -39.46 -108.11 -36.07
N TYR E 279 -40.06 -106.94 -36.30
CA TYR E 279 -40.95 -106.77 -37.44
C TYR E 279 -40.67 -105.49 -38.22
N ALA E 280 -40.91 -105.55 -39.51
CA ALA E 280 -40.78 -104.38 -40.36
C ALA E 280 -42.13 -103.67 -40.40
N ILE E 281 -42.13 -102.39 -40.06
CA ILE E 281 -43.35 -101.59 -40.09
C ILE E 281 -43.23 -100.46 -41.09
N ILE E 282 -44.19 -100.35 -41.98
CA ILE E 282 -44.17 -99.28 -42.98
C ILE E 282 -45.50 -98.53 -42.99
N VAL E 283 -45.51 -97.32 -42.45
CA VAL E 283 -46.75 -96.54 -42.33
C VAL E 283 -46.99 -95.65 -43.54
N ARG E 284 -48.22 -95.67 -44.06
CA ARG E 284 -48.55 -94.91 -45.26
C ARG E 284 -49.78 -94.04 -45.08
N ARG E 285 -49.71 -92.80 -45.54
CA ARG E 285 -50.91 -91.97 -45.63
C ARG E 285 -50.98 -91.38 -47.02
N ASN E 286 -51.98 -91.77 -47.79
CA ASN E 286 -52.12 -91.31 -49.17
C ASN E 286 -51.05 -91.88 -50.10
N ASP E 287 -50.75 -93.17 -49.94
CA ASP E 287 -49.75 -93.84 -50.75
C ASP E 287 -48.34 -93.40 -50.39
N ALA E 288 -48.24 -92.41 -49.51
CA ALA E 288 -46.96 -91.90 -49.08
C ALA E 288 -46.38 -92.75 -47.97
N ILE E 289 -45.11 -93.14 -48.11
CA ILE E 289 -44.46 -93.93 -47.08
C ILE E 289 -44.00 -92.99 -45.98
N VAL E 290 -44.95 -92.57 -45.16
CA VAL E 290 -44.73 -91.58 -44.11
C VAL E 290 -43.67 -91.95 -43.06
N GLN E 291 -43.54 -93.24 -42.75
CA GLN E 291 -42.55 -93.69 -41.78
C GLN E 291 -42.14 -95.14 -42.03
N SER E 292 -40.92 -95.49 -41.68
CA SER E 292 -40.40 -96.84 -41.91
C SER E 292 -39.45 -97.23 -40.77
N VAL E 293 -39.83 -98.24 -40.00
CA VAL E 293 -39.04 -98.63 -38.84
C VAL E 293 -39.08 -100.13 -38.63
N VAL E 294 -38.15 -100.64 -37.83
CA VAL E 294 -38.15 -102.04 -37.44
C VAL E 294 -38.17 -102.14 -35.92
N LEU E 295 -39.16 -102.86 -35.38
CA LEU E 295 -39.33 -102.96 -33.94
C LEU E 295 -39.40 -104.40 -33.46
N SER E 296 -39.26 -104.60 -32.16
CA SER E 296 -39.27 -105.93 -31.59
C SER E 296 -40.34 -106.05 -30.52
N THR E 297 -40.89 -107.26 -30.38
CA THR E 297 -41.88 -107.52 -29.36
C THR E 297 -41.23 -108.06 -28.09
N LYS E 298 -39.91 -108.16 -28.11
CA LYS E 298 -39.18 -108.66 -26.95
C LYS E 298 -38.38 -107.57 -26.26
N ARG E 299 -38.69 -107.33 -24.99
CA ARG E 299 -38.03 -106.27 -24.24
C ARG E 299 -36.51 -106.39 -24.34
N GLY E 300 -35.83 -105.25 -24.21
CA GLY E 300 -34.38 -105.25 -24.25
C GLY E 300 -33.82 -105.13 -25.65
N GLY E 301 -34.25 -106.00 -26.55
CA GLY E 301 -33.73 -106.03 -27.91
C GLY E 301 -33.51 -104.65 -28.49
N LYS E 302 -32.37 -104.50 -29.17
CA LYS E 302 -31.97 -103.22 -29.73
C LYS E 302 -31.54 -103.38 -31.18
N ASP E 303 -31.46 -102.27 -31.89
CA ASP E 303 -30.91 -102.27 -33.23
C ASP E 303 -29.39 -102.27 -33.10
N ILE E 304 -28.69 -102.02 -34.20
CA ILE E 304 -27.24 -101.98 -34.18
C ILE E 304 -26.70 -100.71 -33.55
N TYR E 305 -27.50 -100.07 -32.72
CA TYR E 305 -27.11 -98.83 -32.06
C TYR E 305 -27.49 -98.85 -30.58
N ASP E 306 -27.90 -100.02 -30.09
CA ASP E 306 -28.38 -100.15 -28.73
C ASP E 306 -29.54 -99.20 -28.43
N SER E 307 -30.31 -98.87 -29.45
CA SER E 307 -31.53 -98.10 -29.29
C SER E 307 -32.66 -99.07 -28.97
N ASN E 308 -33.20 -98.98 -27.77
CA ASN E 308 -34.29 -99.86 -27.36
C ASN E 308 -35.46 -99.82 -28.35
N ILE E 309 -35.57 -100.85 -29.18
CA ILE E 309 -36.61 -100.92 -30.19
C ILE E 309 -37.75 -101.84 -29.78
N TYR E 310 -37.94 -102.03 -28.47
CA TYR E 310 -39.10 -102.75 -27.99
C TYR E 310 -40.33 -101.86 -28.19
N ILE E 311 -41.30 -102.37 -28.94
CA ILE E 311 -42.49 -101.61 -29.30
C ILE E 311 -43.00 -100.65 -28.23
N ASP E 312 -43.54 -101.20 -27.15
CA ASP E 312 -44.15 -100.39 -26.11
C ASP E 312 -43.33 -99.18 -25.68
N ASP E 313 -42.01 -99.32 -25.65
CA ASP E 313 -41.14 -98.23 -25.24
C ASP E 313 -40.91 -97.24 -26.37
N PHE E 314 -40.54 -97.75 -27.53
CA PHE E 314 -40.33 -96.91 -28.71
C PHE E 314 -41.38 -95.82 -28.81
N PHE E 315 -42.65 -96.23 -28.79
CA PHE E 315 -43.77 -95.28 -28.90
C PHE E 315 -43.95 -94.51 -27.61
N ALA E 316 -43.61 -95.14 -26.50
CA ALA E 316 -43.76 -94.53 -25.18
C ALA E 316 -43.00 -93.21 -25.09
N LYS E 317 -42.06 -93.03 -26.02
CA LYS E 317 -41.21 -91.86 -26.02
C LYS E 317 -41.19 -91.19 -27.39
N GLY E 318 -42.26 -90.47 -27.70
CA GLY E 318 -42.38 -89.74 -28.96
C GLY E 318 -41.77 -90.45 -30.16
N GLY E 319 -41.86 -91.77 -30.18
CA GLY E 319 -41.23 -92.55 -31.22
C GLY E 319 -41.78 -92.28 -32.61
N SER E 320 -43.05 -91.92 -32.70
CA SER E 320 -43.69 -91.76 -33.99
C SER E 320 -44.80 -90.72 -33.98
N GLU E 321 -44.79 -89.87 -35.00
CA GLU E 321 -45.77 -88.78 -35.09
C GLU E 321 -47.16 -89.27 -35.50
N TYR E 322 -47.24 -90.48 -36.04
CA TYR E 322 -48.47 -90.93 -36.70
C TYR E 322 -49.25 -92.00 -35.96
N ILE E 323 -48.56 -93.05 -35.52
CA ILE E 323 -49.23 -94.20 -34.94
C ILE E 323 -48.75 -94.48 -33.53
N PHE E 324 -49.32 -95.52 -32.93
CA PHE E 324 -48.98 -95.92 -31.57
C PHE E 324 -49.34 -97.39 -31.47
N ALA E 325 -48.44 -98.20 -30.91
CA ALA E 325 -48.67 -99.64 -30.86
C ALA E 325 -48.30 -100.26 -29.52
N THR E 326 -48.57 -101.56 -29.39
CA THR E 326 -48.24 -102.29 -28.18
C THR E 326 -47.96 -103.76 -28.50
N ALA E 327 -46.87 -104.28 -27.94
CA ALA E 327 -46.45 -105.65 -28.22
C ALA E 327 -47.50 -106.65 -27.77
N GLN E 328 -48.38 -106.21 -26.87
CA GLN E 328 -49.37 -107.08 -26.27
C GLN E 328 -50.32 -107.67 -27.31
N ASN E 329 -50.44 -109.00 -27.27
CA ASN E 329 -51.32 -109.72 -28.19
C ASN E 329 -50.96 -109.54 -29.65
N TRP E 330 -49.75 -109.04 -29.91
CA TRP E 330 -49.22 -108.96 -31.25
C TRP E 330 -49.07 -110.39 -31.76
N PRO E 331 -49.82 -110.75 -32.82
CA PRO E 331 -49.76 -112.13 -33.33
C PRO E 331 -48.34 -112.52 -33.69
N GLU E 332 -47.89 -113.67 -33.24
CA GLU E 332 -46.55 -114.13 -33.58
C GLU E 332 -46.42 -114.33 -35.08
N GLY E 333 -45.30 -113.85 -35.63
CA GLY E 333 -45.02 -113.98 -37.05
C GLY E 333 -46.09 -113.34 -37.93
N PHE E 334 -46.89 -112.46 -37.35
CA PHE E 334 -47.92 -111.77 -38.12
C PHE E 334 -47.28 -110.99 -39.23
N SER E 335 -47.87 -111.06 -40.42
CA SER E 335 -47.50 -110.20 -41.53
C SER E 335 -48.77 -109.87 -42.29
N GLY E 336 -48.94 -108.60 -42.66
CA GLY E 336 -50.12 -108.18 -43.37
C GLY E 336 -50.27 -106.69 -43.51
N ILE E 337 -51.41 -106.28 -44.06
CA ILE E 337 -51.72 -104.87 -44.24
C ILE E 337 -52.84 -104.50 -43.30
N LEU E 338 -52.58 -103.59 -42.39
CA LEU E 338 -53.61 -103.12 -41.48
C LEU E 338 -54.31 -101.87 -42.04
N THR E 339 -55.64 -101.89 -42.00
CA THR E 339 -56.43 -100.79 -42.53
C THR E 339 -57.14 -100.08 -41.40
N LEU E 340 -56.64 -98.90 -41.04
CA LEU E 340 -57.22 -98.11 -39.98
C LEU E 340 -58.49 -97.47 -40.49
N SER E 341 -59.53 -97.50 -39.67
CA SER E 341 -60.83 -96.91 -39.99
C SER E 341 -61.65 -96.72 -38.71
N GLY E 342 -62.87 -96.22 -38.85
CA GLY E 342 -63.69 -95.90 -37.70
C GLY E 342 -63.11 -94.76 -36.88
N GLY E 343 -61.97 -94.25 -37.33
CA GLY E 343 -61.37 -93.10 -36.69
C GLY E 343 -62.41 -92.01 -36.55
N LEU E 344 -62.41 -91.31 -35.43
CA LEU E 344 -63.48 -90.37 -35.17
C LEU E 344 -63.15 -89.33 -34.13
N SER E 345 -62.66 -88.16 -34.55
CA SER E 345 -62.59 -87.04 -33.64
C SER E 345 -63.95 -86.42 -33.66
N SER E 346 -64.59 -86.31 -32.51
CA SER E 346 -65.85 -85.62 -32.50
C SER E 346 -65.62 -84.34 -31.74
N ASN E 347 -65.67 -83.23 -32.48
CA ASN E 347 -65.92 -81.92 -31.90
C ASN E 347 -67.42 -81.80 -31.89
N ALA E 348 -68.03 -82.56 -32.79
CA ALA E 348 -69.47 -82.67 -32.91
C ALA E 348 -70.09 -82.22 -31.61
N GLU E 349 -69.84 -82.98 -30.55
CA GLU E 349 -70.29 -82.55 -29.24
C GLU E 349 -69.19 -82.56 -28.18
N VAL E 350 -68.37 -81.53 -28.24
CA VAL E 350 -67.47 -81.21 -27.16
C VAL E 350 -68.20 -80.23 -26.25
N THR E 351 -68.60 -80.70 -25.08
CA THR E 351 -69.32 -79.87 -24.11
C THR E 351 -68.43 -78.73 -23.61
N ALA E 352 -69.08 -77.63 -23.24
CA ALA E 352 -68.34 -76.48 -22.72
C ALA E 352 -67.31 -76.93 -21.70
N GLY E 353 -67.75 -77.75 -20.75
CA GLY E 353 -66.87 -78.26 -19.72
C GLY E 353 -65.66 -78.97 -20.28
N ASP E 354 -65.88 -79.73 -21.35
CA ASP E 354 -64.79 -80.45 -22.01
C ASP E 354 -63.70 -79.47 -22.41
N LEU E 355 -64.07 -78.21 -22.58
CA LEU E 355 -63.10 -77.16 -22.85
C LEU E 355 -62.39 -76.74 -21.56
N MET E 356 -63.17 -76.56 -20.51
CA MET E 356 -62.63 -76.12 -19.24
C MET E 356 -61.68 -77.16 -18.64
N GLU E 357 -62.00 -78.44 -18.81
CA GLU E 357 -61.09 -79.50 -18.41
C GLU E 357 -59.74 -79.28 -19.06
N ALA E 358 -59.78 -78.86 -20.33
CA ALA E 358 -58.58 -78.64 -21.12
C ALA E 358 -57.81 -77.43 -20.60
N TRP E 359 -58.45 -76.27 -20.62
CA TRP E 359 -57.81 -75.05 -20.16
C TRP E 359 -57.09 -75.25 -18.82
N ASP E 360 -57.68 -76.07 -17.97
CA ASP E 360 -57.15 -76.29 -16.63
C ASP E 360 -55.68 -76.70 -16.64
N PHE E 361 -55.21 -77.22 -17.77
CA PHE E 361 -53.84 -77.69 -17.87
C PHE E 361 -52.81 -76.59 -17.63
N PHE E 362 -53.27 -75.35 -17.54
CA PHE E 362 -52.38 -74.21 -17.38
C PHE E 362 -52.46 -73.55 -16.00
N ALA E 363 -53.35 -74.04 -15.13
CA ALA E 363 -53.70 -73.33 -13.92
C ALA E 363 -52.75 -73.49 -12.73
N ASP E 364 -51.46 -73.65 -12.99
CA ASP E 364 -50.46 -73.76 -11.93
C ASP E 364 -49.05 -73.39 -12.38
N ARG E 365 -48.55 -72.27 -11.88
CA ARG E 365 -47.23 -71.78 -12.25
C ARG E 365 -46.13 -72.81 -11.98
N GLU E 366 -46.42 -73.76 -11.09
CA GLU E 366 -45.46 -74.80 -10.73
C GLU E 366 -45.15 -75.45 -12.07
N SER E 367 -46.17 -75.60 -12.89
CA SER E 367 -46.03 -76.44 -14.07
C SER E 367 -45.73 -75.80 -15.41
N VAL E 368 -46.54 -74.82 -15.82
CA VAL E 368 -46.36 -74.19 -17.11
C VAL E 368 -46.21 -72.68 -17.09
N ASP E 369 -45.07 -72.22 -17.60
CA ASP E 369 -44.79 -70.80 -17.71
C ASP E 369 -45.43 -70.21 -18.95
N VAL E 370 -46.66 -69.73 -18.80
CA VAL E 370 -47.39 -69.16 -19.93
C VAL E 370 -47.81 -67.72 -19.64
N GLN E 371 -47.35 -66.78 -20.46
CA GLN E 371 -47.54 -65.37 -20.17
C GLN E 371 -48.92 -64.83 -20.56
N LEU E 372 -49.41 -65.21 -21.73
CA LEU E 372 -50.67 -64.65 -22.23
C LEU E 372 -51.71 -65.74 -22.37
N PHE E 373 -52.97 -65.35 -22.42
CA PHE E 373 -54.06 -66.31 -22.49
C PHE E 373 -55.04 -65.98 -23.61
N ILE E 374 -54.98 -66.71 -24.71
CA ILE E 374 -55.95 -66.49 -25.78
C ILE E 374 -57.27 -67.10 -25.35
N ALA E 375 -58.30 -66.29 -25.19
CA ALA E 375 -59.53 -66.79 -24.62
C ALA E 375 -60.72 -66.53 -25.52
N GLY E 376 -60.71 -65.39 -26.21
CA GLY E 376 -61.80 -65.02 -27.08
C GLY E 376 -62.11 -66.10 -28.12
N SER E 377 -61.21 -67.06 -28.21
CA SER E 377 -61.32 -68.14 -29.18
C SER E 377 -62.65 -68.89 -29.08
N CYS E 378 -63.39 -68.63 -28.02
CA CYS E 378 -64.69 -69.27 -27.84
C CYS E 378 -65.81 -68.36 -28.31
N ALA E 379 -65.44 -67.22 -28.86
CA ALA E 379 -66.43 -66.23 -29.29
C ALA E 379 -67.60 -66.86 -30.02
N GLY E 380 -67.31 -67.80 -30.92
CA GLY E 380 -68.34 -68.39 -31.76
C GLY E 380 -69.25 -69.39 -31.09
N GLU E 381 -68.76 -70.09 -30.08
CA GLU E 381 -69.50 -71.19 -29.46
C GLU E 381 -70.86 -70.79 -28.89
N SER E 382 -71.64 -71.79 -28.48
CA SER E 382 -72.96 -71.57 -27.90
C SER E 382 -72.86 -70.35 -26.98
N LEU E 383 -73.66 -69.32 -27.25
CA LEU E 383 -73.58 -68.10 -26.45
C LEU E 383 -73.23 -68.46 -25.01
N GLU E 384 -74.02 -69.34 -24.41
CA GLU E 384 -73.76 -69.80 -23.05
C GLU E 384 -72.27 -70.06 -22.88
N THR E 385 -71.80 -71.13 -23.50
CA THR E 385 -70.39 -71.51 -23.40
C THR E 385 -69.46 -70.37 -23.79
N ALA E 386 -69.87 -69.54 -24.75
CA ALA E 386 -69.08 -68.38 -25.14
C ALA E 386 -68.69 -67.61 -23.89
N SER E 387 -69.66 -67.45 -22.99
CA SER E 387 -69.44 -66.72 -21.76
C SER E 387 -68.82 -67.59 -20.68
N THR E 388 -69.47 -68.69 -20.35
CA THR E 388 -69.03 -69.49 -19.21
C THR E 388 -67.64 -70.11 -19.30
N VAL E 389 -67.15 -70.34 -20.51
CA VAL E 389 -65.79 -70.84 -20.65
C VAL E 389 -64.81 -69.75 -20.29
N GLN E 390 -64.78 -68.68 -21.08
CA GLN E 390 -63.96 -67.52 -20.82
C GLN E 390 -64.01 -67.13 -19.35
N LYS E 391 -65.22 -66.88 -18.86
CA LYS E 391 -65.45 -66.52 -17.47
C LYS E 391 -64.55 -67.38 -16.59
N HIS E 392 -64.55 -68.67 -16.84
CA HIS E 392 -63.72 -69.61 -16.10
C HIS E 392 -62.23 -69.43 -16.37
N VAL E 393 -61.87 -69.18 -17.63
CA VAL E 393 -60.46 -68.98 -17.99
C VAL E 393 -59.88 -67.82 -17.21
N VAL E 394 -60.69 -66.78 -17.02
CA VAL E 394 -60.29 -65.63 -16.20
C VAL E 394 -60.00 -66.10 -14.78
N SER E 395 -60.79 -67.07 -14.32
CA SER E 395 -60.65 -67.59 -12.97
C SER E 395 -59.51 -68.60 -12.88
N ILE E 396 -58.57 -68.52 -13.82
CA ILE E 396 -57.36 -69.33 -13.79
C ILE E 396 -56.18 -68.39 -13.70
N GLY E 397 -56.26 -67.31 -14.46
CA GLY E 397 -55.26 -66.26 -14.39
C GLY E 397 -55.41 -65.54 -13.07
N ASP E 398 -56.65 -65.37 -12.63
CA ASP E 398 -56.92 -64.77 -11.33
C ASP E 398 -56.18 -65.51 -10.23
N VAL E 399 -56.46 -66.78 -10.08
CA VAL E 399 -55.94 -67.57 -8.98
C VAL E 399 -54.43 -67.79 -9.12
N ARG E 400 -53.84 -67.49 -10.25
CA ARG E 400 -52.41 -67.72 -10.45
C ARG E 400 -51.61 -66.43 -10.58
N GLN E 401 -52.26 -65.41 -11.14
CA GLN E 401 -51.68 -64.07 -11.25
C GLN E 401 -50.29 -64.00 -11.86
N ASP E 402 -50.03 -64.86 -12.84
CA ASP E 402 -48.84 -64.77 -13.69
C ASP E 402 -49.30 -64.92 -15.13
N CYS E 403 -49.93 -63.89 -15.67
CA CYS E 403 -50.55 -63.99 -16.99
C CYS E 403 -51.40 -62.78 -17.36
N LEU E 404 -52.28 -62.97 -18.32
CA LEU E 404 -53.12 -61.89 -18.81
C LEU E 404 -54.11 -62.90 -19.41
N VAL E 405 -55.39 -62.69 -19.19
CA VAL E 405 -56.39 -63.61 -19.70
C VAL E 405 -56.92 -62.42 -20.49
N LEU E 406 -56.97 -62.55 -21.82
CA LEU E 406 -57.45 -61.46 -22.68
C LEU E 406 -58.66 -62.21 -23.26
N CYS E 407 -59.74 -61.48 -23.49
CA CYS E 407 -61.03 -62.08 -23.83
C CYS E 407 -61.87 -61.20 -24.73
N SER E 408 -62.62 -61.81 -25.63
CA SER E 408 -63.43 -61.11 -26.64
C SER E 408 -64.93 -61.44 -26.65
N PRO E 409 -65.77 -60.51 -27.14
CA PRO E 409 -67.23 -60.60 -27.05
C PRO E 409 -67.78 -61.71 -27.91
N PRO E 410 -69.03 -62.11 -27.66
CA PRO E 410 -69.68 -63.18 -28.44
C PRO E 410 -70.15 -62.67 -29.80
N ARG E 411 -69.90 -63.43 -30.85
CA ARG E 411 -70.33 -63.00 -32.17
C ARG E 411 -71.75 -62.48 -32.14
N GLU E 412 -72.65 -63.26 -31.55
CA GLU E 412 -74.06 -62.86 -31.46
C GLU E 412 -74.20 -61.35 -31.30
N THR E 413 -73.46 -60.83 -30.34
CA THR E 413 -73.69 -59.50 -29.80
C THR E 413 -73.16 -58.35 -30.63
N VAL E 414 -72.28 -58.63 -31.58
CA VAL E 414 -71.53 -57.56 -32.19
C VAL E 414 -71.44 -57.53 -33.73
N VAL E 415 -71.50 -58.69 -34.36
CA VAL E 415 -71.28 -58.77 -35.80
C VAL E 415 -72.51 -58.50 -36.66
N GLY E 416 -73.64 -59.10 -36.32
CA GLY E 416 -74.86 -58.93 -37.11
C GLY E 416 -75.46 -57.52 -37.09
N ILE E 417 -75.84 -57.07 -35.90
CA ILE E 417 -76.55 -55.80 -35.73
C ILE E 417 -75.69 -54.57 -36.03
N PRO E 418 -76.34 -53.40 -36.15
CA PRO E 418 -75.68 -52.09 -36.24
C PRO E 418 -75.18 -51.65 -34.87
N VAL E 419 -74.31 -50.65 -34.83
CA VAL E 419 -73.67 -50.23 -33.58
C VAL E 419 -74.66 -49.76 -32.52
N THR E 420 -75.73 -49.09 -32.94
CA THR E 420 -76.76 -48.65 -32.01
C THR E 420 -77.11 -49.77 -31.02
N ARG E 421 -77.74 -50.83 -31.52
CA ARG E 421 -78.02 -52.00 -30.70
C ARG E 421 -76.72 -52.55 -30.13
N ALA E 422 -75.69 -52.61 -30.98
CA ALA E 422 -74.43 -53.26 -30.64
C ALA E 422 -73.97 -52.96 -29.23
N VAL E 423 -73.73 -51.69 -28.93
CA VAL E 423 -73.17 -51.33 -27.64
C VAL E 423 -74.12 -51.69 -26.50
N ASP E 424 -75.40 -51.37 -26.65
CA ASP E 424 -76.39 -51.75 -25.65
C ASP E 424 -76.11 -53.18 -25.22
N ASN E 425 -75.99 -54.07 -26.19
CA ASN E 425 -75.73 -55.48 -25.94
C ASN E 425 -74.48 -55.66 -25.09
N LEU E 426 -73.36 -55.15 -25.60
CA LEU E 426 -72.08 -55.30 -24.92
C LEU E 426 -72.13 -54.91 -23.44
N VAL E 427 -72.75 -53.78 -23.14
CA VAL E 427 -72.79 -53.28 -21.76
C VAL E 427 -73.70 -54.12 -20.88
N ASN E 428 -74.85 -54.51 -21.42
CA ASN E 428 -75.71 -55.45 -20.72
C ASN E 428 -74.94 -56.70 -20.32
N TRP E 429 -74.18 -57.23 -21.27
CA TRP E 429 -73.44 -58.47 -21.06
C TRP E 429 -72.37 -58.31 -19.99
N ARG E 430 -71.75 -57.12 -19.93
CA ARG E 430 -70.69 -56.84 -18.97
C ARG E 430 -71.23 -56.66 -17.55
N THR E 431 -72.57 -56.65 -17.42
CA THR E 431 -73.22 -56.56 -16.12
C THR E 431 -74.27 -57.66 -15.86
N ALA E 432 -75.37 -57.61 -16.58
CA ALA E 432 -76.45 -58.57 -16.39
C ALA E 432 -77.65 -58.01 -17.13
N ALA E 433 -78.29 -57.02 -16.51
CA ALA E 433 -79.28 -56.17 -17.16
C ALA E 433 -80.29 -56.91 -18.02
N GLY E 434 -80.28 -56.61 -19.32
CA GLY E 434 -81.37 -56.98 -20.21
C GLY E 434 -81.46 -58.45 -20.57
N SER E 435 -80.89 -58.81 -21.71
CA SER E 435 -81.04 -60.16 -22.24
C SER E 435 -80.01 -61.12 -21.67
N TYR E 436 -78.77 -60.65 -21.58
CA TYR E 436 -77.69 -61.46 -21.02
C TYR E 436 -77.56 -61.22 -19.52
N THR E 437 -78.61 -61.54 -18.78
CA THR E 437 -78.48 -61.50 -17.33
C THR E 437 -77.81 -62.79 -16.90
N ASP E 438 -78.17 -63.86 -17.58
CA ASP E 438 -77.77 -65.21 -17.23
C ASP E 438 -76.36 -65.49 -17.71
N ASN E 439 -76.20 -65.47 -19.03
CA ASN E 439 -74.89 -65.60 -19.63
C ASN E 439 -74.18 -64.26 -19.64
N ASN E 440 -73.95 -63.73 -18.45
CA ASN E 440 -73.22 -62.49 -18.31
C ASN E 440 -71.75 -62.79 -18.27
N PHE E 441 -70.94 -61.74 -18.38
CA PHE E 441 -69.50 -61.83 -18.21
C PHE E 441 -69.15 -60.91 -17.05
N ASN E 442 -70.08 -60.77 -16.12
CA ASN E 442 -69.96 -59.80 -15.03
C ASN E 442 -68.89 -60.15 -13.99
N ILE E 443 -67.63 -60.07 -14.41
CA ILE E 443 -66.51 -60.30 -13.53
C ILE E 443 -65.61 -59.08 -13.62
N SER E 444 -64.60 -59.00 -12.77
CA SER E 444 -63.74 -57.81 -12.76
C SER E 444 -62.29 -58.06 -12.32
N SER E 445 -61.49 -58.61 -13.22
CA SER E 445 -60.10 -58.89 -12.90
C SER E 445 -59.16 -57.88 -13.53
N THR E 446 -58.09 -57.58 -12.80
CA THR E 446 -57.04 -56.69 -13.26
C THR E 446 -56.25 -57.48 -14.28
N TYR E 447 -56.53 -58.79 -14.32
CA TYR E 447 -55.91 -59.70 -15.27
C TYR E 447 -56.85 -59.94 -16.45
N ALA E 448 -58.09 -59.48 -16.29
CA ALA E 448 -59.09 -59.63 -17.33
C ALA E 448 -58.98 -58.49 -18.31
N ALA E 449 -58.72 -58.82 -19.57
CA ALA E 449 -58.67 -57.81 -20.62
C ALA E 449 -59.75 -58.41 -21.53
N ILE E 450 -60.84 -57.68 -21.73
CA ILE E 450 -61.85 -58.05 -22.70
C ILE E 450 -61.63 -57.31 -24.02
N ASP E 451 -62.47 -57.61 -25.01
CA ASP E 451 -62.03 -57.69 -26.39
C ASP E 451 -63.20 -57.52 -27.36
N GLY E 452 -63.13 -56.49 -28.19
CA GLY E 452 -64.06 -55.37 -28.10
C GLY E 452 -64.92 -55.22 -29.34
N ASN E 453 -64.44 -55.76 -30.45
CA ASN E 453 -65.32 -56.34 -31.47
C ASN E 453 -64.83 -57.70 -31.95
N TYR E 454 -65.07 -58.00 -33.22
CA TYR E 454 -64.74 -59.30 -33.78
C TYR E 454 -64.32 -59.19 -35.24
N LYS E 455 -63.20 -59.82 -35.57
CA LYS E 455 -62.46 -59.48 -36.78
C LYS E 455 -62.98 -60.27 -37.98
N TYR E 456 -62.82 -59.71 -39.17
CA TYR E 456 -63.25 -60.36 -40.40
C TYR E 456 -62.05 -60.71 -41.27
N GLN E 457 -61.57 -61.94 -41.15
CA GLN E 457 -60.35 -62.38 -41.84
C GLN E 457 -60.66 -63.13 -43.12
N TYR E 458 -59.62 -63.51 -43.85
CA TYR E 458 -59.81 -64.40 -45.00
C TYR E 458 -59.15 -65.73 -44.67
N ASP E 459 -59.80 -66.82 -45.03
CA ASP E 459 -59.36 -68.15 -44.64
C ASP E 459 -58.68 -68.87 -45.78
N LYS E 460 -57.37 -68.70 -45.91
CA LYS E 460 -56.63 -69.25 -47.04
C LYS E 460 -56.89 -70.74 -47.26
N TYR E 461 -57.43 -71.41 -46.24
CA TYR E 461 -57.64 -72.84 -46.33
C TYR E 461 -58.97 -73.21 -46.98
N ASN E 462 -60.08 -72.86 -46.36
CA ASN E 462 -61.37 -73.10 -46.97
C ASN E 462 -61.58 -72.13 -48.12
N ASP E 463 -60.75 -71.10 -48.17
CA ASP E 463 -60.84 -70.06 -49.17
C ASP E 463 -62.12 -69.24 -49.01
N VAL E 464 -62.38 -68.79 -47.78
CA VAL E 464 -63.57 -68.02 -47.51
C VAL E 464 -63.30 -66.91 -46.51
N ASN E 465 -64.08 -65.84 -46.61
CA ASN E 465 -64.01 -64.76 -45.63
C ASN E 465 -64.82 -65.12 -44.40
N ARG E 466 -64.28 -64.84 -43.23
CA ARG E 466 -64.79 -65.43 -42.00
C ARG E 466 -64.61 -64.49 -40.81
N TRP E 467 -65.56 -64.47 -39.89
CA TRP E 467 -65.41 -63.71 -38.65
C TRP E 467 -64.67 -64.52 -37.60
N VAL E 468 -63.63 -63.93 -37.01
CA VAL E 468 -62.91 -64.60 -35.94
C VAL E 468 -62.71 -63.71 -34.72
N PRO E 469 -62.66 -64.32 -33.53
CA PRO E 469 -62.44 -63.58 -32.29
C PRO E 469 -61.15 -62.77 -32.39
N LEU E 470 -61.22 -61.49 -32.05
CA LEU E 470 -60.07 -60.61 -32.21
C LEU E 470 -59.02 -60.82 -31.12
N ALA E 471 -59.47 -61.25 -29.95
CA ALA E 471 -58.57 -61.47 -28.82
C ALA E 471 -57.34 -62.29 -29.21
N ALA E 472 -57.56 -63.42 -29.85
CA ALA E 472 -56.49 -64.28 -30.32
C ALA E 472 -55.36 -63.45 -30.93
N ASP E 473 -55.74 -62.39 -31.62
CA ASP E 473 -54.78 -61.57 -32.33
C ASP E 473 -54.02 -60.63 -31.40
N ILE E 474 -54.74 -59.77 -30.69
CA ILE E 474 -54.13 -58.78 -29.80
C ILE E 474 -53.11 -59.43 -28.85
N ALA E 475 -53.35 -60.70 -28.52
CA ALA E 475 -52.46 -61.43 -27.62
C ALA E 475 -51.06 -61.55 -28.20
N GLY E 476 -50.97 -61.84 -29.49
CA GLY E 476 -49.69 -61.89 -30.17
C GLY E 476 -49.16 -60.48 -30.27
N LEU E 477 -50.08 -59.53 -30.41
CA LEU E 477 -49.74 -58.13 -30.51
C LEU E 477 -49.13 -57.65 -29.19
N CYS E 478 -49.22 -58.49 -28.16
CA CYS E 478 -48.59 -58.19 -26.87
C CYS E 478 -47.20 -58.83 -26.77
N ALA E 479 -47.09 -60.09 -27.16
CA ALA E 479 -45.82 -60.79 -27.16
C ALA E 479 -44.82 -59.90 -27.86
N ARG E 480 -45.36 -59.09 -28.76
CA ARG E 480 -44.62 -58.07 -29.45
C ARG E 480 -44.39 -56.92 -28.49
N THR E 481 -45.10 -55.83 -28.74
CA THR E 481 -44.91 -54.56 -28.05
C THR E 481 -44.62 -54.71 -26.56
N ASP E 482 -43.54 -54.06 -26.13
CA ASP E 482 -43.03 -54.17 -24.76
C ASP E 482 -43.09 -55.60 -24.27
N ASN E 483 -43.18 -55.78 -22.96
CA ASN E 483 -43.33 -57.12 -22.43
C ASN E 483 -44.71 -57.48 -21.89
N VAL E 484 -44.90 -58.77 -21.71
CA VAL E 484 -46.23 -59.36 -21.66
C VAL E 484 -46.61 -59.87 -20.27
N ARG E 496 -53.47 -51.14 -30.55
CA ARG E 496 -52.15 -50.95 -29.97
C ARG E 496 -51.06 -50.94 -31.05
N GLY E 497 -51.45 -50.60 -32.27
CA GLY E 497 -50.61 -50.74 -33.44
C GLY E 497 -51.34 -51.68 -34.36
N GLN E 498 -51.67 -51.20 -35.57
CA GLN E 498 -52.63 -51.91 -36.41
C GLN E 498 -52.40 -53.41 -36.48
N ILE E 499 -53.48 -54.14 -36.69
CA ILE E 499 -53.42 -55.59 -36.80
C ILE E 499 -53.25 -55.98 -38.24
N LEU E 500 -52.69 -57.17 -38.44
CA LEU E 500 -52.16 -57.55 -39.74
C LEU E 500 -53.20 -57.81 -40.82
N ASN E 501 -53.98 -58.88 -40.65
CA ASN E 501 -54.70 -59.44 -41.77
C ASN E 501 -56.19 -59.16 -41.75
N VAL E 502 -56.59 -58.22 -40.91
CA VAL E 502 -57.98 -57.79 -40.89
C VAL E 502 -58.37 -57.30 -42.27
N ILE E 503 -59.67 -57.29 -42.56
CA ILE E 503 -60.14 -56.78 -43.83
C ILE E 503 -61.47 -56.09 -43.58
N LYS E 504 -61.79 -55.92 -42.31
CA LYS E 504 -63.08 -55.43 -41.91
C LYS E 504 -63.20 -55.71 -40.43
N LEU E 505 -63.74 -54.76 -39.67
CA LEU E 505 -64.07 -55.00 -38.28
C LEU E 505 -65.57 -54.78 -37.99
N ALA E 506 -66.09 -55.49 -37.00
CA ALA E 506 -67.52 -55.43 -36.74
C ALA E 506 -67.95 -54.00 -36.53
N ILE E 507 -67.11 -53.21 -35.86
CA ILE E 507 -67.37 -51.79 -35.67
C ILE E 507 -66.11 -50.96 -35.91
N GLU E 508 -66.29 -49.76 -36.45
CA GLU E 508 -65.16 -48.89 -36.77
C GLU E 508 -65.60 -47.43 -36.85
N THR E 509 -64.87 -46.57 -36.16
CA THR E 509 -64.05 -46.98 -35.04
C THR E 509 -64.40 -46.21 -33.77
N PRO E 510 -64.63 -44.90 -33.92
CA PRO E 510 -64.13 -44.16 -35.07
C PRO E 510 -62.95 -43.28 -34.71
N ASN F 21 -68.29 6.42 -36.01
CA ASN F 21 -67.98 7.09 -37.26
C ASN F 21 -67.42 8.51 -37.31
N ASN F 22 -66.43 8.73 -36.46
CA ASN F 22 -66.04 9.86 -35.63
C ASN F 22 -66.89 9.97 -34.37
N SER F 23 -67.35 8.93 -33.87
CA SER F 23 -68.34 8.83 -32.82
C SER F 23 -69.76 8.97 -33.38
N THR F 24 -70.06 8.50 -34.48
CA THR F 24 -71.40 8.24 -34.98
C THR F 24 -72.32 9.46 -34.92
N GLY F 25 -71.93 10.53 -35.61
CA GLY F 25 -72.70 11.76 -35.60
C GLY F 25 -74.06 11.52 -36.21
N THR F 26 -74.98 10.97 -35.42
CA THR F 26 -76.31 10.66 -35.92
C THR F 26 -77.09 11.88 -35.47
N ALA F 27 -77.63 12.64 -36.42
CA ALA F 27 -78.47 13.77 -36.09
C ALA F 27 -79.90 13.30 -35.94
N ALA F 28 -80.78 14.21 -35.57
CA ALA F 28 -82.20 13.91 -35.43
C ALA F 28 -82.97 15.18 -35.67
N LEU F 29 -83.96 15.10 -36.55
CA LEU F 29 -84.72 16.28 -36.95
C LEU F 29 -86.17 15.92 -37.15
N ALA F 30 -87.05 16.78 -36.68
CA ALA F 30 -88.47 16.59 -36.89
C ALA F 30 -89.10 17.93 -37.22
N GLY F 31 -89.95 17.93 -38.24
CA GLY F 31 -90.62 19.14 -38.66
C GLY F 31 -91.50 18.94 -39.87
N LYS F 32 -92.05 20.04 -40.37
CA LYS F 32 -93.02 20.02 -41.45
C LYS F 32 -92.33 19.95 -42.81
N PHE F 33 -92.82 19.07 -43.67
CA PHE F 33 -92.25 18.91 -45.01
C PHE F 33 -93.30 18.85 -46.13
N GLN F 34 -92.84 19.04 -47.35
CA GLN F 34 -93.71 19.08 -48.51
C GLN F 34 -94.16 17.67 -48.89
N TRP F 35 -93.48 16.67 -48.33
CA TRP F 35 -93.66 15.29 -48.77
C TRP F 35 -93.35 14.31 -47.65
N GLY F 36 -94.23 13.33 -47.45
CA GLY F 36 -94.07 12.32 -46.42
C GLY F 36 -92.91 11.42 -46.77
N PRO F 37 -92.63 10.38 -45.96
CA PRO F 37 -93.43 9.71 -44.94
C PRO F 37 -93.82 10.59 -43.78
N ALA F 38 -95.05 10.41 -43.32
CA ALA F 38 -95.54 11.07 -42.13
C ALA F 38 -95.32 10.18 -40.92
N PHE F 39 -94.80 10.77 -39.85
CA PHE F 39 -94.56 10.04 -38.62
C PHE F 39 -93.83 8.74 -38.86
N GLN F 40 -92.69 8.83 -39.53
CA GLN F 40 -91.82 7.69 -39.74
C GLN F 40 -90.37 8.12 -39.62
N ILE F 41 -89.55 7.32 -38.95
CA ILE F 41 -88.14 7.63 -38.79
C ILE F 41 -87.36 7.25 -40.04
N LYS F 42 -87.77 7.79 -41.18
CA LYS F 42 -87.02 7.57 -42.40
C LYS F 42 -85.65 8.23 -42.28
N GLN F 43 -84.60 7.52 -42.69
CA GLN F 43 -83.25 8.07 -42.62
C GLN F 43 -82.87 8.74 -43.94
N VAL F 44 -82.02 9.75 -43.84
CA VAL F 44 -81.61 10.53 -45.00
C VAL F 44 -80.10 10.74 -45.00
N THR F 45 -79.47 10.65 -46.16
CA THR F 45 -78.01 10.77 -46.24
C THR F 45 -77.52 11.85 -47.21
N ASN F 46 -78.21 12.01 -48.33
CA ASN F 46 -77.84 13.03 -49.31
C ASN F 46 -78.78 14.22 -49.26
N GLU F 47 -78.43 15.28 -49.99
CA GLU F 47 -79.35 16.39 -50.18
C GLU F 47 -80.33 15.97 -51.25
N VAL F 48 -79.79 15.59 -52.41
CA VAL F 48 -80.59 15.12 -53.54
C VAL F 48 -81.43 13.90 -53.16
N ASP F 49 -81.17 13.37 -51.97
CA ASP F 49 -81.89 12.22 -51.48
C ASP F 49 -82.98 12.61 -50.48
N LEU F 50 -82.87 13.80 -49.91
CA LEU F 50 -83.94 14.28 -49.06
C LEU F 50 -84.96 15.02 -49.91
N VAL F 51 -84.49 15.73 -50.94
CA VAL F 51 -85.41 16.35 -51.90
C VAL F 51 -86.27 15.26 -52.52
N ASN F 52 -85.63 14.23 -53.01
CA ASN F 52 -86.34 13.06 -53.51
C ASN F 52 -87.48 12.68 -52.57
N THR F 53 -87.27 12.84 -51.27
CA THR F 53 -88.16 12.25 -50.28
C THR F 53 -89.02 13.26 -49.51
N PHE F 54 -88.51 14.45 -49.27
CA PHE F 54 -89.29 15.47 -48.57
C PHE F 54 -89.00 16.80 -49.24
N GLY F 55 -88.83 16.72 -50.55
CA GLY F 55 -88.13 17.75 -51.32
C GLY F 55 -87.67 19.13 -51.70
N GLN F 56 -88.64 20.02 -51.81
CA GLN F 56 -88.42 21.43 -52.02
C GLN F 56 -88.93 22.13 -50.78
N PRO F 57 -88.41 23.33 -50.50
CA PRO F 57 -88.82 24.08 -49.31
C PRO F 57 -89.95 25.04 -49.62
N THR F 58 -91.15 24.79 -49.09
CA THR F 58 -92.25 25.73 -49.28
C THR F 58 -92.07 26.79 -48.20
N ALA F 59 -92.78 27.90 -48.33
CA ALA F 59 -92.66 29.01 -47.36
C ALA F 59 -93.20 28.62 -46.00
N GLU F 60 -93.70 27.40 -45.91
CA GLU F 60 -94.23 26.85 -44.67
C GLU F 60 -93.33 25.70 -44.24
N THR F 61 -92.41 25.34 -45.13
CA THR F 61 -91.51 24.22 -44.89
C THR F 61 -90.06 24.69 -44.73
N ALA F 62 -89.73 25.75 -45.45
CA ALA F 62 -88.36 26.27 -45.52
C ALA F 62 -87.43 25.86 -44.39
N ASP F 63 -87.66 26.39 -43.20
CA ASP F 63 -86.71 26.25 -42.12
C ASP F 63 -86.40 24.81 -41.74
N TYR F 64 -87.16 23.85 -42.26
CA TYR F 64 -86.91 22.45 -41.95
C TYR F 64 -86.14 21.78 -43.08
N PHE F 65 -86.45 22.16 -44.31
CA PHE F 65 -85.66 21.68 -45.43
C PHE F 65 -84.23 22.15 -45.19
N MET F 66 -84.04 23.47 -45.13
CA MET F 66 -82.74 24.04 -44.83
C MET F 66 -82.10 23.32 -43.65
N SER F 67 -82.82 23.28 -42.54
CA SER F 67 -82.33 22.67 -41.32
C SER F 67 -81.56 21.39 -41.66
N ALA F 68 -82.19 20.51 -42.41
CA ALA F 68 -81.54 19.31 -42.89
C ALA F 68 -80.45 19.67 -43.90
N MET F 69 -80.85 20.17 -45.06
CA MET F 69 -79.89 20.43 -46.14
C MET F 69 -78.56 20.95 -45.62
N ASN F 70 -78.56 22.15 -45.05
CA ASN F 70 -77.30 22.77 -44.64
C ASN F 70 -76.69 22.11 -43.41
N PHE F 71 -77.19 20.92 -43.06
CA PHE F 71 -76.54 20.08 -42.08
C PHE F 71 -75.81 18.95 -42.78
N LEU F 72 -76.45 18.35 -43.77
CA LEU F 72 -75.84 17.29 -44.54
C LEU F 72 -74.51 17.76 -45.12
N GLN F 73 -74.20 19.03 -44.94
CA GLN F 73 -72.92 19.59 -45.35
C GLN F 73 -71.78 19.09 -44.45
N TYR F 74 -72.09 18.86 -43.18
CA TYR F 74 -71.17 18.22 -42.23
C TYR F 74 -71.74 16.86 -41.83
N GLY F 75 -72.77 16.41 -42.55
CA GLY F 75 -73.59 15.31 -42.10
C GLY F 75 -73.38 13.98 -42.78
N ASN F 76 -73.38 12.92 -41.97
CA ASN F 76 -73.35 11.56 -42.47
C ASN F 76 -74.79 11.07 -42.56
N ASP F 77 -75.42 10.87 -41.41
CA ASP F 77 -76.78 10.37 -41.36
C ASP F 77 -77.71 11.31 -40.59
N LEU F 78 -78.94 11.45 -41.09
CA LEU F 78 -79.95 12.27 -40.46
C LEU F 78 -81.22 11.45 -40.37
N ARG F 79 -81.82 11.40 -39.20
CA ARG F 79 -83.09 10.71 -39.07
C ARG F 79 -84.17 11.76 -38.92
N VAL F 80 -85.19 11.72 -39.79
CA VAL F 80 -86.26 12.72 -39.75
C VAL F 80 -87.63 12.10 -39.50
N VAL F 81 -88.57 12.95 -39.12
CA VAL F 81 -89.95 12.54 -38.93
C VAL F 81 -90.86 13.68 -39.37
N ARG F 82 -91.65 13.46 -40.42
CA ARG F 82 -92.50 14.52 -40.93
C ARG F 82 -93.72 14.74 -40.05
N ALA F 83 -93.94 15.98 -39.66
CA ALA F 83 -95.15 16.33 -38.92
C ALA F 83 -96.29 16.67 -39.87
N VAL F 84 -97.34 15.87 -39.80
CA VAL F 84 -98.55 16.10 -40.59
C VAL F 84 -99.68 16.42 -39.62
N ASP F 85 -100.71 17.10 -40.08
CA ASP F 85 -101.86 17.29 -39.20
C ASP F 85 -102.47 15.97 -39.55
N ARG F 86 -102.89 15.21 -38.53
CA ARG F 86 -103.42 13.86 -38.71
C ARG F 86 -104.90 14.07 -39.06
N ASP F 87 -105.45 15.21 -38.68
CA ASP F 87 -106.86 15.47 -38.84
C ASP F 87 -107.23 15.98 -40.22
N THR F 88 -106.26 16.53 -40.95
CA THR F 88 -106.57 17.14 -42.23
C THR F 88 -105.54 16.92 -43.32
N ALA F 89 -104.61 16.01 -43.09
CA ALA F 89 -103.66 15.68 -44.13
C ALA F 89 -104.35 14.69 -45.02
N LYS F 90 -103.97 14.65 -46.30
CA LYS F 90 -104.58 13.75 -47.27
C LYS F 90 -103.58 13.21 -48.29
N ASN F 91 -103.65 11.91 -48.55
CA ASN F 91 -102.91 11.28 -49.63
C ASN F 91 -103.76 11.33 -50.88
N SER F 92 -103.23 11.84 -51.98
CA SER F 92 -104.00 11.86 -53.21
C SER F 92 -104.60 10.48 -53.45
N SER F 93 -105.80 10.44 -54.04
CA SER F 93 -106.50 9.16 -54.27
C SER F 93 -107.43 9.20 -55.48
N PRO F 94 -107.95 8.03 -55.87
CA PRO F 94 -108.81 7.95 -57.06
C PRO F 94 -110.24 8.30 -56.72
N ILE F 95 -110.57 8.34 -55.44
CA ILE F 95 -111.91 8.72 -55.01
C ILE F 95 -112.15 10.20 -55.28
N ALA F 96 -111.11 11.00 -55.13
CA ALA F 96 -111.26 12.44 -54.94
C ALA F 96 -111.55 13.24 -56.21
N GLY F 97 -112.16 12.61 -57.20
CA GLY F 97 -112.64 13.37 -58.35
C GLY F 97 -114.12 13.14 -58.60
N ASN F 98 -114.58 11.96 -58.21
CA ASN F 98 -115.94 11.54 -58.43
C ASN F 98 -116.94 12.56 -57.95
N ILE F 99 -118.21 12.17 -57.99
CA ILE F 99 -119.31 13.07 -57.65
C ILE F 99 -120.33 12.35 -56.78
N GLU F 100 -120.63 12.92 -55.61
CA GLU F 100 -121.67 12.38 -54.75
C GLU F 100 -122.83 11.90 -55.59
N TYR F 101 -123.42 10.78 -55.21
CA TYR F 101 -124.65 10.33 -55.85
C TYR F 101 -125.27 9.19 -55.08
N THR F 102 -126.59 9.18 -55.01
CA THR F 102 -127.30 8.17 -54.24
C THR F 102 -128.51 7.67 -55.01
N ILE F 103 -128.52 6.38 -55.32
CA ILE F 103 -129.63 5.80 -56.05
C ILE F 103 -130.89 5.78 -55.19
N SER F 104 -131.57 6.92 -55.14
CA SER F 104 -132.75 7.10 -54.30
C SER F 104 -133.81 6.04 -54.54
N THR F 105 -134.00 5.66 -55.79
CA THR F 105 -134.95 4.61 -56.12
C THR F 105 -134.43 3.74 -57.24
N PRO F 106 -134.01 2.51 -56.90
CA PRO F 106 -133.52 1.58 -57.91
C PRO F 106 -134.65 1.36 -58.89
N GLY F 107 -134.38 1.46 -60.18
CA GLY F 107 -135.42 1.23 -61.15
C GLY F 107 -135.73 -0.25 -61.21
N SER F 108 -136.28 -0.69 -62.34
CA SER F 108 -136.39 -2.09 -62.63
C SER F 108 -136.13 -2.21 -64.13
N ASN F 109 -135.83 -3.41 -64.60
CA ASN F 109 -135.66 -3.64 -66.02
C ASN F 109 -134.66 -2.72 -66.73
N TYR F 110 -133.74 -2.12 -65.96
CA TYR F 110 -132.62 -1.40 -66.55
C TYR F 110 -131.55 -2.41 -66.92
N ALA F 111 -130.49 -1.98 -67.58
CA ALA F 111 -129.39 -2.87 -67.94
C ALA F 111 -128.08 -2.14 -67.68
N VAL F 112 -126.97 -2.73 -68.11
CA VAL F 112 -125.64 -2.14 -67.90
C VAL F 112 -124.79 -1.04 -68.54
N GLY F 113 -125.10 -0.68 -69.78
CA GLY F 113 -124.35 0.38 -70.46
C GLY F 113 -125.48 1.31 -70.89
N ASP F 114 -126.52 1.45 -70.07
CA ASP F 114 -127.57 2.42 -70.38
C ASP F 114 -126.93 3.72 -69.96
N LYS F 115 -126.97 4.72 -70.83
CA LYS F 115 -126.23 5.96 -70.61
C LYS F 115 -126.97 6.94 -69.70
N ILE F 116 -126.21 7.73 -68.97
CA ILE F 116 -126.75 8.70 -68.03
C ILE F 116 -126.34 10.09 -68.45
N THR F 117 -127.19 11.06 -68.16
CA THR F 117 -126.95 12.43 -68.61
C THR F 117 -127.14 13.43 -67.47
N VAL F 118 -126.12 14.24 -67.24
CA VAL F 118 -126.15 15.24 -66.19
C VAL F 118 -126.42 16.60 -66.81
N LYS F 119 -127.50 17.22 -66.40
CA LYS F 119 -127.89 18.49 -66.98
C LYS F 119 -127.70 19.64 -65.98
N TYR F 120 -127.38 20.81 -66.50
CA TYR F 120 -127.35 22.02 -65.68
C TYR F 120 -128.52 22.90 -66.07
N VAL F 121 -129.57 22.86 -65.27
CA VAL F 121 -130.80 23.58 -65.58
C VAL F 121 -131.28 23.22 -66.97
N SER F 122 -131.84 22.02 -67.10
CA SER F 122 -132.38 21.53 -68.38
C SER F 122 -131.44 21.79 -69.55
N ASP F 123 -130.14 21.67 -69.29
CA ASP F 123 -129.13 21.87 -70.33
C ASP F 123 -128.03 20.83 -70.19
N ASP F 124 -127.75 20.12 -71.27
CA ASP F 124 -126.81 19.00 -71.23
C ASP F 124 -125.35 19.41 -71.02
N ILE F 125 -124.71 18.81 -70.01
CA ILE F 125 -123.30 19.04 -69.74
C ILE F 125 -122.49 17.77 -70.00
N GLU F 126 -122.90 16.69 -69.35
CA GLU F 126 -122.23 15.41 -69.48
C GLU F 126 -123.22 14.36 -69.96
N THR F 127 -122.79 13.51 -70.88
CA THR F 127 -123.70 12.54 -71.49
C THR F 127 -123.01 11.19 -71.67
N GLU F 128 -121.96 10.95 -70.88
CA GLU F 128 -121.22 9.72 -71.01
C GLU F 128 -121.29 8.85 -69.76
N GLY F 129 -122.11 9.28 -68.82
CA GLY F 129 -122.38 8.47 -67.65
C GLY F 129 -123.06 7.20 -68.10
N LYS F 130 -123.12 6.21 -67.24
CA LYS F 130 -123.72 4.95 -67.62
C LYS F 130 -123.87 3.99 -66.43
N ILE F 131 -125.08 3.46 -66.27
CA ILE F 131 -125.33 2.40 -65.30
C ILE F 131 -124.27 1.33 -65.50
N THR F 132 -123.79 0.75 -64.41
CA THR F 132 -122.69 -0.20 -64.50
C THR F 132 -122.92 -1.48 -63.71
N GLU F 133 -123.96 -1.52 -62.90
CA GLU F 133 -124.29 -2.74 -62.19
C GLU F 133 -125.76 -2.82 -61.83
N VAL F 134 -126.43 -3.81 -62.38
CA VAL F 134 -127.82 -4.09 -62.04
C VAL F 134 -127.89 -5.50 -61.47
N ASP F 135 -129.03 -5.85 -60.90
CA ASP F 135 -129.23 -7.21 -60.42
C ASP F 135 -130.04 -8.01 -61.43
N ALA F 136 -130.79 -8.99 -60.95
CA ALA F 136 -131.56 -9.85 -61.83
C ALA F 136 -132.80 -9.16 -62.36
N ASP F 137 -133.28 -8.15 -61.63
CA ASP F 137 -134.54 -7.49 -61.98
C ASP F 137 -134.31 -6.17 -62.71
N GLY F 138 -133.05 -5.79 -62.87
CA GLY F 138 -132.72 -4.54 -63.51
C GLY F 138 -132.66 -3.39 -62.52
N LYS F 139 -132.81 -3.71 -61.24
CA LYS F 139 -132.70 -2.71 -60.19
C LYS F 139 -131.31 -2.11 -60.25
N ILE F 140 -131.22 -0.79 -60.34
CA ILE F 140 -129.92 -0.12 -60.47
C ILE F 140 -129.10 -0.18 -59.18
N LYS F 141 -127.95 -0.84 -59.27
CA LYS F 141 -127.09 -0.99 -58.10
C LYS F 141 -125.87 -0.06 -58.14
N LYS F 142 -125.35 0.21 -59.32
CA LYS F 142 -124.17 1.07 -59.44
C LYS F 142 -124.05 1.78 -60.78
N ILE F 143 -123.62 3.04 -60.75
CA ILE F 143 -123.41 3.82 -61.96
C ILE F 143 -122.03 4.46 -61.94
N ASN F 144 -121.66 5.10 -63.05
CA ASN F 144 -120.38 5.83 -63.10
C ASN F 144 -120.47 7.07 -63.98
N ILE F 145 -120.46 8.23 -63.33
CA ILE F 145 -120.52 9.51 -64.02
C ILE F 145 -119.16 10.20 -64.07
N PRO F 146 -118.65 10.43 -65.29
CA PRO F 146 -117.38 11.16 -65.45
C PRO F 146 -117.57 12.62 -65.07
N THR F 147 -116.59 13.23 -64.40
CA THR F 147 -116.76 14.60 -63.90
C THR F 147 -115.90 15.63 -64.61
N ALA F 148 -115.17 15.22 -65.64
CA ALA F 148 -114.34 16.14 -66.37
C ALA F 148 -115.13 17.38 -66.78
N LYS F 149 -116.23 17.14 -67.50
CA LYS F 149 -117.02 18.22 -68.06
C LYS F 149 -117.73 19.02 -66.98
N ILE F 150 -118.28 18.32 -65.99
CA ILE F 150 -119.11 19.00 -65.00
C ILE F 150 -118.33 19.90 -64.04
N ILE F 151 -117.22 19.42 -63.51
CA ILE F 151 -116.44 20.26 -62.59
C ILE F 151 -115.97 21.51 -63.36
N ALA F 152 -115.78 21.35 -64.66
CA ALA F 152 -115.44 22.49 -65.50
C ALA F 152 -116.57 23.50 -65.45
N LYS F 153 -117.72 23.14 -66.02
CA LYS F 153 -118.90 23.99 -65.99
C LYS F 153 -119.16 24.52 -64.58
N ALA F 154 -118.95 23.68 -63.58
CA ALA F 154 -119.24 24.06 -62.19
C ALA F 154 -118.28 25.13 -61.69
N LYS F 155 -117.00 24.93 -61.93
CA LYS F 155 -116.01 25.95 -61.60
C LYS F 155 -116.40 27.23 -62.30
N GLU F 156 -116.83 27.08 -63.55
CA GLU F 156 -117.15 28.21 -64.41
C GLU F 156 -118.32 29.05 -63.92
N VAL F 157 -119.11 28.51 -63.00
CA VAL F 157 -120.30 29.23 -62.52
C VAL F 157 -120.44 29.25 -60.99
N GLY F 158 -119.31 29.28 -60.30
CA GLY F 158 -119.31 29.44 -58.86
C GLY F 158 -119.84 28.27 -58.06
N GLU F 159 -120.47 27.32 -58.75
CA GLU F 159 -121.05 26.16 -58.08
C GLU F 159 -120.07 24.99 -57.98
N TYR F 160 -118.88 25.25 -57.45
CA TYR F 160 -117.90 24.20 -57.25
C TYR F 160 -117.30 24.27 -55.84
N PRO F 161 -117.34 23.14 -55.11
CA PRO F 161 -117.96 21.88 -55.49
C PRO F 161 -119.37 21.77 -54.91
N THR F 162 -119.88 22.87 -54.37
CA THR F 162 -121.24 22.89 -53.85
C THR F 162 -122.21 22.05 -54.69
N LEU F 163 -122.52 22.52 -55.90
CA LEU F 163 -123.43 21.79 -56.80
C LEU F 163 -124.85 21.63 -56.26
N GLY F 164 -125.51 20.55 -56.69
CA GLY F 164 -126.75 20.10 -56.09
C GLY F 164 -128.05 20.70 -56.60
N SER F 165 -128.15 22.03 -56.57
CA SER F 165 -129.45 22.70 -56.70
C SER F 165 -130.00 22.62 -58.13
N ASN F 166 -129.20 23.04 -59.10
CA ASN F 166 -129.62 23.08 -60.49
C ASN F 166 -129.01 21.92 -61.24
N TRP F 167 -128.28 21.08 -60.51
CA TRP F 167 -127.61 19.94 -61.11
C TRP F 167 -128.49 18.71 -61.01
N THR F 168 -128.75 18.08 -62.14
CA THR F 168 -129.69 16.97 -62.21
C THR F 168 -129.18 15.83 -63.07
N ALA F 169 -129.71 14.63 -62.85
CA ALA F 169 -129.26 13.47 -63.60
C ALA F 169 -130.43 12.63 -64.06
N GLU F 170 -130.49 12.38 -65.37
CA GLU F 170 -131.53 11.54 -65.94
C GLU F 170 -130.91 10.38 -66.70
N ILE F 171 -131.73 9.39 -67.04
CA ILE F 171 -131.26 8.21 -67.76
C ILE F 171 -131.39 8.38 -69.27
N SER F 172 -130.98 7.36 -70.03
CA SER F 172 -131.12 7.38 -71.47
C SER F 172 -132.60 7.55 -71.77
N SER F 173 -132.92 8.06 -72.95
CA SER F 173 -134.31 8.19 -73.36
C SER F 173 -134.61 7.30 -74.58
N SER F 174 -134.68 6.00 -74.34
CA SER F 174 -134.44 5.46 -73.01
C SER F 174 -133.80 4.07 -73.01
N SER F 175 -133.36 3.65 -71.83
CA SER F 175 -132.95 2.28 -71.62
C SER F 175 -134.18 1.41 -71.74
N SER F 176 -133.99 0.10 -71.74
CA SER F 176 -135.12 -0.82 -71.77
C SER F 176 -136.09 -0.51 -70.63
N GLY F 177 -135.55 -0.32 -69.43
CA GLY F 177 -136.35 -0.24 -68.23
C GLY F 177 -136.52 1.09 -67.54
N LEU F 178 -137.48 1.14 -66.61
CA LEU F 178 -137.95 2.39 -66.01
C LEU F 178 -137.74 2.65 -64.50
N ALA F 179 -138.49 3.62 -63.98
CA ALA F 179 -138.64 3.86 -62.54
C ALA F 179 -137.57 4.49 -61.63
N ALA F 180 -136.38 4.73 -62.17
CA ALA F 180 -135.21 5.04 -61.35
C ALA F 180 -135.08 6.51 -60.91
N VAL F 181 -134.26 6.72 -59.86
CA VAL F 181 -134.05 8.05 -59.31
C VAL F 181 -132.63 8.21 -58.79
N ILE F 182 -131.75 8.83 -59.57
CA ILE F 182 -130.40 9.12 -59.09
C ILE F 182 -130.33 10.55 -58.59
N THR F 183 -129.71 10.75 -57.43
CA THR F 183 -129.66 12.08 -56.81
C THR F 183 -128.25 12.61 -56.60
N LEU F 184 -127.97 13.79 -57.15
CA LEU F 184 -126.60 14.31 -57.21
C LEU F 184 -126.21 15.19 -56.04
N GLY F 185 -125.08 14.90 -55.41
CA GLY F 185 -124.54 15.74 -54.37
C GLY F 185 -123.39 16.61 -54.88
N LYS F 186 -122.34 16.75 -54.09
CA LYS F 186 -121.21 17.62 -54.44
C LYS F 186 -120.05 16.84 -55.04
N ILE F 187 -119.07 17.57 -55.57
CA ILE F 187 -117.85 16.96 -56.09
C ILE F 187 -116.97 16.59 -54.91
N ILE F 188 -116.69 15.29 -54.72
CA ILE F 188 -115.94 14.85 -53.54
C ILE F 188 -114.52 15.37 -53.63
N THR F 189 -114.13 16.13 -52.61
CA THR F 189 -112.78 16.69 -52.55
C THR F 189 -111.96 16.01 -51.46
N ASP F 190 -112.62 15.16 -50.67
CA ASP F 190 -111.91 14.41 -49.63
C ASP F 190 -111.42 13.09 -50.20
N SER F 191 -110.11 13.00 -50.42
CA SER F 191 -109.51 11.78 -50.94
C SER F 191 -109.93 10.61 -50.09
N GLY F 192 -110.17 10.87 -48.82
CA GLY F 192 -110.69 9.86 -47.91
C GLY F 192 -109.67 8.87 -47.42
N ILE F 193 -108.41 9.31 -47.33
CA ILE F 193 -107.35 8.42 -46.87
C ILE F 193 -106.09 9.18 -46.49
N LEU F 194 -105.50 8.78 -45.36
CA LEU F 194 -104.22 9.33 -44.91
C LEU F 194 -103.31 8.21 -44.40
N LEU F 195 -102.15 8.07 -45.01
CA LEU F 195 -101.18 7.06 -44.59
C LEU F 195 -100.05 7.67 -43.77
N ALA F 196 -99.88 7.19 -42.55
CA ALA F 196 -98.84 7.70 -41.68
C ALA F 196 -97.86 6.57 -41.38
N GLU F 197 -98.00 5.95 -40.22
CA GLU F 197 -97.13 4.85 -39.85
C GLU F 197 -97.48 3.65 -40.71
N ILE F 198 -96.75 2.56 -40.54
CA ILE F 198 -97.06 1.33 -41.27
C ILE F 198 -97.78 0.33 -40.38
N GLU F 199 -97.70 0.53 -39.07
CA GLU F 199 -98.49 -0.28 -38.15
C GLU F 199 -99.97 -0.13 -38.53
N ASN F 200 -100.31 1.03 -39.06
CA ASN F 200 -101.66 1.30 -39.53
C ASN F 200 -101.79 1.14 -41.04
N ALA F 201 -100.65 0.98 -41.71
CA ALA F 201 -100.57 0.86 -43.16
C ALA F 201 -101.90 0.58 -43.89
N GLU F 202 -102.10 -0.67 -44.27
CA GLU F 202 -103.29 -1.05 -45.04
C GLU F 202 -104.55 -1.08 -44.17
N ALA F 203 -104.41 -0.77 -42.90
CA ALA F 203 -105.56 -0.72 -42.00
C ALA F 203 -106.37 0.53 -42.27
N ALA F 204 -105.73 1.54 -42.86
CA ALA F 204 -106.44 2.73 -43.30
C ALA F 204 -106.93 2.47 -44.70
N MET F 205 -106.20 1.63 -45.42
CA MET F 205 -106.57 1.23 -46.77
C MET F 205 -107.76 0.29 -46.71
N THR F 206 -108.12 -0.12 -45.50
CA THR F 206 -109.21 -1.07 -45.31
C THR F 206 -110.16 -0.56 -44.24
N ALA F 207 -110.57 0.69 -44.40
CA ALA F 207 -111.55 1.28 -43.50
C ALA F 207 -112.89 1.24 -44.20
N VAL F 208 -113.92 0.81 -43.48
CA VAL F 208 -115.25 0.71 -44.06
C VAL F 208 -115.57 1.92 -44.93
N ASP F 209 -115.35 3.11 -44.38
CA ASP F 209 -115.66 4.35 -45.10
C ASP F 209 -114.90 4.46 -46.43
N PHE F 210 -113.59 4.24 -46.38
CA PHE F 210 -112.78 4.28 -47.61
C PHE F 210 -113.20 3.18 -48.57
N GLN F 211 -113.05 1.94 -48.14
CA GLN F 211 -113.39 0.78 -48.96
C GLN F 211 -114.80 0.88 -49.53
N ALA F 212 -115.65 1.66 -48.86
CA ALA F 212 -117.01 1.84 -49.32
C ALA F 212 -117.03 2.46 -50.71
N ASN F 213 -116.37 3.60 -50.86
CA ASN F 213 -116.38 4.32 -52.12
C ASN F 213 -115.61 3.61 -53.22
N LEU F 214 -114.64 2.79 -52.83
CA LEU F 214 -113.91 2.00 -53.80
C LEU F 214 -114.89 1.08 -54.52
N LYS F 215 -115.98 0.74 -53.84
CA LYS F 215 -117.05 -0.05 -54.43
C LYS F 215 -117.95 0.86 -55.22
N LYS F 216 -118.40 1.93 -54.58
CA LYS F 216 -119.38 2.86 -55.14
C LYS F 216 -118.99 3.37 -56.52
N TYR F 217 -117.71 3.70 -56.68
CA TYR F 217 -117.25 4.25 -57.94
C TYR F 217 -116.37 3.26 -58.68
N GLY F 218 -116.56 1.98 -58.38
CA GLY F 218 -115.91 0.89 -59.08
C GLY F 218 -114.46 1.09 -59.50
N ILE F 219 -113.60 1.40 -58.54
CA ILE F 219 -112.17 1.53 -58.78
C ILE F 219 -111.38 0.79 -57.72
N PRO F 220 -110.07 0.56 -57.97
CA PRO F 220 -109.21 -0.19 -57.05
C PRO F 220 -108.70 0.71 -55.94
N GLY F 221 -108.12 0.12 -54.90
CA GLY F 221 -107.60 0.89 -53.79
C GLY F 221 -106.16 1.31 -54.00
N VAL F 222 -105.95 2.27 -54.89
CA VAL F 222 -104.60 2.74 -55.20
C VAL F 222 -104.45 4.22 -54.86
N VAL F 223 -103.57 4.54 -53.91
CA VAL F 223 -103.39 5.92 -53.47
C VAL F 223 -101.93 6.31 -53.48
N ALA F 224 -101.67 7.62 -53.50
CA ALA F 224 -100.30 8.12 -53.37
C ALA F 224 -99.77 7.74 -52.01
N LEU F 225 -98.47 7.44 -51.94
CA LEU F 225 -97.89 6.91 -50.71
C LEU F 225 -97.74 7.95 -49.61
N TYR F 226 -97.57 9.22 -49.98
CA TYR F 226 -97.29 10.26 -49.01
C TYR F 226 -98.31 11.37 -49.05
N PRO F 227 -98.75 11.82 -47.87
CA PRO F 227 -99.72 12.92 -47.82
C PRO F 227 -99.13 14.07 -48.60
N GLY F 228 -99.95 14.83 -49.33
CA GLY F 228 -99.42 15.97 -50.07
C GLY F 228 -100.02 16.19 -51.44
N GLU F 229 -100.20 17.45 -51.78
CA GLU F 229 -100.72 17.83 -53.08
C GLU F 229 -99.75 17.41 -54.16
N LEU F 230 -98.53 17.07 -53.76
CA LEU F 230 -97.54 16.62 -54.72
C LEU F 230 -97.95 15.28 -55.30
N GLY F 231 -98.86 14.59 -54.60
CA GLY F 231 -99.32 13.29 -55.04
C GLY F 231 -100.28 13.36 -56.20
N ASP F 232 -100.86 14.53 -56.39
CA ASP F 232 -101.81 14.74 -57.47
C ASP F 232 -101.16 14.55 -58.82
N LYS F 233 -99.83 14.56 -58.86
CA LYS F 233 -99.12 14.42 -60.12
C LYS F 233 -98.96 12.96 -60.57
N ILE F 234 -99.31 12.03 -59.69
CA ILE F 234 -99.24 10.61 -60.01
C ILE F 234 -100.47 10.13 -60.80
N GLU F 235 -100.24 9.22 -61.73
CA GLU F 235 -101.30 8.68 -62.58
C GLU F 235 -101.08 7.20 -62.85
N ILE F 236 -101.82 6.34 -62.16
CA ILE F 236 -101.67 4.91 -62.34
C ILE F 236 -102.37 4.41 -63.60
N GLU F 237 -101.71 3.51 -64.33
CA GLU F 237 -102.35 2.83 -65.46
C GLU F 237 -102.47 1.36 -65.12
N ILE F 238 -103.70 0.83 -65.14
CA ILE F 238 -103.93 -0.57 -64.79
C ILE F 238 -104.49 -1.37 -65.96
N VAL F 239 -103.86 -2.50 -66.26
CA VAL F 239 -104.33 -3.40 -67.30
C VAL F 239 -104.29 -4.84 -66.80
N SER F 240 -105.36 -5.59 -67.06
CA SER F 240 -105.48 -6.97 -66.59
C SER F 240 -105.02 -7.96 -67.64
N LYS F 241 -104.88 -9.23 -67.26
CA LYS F 241 -104.49 -10.25 -68.20
C LYS F 241 -105.44 -10.24 -69.38
N ALA F 242 -106.63 -9.68 -69.15
CA ALA F 242 -107.66 -9.60 -70.18
C ALA F 242 -107.28 -8.62 -71.28
N ASP F 243 -107.31 -7.33 -70.95
CA ASP F 243 -107.05 -6.28 -71.93
C ASP F 243 -105.56 -6.13 -72.21
N TYR F 244 -104.76 -7.11 -71.78
CA TYR F 244 -103.32 -7.04 -71.98
C TYR F 244 -102.91 -7.52 -73.37
N ALA F 245 -103.57 -8.55 -73.87
CA ALA F 245 -103.33 -9.04 -75.21
C ALA F 245 -103.75 -7.98 -76.23
N LYS F 246 -104.94 -7.44 -76.01
CA LYS F 246 -105.38 -6.29 -76.79
C LYS F 246 -104.63 -5.06 -76.32
N GLY F 247 -103.58 -5.29 -75.54
CA GLY F 247 -102.80 -4.21 -74.93
C GLY F 247 -102.58 -3.00 -75.81
N ALA F 248 -102.55 -3.22 -77.12
CA ALA F 248 -102.36 -2.11 -78.04
C ALA F 248 -103.67 -1.41 -78.37
N SER F 249 -104.69 -2.21 -78.66
CA SER F 249 -105.99 -1.67 -79.05
C SER F 249 -106.81 -1.22 -77.85
N ALA F 250 -106.82 -2.05 -76.81
CA ALA F 250 -107.59 -1.78 -75.61
C ALA F 250 -107.59 -0.30 -75.23
N LEU F 251 -108.76 0.31 -75.29
CA LEU F 251 -108.90 1.74 -75.02
C LEU F 251 -109.24 2.03 -73.56
N LEU F 252 -108.23 2.01 -72.69
CA LEU F 252 -108.44 2.28 -71.27
C LEU F 252 -109.20 3.57 -71.03
N PRO F 253 -110.20 3.53 -70.13
CA PRO F 253 -111.01 4.69 -69.76
C PRO F 253 -110.30 5.43 -68.65
N ILE F 254 -110.62 6.70 -68.45
CA ILE F 254 -109.95 7.47 -67.43
C ILE F 254 -110.90 7.88 -66.30
N TYR F 255 -110.63 7.37 -65.10
CA TYR F 255 -111.42 7.71 -63.92
C TYR F 255 -110.72 8.80 -63.13
N PRO F 256 -111.47 9.78 -62.60
CA PRO F 256 -112.91 9.95 -62.76
C PRO F 256 -113.21 10.93 -63.87
N GLY F 257 -112.17 11.60 -64.37
CA GLY F 257 -112.35 12.59 -65.41
C GLY F 257 -113.31 12.11 -66.49
N GLY F 258 -112.89 11.09 -67.23
CA GLY F 258 -113.68 10.60 -68.34
C GLY F 258 -112.79 10.33 -69.55
N GLY F 259 -113.40 10.09 -70.69
CA GLY F 259 -112.64 9.82 -71.91
C GLY F 259 -111.74 8.61 -71.79
N THR F 260 -111.13 8.23 -72.90
CA THR F 260 -110.27 7.05 -72.90
C THR F 260 -108.91 7.36 -73.49
N ARG F 261 -108.06 6.34 -73.56
CA ARG F 261 -106.71 6.50 -74.04
C ARG F 261 -106.10 5.12 -74.29
N ALA F 262 -105.58 4.93 -75.50
CA ALA F 262 -104.98 3.65 -75.87
C ALA F 262 -104.07 3.14 -74.78
N SER F 263 -104.19 1.86 -74.46
CA SER F 263 -103.33 1.22 -73.46
C SER F 263 -101.86 1.28 -73.89
N THR F 264 -100.97 0.84 -73.02
CA THR F 264 -99.55 0.81 -73.34
C THR F 264 -98.89 -0.44 -72.77
N ALA F 265 -99.64 -1.20 -71.98
CA ALA F 265 -99.11 -2.34 -71.24
C ALA F 265 -98.13 -3.22 -72.03
N LYS F 266 -98.63 -3.90 -73.04
CA LYS F 266 -97.81 -4.82 -73.85
C LYS F 266 -96.66 -4.08 -74.53
N ALA F 267 -96.76 -2.76 -74.56
CA ALA F 267 -95.72 -1.93 -75.18
C ALA F 267 -94.76 -1.36 -74.13
N VAL F 268 -94.72 -1.99 -72.97
CA VAL F 268 -93.82 -1.60 -71.90
C VAL F 268 -93.35 -2.84 -71.15
N PHE F 269 -94.18 -3.88 -71.18
CA PHE F 269 -93.87 -5.12 -70.49
C PHE F 269 -93.46 -6.25 -71.43
N GLY F 270 -92.44 -7.00 -71.02
CA GLY F 270 -92.14 -8.26 -71.67
C GLY F 270 -92.97 -9.30 -70.96
N TYR F 271 -92.56 -9.62 -69.74
CA TYR F 271 -93.30 -10.54 -68.88
C TYR F 271 -94.69 -9.99 -68.62
N GLY F 272 -95.69 -10.49 -69.36
CA GLY F 272 -97.05 -10.03 -69.21
C GLY F 272 -97.76 -10.64 -68.01
N PRO F 273 -98.98 -10.16 -67.71
CA PRO F 273 -99.78 -10.69 -66.60
C PRO F 273 -100.09 -12.17 -66.82
N GLN F 274 -99.71 -13.01 -65.86
CA GLN F 274 -99.83 -14.46 -66.01
C GLN F 274 -101.22 -14.97 -65.68
N THR F 275 -101.55 -15.05 -64.39
CA THR F 275 -102.88 -15.51 -64.00
C THR F 275 -103.91 -14.42 -64.31
N ASP F 276 -105.19 -14.77 -64.26
CA ASP F 276 -106.26 -13.82 -64.56
C ASP F 276 -106.41 -12.80 -63.43
N SER F 277 -105.82 -13.12 -62.28
CA SER F 277 -105.84 -12.24 -61.13
C SER F 277 -104.50 -11.51 -60.96
N GLN F 278 -103.77 -11.36 -62.06
CA GLN F 278 -102.56 -10.54 -62.09
C GLN F 278 -102.82 -9.32 -62.96
N TYR F 279 -102.24 -8.19 -62.58
CA TYR F 279 -102.46 -6.95 -63.31
C TYR F 279 -101.17 -6.19 -63.61
N ALA F 280 -101.16 -5.50 -64.73
CA ALA F 280 -100.04 -4.65 -65.10
C ALA F 280 -100.28 -3.26 -64.53
N ILE F 281 -99.33 -2.76 -63.75
CA ILE F 281 -99.43 -1.43 -63.17
C ILE F 281 -98.32 -0.54 -63.69
N ILE F 282 -98.68 0.63 -64.21
CA ILE F 282 -97.68 1.56 -64.71
C ILE F 282 -97.88 2.95 -64.11
N VAL F 283 -97.02 3.34 -63.18
CA VAL F 283 -97.17 4.61 -62.48
C VAL F 283 -96.44 5.75 -63.17
N ARG F 284 -97.11 6.89 -63.34
CA ARG F 284 -96.53 8.02 -64.05
C ARG F 284 -96.61 9.31 -63.25
N ARG F 285 -95.53 10.07 -63.23
CA ARG F 285 -95.57 11.43 -62.70
C ARG F 285 -94.94 12.35 -63.71
N ASN F 286 -95.74 13.25 -64.29
CA ASN F 286 -95.25 14.16 -65.33
C ASN F 286 -94.92 13.45 -66.63
N ASP F 287 -95.77 12.52 -67.03
CA ASP F 287 -95.59 11.77 -68.27
C ASP F 287 -94.44 10.77 -68.14
N ALA F 288 -93.74 10.82 -67.01
CA ALA F 288 -92.63 9.92 -66.77
C ALA F 288 -93.12 8.58 -66.24
N ILE F 289 -92.64 7.49 -66.81
CA ILE F 289 -93.02 6.17 -66.36
C ILE F 289 -92.17 5.83 -65.15
N VAL F 290 -92.54 6.41 -64.01
CA VAL F 290 -91.79 6.30 -62.76
C VAL F 290 -91.60 4.87 -62.23
N GLN F 291 -92.59 4.00 -62.45
CA GLN F 291 -92.49 2.61 -62.01
C GLN F 291 -93.35 1.69 -62.87
N SER F 292 -92.93 0.43 -63.00
CA SER F 292 -93.65 -0.53 -63.82
C SER F 292 -93.57 -1.92 -63.19
N VAL F 293 -94.70 -2.46 -62.77
CA VAL F 293 -94.71 -3.74 -62.08
C VAL F 293 -95.94 -4.55 -62.43
N VAL F 294 -95.90 -5.84 -62.13
CA VAL F 294 -97.06 -6.71 -62.29
C VAL F 294 -97.39 -7.38 -60.97
N LEU F 295 -98.62 -7.21 -60.50
CA LEU F 295 -99.01 -7.74 -59.20
C LEU F 295 -100.27 -8.60 -59.28
N SER F 296 -100.53 -9.36 -58.22
CA SER F 296 -101.67 -10.25 -58.20
C SER F 296 -102.57 -9.96 -57.01
N THR F 297 -103.87 -10.19 -57.18
CA THR F 297 -104.83 -10.00 -56.12
C THR F 297 -105.06 -11.29 -55.35
N LYS F 298 -104.32 -12.34 -55.73
CA LYS F 298 -104.46 -13.64 -55.06
C LYS F 298 -103.22 -13.98 -54.25
N ARG F 299 -103.40 -14.16 -52.95
CA ARG F 299 -102.30 -14.45 -52.05
C ARG F 299 -101.47 -15.61 -52.57
N GLY F 300 -100.18 -15.62 -52.23
CA GLY F 300 -99.31 -16.70 -52.62
C GLY F 300 -98.66 -16.48 -53.97
N GLY F 301 -99.47 -16.20 -54.99
CA GLY F 301 -98.98 -16.04 -56.35
C GLY F 301 -97.68 -15.28 -56.42
N LYS F 302 -96.77 -15.79 -57.27
CA LYS F 302 -95.43 -15.22 -57.40
C LYS F 302 -95.10 -15.01 -58.86
N ASP F 303 -94.06 -14.22 -59.11
CA ASP F 303 -93.52 -14.08 -60.46
C ASP F 303 -92.64 -15.28 -60.73
N ILE F 304 -91.86 -15.23 -61.80
CA ILE F 304 -90.96 -16.31 -62.14
C ILE F 304 -89.73 -16.35 -61.25
N TYR F 305 -89.84 -15.78 -60.05
CA TYR F 305 -88.73 -15.74 -59.11
C TYR F 305 -89.19 -16.07 -57.71
N ASP F 306 -90.42 -16.55 -57.59
CA ASP F 306 -91.02 -16.82 -56.29
C ASP F 306 -91.02 -15.60 -55.38
N SER F 307 -91.06 -14.42 -55.99
CA SER F 307 -91.22 -13.18 -55.24
C SER F 307 -92.71 -12.94 -55.03
N ASN F 308 -93.15 -12.98 -53.78
CA ASN F 308 -94.55 -12.77 -53.46
C ASN F 308 -95.07 -11.45 -54.03
N ILE F 309 -95.82 -11.54 -55.11
CA ILE F 309 -96.35 -10.35 -55.79
C ILE F 309 -97.83 -10.13 -55.47
N TYR F 310 -98.27 -10.62 -54.32
CA TYR F 310 -99.61 -10.31 -53.85
C TYR F 310 -99.62 -8.85 -53.40
N ILE F 311 -100.50 -8.05 -54.01
CA ILE F 311 -100.54 -6.61 -53.75
C ILE F 311 -100.26 -6.20 -52.31
N ASP F 312 -101.18 -6.51 -51.41
CA ASP F 312 -101.07 -6.08 -50.03
C ASP F 312 -99.69 -6.28 -49.40
N ASP F 313 -99.01 -7.37 -49.77
CA ASP F 313 -97.70 -7.66 -49.22
C ASP F 313 -96.61 -6.85 -49.92
N PHE F 314 -96.62 -6.90 -51.25
CA PHE F 314 -95.65 -6.16 -52.05
C PHE F 314 -95.42 -4.76 -51.48
N PHE F 315 -96.50 -4.02 -51.27
CA PHE F 315 -96.41 -2.66 -50.75
C PHE F 315 -96.11 -2.66 -49.27
N ALA F 316 -96.56 -3.72 -48.59
CA ALA F 316 -96.38 -3.84 -47.15
C ALA F 316 -94.90 -3.81 -46.79
N LYS F 317 -94.05 -4.04 -47.78
CA LYS F 317 -92.62 -4.09 -47.57
C LYS F 317 -91.88 -3.21 -48.55
N GLY F 318 -91.90 -1.90 -48.30
CA GLY F 318 -91.23 -0.91 -49.13
C GLY F 318 -91.21 -1.23 -50.62
N GLY F 319 -92.31 -1.81 -51.10
CA GLY F 319 -92.40 -2.25 -52.47
C GLY F 319 -92.31 -1.12 -53.48
N SER F 320 -92.78 0.07 -53.10
CA SER F 320 -92.84 1.18 -54.05
C SER F 320 -92.69 2.54 -53.37
N GLU F 321 -91.86 3.39 -53.96
CA GLU F 321 -91.57 4.70 -53.41
C GLU F 321 -92.72 5.68 -53.60
N TYR F 322 -93.65 5.38 -54.51
CA TYR F 322 -94.64 6.36 -54.95
C TYR F 322 -96.07 6.10 -54.47
N ILE F 323 -96.54 4.88 -54.64
CA ILE F 323 -97.93 4.56 -54.38
C ILE F 323 -98.08 3.46 -53.33
N PHE F 324 -99.32 3.13 -53.03
CA PHE F 324 -99.63 2.11 -52.05
C PHE F 324 -101.02 1.61 -52.40
N ALA F 325 -101.21 0.29 -52.43
CA ALA F 325 -102.49 -0.28 -52.84
C ALA F 325 -102.95 -1.45 -51.97
N THR F 326 -104.15 -1.94 -52.26
CA THR F 326 -104.71 -3.05 -51.53
C THR F 326 -105.65 -3.88 -52.43
N ALA F 327 -105.49 -5.19 -52.40
CA ALA F 327 -106.27 -6.08 -53.25
C ALA F 327 -107.75 -5.98 -52.94
N GLN F 328 -108.06 -5.47 -51.76
CA GLN F 328 -109.44 -5.40 -51.29
C GLN F 328 -110.32 -4.54 -52.19
N ASN F 329 -111.44 -5.12 -52.61
CA ASN F 329 -112.40 -4.44 -53.47
C ASN F 329 -111.82 -4.00 -54.82
N TRP F 330 -110.66 -4.56 -55.15
CA TRP F 330 -110.08 -4.36 -56.47
C TRP F 330 -111.03 -4.97 -57.48
N PRO F 331 -111.61 -4.14 -58.38
CA PRO F 331 -112.58 -4.66 -59.35
C PRO F 331 -111.97 -5.78 -60.18
N GLU F 332 -112.68 -6.89 -60.31
CA GLU F 332 -112.19 -7.99 -61.12
C GLU F 332 -112.03 -7.56 -62.57
N GLY F 333 -110.91 -7.94 -63.18
CA GLY F 333 -110.63 -7.61 -64.56
C GLY F 333 -110.63 -6.12 -64.86
N PHE F 334 -110.50 -5.31 -63.81
CA PHE F 334 -110.47 -3.87 -63.98
C PHE F 334 -109.30 -3.50 -64.85
N SER F 335 -109.53 -2.58 -65.79
CA SER F 335 -108.47 -1.97 -66.56
C SER F 335 -108.85 -0.53 -66.80
N GLY F 336 -107.90 0.39 -66.63
CA GLY F 336 -108.18 1.79 -66.81
C GLY F 336 -107.08 2.71 -66.35
N ILE F 337 -107.36 4.01 -66.39
CA ILE F 337 -106.41 5.03 -65.97
C ILE F 337 -106.93 5.67 -64.71
N LEU F 338 -106.19 5.53 -63.62
CA LEU F 338 -106.57 6.18 -62.38
C LEU F 338 -105.94 7.56 -62.24
N THR F 339 -106.76 8.54 -61.87
CA THR F 339 -106.29 9.91 -61.74
C THR F 339 -106.33 10.33 -60.30
N LEU F 340 -105.15 10.38 -59.67
CA LEU F 340 -105.04 10.79 -58.29
C LEU F 340 -105.22 12.29 -58.19
N SER F 341 -106.00 12.71 -57.18
CA SER F 341 -106.26 14.12 -56.93
C SER F 341 -106.80 14.30 -55.51
N GLY F 342 -107.12 15.54 -55.14
CA GLY F 342 -107.53 15.83 -53.78
C GLY F 342 -106.41 15.62 -52.78
N GLY F 343 -105.26 15.20 -53.28
CA GLY F 343 -104.09 15.05 -52.45
C GLY F 343 -103.87 16.32 -51.66
N LEU F 344 -103.50 16.20 -50.40
CA LEU F 344 -103.44 17.37 -49.55
C LEU F 344 -102.59 17.20 -48.31
N SER F 345 -101.32 17.59 -48.40
CA SER F 345 -100.53 17.72 -47.18
C SER F 345 -100.84 19.07 -46.63
N SER F 346 -101.32 19.13 -45.40
CA SER F 346 -101.53 20.42 -44.82
C SER F 346 -100.50 20.57 -43.73
N ASN F 347 -99.55 21.46 -43.97
CA ASN F 347 -98.75 22.07 -42.91
C ASN F 347 -99.57 23.26 -42.47
N ALA F 348 -100.40 23.72 -43.41
CA ALA F 348 -101.33 24.82 -43.19
C ALA F 348 -101.55 24.97 -41.70
N GLU F 349 -102.14 23.95 -41.10
CA GLU F 349 -102.28 23.95 -39.65
C GLU F 349 -101.79 22.67 -38.99
N VAL F 350 -100.48 22.58 -38.87
CA VAL F 350 -99.84 21.61 -38.01
C VAL F 350 -99.65 22.27 -36.65
N THR F 351 -100.45 21.85 -35.67
CA THR F 351 -100.37 22.40 -34.33
C THR F 351 -99.01 22.09 -33.69
N ALA F 352 -98.58 22.97 -32.79
CA ALA F 352 -97.32 22.77 -32.08
C ALA F 352 -97.21 21.34 -31.60
N GLY F 353 -98.26 20.87 -30.93
CA GLY F 353 -98.29 19.51 -30.42
C GLY F 353 -98.03 18.48 -31.50
N ASP F 354 -98.61 18.70 -32.67
CA ASP F 354 -98.42 17.80 -33.80
C ASP F 354 -96.93 17.63 -34.07
N LEU F 355 -96.14 18.61 -33.68
CA LEU F 355 -94.68 18.51 -33.79
C LEU F 355 -94.13 17.64 -32.66
N MET F 356 -94.62 17.88 -31.45
CA MET F 356 -94.14 17.16 -30.29
C MET F 356 -94.48 15.67 -30.37
N GLU F 357 -95.64 15.34 -30.91
CA GLU F 357 -95.99 13.95 -31.17
C GLU F 357 -94.90 13.32 -32.03
N ALA F 358 -94.42 14.09 -33.00
CA ALA F 358 -93.40 13.62 -33.92
C ALA F 358 -92.07 13.42 -33.21
N TRP F 359 -91.53 14.49 -32.65
CA TRP F 359 -90.27 14.43 -31.94
C TRP F 359 -90.19 13.21 -31.02
N ASP F 360 -91.31 12.90 -30.39
CA ASP F 360 -91.37 11.82 -29.41
C ASP F 360 -90.81 10.51 -29.95
N PHE F 361 -90.77 10.37 -31.27
CA PHE F 361 -90.31 9.14 -31.88
C PHE F 361 -88.85 8.81 -31.53
N PHE F 362 -88.17 9.74 -30.87
CA PHE F 362 -86.76 9.56 -30.54
C PHE F 362 -86.51 9.37 -29.04
N ALA F 363 -87.56 9.43 -28.22
CA ALA F 363 -87.37 9.55 -26.77
C ALA F 363 -87.12 8.25 -26.01
N ASP F 364 -86.43 7.30 -26.65
CA ASP F 364 -86.07 6.04 -25.99
C ASP F 364 -84.87 5.34 -26.61
N ARG F 365 -83.76 5.33 -25.88
CA ARG F 365 -82.52 4.72 -26.36
C ARG F 365 -82.72 3.25 -26.78
N GLU F 366 -83.77 2.63 -26.26
CA GLU F 366 -84.08 1.23 -26.56
C GLU F 366 -84.19 1.23 -28.08
N SER F 367 -84.80 2.27 -28.61
CA SER F 367 -85.21 2.24 -30.00
C SER F 367 -84.31 2.90 -31.05
N VAL F 368 -83.98 4.17 -30.85
CA VAL F 368 -83.17 4.89 -31.82
C VAL F 368 -81.90 5.52 -31.29
N ASP F 369 -80.78 5.10 -31.86
CA ASP F 369 -79.48 5.65 -31.51
C ASP F 369 -79.22 6.95 -32.25
N VAL F 370 -79.60 8.06 -31.63
CA VAL F 370 -79.42 9.36 -32.24
C VAL F 370 -78.59 10.28 -31.36
N GLN F 371 -77.45 10.75 -31.86
CA GLN F 371 -76.50 11.48 -31.03
C GLN F 371 -76.84 12.95 -30.82
N LEU F 372 -77.25 13.62 -31.89
CA LEU F 372 -77.49 15.06 -31.82
C LEU F 372 -78.96 15.37 -32.08
N PHE F 373 -79.40 16.54 -31.65
CA PHE F 373 -80.81 16.92 -31.80
C PHE F 373 -80.96 18.30 -32.43
N ILE F 374 -81.32 18.35 -33.69
CA ILE F 374 -81.57 19.64 -34.32
C ILE F 374 -82.92 20.15 -33.83
N ALA F 375 -82.91 21.27 -33.12
CA ALA F 375 -84.14 21.72 -32.48
C ALA F 375 -84.50 23.13 -32.89
N GLY F 376 -83.51 23.97 -33.10
CA GLY F 376 -83.74 25.36 -33.46
C GLY F 376 -84.61 25.49 -34.71
N SER F 377 -84.82 24.37 -35.38
CA SER F 377 -85.59 24.31 -36.60
C SER F 377 -86.98 24.91 -36.45
N CYS F 378 -87.39 25.16 -35.22
CA CYS F 378 -88.70 25.75 -34.97
C CYS F 378 -88.59 27.25 -34.76
N ALA F 379 -87.38 27.77 -34.93
CA ALA F 379 -87.13 29.19 -34.71
C ALA F 379 -88.22 30.08 -35.29
N GLY F 380 -88.65 29.76 -36.51
CA GLY F 380 -89.60 30.59 -37.22
C GLY F 380 -91.05 30.51 -36.75
N GLU F 381 -91.45 29.36 -36.23
CA GLU F 381 -92.84 29.11 -35.90
C GLU F 381 -93.44 30.11 -34.89
N SER F 382 -94.75 30.03 -34.69
CA SER F 382 -95.45 30.90 -33.75
C SER F 382 -94.58 31.05 -32.51
N LEU F 383 -94.21 32.28 -32.17
CA LEU F 383 -93.33 32.48 -31.03
C LEU F 383 -93.61 31.44 -29.96
N GLU F 384 -94.87 31.35 -29.54
CA GLU F 384 -95.28 30.35 -28.57
C GLU F 384 -94.62 29.02 -28.88
N THR F 385 -95.08 28.38 -29.95
CA THR F 385 -94.56 27.09 -30.36
C THR F 385 -93.03 27.12 -30.54
N ALA F 386 -92.49 28.25 -30.98
CA ALA F 386 -91.04 28.39 -31.10
C ALA F 386 -90.39 27.95 -29.80
N SER F 387 -90.98 28.39 -28.69
CA SER F 387 -90.47 28.07 -27.37
C SER F 387 -90.94 26.71 -26.88
N THR F 388 -92.24 26.52 -26.83
CA THR F 388 -92.77 25.31 -26.20
C THR F 388 -92.40 23.98 -26.87
N VAL F 389 -92.11 24.00 -28.16
CA VAL F 389 -91.68 22.78 -28.82
C VAL F 389 -90.28 22.42 -28.35
N GLN F 390 -89.32 23.28 -28.67
CA GLN F 390 -87.94 23.11 -28.22
C GLN F 390 -87.88 22.74 -26.74
N LYS F 391 -88.49 23.58 -25.91
CA LYS F 391 -88.55 23.35 -24.48
C LYS F 391 -88.81 21.87 -24.23
N HIS F 392 -89.80 21.33 -24.94
CA HIS F 392 -90.15 19.92 -24.82
C HIS F 392 -89.07 18.99 -25.39
N VAL F 393 -88.46 19.38 -26.51
CA VAL F 393 -87.41 18.56 -27.11
C VAL F 393 -86.27 18.37 -26.13
N VAL F 394 -85.96 19.42 -25.37
CA VAL F 394 -84.95 19.34 -24.33
C VAL F 394 -85.35 18.29 -23.30
N SER F 395 -86.66 18.21 -23.05
CA SER F 395 -87.18 17.28 -22.06
C SER F 395 -87.31 15.87 -22.64
N ILE F 396 -86.55 15.60 -23.69
CA ILE F 396 -86.47 14.26 -24.27
C ILE F 396 -85.03 13.80 -24.15
N GLY F 397 -84.11 14.72 -24.42
CA GLY F 397 -82.69 14.46 -24.22
C GLY F 397 -82.42 14.38 -22.74
N ASP F 398 -83.10 15.21 -21.97
CA ASP F 398 -82.99 15.17 -20.51
C ASP F 398 -83.29 13.79 -19.99
N VAL F 399 -84.48 13.30 -20.25
CA VAL F 399 -84.95 12.04 -19.69
C VAL F 399 -84.19 10.86 -20.28
N ARG F 400 -83.43 11.04 -21.32
CA ARG F 400 -82.73 9.91 -21.95
C ARG F 400 -81.21 10.01 -21.80
N GLN F 401 -80.72 11.24 -21.77
CA GLN F 401 -79.30 11.53 -21.52
C GLN F 401 -78.31 10.76 -22.39
N ASP F 402 -78.69 10.53 -23.65
CA ASP F 402 -77.78 10.05 -24.67
C ASP F 402 -77.97 10.91 -25.91
N CYS F 403 -77.44 12.14 -25.86
CA CYS F 403 -77.69 13.11 -26.91
C CYS F 403 -77.20 14.50 -26.59
N LEU F 404 -77.73 15.49 -27.29
CA LEU F 404 -77.31 16.87 -27.12
C LEU F 404 -78.61 17.36 -27.78
N VAL F 405 -79.25 18.36 -27.17
CA VAL F 405 -80.49 18.86 -27.72
C VAL F 405 -79.75 20.19 -27.85
N LEU F 406 -79.69 20.73 -29.07
CA LEU F 406 -78.99 21.99 -29.32
C LEU F 406 -80.21 22.77 -29.81
N CYS F 407 -80.26 24.06 -29.48
CA CYS F 407 -81.46 24.87 -29.67
C CYS F 407 -81.13 26.34 -29.94
N SER F 408 -81.93 26.97 -30.78
CA SER F 408 -81.71 28.35 -31.21
C SER F 408 -82.87 29.34 -30.97
N PRO F 409 -82.57 30.64 -30.85
CA PRO F 409 -83.53 31.68 -30.43
C PRO F 409 -84.60 31.90 -31.46
N PRO F 410 -85.71 32.54 -31.08
CA PRO F 410 -86.82 32.82 -32.00
C PRO F 410 -86.50 34.01 -32.90
N ARG F 411 -86.78 33.88 -34.19
CA ARG F 411 -86.50 34.97 -35.12
C ARG F 411 -86.96 36.30 -34.52
N GLU F 412 -88.19 36.34 -34.05
CA GLU F 412 -88.74 37.57 -33.48
C GLU F 412 -87.67 38.36 -32.74
N THR F 413 -86.95 37.65 -31.88
CA THR F 413 -86.13 38.26 -30.85
C THR F 413 -84.78 38.80 -31.31
N VAL F 414 -84.34 38.38 -32.49
CA VAL F 414 -82.94 38.60 -32.83
C VAL F 414 -82.64 39.19 -34.22
N VAL F 415 -83.49 38.93 -35.19
CA VAL F 415 -83.21 39.32 -36.57
C VAL F 415 -83.60 40.76 -36.93
N GLY F 416 -84.80 41.17 -36.56
CA GLY F 416 -85.28 42.51 -36.88
C GLY F 416 -84.54 43.65 -36.20
N ILE F 417 -84.59 43.67 -34.87
CA ILE F 417 -84.05 44.78 -34.07
C ILE F 417 -82.53 44.86 -34.11
N PRO F 418 -81.97 45.98 -33.62
CA PRO F 418 -80.54 46.18 -33.40
C PRO F 418 -80.10 45.45 -32.13
N VAL F 419 -78.79 45.26 -31.96
CA VAL F 419 -78.27 44.46 -30.85
C VAL F 419 -78.65 45.00 -29.47
N THR F 420 -78.71 46.33 -29.33
CA THR F 420 -79.12 46.93 -28.07
C THR F 420 -80.35 46.23 -27.51
N ARG F 421 -81.49 46.39 -28.18
CA ARG F 421 -82.70 45.67 -27.80
C ARG F 421 -82.44 44.17 -27.84
N ALA F 422 -81.74 43.72 -28.87
CA ALA F 422 -81.55 42.30 -29.13
C ALA F 422 -81.24 41.50 -27.87
N VAL F 423 -80.15 41.84 -27.20
CA VAL F 423 -79.73 41.05 -26.06
C VAL F 423 -80.76 41.11 -24.92
N ASP F 424 -81.24 42.31 -24.62
CA ASP F 424 -82.28 42.45 -23.61
C ASP F 424 -83.31 41.33 -23.81
N ASN F 425 -83.79 41.21 -25.05
CA ASN F 425 -84.78 40.20 -25.39
C ASN F 425 -84.30 38.80 -25.04
N LEU F 426 -83.14 38.43 -25.58
CA LEU F 426 -82.59 37.10 -25.35
C LEU F 426 -82.55 36.70 -23.87
N VAL F 427 -82.08 37.62 -23.03
CA VAL F 427 -81.91 37.32 -21.61
C VAL F 427 -83.25 37.22 -20.89
N ASN F 428 -84.16 38.13 -21.23
CA ASN F 428 -85.53 38.02 -20.72
C ASN F 428 -86.11 36.65 -21.02
N TRP F 429 -85.92 36.20 -22.26
CA TRP F 429 -86.47 34.92 -22.71
C TRP F 429 -85.88 33.75 -21.96
N ARG F 430 -84.59 33.85 -21.64
CA ARG F 430 -83.88 32.78 -20.94
C ARG F 430 -84.27 32.69 -19.47
N THR F 431 -85.08 33.65 -19.02
CA THR F 431 -85.59 33.65 -17.64
C THR F 431 -87.13 33.78 -17.55
N ALA F 432 -87.65 34.95 -17.90
CA ALA F 432 -89.07 35.20 -17.80
C ALA F 432 -89.25 36.71 -17.95
N ALA F 433 -88.93 37.41 -16.87
CA ALA F 433 -88.77 38.86 -16.90
C ALA F 433 -89.84 39.63 -17.68
N GLY F 434 -89.39 40.32 -18.73
CA GLY F 434 -90.20 41.33 -19.40
C GLY F 434 -91.35 40.82 -20.23
N SER F 435 -91.13 40.68 -21.52
CA SER F 435 -92.20 40.34 -22.47
C SER F 435 -92.43 38.84 -22.56
N TYR F 436 -91.33 38.10 -22.61
CA TYR F 436 -91.39 36.65 -22.69
C TYR F 436 -91.34 36.04 -21.29
N THR F 437 -92.34 36.36 -20.48
CA THR F 437 -92.46 35.68 -19.21
C THR F 437 -93.12 34.35 -19.45
N ASP F 438 -94.08 34.37 -20.37
CA ASP F 438 -94.96 33.24 -20.64
C ASP F 438 -94.26 32.23 -21.54
N ASN F 439 -93.94 32.68 -22.75
CA ASN F 439 -93.18 31.87 -23.67
C ASN F 439 -91.69 32.00 -23.37
N ASN F 440 -91.32 31.59 -22.16
CA ASN F 440 -89.93 31.60 -21.78
C ASN F 440 -89.29 30.31 -22.23
N PHE F 441 -87.97 30.28 -22.14
CA PHE F 441 -87.20 29.07 -22.40
C PHE F 441 -86.43 28.77 -21.11
N ASN F 442 -87.03 29.15 -19.99
CA ASN F 442 -86.36 29.10 -18.69
C ASN F 442 -86.14 27.67 -18.17
N ILE F 443 -85.25 26.93 -18.82
CA ILE F 443 -84.89 25.59 -18.40
C ILE F 443 -83.38 25.56 -18.27
N SER F 444 -82.84 24.48 -17.74
CA SER F 444 -81.39 24.42 -17.51
C SER F 444 -80.79 23.02 -17.58
N SER F 445 -80.61 22.50 -18.79
CA SER F 445 -80.04 21.18 -18.95
C SER F 445 -78.58 21.24 -19.39
N THR F 446 -77.82 20.26 -18.90
CA THR F 446 -76.42 20.11 -19.26
C THR F 446 -76.42 19.55 -20.66
N TYR F 447 -77.60 19.12 -21.10
CA TYR F 447 -77.79 18.60 -22.45
C TYR F 447 -78.38 19.67 -23.34
N ALA F 448 -78.78 20.77 -22.72
CA ALA F 448 -79.34 21.90 -23.45
C ALA F 448 -78.23 22.79 -23.93
N ALA F 449 -78.14 22.96 -25.25
CA ALA F 449 -77.16 23.87 -25.84
C ALA F 449 -78.15 24.77 -26.59
N ILE F 450 -78.21 26.05 -26.22
CA ILE F 450 -78.95 27.03 -26.98
C ILE F 450 -78.04 27.80 -27.95
N ASP F 451 -78.64 28.70 -28.72
CA ASP F 451 -78.22 28.90 -30.10
C ASP F 451 -78.65 30.27 -30.61
N GLY F 452 -77.67 31.09 -31.00
CA GLY F 452 -77.36 32.31 -30.26
C GLY F 452 -77.58 33.55 -31.10
N ASN F 453 -77.54 33.40 -32.42
CA ASN F 453 -78.37 34.19 -33.31
C ASN F 453 -79.08 33.34 -34.37
N TYR F 454 -79.26 33.92 -35.55
CA TYR F 454 -80.01 33.25 -36.62
C TYR F 454 -79.43 33.60 -37.99
N LYS F 455 -79.21 32.57 -38.81
CA LYS F 455 -78.32 32.70 -39.96
C LYS F 455 -79.08 33.20 -41.18
N TYR F 456 -78.36 33.85 -42.08
CA TYR F 456 -78.96 34.37 -43.31
C TYR F 456 -78.37 33.65 -44.52
N GLN F 457 -79.05 32.62 -44.99
CA GLN F 457 -78.57 31.77 -46.07
C GLN F 457 -79.16 32.17 -47.42
N TYR F 458 -78.72 31.50 -48.48
CA TYR F 458 -79.36 31.67 -49.78
C TYR F 458 -80.06 30.37 -50.13
N ASP F 459 -81.25 30.48 -50.71
CA ASP F 459 -82.09 29.31 -50.95
C ASP F 459 -82.07 28.91 -52.41
N LYS F 460 -81.14 28.06 -52.79
CA LYS F 460 -80.95 27.70 -54.19
C LYS F 460 -82.25 27.25 -54.87
N TYR F 461 -83.25 26.89 -54.06
CA TYR F 461 -84.50 26.38 -54.60
C TYR F 461 -85.47 27.47 -55.00
N ASN F 462 -85.97 28.23 -54.03
CA ASN F 462 -86.83 29.34 -54.33
C ASN F 462 -86.03 30.47 -54.95
N ASP F 463 -84.71 30.37 -54.83
CA ASP F 463 -83.79 31.39 -55.33
C ASP F 463 -83.95 32.69 -54.55
N VAL F 464 -83.93 32.60 -53.23
CA VAL F 464 -84.08 33.78 -52.39
C VAL F 464 -83.21 33.70 -51.16
N ASN F 465 -82.81 34.86 -50.65
CA ASN F 465 -82.07 34.94 -49.41
C ASN F 465 -83.03 34.86 -48.24
N ARG F 466 -82.65 34.09 -47.22
CA ARG F 466 -83.62 33.68 -46.21
C ARG F 466 -82.94 33.51 -44.84
N TRP F 467 -83.64 33.85 -43.77
CA TRP F 467 -83.13 33.61 -42.42
C TRP F 467 -83.49 32.20 -41.96
N VAL F 468 -82.49 31.46 -41.48
CA VAL F 468 -82.74 30.12 -40.96
C VAL F 468 -82.12 29.91 -39.58
N PRO F 469 -82.73 29.06 -38.76
CA PRO F 469 -82.19 28.75 -37.43
C PRO F 469 -80.78 28.21 -37.56
N LEU F 470 -79.87 28.76 -36.76
CA LEU F 470 -78.46 28.40 -36.87
C LEU F 470 -78.16 27.04 -36.25
N ALA F 471 -78.95 26.68 -35.24
CA ALA F 471 -78.76 25.41 -34.54
C ALA F 471 -78.60 24.23 -35.50
N ALA F 472 -79.53 24.10 -36.43
CA ALA F 472 -79.48 23.06 -37.44
C ALA F 472 -78.06 22.87 -37.97
N ASP F 473 -77.35 23.98 -38.11
CA ASP F 473 -76.03 23.96 -38.68
C ASP F 473 -74.97 23.47 -37.70
N ILE F 474 -74.83 24.15 -36.56
CA ILE F 474 -73.83 23.79 -35.57
C ILE F 474 -73.87 22.30 -35.21
N ALA F 475 -75.05 21.70 -35.31
CA ALA F 475 -75.23 20.29 -35.00
C ALA F 475 -74.39 19.42 -35.93
N GLY F 476 -74.39 19.75 -37.21
CA GLY F 476 -73.55 19.04 -38.16
C GLY F 476 -72.10 19.38 -37.87
N LEU F 477 -71.89 20.61 -37.42
CA LEU F 477 -70.57 21.08 -37.07
C LEU F 477 -70.03 20.31 -35.88
N CYS F 478 -70.90 19.53 -35.24
CA CYS F 478 -70.48 18.66 -34.14
C CYS F 478 -70.15 17.26 -34.63
N ALA F 479 -71.03 16.71 -35.47
CA ALA F 479 -70.81 15.38 -36.06
C ALA F 479 -69.41 15.37 -36.60
N ARG F 480 -68.96 16.56 -36.98
CA ARG F 480 -67.61 16.80 -37.41
C ARG F 480 -66.71 16.78 -36.20
N THR F 481 -66.24 17.98 -35.83
CA THR F 481 -65.23 18.17 -34.79
C THR F 481 -65.40 17.26 -33.59
N ASP F 482 -64.31 16.58 -33.24
CA ASP F 482 -64.29 15.56 -32.19
C ASP F 482 -65.54 14.68 -32.27
N ASN F 483 -65.93 14.12 -31.13
CA ASN F 483 -67.15 13.34 -31.12
C ASN F 483 -68.34 13.98 -30.40
N VAL F 484 -69.50 13.41 -30.66
CA VAL F 484 -70.76 14.11 -30.50
C VAL F 484 -71.60 13.56 -29.34
N ARG F 496 -67.32 27.42 -33.62
CA ARG F 496 -66.46 26.27 -33.36
C ARG F 496 -65.63 25.90 -34.59
N GLY F 497 -65.42 26.89 -35.45
CA GLY F 497 -64.85 26.66 -36.77
C GLY F 497 -65.89 27.14 -37.77
N GLN F 498 -65.53 28.13 -38.58
CA GLN F 498 -66.53 28.86 -39.34
C GLN F 498 -67.55 27.96 -40.02
N ILE F 499 -68.75 28.51 -40.20
CA ILE F 499 -69.84 27.79 -40.84
C ILE F 499 -69.82 28.06 -42.32
N LEU F 500 -70.38 27.13 -43.08
CA LEU F 500 -70.17 27.09 -44.51
C LEU F 500 -70.84 28.19 -45.31
N ASN F 501 -72.18 28.18 -45.35
CA ASN F 501 -72.89 28.93 -46.37
C ASN F 501 -73.56 30.18 -45.87
N VAL F 502 -73.19 30.60 -44.67
CA VAL F 502 -73.69 31.86 -44.14
C VAL F 502 -73.32 32.98 -45.10
N ILE F 503 -74.06 34.09 -45.03
CA ILE F 503 -73.75 35.24 -45.86
C ILE F 503 -74.03 36.49 -45.05
N LYS F 504 -74.29 36.28 -43.76
CA LYS F 504 -74.75 37.34 -42.89
C LYS F 504 -75.26 36.67 -41.64
N LEU F 505 -74.94 37.24 -40.49
CA LEU F 505 -75.55 36.77 -39.24
C LEU F 505 -76.32 37.90 -38.52
N ALA F 506 -77.34 37.52 -37.77
CA ALA F 506 -78.18 38.53 -37.15
C ALA F 506 -77.35 39.49 -36.31
N ILE F 507 -76.32 38.96 -35.65
CA ILE F 507 -75.39 39.79 -34.89
C ILE F 507 -73.95 39.35 -35.12
N GLU F 508 -73.03 40.31 -35.12
CA GLU F 508 -71.63 40.02 -35.38
C GLU F 508 -70.73 41.11 -34.81
N THR F 509 -69.72 40.71 -34.05
CA THR F 509 -69.71 39.40 -33.41
C THR F 509 -69.51 39.52 -31.90
N PRO F 510 -68.61 40.41 -31.51
CA PRO F 510 -67.55 40.89 -32.39
C PRO F 510 -66.20 40.28 -32.04
#